data_2RQO
#
_entry.id   2RQO
#
_cell.length_a   1.000
_cell.length_b   1.000
_cell.length_c   1.000
_cell.angle_alpha   90.00
_cell.angle_beta   90.00
_cell.angle_gamma   90.00
#
_symmetry.space_group_name_H-M   'P 1'
#
_entity_poly.entity_id   1
_entity_poly.type   'polypeptide(D)'
_entity_poly.pdbx_seq_one_letter_code
;(MHE)G(I2M)G(TBG)(TDD)(TBG)(DAL)(TBG)(TDD)AGA(TDD)A(MND)(HVA)GAG(TBG)(MND)(LMQ)
(DHV)AGG(MND)I(HTN)(TBG)(DHV)G(MND)I(MND)V(HTN)A(MND)V(DSN)V(DSG)(M2S)(DSG)Q
(2TL)T
;
_entity_poly.pdbx_strand_id   A
#
# COMPACT_ATOMS: atom_id res chain seq x y z
C MHE A 1 9.36 -11.79 -9.41
O MHE A 1 9.88 -11.69 -8.30
CA MHE A 1 10.03 -11.46 -10.63
O2 MHE A 1 9.85 -10.38 -11.20
C3 MHE A 1 11.03 -12.46 -11.19
C4 MHE A 1 10.62 -13.94 -11.06
C5 MHE A 1 11.43 -14.93 -11.92
C6 MHE A 1 11.16 -14.73 -13.43
C7 MHE A 1 11.00 -16.36 -11.56
C8 MHE A 1 12.94 -14.80 -11.67
H1 MHE A 1 11.17 -12.22 -12.25
H3A MHE A 1 11.98 -12.31 -10.69
H4 MHE A 1 10.71 -14.23 -10.01
H4A MHE A 1 9.57 -14.05 -11.34
H6 MHE A 1 10.09 -14.69 -13.63
H6A MHE A 1 11.59 -15.54 -14.01
H6B MHE A 1 11.60 -13.79 -13.78
H7 MHE A 1 11.57 -17.09 -12.14
H7A MHE A 1 9.94 -16.51 -11.74
H7B MHE A 1 11.20 -16.54 -10.50
H8 MHE A 1 13.28 -13.82 -12.01
H8A MHE A 1 13.14 -14.90 -10.61
H8B MHE A 1 13.48 -15.58 -12.21
N GLY A 2 8.13 -12.28 -9.60
CA GLY A 2 7.34 -12.29 -10.83
C GLY A 2 6.80 -10.92 -11.20
N I2M A 3 6.27 -10.79 -12.40
CA I2M A 3 5.69 -9.57 -12.94
CB I2M A 3 6.59 -9.02 -14.09
CG3 I2M A 3 8.00 -8.69 -13.57
CG2 I2M A 3 6.77 -10.04 -15.23
CG1 I2M A 3 5.99 -7.75 -14.74
CD1 I2M A 3 5.82 -6.56 -13.79
C I2M A 3 4.24 -9.88 -13.34
O I2M A 3 3.97 -10.86 -14.04
H I2M A 3 6.31 -11.58 -13.05
HA I2M A 3 5.68 -8.83 -12.14
HG31 I2M A 3 8.58 -8.18 -14.32
HG32 I2M A 3 8.53 -9.61 -13.31
HG33 I2M A 3 7.95 -8.08 -12.67
HG21 I2M A 3 5.81 -10.28 -15.67
HG22 I2M A 3 7.41 -9.62 -16.00
HG23 I2M A 3 7.23 -10.96 -14.86
HG12 I2M A 3 6.62 -7.42 -15.57
HG13 I2M A 3 5.01 -8.00 -15.16
HD11 I2M A 3 5.31 -5.75 -14.31
HD12 I2M A 3 5.22 -6.86 -12.93
HD13 I2M A 3 6.79 -6.21 -13.46
N GLY A 4 3.31 -9.04 -12.92
CA GLY A 4 1.88 -9.17 -13.21
C GLY A 4 1.05 -9.56 -11.99
N TBG A 5 -0.04 -10.28 -12.23
CA TBG A 5 -0.96 -10.72 -11.19
CB TBG A 5 -2.38 -10.91 -11.82
CG1 TBG A 5 -2.44 -12.03 -12.88
CG2 TBG A 5 -3.41 -11.22 -10.73
CG3 TBG A 5 -2.83 -9.62 -12.54
C TBG A 5 -0.38 -11.99 -10.56
O TBG A 5 0.18 -12.82 -11.27
H TBG A 5 -0.29 -10.53 -13.18
HA TBG A 5 -1.01 -9.94 -10.44
HG11 TBG A 5 -1.73 -11.85 -13.68
HG12 TBG A 5 -2.21 -13.00 -12.42
HG13 TBG A 5 -3.43 -12.09 -13.31
HG21 TBG A 5 -3.39 -10.46 -9.96
HG22 TBG A 5 -4.41 -11.24 -11.17
HG23 TBG A 5 -3.22 -12.19 -10.30
HG31 TBG A 5 -2.24 -9.45 -13.44
HG32 TBG A 5 -2.74 -8.75 -11.89
HG33 TBG A 5 -3.88 -9.70 -12.85
N TDD A 6 -0.56 -12.19 -9.25
CA TDD A 6 -0.08 -13.33 -8.49
CB TDD A 6 -1.22 -14.34 -8.20
CG1 TDD A 6 -2.47 -13.70 -7.57
CG2 TDD A 6 -1.65 -15.02 -9.51
CG3 TDD A 6 -0.74 -15.47 -7.26
C TDD A 6 0.69 -12.80 -7.28
O TDD A 6 0.16 -12.13 -6.39
H TDD A 6 -1.02 -11.47 -8.69
HA TDD A 6 0.65 -13.86 -9.11
HG11 TDD A 6 -2.93 -12.98 -8.25
HG12 TDD A 6 -3.20 -14.47 -7.33
HG13 TDD A 6 -2.20 -13.18 -6.65
HG21 TDD A 6 -2.06 -14.29 -10.21
HG22 TDD A 6 -0.79 -15.51 -9.98
HG23 TDD A 6 -2.41 -15.77 -9.31
HG31 TDD A 6 -1.48 -16.26 -7.21
HG32 TDD A 6 -0.59 -15.08 -6.26
HG33 TDD A 6 0.20 -15.89 -7.63
N TBG A 7 1.98 -13.14 -7.24
CA TBG A 7 2.92 -12.73 -6.21
CB TBG A 7 3.19 -13.87 -5.20
CG1 TBG A 7 4.24 -13.42 -4.17
CG2 TBG A 7 1.91 -14.21 -4.40
CG3 TBG A 7 3.61 -15.21 -5.85
C TBG A 7 4.14 -12.19 -6.98
O TBG A 7 4.69 -12.88 -7.84
H TBG A 7 2.36 -13.67 -8.00
HA TBG A 7 2.48 -11.90 -5.66
HG11 TBG A 7 3.89 -12.55 -3.63
HG12 TBG A 7 4.44 -14.22 -3.44
HG13 TBG A 7 5.18 -13.15 -4.67
HG21 TBG A 7 1.18 -14.68 -5.04
HG22 TBG A 7 2.14 -14.89 -3.57
HG23 TBG A 7 1.48 -13.29 -4.00
HG31 TBG A 7 4.50 -15.07 -6.45
HG32 TBG A 7 2.81 -15.59 -6.49
HG33 TBG A 7 3.82 -15.96 -5.08
N DAL A 8 4.59 -10.98 -6.63
CA DAL A 8 5.72 -10.32 -7.28
CB DAL A 8 7.02 -10.66 -6.56
C DAL A 8 5.44 -8.81 -7.29
O DAL A 8 5.31 -8.21 -6.22
H DAL A 8 4.09 -10.45 -5.92
HA DAL A 8 5.77 -10.67 -8.30
HB1 DAL A 8 7.83 -10.16 -7.08
HB2 DAL A 8 6.97 -10.33 -5.53
HB3 DAL A 8 7.18 -11.74 -6.58
N TBG A 9 5.48 -8.19 -8.47
CA TBG A 9 5.21 -6.77 -8.67
CB TBG A 9 6.51 -5.99 -9.03
CG1 TBG A 9 7.08 -6.36 -10.42
CG2 TBG A 9 6.20 -4.48 -9.03
CG3 TBG A 9 7.62 -6.27 -8.01
C TBG A 9 4.06 -6.79 -9.69
O TBG A 9 4.14 -7.51 -10.68
H TBG A 9 5.60 -8.71 -9.33
HA TBG A 9 4.84 -6.36 -7.73
HG11 TBG A 9 8.02 -5.83 -10.58
HG12 TBG A 9 7.26 -7.43 -10.48
HG13 TBG A 9 6.38 -6.06 -11.18
HG21 TBG A 9 5.80 -4.18 -8.06
HG22 TBG A 9 7.11 -3.90 -9.22
HG23 TBG A 9 5.47 -4.24 -9.80
HG31 TBG A 9 8.47 -5.60 -8.18
HG32 TBG A 9 7.97 -7.29 -8.09
HG33 TBG A 9 7.25 -6.11 -7.00
N TDD A 10 3.00 -6.01 -9.46
CA TDD A 10 1.83 -5.97 -10.34
CB TDD A 10 1.88 -4.84 -11.41
CG1 TDD A 10 0.57 -4.89 -12.23
CG2 TDD A 10 2.10 -3.43 -10.84
CG3 TDD A 10 3.02 -5.09 -12.41
C TDD A 10 0.60 -6.01 -9.43
O TDD A 10 0.16 -4.98 -8.92
H TDD A 10 2.98 -5.44 -8.63
HA TDD A 10 1.82 -6.90 -10.90
HG11 TDD A 10 0.37 -5.90 -12.56
HG12 TDD A 10 -0.27 -4.54 -11.62
HG13 TDD A 10 0.64 -4.25 -13.11
HG21 TDD A 10 1.29 -3.15 -10.18
HG22 TDD A 10 3.04 -3.42 -10.28
HG23 TDD A 10 2.17 -2.70 -11.64
HG31 TDD A 10 3.00 -4.35 -13.20
HG32 TDD A 10 2.92 -6.08 -12.86
HG33 TDD A 10 3.99 -5.03 -11.91
N ALA A 11 0.04 -7.20 -9.21
CA ALA A 11 -1.13 -7.37 -8.37
C ALA A 11 -1.09 -8.64 -7.54
N GLY A 12 -1.89 -8.65 -6.48
CA GLY A 12 -2.02 -9.75 -5.55
C GLY A 12 -1.19 -9.43 -4.32
N ALA A 13 0.07 -9.86 -4.31
CA ALA A 13 0.94 -9.58 -3.17
C ALA A 13 2.39 -9.31 -3.56
N TDD A 14 3.07 -8.50 -2.75
CA TDD A 14 4.46 -8.10 -2.88
CB TDD A 14 5.31 -8.74 -1.73
CG1 TDD A 14 5.35 -10.27 -1.96
CG2 TDD A 14 6.77 -8.25 -1.76
CG3 TDD A 14 4.74 -8.49 -0.32
C TDD A 14 4.48 -6.57 -3.03
O TDD A 14 4.63 -5.81 -2.07
H TDD A 14 2.53 -8.02 -2.02
HA TDD A 14 4.85 -8.51 -3.82
HG11 TDD A 14 5.71 -10.49 -2.96
HG12 TDD A 14 6.04 -10.73 -1.25
HG13 TDD A 14 4.37 -10.70 -1.83
HG21 TDD A 14 7.22 -8.47 -2.72
HG22 TDD A 14 6.81 -7.17 -1.59
HG23 TDD A 14 7.34 -8.73 -0.96
HG31 TDD A 14 5.37 -8.96 0.42
HG32 TDD A 14 3.73 -8.91 -0.23
HG33 TDD A 14 4.69 -7.44 -0.11
N ALA A 15 4.33 -6.12 -4.29
CA ALA A 15 4.30 -4.71 -4.62
C ALA A 15 3.32 -4.46 -5.78
N MND A 16 2.88 -3.22 -5.94
CA MND A 16 1.97 -2.78 -6.99
CB MND A 16 2.53 -1.58 -7.79
CG MND A 16 3.36 -0.52 -7.04
OD1 MND A 16 4.18 -0.83 -6.17
ND2 MND A 16 3.57 0.61 -7.72
CE2 MND A 16 4.29 1.72 -7.12
C MND A 16 0.57 -2.54 -6.41
O MND A 16 0.27 -1.49 -5.87
H MND A 16 3.17 -2.51 -5.27
HA MND A 16 1.87 -3.59 -7.70
HB2 MND A 16 3.20 -2.01 -8.55
HB3 MND A 16 1.71 -1.11 -8.32
HD2 MND A 16 2.81 0.87 -8.35
HE21 MND A 16 5.30 1.41 -6.88
HE22 MND A 16 3.81 2.01 -6.19
HE23 MND A 16 4.30 2.58 -7.79
N HVA A 17 -0.29 -3.57 -6.47
CA HVA A 17 -1.67 -3.53 -6.00
CB HVA A 17 -2.61 -3.40 -7.23
CG1 HVA A 17 -4.09 -3.35 -6.81
CG2 HVA A 17 -2.32 -2.16 -8.09
OG3 HVA A 17 -2.47 -4.48 -8.13
C HVA A 17 -1.94 -4.75 -5.12
O HVA A 17 -1.52 -5.87 -5.45
H HVA A 17 0.01 -4.43 -6.93
HA HVA A 17 -1.80 -2.64 -5.39
HG11 HVA A 17 -4.39 -4.28 -6.33
HG12 HVA A 17 -4.25 -2.53 -6.10
HG13 HVA A 17 -4.74 -3.20 -7.68
HG21 HVA A 17 -2.43 -1.26 -7.49
HG22 HVA A 17 -1.31 -2.19 -8.49
HG23 HVA A 17 -3.02 -2.12 -8.93
HOG3 HVA A 17 -1.54 -4.51 -8.39
N GLY A 18 -2.73 -4.59 -4.06
CA GLY A 18 -3.08 -5.66 -3.13
C GLY A 18 -2.32 -5.49 -1.83
N ALA A 19 -1.86 -6.59 -1.22
CA ALA A 19 -1.14 -6.50 0.04
C ALA A 19 0.36 -6.45 -0.24
N GLY A 20 0.96 -5.36 0.19
CA GLY A 20 2.37 -5.06 0.02
C GLY A 20 2.57 -3.56 -0.16
N TBG A 21 3.65 -3.15 -0.80
CA TBG A 21 3.95 -1.74 -1.03
CB TBG A 21 5.47 -1.46 -0.92
CG1 TBG A 21 5.98 -1.89 0.48
CG2 TBG A 21 6.33 -2.20 -1.96
CG3 TBG A 21 5.73 0.05 -1.02
C TBG A 21 3.28 -1.31 -2.34
O TBG A 21 3.52 -1.91 -3.40
H TBG A 21 4.25 -3.86 -1.24
HA TBG A 21 3.48 -1.17 -0.23
HG11 TBG A 21 5.91 -2.97 0.60
HG12 TBG A 21 7.02 -1.61 0.61
HG13 TBG A 21 5.37 -1.42 1.26
HG21 TBG A 21 6.06 -1.86 -2.97
HG22 TBG A 21 7.38 -1.99 -1.81
HG23 TBG A 21 6.17 -3.28 -1.90
HG31 TBG A 21 5.17 0.59 -0.27
HG32 TBG A 21 5.42 0.42 -2.01
HG33 TBG A 21 6.79 0.28 -0.92
N MND A 22 2.42 -0.30 -2.29
CA MND A 22 1.67 0.23 -3.43
CB MND A 22 2.39 1.46 -4.00
CG MND A 22 1.57 2.11 -5.12
OD1 MND A 22 1.08 1.44 -6.03
ND2 MND A 22 1.44 3.45 -5.09
CE2 MND A 22 0.65 4.21 -6.07
C MND A 22 0.28 0.64 -2.96
O MND A 22 0.18 1.41 -2.00
H MND A 22 2.23 0.16 -1.41
HA MND A 22 1.60 -0.52 -4.20
HB2 MND A 22 2.58 2.17 -3.20
HB3 MND A 22 3.35 1.14 -4.40
HD2 MND A 22 1.68 3.89 -4.19
HE21 MND A 22 0.35 3.56 -6.89
HE22 MND A 22 1.24 5.04 -6.47
HE23 MND A 22 -0.25 4.59 -5.58
N LMQ A 23 -0.78 0.13 -3.59
CA LMQ A 23 -2.14 0.48 -3.19
CB LMQ A 23 -2.82 1.33 -4.29
CB2 LMQ A 23 -2.07 2.66 -4.49
CG LMQ A 23 -2.96 0.64 -5.67
CD LMQ A 23 -3.56 1.58 -6.72
OE1 LMQ A 23 -2.86 2.24 -7.49
NE2 LMQ A 23 -4.84 1.88 -6.61
C LMQ A 23 -2.92 -0.75 -2.73
O LMQ A 23 -3.00 -1.74 -3.45
H LMQ A 23 -0.63 -0.50 -4.37
HA LMQ A 23 -2.08 1.13 -2.33
HB3 LMQ A 23 -3.83 1.57 -3.92
HB21 LMQ A 23 -1.62 3.01 -3.55
HB22 LMQ A 23 -1.25 2.52 -5.19
HB23 LMQ A 23 -2.75 3.41 -4.88
HG2 LMQ A 23 -1.98 0.35 -6.01
HG3 LMQ A 23 -3.59 -0.24 -5.57
HE21 LMQ A 23 -5.09 2.77 -6.98
HE22 LMQ A 23 -5.45 1.37 -5.98
N DHV A 24 -3.52 -0.63 -1.54
CA DHV A 24 -4.33 -1.66 -0.90
CB DHV A 24 -5.82 -1.42 -1.25
CG1 DHV A 24 -6.09 -1.60 -2.76
CG2 DHV A 24 -6.73 -2.42 -0.54
OG3 DHV A 24 -6.23 -0.10 -0.93
C DHV A 24 -3.97 -1.65 0.60
O DHV A 24 -4.59 -0.93 1.39
H DHV A 24 -3.40 0.22 -1.00
HA DHV A 24 -4.05 -2.63 -1.30
HG11 DHV A 24 -5.73 -2.57 -3.09
HG12 DHV A 24 -7.16 -1.51 -2.96
HG13 DHV A 24 -5.58 -0.82 -3.34
HG21 DHV A 24 -7.77 -2.22 -0.77
HG22 DHV A 24 -6.46 -3.44 -0.85
HG23 DHV A 24 -6.60 -2.36 0.54
HOG3 DHV A 24 -7.04 0.12 -1.42
N ALA A 25 -3.04 -2.50 1.02
CA ALA A 25 -2.60 -2.58 2.42
C ALA A 25 -1.12 -2.91 2.51
N GLY A 26 -0.41 -2.38 3.50
CA GLY A 26 1.02 -2.61 3.72
C GLY A 26 1.74 -1.28 3.80
N GLY A 27 2.04 -0.70 2.64
CA GLY A 27 2.70 0.58 2.52
C GLY A 27 2.17 1.27 1.27
N MND A 28 2.28 2.60 1.18
CA MND A 28 1.82 3.35 0.03
CB MND A 28 2.83 4.45 -0.34
CG MND A 28 2.36 5.20 -1.58
OD1 MND A 28 2.03 4.59 -2.58
ND2 MND A 28 2.41 6.55 -1.58
CE2 MND A 28 2.01 7.38 -2.71
C MND A 28 0.47 3.99 0.34
O MND A 28 0.40 4.88 1.19
H MND A 28 2.60 3.12 1.99
HA MND A 28 1.73 2.71 -0.83
HB2 MND A 28 2.97 5.13 0.49
HB3 MND A 28 3.79 3.97 -0.56
HD2 MND A 28 2.68 7.00 -0.70
HE21 MND A 28 0.92 7.45 -2.72
HE22 MND A 28 2.35 6.93 -3.64
HE23 MND A 28 2.42 8.38 -2.61
N ILE A 29 -0.62 3.50 -0.25
CA ILE A 29 -1.97 4.07 -0.04
C ILE A 29 -2.90 2.97 0.47
O HTN A 30 -4.95 3.19 4.26
C HTN A 30 -4.46 2.30 3.56
CE HTN A 30 -8.62 -0.24 1.56
N HTN A 30 -3.73 3.28 1.46
CA HTN A 30 -4.67 2.33 2.05
CB HTN A 30 -6.12 2.66 1.64
OG HTN A 30 -6.27 2.65 0.22
CG HTN A 30 -7.12 1.65 2.21
OD1 HTN A 30 -7.50 1.66 3.39
ND2 HTN A 30 -7.76 0.92 1.31
HE1 HTN A 30 -9.32 -0.34 0.72
HE2 HTN A 30 -9.18 -0.11 2.48
HE3 HTN A 30 -8.01 -1.13 1.64
H HTN A 30 -3.69 4.20 1.88
HA HTN A 30 -4.45 1.33 1.67
HB3 HTN A 30 -6.40 3.64 2.00
HOG HTN A 30 -6.53 3.54 -0.07
HD22 HTN A 30 -7.16 1.10 0.46
N TBG A 31 -3.72 1.31 4.06
CA TBG A 31 -3.40 1.18 5.48
CB TBG A 31 -4.34 0.17 6.21
CG1 TBG A 31 -4.25 -1.27 5.67
CG2 TBG A 31 -4.04 0.18 7.72
CG3 TBG A 31 -5.81 0.60 6.06
C TBG A 31 -1.91 0.84 5.53
O TBG A 31 -1.48 -0.05 4.81
H TBG A 31 -3.32 0.61 3.45
HA TBG A 31 -3.54 2.15 5.95
HG11 TBG A 31 -4.96 -1.91 6.19
HG12 TBG A 31 -4.48 -1.29 4.61
HG13 TBG A 31 -3.24 -1.67 5.82
HG21 TBG A 31 -4.74 -0.48 8.25
HG22 TBG A 31 -3.04 -0.19 7.90
HG23 TBG A 31 -4.12 1.19 8.10
HG31 TBG A 31 -5.92 1.66 6.33
HG32 TBG A 31 -6.45 0.00 6.72
HG33 TBG A 31 -6.13 0.45 5.04
N DHV A 32 -1.16 1.47 6.44
CA DHV A 32 0.28 1.22 6.55
CB DHV A 32 0.60 0.08 7.57
CG1 DHV A 32 0.24 0.41 9.02
CG2 DHV A 32 -0.08 -1.26 7.25
OG3 DHV A 32 1.98 -0.19 7.50
C DHV A 32 1.00 2.55 6.79
O DHV A 32 0.81 3.20 7.82
H DHV A 32 -1.56 2.20 7.02
HA DHV A 32 0.60 0.87 5.57
HG11 DHV A 32 0.80 1.26 9.38
HG12 DHV A 32 -0.82 0.61 9.11
HG13 DHV A 32 0.50 -0.44 9.67
HG21 DHV A 32 -1.15 -1.19 7.41
HG22 DHV A 32 0.09 -1.54 6.21
HG23 DHV A 32 0.32 -2.05 7.89
HOG3 DHV A 32 2.16 -0.48 6.58
N GLY A 33 1.80 3.00 5.82
CA GLY A 33 2.58 4.22 5.84
C GLY A 33 2.55 4.89 4.48
N MND A 34 2.03 6.10 4.42
CA MND A 34 1.89 6.91 3.21
CB MND A 34 3.03 7.93 3.09
CG MND A 34 3.08 8.45 1.65
OD1 MND A 34 3.51 7.71 0.76
ND2 MND A 34 2.51 9.62 1.37
CE2 MND A 34 2.25 10.11 0.02
C MND A 34 0.53 7.60 3.28
O MND A 34 0.29 8.41 4.18
H MND A 34 1.71 6.55 5.28
HA MND A 34 1.92 6.26 2.34
HB2 MND A 34 2.89 8.75 3.79
HB3 MND A 34 3.98 7.45 3.31
HD2 MND A 34 2.37 10.20 2.20
HE21 MND A 34 2.99 10.85 -0.27
HE22 MND A 34 1.26 10.56 -0.02
HE23 MND A 34 2.27 9.28 -0.68
N ILE A 35 -0.43 7.23 2.44
CA ILE A 35 -1.77 7.83 2.44
C ILE A 35 -2.78 6.81 2.98
N MND A 36 -3.89 7.30 3.50
CA MND A 36 -4.96 6.49 4.06
CB MND A 36 -6.31 7.05 3.61
CG MND A 36 -7.46 6.41 4.38
OD1 MND A 36 -7.60 5.20 4.40
ND2 MND A 36 -8.29 7.23 5.06
CE2 MND A 36 -9.44 6.76 5.80
C MND A 36 -4.80 6.50 5.58
O MND A 36 -4.55 7.56 6.16
H MND A 36 -3.96 8.30 3.59
HA MND A 36 -4.89 5.47 3.69
HB2 MND A 36 -6.30 8.13 3.75
HB3 MND A 36 -6.44 6.85 2.54
HD2 MND A 36 -8.14 8.22 4.94
HE21 MND A 36 -9.14 5.98 6.49
HE22 MND A 36 -10.17 6.34 5.09
HE23 MND A 36 -9.90 7.59 6.34
N VAL A 37 -4.95 5.36 6.24
CA VAL A 37 -4.76 5.28 7.69
C VAL A 37 -3.31 4.89 7.91
O HTN A 38 -0.97 7.46 10.27
C HTN A 38 -0.52 6.66 9.44
CE HTN A 38 2.49 3.61 10.97
N HTN A 38 -2.63 5.60 8.80
CA HTN A 38 -1.24 5.35 9.15
CB HTN A 38 -1.21 4.42 10.37
OG HTN A 38 -1.55 3.09 10.00
CG HTN A 38 0.15 4.38 11.06
OD1 HTN A 38 0.24 4.77 12.22
ND2 HTN A 38 1.15 3.79 10.43
HE1 HTN A 38 2.45 2.92 11.81
HE2 HTN A 38 2.88 4.57 11.31
HE3 HTN A 38 3.15 3.20 10.20
H HTN A 38 -3.08 6.37 9.29
HA HTN A 38 -0.75 4.89 8.30
HB3 HTN A 38 -1.93 4.79 11.09
HOG HTN A 38 -1.37 2.56 10.80
HD22 HTN A 38 0.93 3.44 9.47
N ALA A 39 0.67 6.81 8.86
CA ALA A 39 1.51 7.98 9.00
C ALA A 39 1.69 8.52 7.60
N MND A 40 1.52 9.83 7.43
CA MND A 40 1.65 10.52 6.16
CB MND A 40 2.97 11.28 6.07
CG MND A 40 3.09 11.94 4.70
OD1 MND A 40 3.12 11.23 3.69
ND2 MND A 40 3.28 13.26 4.61
CE2 MND A 40 3.35 13.93 3.31
C MND A 40 0.45 11.44 5.99
O MND A 40 0.43 12.51 6.60
H MND A 40 1.23 10.37 8.25
HA MND A 40 1.66 9.80 5.35
HB2 MND A 40 3.01 12.04 6.86
HB3 MND A 40 3.80 10.59 6.21
HD2 MND A 40 3.12 13.76 5.48
HE21 MND A 40 3.92 13.32 2.60
HE22 MND A 40 3.85 14.89 3.39
HE23 MND A 40 2.36 14.08 2.90
N VAL A 41 -0.56 11.07 5.22
CA VAL A 41 -1.72 11.93 5.02
C VAL A 41 -3.01 11.09 4.97
N DSN A 42 -4.01 11.46 5.76
CA DSN A 42 -5.29 10.76 5.81
C DSN A 42 -5.80 10.72 7.25
O DSN A 42 -6.47 11.63 7.73
CB DSN A 42 -6.25 11.37 4.78
OG DSN A 42 -5.73 11.11 3.47
H DSN A 42 -3.85 12.18 6.44
HA DSN A 42 -5.13 9.73 5.50
HB2 DSN A 42 -7.23 10.90 4.87
HB3 DSN A 42 -6.35 12.44 4.94
HG DSN A 42 -4.79 10.89 3.60
N VAL A 43 -5.45 9.65 7.97
CA VAL A 43 -5.83 9.39 9.35
C VAL A 43 -4.59 8.86 10.08
N DSG A 44 -4.39 9.27 11.34
CA DSG A 44 -3.28 8.85 12.20
C DSG A 44 -2.37 10.03 12.50
O DSG A 44 -2.76 10.89 13.30
CB DSG A 44 -3.84 8.23 13.48
CG DSG A 44 -2.74 7.65 14.35
OD1 DSG A 44 -2.27 6.56 14.09
ND2 DSG A 44 -2.39 8.29 15.45
H DSG A 44 -5.03 9.94 11.73
HA DSG A 44 -2.71 8.07 11.69
HB2 DSG A 44 -4.40 8.99 14.04
HB3 DSG A 44 -4.53 7.43 13.22
HD21 DSG A 44 -1.68 7.84 16.03
HD22 DSG A 44 -2.71 9.23 15.66
N M2S A 45 -1.19 10.11 11.88
CA M2S A 45 -0.21 11.20 12.08
CB M2S A 45 1.00 10.69 12.96
CG1 M2S A 45 1.60 9.41 12.36
CG2 M2S A 45 2.16 11.71 13.01
CG M2S A 45 0.50 10.41 14.41
SD M2S A 45 1.68 10.45 15.80
OE M2S A 45 2.73 8.97 15.52
CE M2S A 45 0.62 9.80 17.10
C M2S A 45 0.23 11.72 10.71
O M2S A 45 0.25 10.97 9.73
H M2S A 45 -0.92 9.39 11.23
HA M2S A 45 -0.69 12.02 12.59
HG11 M2S A 45 2.02 9.62 11.38
HG12 M2S A 45 2.38 9.04 12.99
HG13 M2S A 45 0.84 8.62 12.26
HG21 M2S A 45 2.97 11.37 13.64
HG22 M2S A 45 1.81 12.68 13.38
HG23 M2S A 45 2.60 11.85 12.02
HG2 M2S A 45 0.00 9.45 14.42
HG3 M2S A 45 -0.26 11.16 14.64
HE1 M2S A 45 1.21 9.62 17.99
HE2 M2S A 45 -0.16 10.54 17.32
HE3 M2S A 45 0.17 8.88 16.77
N DSG A 46 0.72 12.96 10.66
CA DSG A 46 1.23 13.61 9.47
C DSG A 46 0.26 14.74 9.13
O DSG A 46 0.36 15.81 9.76
CB DSG A 46 2.67 14.07 9.73
CG DSG A 46 3.50 14.10 8.47
OD1 DSG A 46 3.16 14.72 7.47
ND2 DSG A 46 4.64 13.42 8.49
H DSG A 46 0.67 13.52 11.51
HA DSG A 46 1.26 12.90 8.66
HB2 DSG A 46 2.69 15.06 10.20
HB3 DSG A 46 3.15 13.39 10.43
HD21 DSG A 46 5.27 13.44 7.69
HD22 DSG A 46 4.91 12.89 9.30
N GLN A 47 -0.71 14.54 8.24
CA GLN A 47 -1.69 15.56 7.91
C GLN A 47 -3.06 14.88 7.80
N 2TL A 48 -4.01 15.19 8.68
CA 2TL A 48 -5.35 14.58 8.63
CB 2TL A 48 -6.22 15.49 7.75
OG1 2TL A 48 -5.99 16.87 7.99
CG2 2TL A 48 -7.72 15.23 7.82
C 2TL A 48 -5.90 14.29 10.03
O 2TL A 48 -5.56 14.99 10.99
H 2TL A 48 -3.87 15.91 9.37
HA 2TL A 48 -5.26 13.63 8.13
HB 2TL A 48 -5.93 15.30 6.71
HG1 2TL A 48 -6.26 17.07 8.91
HG21 2TL A 48 -7.93 14.17 7.66
HG22 2TL A 48 -8.23 15.82 7.07
HG23 2TL A 48 -8.09 15.52 8.81
N THR A 49 -6.81 13.32 10.17
CA THR A 49 -7.41 12.96 11.46
C THR A 49 -6.43 12.04 12.20
C MHE A 1 8.99 -11.38 -9.21
O MHE A 1 9.44 -10.82 -8.22
CA MHE A 1 9.79 -11.71 -10.33
O2 MHE A 1 9.88 -11.00 -11.34
C3 MHE A 1 10.52 -13.05 -10.20
C4 MHE A 1 11.89 -13.07 -10.91
C5 MHE A 1 12.72 -14.34 -10.69
C6 MHE A 1 13.97 -14.23 -11.57
C7 MHE A 1 11.91 -15.60 -11.07
C8 MHE A 1 13.20 -14.47 -9.24
H1 MHE A 1 10.68 -13.25 -9.14
H3A MHE A 1 9.89 -13.82 -10.62
H4 MHE A 1 11.71 -12.94 -11.98
H4A MHE A 1 12.46 -12.20 -10.55
H6 MHE A 1 14.64 -15.07 -11.40
H6A MHE A 1 14.51 -13.32 -11.31
H6B MHE A 1 13.69 -14.16 -12.63
H7 MHE A 1 11.07 -15.71 -10.38
H7A MHE A 1 12.52 -16.50 -10.97
H7B MHE A 1 11.53 -15.51 -12.09
H8 MHE A 1 13.72 -13.56 -8.94
H8A MHE A 1 12.35 -14.63 -8.58
H8B MHE A 1 13.87 -15.32 -9.12
N GLY A 2 7.84 -12.08 -9.25
CA GLY A 2 7.07 -12.37 -10.45
C GLY A 2 6.54 -11.07 -11.05
N I2M A 3 6.06 -11.14 -12.29
CA I2M A 3 5.50 -9.99 -13.00
CB I2M A 3 6.31 -9.65 -14.29
CG3 I2M A 3 6.14 -10.70 -15.40
CG2 I2M A 3 5.79 -8.32 -14.85
CG1 I2M A 3 7.84 -9.58 -14.09
CD1 I2M A 3 8.39 -8.58 -13.07
C I2M A 3 4.03 -10.35 -13.27
O I2M A 3 3.76 -11.47 -13.71
H I2M A 3 6.07 -12.02 -12.77
HA I2M A 3 5.52 -9.12 -12.34
HG31 I2M A 3 5.10 -10.76 -15.74
HG32 I2M A 3 6.45 -11.68 -15.04
HG33 I2M A 3 6.75 -10.46 -16.27
HG21 I2M A 3 5.89 -7.53 -14.10
HG22 I2M A 3 6.37 -8.03 -15.73
HG23 I2M A 3 4.75 -8.40 -15.14
HG12 I2M A 3 8.22 -10.56 -13.81
HG13 I2M A 3 8.31 -9.32 -15.04
HD11 I2M A 3 8.03 -7.58 -13.27
HD12 I2M A 3 8.12 -8.87 -12.06
HD13 I2M A 3 9.47 -8.57 -13.12
N GLY A 4 3.10 -9.41 -13.10
CA GLY A 4 1.69 -9.67 -13.37
C GLY A 4 0.87 -9.94 -12.12
N TBG A 5 -0.18 -10.72 -12.26
CA TBG A 5 -1.07 -11.05 -11.15
CB TBG A 5 -2.51 -11.30 -11.69
CG1 TBG A 5 -2.67 -12.61 -12.48
CG2 TBG A 5 -3.51 -11.29 -10.51
CG3 TBG A 5 -2.93 -10.16 -12.65
C TBG A 5 -0.44 -12.25 -10.41
O TBG A 5 0.09 -13.17 -11.04
H TBG A 5 -0.39 -11.13 -13.17
HA TBG A 5 -1.09 -10.20 -10.48
HG11 TBG A 5 -2.46 -13.47 -11.86
HG12 TBG A 5 -3.68 -12.70 -12.87
HG13 TBG A 5 -1.98 -12.62 -13.32
HG21 TBG A 5 -4.53 -11.35 -10.89
HG22 TBG A 5 -3.31 -12.12 -9.84
HG23 TBG A 5 -3.42 -10.36 -9.95
HG31 TBG A 5 -4.00 -10.23 -12.88
HG32 TBG A 5 -2.38 -10.23 -13.59
HG33 TBG A 5 -2.74 -9.19 -12.20
N TDD A 6 -0.53 -12.26 -9.08
CA TDD A 6 -0.02 -13.32 -8.22
CB TDD A 6 -1.21 -14.21 -7.76
CG1 TDD A 6 -1.84 -14.92 -8.98
CG2 TDD A 6 -0.75 -15.32 -6.80
CG3 TDD A 6 -2.35 -13.42 -7.06
C TDD A 6 0.84 -12.69 -7.12
O TDD A 6 0.33 -11.91 -6.30
H TDD A 6 -0.96 -11.49 -8.60
HA TDD A 6 0.65 -13.96 -8.81
HG11 TDD A 6 -2.32 -14.20 -9.64
HG12 TDD A 6 -1.07 -15.45 -9.55
HG13 TDD A 6 -2.60 -15.64 -8.66
HG21 TDD A 6 -1.56 -16.02 -6.61
HG22 TDD A 6 0.08 -15.85 -7.25
HG23 TDD A 6 -0.44 -14.88 -5.86
HG31 TDD A 6 -2.72 -12.63 -7.69
HG32 TDD A 6 -1.98 -12.98 -6.14
HG33 TDD A 6 -3.16 -14.10 -6.83
N TBG A 7 2.14 -12.99 -7.09
CA TBG A 7 3.08 -12.47 -6.11
CB TBG A 7 3.43 -13.51 -5.01
CG1 TBG A 7 4.32 -12.87 -3.94
CG2 TBG A 7 2.15 -13.97 -4.29
CG3 TBG A 7 4.14 -14.76 -5.56
C TBG A 7 4.29 -11.92 -6.87
O TBG A 7 4.91 -12.61 -7.68
H TBG A 7 2.54 -13.62 -7.78
HA TBG A 7 2.60 -11.64 -5.61
HG11 TBG A 7 4.53 -13.58 -3.14
HG12 TBG A 7 5.28 -12.55 -4.36
HG13 TBG A 7 3.83 -11.99 -3.52
HG21 TBG A 7 1.54 -14.57 -4.96
HG22 TBG A 7 2.40 -14.59 -3.42
HG23 TBG A 7 1.58 -13.11 -3.96
HG31 TBG A 7 5.11 -14.49 -5.98
HG32 TBG A 7 3.53 -15.23 -6.33
HG33 TBG A 7 4.31 -15.48 -4.76
N DAL A 8 4.69 -10.69 -6.54
CA DAL A 8 5.81 -9.99 -7.13
CB DAL A 8 7.02 -10.13 -6.21
C DAL A 8 5.43 -8.53 -7.38
O DAL A 8 5.24 -7.79 -6.41
H DAL A 8 4.13 -10.15 -5.87
HA DAL A 8 6.04 -10.45 -8.09
HB1 DAL A 8 6.77 -9.79 -5.21
HB2 DAL A 8 7.33 -11.18 -6.17
HB3 DAL A 8 7.85 -9.53 -6.59
N TBG A 9 5.37 -8.12 -8.64
CA TBG A 9 5.03 -6.77 -9.06
CB TBG A 9 6.28 -6.00 -9.58
CG1 TBG A 9 7.53 -6.25 -8.68
CG2 TBG A 9 6.68 -6.39 -11.01
CG3 TBG A 9 6.04 -4.48 -9.55
C TBG A 9 3.85 -6.90 -10.03
O TBG A 9 3.93 -7.67 -10.99
H TBG A 9 5.54 -8.78 -9.40
HA TBG A 9 4.69 -6.24 -8.18
HG11 TBG A 9 8.35 -5.61 -8.99
HG12 TBG A 9 7.28 -6.03 -7.64
HG13 TBG A 9 7.85 -7.29 -8.76
HG21 TBG A 9 7.63 -5.96 -11.29
HG22 TBG A 9 6.75 -7.47 -11.06
HG23 TBG A 9 5.92 -6.07 -11.72
HG31 TBG A 9 5.81 -4.17 -8.53
HG32 TBG A 9 5.19 -4.23 -10.18
HG33 TBG A 9 6.92 -3.94 -9.90
N TDD A 10 2.79 -6.12 -9.85
CA TDD A 10 1.59 -6.14 -10.69
CB TDD A 10 1.62 -5.13 -11.88
CG1 TDD A 10 2.51 -3.91 -11.61
CG2 TDD A 10 2.18 -5.83 -13.12
CG3 TDD A 10 0.23 -4.61 -12.28
C TDD A 10 0.38 -6.08 -9.76
O TDD A 10 0.00 -5.01 -9.27
H TDD A 10 2.77 -5.50 -9.03
HA TDD A 10 1.55 -7.13 -11.14
HG11 TDD A 10 2.38 -3.19 -12.42
HG12 TDD A 10 2.23 -3.44 -10.68
HG13 TDD A 10 3.56 -4.21 -11.57
HG21 TDD A 10 3.18 -6.21 -12.95
HG22 TDD A 10 1.53 -6.67 -13.40
HG23 TDD A 10 2.20 -5.13 -13.96
HG31 TDD A 10 -0.17 -3.95 -11.51
HG32 TDD A 10 -0.46 -5.44 -12.44
HG33 TDD A 10 0.28 -4.03 -13.20
N ALA A 11 -0.23 -7.23 -9.52
CA ALA A 11 -1.41 -7.36 -8.67
C ALA A 11 -1.30 -8.58 -7.78
N GLY A 12 -2.08 -8.60 -6.71
CA GLY A 12 -2.13 -9.65 -5.72
C GLY A 12 -1.36 -9.14 -4.52
N ALA A 13 -0.09 -9.51 -4.42
CA ALA A 13 0.75 -9.07 -3.31
C ALA A 13 2.20 -8.82 -3.73
N TDD A 14 2.89 -7.98 -2.95
CA TDD A 14 4.30 -7.62 -3.11
CB TDD A 14 5.09 -8.17 -1.89
CG1 TDD A 14 6.59 -7.83 -1.94
CG2 TDD A 14 4.54 -7.74 -0.51
CG3 TDD A 14 5.02 -9.71 -1.92
C TDD A 14 4.38 -6.11 -3.40
O TDD A 14 4.63 -5.30 -2.51
H TDD A 14 2.36 -7.45 -2.26
HA TDD A 14 4.69 -8.12 -4.00
HG11 TDD A 14 6.74 -6.75 -1.97
HG12 TDD A 14 7.11 -8.22 -1.06
HG13 TDD A 14 7.04 -8.28 -2.82
HG21 TDD A 14 3.48 -7.99 -0.41
HG22 TDD A 14 5.08 -8.24 0.29
HG23 TDD A 14 4.66 -6.67 -0.38
HG31 TDD A 14 4.00 -10.04 -1.79
HG32 TDD A 14 5.65 -10.13 -1.14
HG33 TDD A 14 5.38 -10.07 -2.89
N ALA A 15 4.15 -5.73 -4.66
CA ALA A 15 4.17 -4.34 -5.09
C ALA A 15 3.11 -4.19 -6.19
N MND A 16 2.38 -3.08 -6.24
CA MND A 16 1.33 -2.89 -7.25
CB MND A 16 1.69 -2.02 -8.45
CG MND A 16 1.69 -0.50 -8.22
OD1 MND A 16 0.87 0.21 -8.79
ND2 MND A 16 2.88 -0.01 -7.85
CE2 MND A 16 3.26 1.40 -7.81
C MND A 16 0.01 -2.55 -6.59
O MND A 16 -0.06 -1.61 -5.80
H MND A 16 2.42 -2.42 -5.48
HA MND A 16 1.18 -3.89 -7.67
HB2 MND A 16 2.66 -2.32 -8.83
HB3 MND A 16 0.95 -2.22 -9.23
HD2 MND A 16 3.61 -0.71 -7.81
HE21 MND A 16 3.35 1.78 -8.83
HE22 MND A 16 4.22 1.52 -7.32
HE23 MND A 16 2.51 1.95 -7.27
N HVA A 17 -0.96 -3.46 -6.77
CA HVA A 17 -2.30 -3.34 -6.23
CB HVA A 17 -3.28 -2.97 -7.37
CG1 HVA A 17 -3.28 -3.96 -8.54
CG2 HVA A 17 -4.73 -2.83 -6.87
OG3 HVA A 17 -2.85 -1.74 -7.88
C HVA A 17 -2.68 -4.59 -5.43
O HVA A 17 -2.36 -5.72 -5.82
H HVA A 17 -0.80 -4.19 -7.45
HA HVA A 17 -2.30 -2.51 -5.52
HG11 HVA A 17 -2.30 -3.98 -9.02
HG12 HVA A 17 -3.53 -4.96 -8.20
HG13 HVA A 17 -4.02 -3.66 -9.29
HG21 HVA A 17 -5.17 -3.81 -6.68
HG22 HVA A 17 -4.78 -2.25 -5.95
HG23 HVA A 17 -5.33 -2.33 -7.63
HOG3 HVA A 17 -3.37 -1.46 -8.64
N GLY A 18 -3.44 -4.42 -4.34
CA GLY A 18 -3.91 -5.48 -3.47
C GLY A 18 -3.20 -5.45 -2.13
N ALA A 19 -1.98 -5.97 -2.09
CA ALA A 19 -1.17 -5.99 -0.87
C ALA A 19 0.29 -5.64 -1.20
N GLY A 20 0.99 -5.11 -0.21
CA GLY A 20 2.38 -4.73 -0.34
C GLY A 20 2.52 -3.23 -0.58
N TBG A 21 3.56 -2.81 -1.28
CA TBG A 21 3.81 -1.40 -1.56
CB TBG A 21 5.33 -1.08 -1.59
CG1 TBG A 21 6.13 -1.95 -2.57
CG2 TBG A 21 5.53 0.41 -1.92
CG3 TBG A 21 5.91 -1.31 -0.18
C TBG A 21 3.01 -0.98 -2.80
O TBG A 21 3.16 -1.55 -3.89
H TBG A 21 4.21 -3.49 -1.68
HA TBG A 21 3.41 -0.85 -0.73
HG11 TBG A 21 6.07 -3.00 -2.31
HG12 TBG A 21 5.74 -1.83 -3.59
HG13 TBG A 21 7.17 -1.65 -2.57
HG21 TBG A 21 4.97 1.04 -1.22
HG22 TBG A 21 6.59 0.66 -1.90
HG23 TBG A 21 5.16 0.63 -2.92
HG31 TBG A 21 5.86 -2.36 0.07
HG32 TBG A 21 5.37 -0.73 0.57
HG33 TBG A 21 6.97 -1.01 -0.16
N MND A 22 2.22 0.07 -2.67
CA MND A 22 1.37 0.64 -3.72
CB MND A 22 1.92 2.00 -4.17
CG MND A 22 0.86 2.79 -4.93
OD1 MND A 22 0.28 2.30 -5.90
ND2 MND A 22 0.54 4.01 -4.49
CE2 MND A 22 -0.54 4.85 -5.01
C MND A 22 -0.01 0.82 -3.11
O MND A 22 -0.10 1.32 -1.99
H MND A 22 2.11 0.50 -1.75
HA MND A 22 1.31 -0.01 -4.58
HB2 MND A 22 2.24 2.58 -3.30
HB3 MND A 22 2.78 1.84 -4.82
HD2 MND A 22 1.00 4.35 -3.63
HE21 MND A 22 -0.26 5.89 -4.91
HE22 MND A 22 -0.73 4.62 -6.05
HE23 MND A 22 -1.43 4.68 -4.41
N LMQ A 23 -1.07 0.48 -3.84
CA LMQ A 23 -2.42 0.64 -3.31
CB LMQ A 23 -3.42 1.14 -4.36
CB2 LMQ A 23 -3.38 2.64 -4.56
CG LMQ A 23 -3.31 0.44 -5.73
CD LMQ A 23 -4.37 0.91 -6.72
OE1 LMQ A 23 -4.11 1.72 -7.61
NE2 LMQ A 23 -5.63 0.64 -6.46
C LMQ A 23 -2.92 -0.68 -2.70
O LMQ A 23 -2.82 -1.74 -3.31
H LMQ A 23 -0.94 0.07 -4.75
HA LMQ A 23 -2.40 1.38 -2.51
HB3 LMQ A 23 -4.40 0.94 -3.94
HB21 LMQ A 23 -4.24 2.94 -5.18
HB22 LMQ A 23 -3.48 3.15 -3.60
HB23 LMQ A 23 -2.45 2.93 -5.04
HG2 LMQ A 23 -2.32 0.64 -6.17
HG3 LMQ A 23 -3.40 -0.62 -5.58
HE21 LMQ A 23 -6.27 1.23 -6.96
HE22 LMQ A 23 -5.93 -0.03 -5.76
N DHV A 24 -3.51 -0.58 -1.51
CA DHV A 24 -4.08 -1.72 -0.80
CB DHV A 24 -5.62 -1.64 -0.94
CG1 DHV A 24 -6.05 -2.04 -2.35
CG2 DHV A 24 -6.37 -2.53 0.05
OG3 DHV A 24 -6.07 -0.30 -0.76
C DHV A 24 -3.57 -1.77 0.63
O DHV A 24 -3.66 -0.79 1.37
H DHV A 24 -3.56 0.31 -1.04
HA DHV A 24 -3.75 -2.64 -1.30
HG11 DHV A 24 -5.60 -1.38 -3.10
HG12 DHV A 24 -5.74 -3.06 -2.57
HG13 DHV A 24 -7.13 -1.97 -2.45
HG21 DHV A 24 -6.17 -2.22 1.08
HG22 DHV A 24 -7.44 -2.44 -0.11
HG23 DHV A 24 -6.07 -3.57 -0.08
HOG3 DHV A 24 -6.72 -0.28 -0.05
N ALA A 25 -2.99 -2.91 1.05
CA ALA A 25 -2.49 -3.10 2.41
C ALA A 25 -1.01 -3.43 2.48
N GLY A 26 -0.22 -2.52 3.06
CA GLY A 26 1.22 -2.64 3.25
C GLY A 26 1.79 -1.26 3.46
N GLY A 27 2.12 -0.60 2.35
CA GLY A 27 2.65 0.75 2.32
C GLY A 27 2.16 1.41 1.05
N MND A 28 2.17 2.73 0.99
CA MND A 28 1.76 3.52 -0.17
CB MND A 28 2.90 4.53 -0.38
CG MND A 28 2.87 5.35 -1.67
OD1 MND A 28 1.89 5.39 -2.40
ND2 MND A 28 4.06 5.82 -2.07
CE2 MND A 28 4.27 6.91 -3.03
C MND A 28 0.42 4.16 0.13
O MND A 28 0.38 5.02 1.01
H MND A 28 2.37 3.27 1.83
HA MND A 28 1.69 2.90 -1.07
HB2 MND A 28 2.95 5.21 0.46
HB3 MND A 28 3.84 3.97 -0.40
HD2 MND A 28 4.74 5.79 -1.31
HE21 MND A 28 3.71 6.74 -3.94
HE22 MND A 28 5.33 6.99 -3.26
HE23 MND A 28 3.93 7.84 -2.59
N ILE A 29 -0.70 3.71 -0.44
CA ILE A 29 -2.02 4.29 -0.16
C ILE A 29 -3.00 3.19 0.28
O HTN A 30 -4.86 3.06 4.27
C HTN A 30 -4.37 2.21 3.52
CE HTN A 30 -8.79 0.14 1.08
N HTN A 30 -3.58 3.31 1.47
CA HTN A 30 -4.53 2.34 2.00
CB HTN A 30 -5.96 2.70 1.56
OG HTN A 30 -6.00 2.87 0.14
CG HTN A 30 -7.00 1.64 1.93
OD1 HTN A 30 -7.22 1.31 3.09
ND2 HTN A 30 -7.74 1.14 0.94
HE1 HTN A 30 -9.10 -0.21 0.09
HE2 HTN A 30 -9.65 0.59 1.58
HE3 HTN A 30 -8.42 -0.71 1.67
H HTN A 30 -3.32 4.09 2.08
HA HTN A 30 -4.31 1.36 1.56
HB3 HTN A 30 -6.23 3.65 2.03
HOG HTN A 30 -5.17 2.53 -0.22
HD22 HTN A 30 -7.60 1.76 0.07
N TBG A 31 -3.63 1.19 3.97
CA TBG A 31 -3.35 0.92 5.38
CB TBG A 31 -4.33 -0.18 5.94
CG1 TBG A 31 -4.40 -1.46 5.09
CG2 TBG A 31 -3.94 -0.58 7.37
CG3 TBG A 31 -5.77 0.35 5.99
C TBG A 31 -1.86 0.62 5.47
O TBG A 31 -1.41 -0.46 5.02
H TBG A 31 -3.25 0.53 3.32
HA TBG A 31 -3.52 1.83 5.95
HG11 TBG A 31 -5.15 -2.13 5.50
HG12 TBG A 31 -4.68 -1.24 4.06
HG13 TBG A 31 -3.45 -1.98 5.10
HG21 TBG A 31 -3.76 0.30 7.98
HG22 TBG A 31 -4.72 -1.20 7.83
HG23 TBG A 31 -3.02 -1.18 7.35
HG31 TBG A 31 -6.40 -0.29 6.61
HG32 TBG A 31 -6.20 0.34 5.00
HG33 TBG A 31 -5.82 1.36 6.37
N DHV A 32 -1.07 1.52 6.07
CA DHV A 32 0.38 1.41 6.21
CB DHV A 32 0.77 0.58 7.49
CG1 DHV A 32 0.42 1.32 8.78
CG2 DHV A 32 0.17 -0.82 7.56
OG3 DHV A 32 2.15 0.33 7.47
C DHV A 32 1.03 2.81 6.19
O DHV A 32 0.43 3.81 6.64
H DHV A 32 -1.47 2.40 6.41
HA DHV A 32 0.74 0.88 5.33
HG11 DHV A 32 -0.65 1.55 8.80
HG12 DHV A 32 0.65 0.69 9.65
HG13 DHV A 32 0.99 2.24 8.87
HG21 DHV A 32 0.41 -1.36 6.65
HG22 DHV A 32 0.58 -1.37 8.41
HG23 DHV A 32 -0.90 -0.76 7.68
HOG3 DHV A 32 2.32 -0.36 6.80
N GLY A 33 2.31 2.87 5.81
CA GLY A 33 3.08 4.11 5.74
C GLY A 33 2.82 4.78 4.41
N MND A 34 2.23 5.98 4.47
CA MND A 34 1.88 6.78 3.32
CB MND A 34 2.92 7.86 3.09
CG MND A 34 2.70 8.49 1.71
OD1 MND A 34 2.60 7.79 0.73
ND2 MND A 34 2.91 9.82 1.61
CE2 MND A 34 2.99 10.50 0.33
C MND A 34 0.51 7.41 3.53
O MND A 34 0.23 8.02 4.56
H MND A 34 2.00 6.37 5.38
HA MND A 34 1.86 6.13 2.45
HB2 MND A 34 2.87 8.61 3.87
HB3 MND A 34 3.90 7.41 3.11
HD2 MND A 34 2.88 10.38 2.47
HE21 MND A 34 3.19 11.56 0.50
HE22 MND A 34 2.06 10.36 -0.21
HE23 MND A 34 3.80 10.08 -0.27
N ILE A 35 -0.36 7.29 2.55
CA ILE A 35 -1.70 7.86 2.60
C ILE A 35 -2.68 6.78 3.06
N MND A 36 -3.81 7.20 3.60
CA MND A 36 -4.88 6.32 4.07
CB MND A 36 -6.18 6.81 3.45
CG MND A 36 -7.38 6.03 3.98
OD1 MND A 36 -7.77 5.01 3.43
ND2 MND A 36 -8.02 6.55 5.03
CE2 MND A 36 -9.10 5.85 5.70
C MND A 36 -4.86 6.33 5.59
O MND A 36 -5.06 7.41 6.17
H MND A 36 -3.92 8.20 3.75
HA MND A 36 -4.70 5.32 3.72
HB2 MND A 36 -6.30 7.87 3.65
HB3 MND A 36 -6.14 6.67 2.36
HD2 MND A 36 -7.55 7.31 5.51
HE21 MND A 36 -8.75 4.85 5.96
HE22 MND A 36 -9.96 5.76 5.04
HE23 MND A 36 -9.38 6.37 6.62
N VAL A 37 -4.57 5.21 6.25
CA VAL A 37 -4.47 5.12 7.71
C VAL A 37 -3.02 4.73 8.05
O HTN A 38 -0.96 7.51 9.93
C HTN A 38 -0.34 6.51 9.52
CE HTN A 38 1.81 2.28 12.10
N HTN A 38 -2.43 5.39 9.05
CA HTN A 38 -1.06 5.16 9.51
CB HTN A 38 -1.04 4.56 10.92
OG HTN A 38 -1.88 3.41 11.01
CG HTN A 38 0.37 4.18 11.37
OD1 HTN A 38 1.29 4.99 11.49
ND2 HTN A 38 0.55 2.91 11.70
HE1 HTN A 38 1.64 1.23 12.35
HE2 HTN A 38 2.21 2.79 12.98
HE3 HTN A 38 2.54 2.36 11.29
H HTN A 38 -2.94 6.16 9.47
HA HTN A 38 -0.54 4.49 8.82
HB3 HTN A 38 -1.41 5.31 11.63
HOG HTN A 38 -2.78 3.77 11.09
HD22 HTN A 38 -0.39 2.46 11.85
N ALA A 39 0.93 6.56 9.15
CA ALA A 39 1.73 7.77 9.14
C ALA A 39 1.86 8.27 7.71
N MND A 40 1.66 9.57 7.54
CA MND A 40 1.74 10.27 6.28
CB MND A 40 3.13 10.93 6.18
CG MND A 40 3.48 11.37 4.76
OD1 MND A 40 2.61 11.62 3.94
ND2 MND A 40 4.78 11.51 4.46
CE2 MND A 40 5.28 11.96 3.16
C MND A 40 0.56 11.23 6.22
O MND A 40 0.60 12.29 6.88
H MND A 40 1.31 10.11 8.32
HA MND A 40 1.66 9.57 5.45
HB2 MND A 40 3.18 11.79 6.85
HB3 MND A 40 3.89 10.21 6.51
HD2 MND A 40 5.45 11.18 5.14
HE21 MND A 40 5.37 13.04 3.14
HE22 MND A 40 4.56 11.68 2.37
HE23 MND A 40 6.25 11.51 2.97
N VAL A 41 -0.52 10.88 5.52
CA VAL A 41 -1.71 11.76 5.46
C VAL A 41 -3.00 10.95 5.39
N DSN A 42 -3.99 11.35 6.20
CA DSN A 42 -5.30 10.72 6.25
C DSN A 42 -5.77 10.50 7.68
O DSN A 42 -6.15 11.45 8.36
CB DSN A 42 -6.29 11.63 5.47
OG DSN A 42 -7.63 11.17 5.55
H DSN A 42 -3.79 12.08 6.87
HA DSN A 42 -5.25 9.77 5.72
HB2 DSN A 42 -6.24 12.64 5.87
HB3 DSN A 42 -5.99 11.65 4.42
HG DSN A 42 -8.01 11.46 6.41
N VAL A 43 -5.66 9.27 8.19
CA VAL A 43 -6.09 8.88 9.52
C VAL A 43 -4.93 8.34 10.34
N DSG A 44 -4.42 9.13 11.29
CA DSG A 44 -3.31 8.69 12.13
C DSG A 44 -2.32 9.80 12.45
O DSG A 44 -2.61 10.67 13.28
CB DSG A 44 -3.88 8.08 13.41
CG DSG A 44 -2.86 7.15 14.02
OD1 DSG A 44 -2.81 5.99 13.63
ND2 DSG A 44 -1.95 7.64 14.84
H DSG A 44 -4.78 10.08 11.40
HA DSG A 44 -2.77 7.91 11.61
HB2 DSG A 44 -4.16 8.86 14.12
HB3 DSG A 44 -4.78 7.49 13.18
HD21 DSG A 44 -1.37 6.97 15.34
HD22 DSG A 44 -1.95 8.61 15.16
N M2S A 45 -1.13 9.74 11.85
CA M2S A 45 -0.04 10.69 12.07
CB M2S A 45 1.14 10.00 12.85
CG1 M2S A 45 1.07 8.45 12.82
CG2 M2S A 45 2.55 10.33 12.29
CG M2S A 45 1.07 10.37 14.36
SD M2S A 45 1.68 11.98 14.96
OE M2S A 45 1.38 11.68 16.74
CE M2S A 45 0.29 13.09 14.66
C M2S A 45 0.32 11.41 10.76
O M2S A 45 0.18 10.86 9.67
H M2S A 45 -0.95 9.01 11.18
HA M2S A 45 -0.45 11.47 12.71
HG11 M2S A 45 0.21 8.08 13.38
HG12 M2S A 45 1.00 8.07 11.80
HG13 M2S A 45 1.96 8.02 13.27
HG21 M2S A 45 3.33 9.83 12.88
HG22 M2S A 45 2.75 11.40 12.32
HG23 M2S A 45 2.65 9.99 11.26
HG2 M2S A 45 1.67 9.64 14.90
HG3 M2S A 45 0.04 10.24 14.70
HE1 M2S A 45 -0.64 12.65 15.03
HE2 M2S A 45 0.20 13.29 13.59
HE3 M2S A 45 0.49 14.03 15.17
N DSG A 46 0.85 12.63 10.90
CA DSG A 46 1.28 13.57 9.87
C DSG A 46 0.19 14.63 9.74
O DSG A 46 0.02 15.44 10.66
CB DSG A 46 2.64 14.20 10.24
CG DSG A 46 2.69 14.77 11.66
OD1 DSG A 46 2.61 14.01 12.64
ND2 DSG A 46 2.99 16.04 11.83
H DSG A 46 0.91 13.00 11.84
HA DSG A 46 1.40 13.04 8.94
HB2 DSG A 46 3.40 13.44 10.15
HB3 DSG A 46 2.86 14.98 9.52
HD21 DSG A 46 3.06 16.44 12.77
HD22 DSG A 46 3.04 16.65 11.03
N GLN A 47 -0.59 14.59 8.67
CA GLN A 47 -1.68 15.55 8.44
C GLN A 47 -3.00 14.78 8.30
N 2TL A 48 -4.11 15.36 8.74
CA 2TL A 48 -5.43 14.77 8.67
CB 2TL A 48 -6.25 15.63 7.69
OG1 2TL A 48 -6.23 17.00 8.06
CG2 2TL A 48 -7.67 15.15 7.46
C 2TL A 48 -6.00 14.60 10.09
O 2TL A 48 -5.74 15.45 10.96
H 2TL A 48 -4.06 16.29 9.13
HA 2TL A 48 -5.35 13.78 8.24
HB 2TL A 48 -5.74 15.56 6.72
HG1 2TL A 48 -6.87 17.11 8.80
HG21 2TL A 48 -8.27 15.28 8.35
HG22 2TL A 48 -7.66 14.09 7.17
HG23 2TL A 48 -8.12 15.72 6.64
N THR A 49 -6.78 13.54 10.34
CA THR A 49 -7.38 13.22 11.63
C THR A 49 -6.51 12.22 12.40
C MHE A 1 9.40 -11.22 -9.15
O MHE A 1 9.81 -11.00 -8.01
CA MHE A 1 10.24 -11.12 -10.31
O2 MHE A 1 10.10 -10.25 -11.17
C3 MHE A 1 11.29 -12.21 -10.42
C4 MHE A 1 11.22 -12.96 -11.76
C5 MHE A 1 12.01 -14.28 -11.85
C6 MHE A 1 11.90 -14.80 -13.28
C7 MHE A 1 11.42 -15.35 -10.90
C8 MHE A 1 13.50 -14.10 -11.50
H1 MHE A 1 12.27 -11.75 -10.34
H3A MHE A 1 11.17 -12.91 -9.60
H4 MHE A 1 10.17 -13.19 -11.98
H4A MHE A 1 11.57 -12.28 -12.54
H6 MHE A 1 12.39 -15.78 -13.35
H6A MHE A 1 12.36 -14.09 -13.96
H6B MHE A 1 10.86 -14.90 -13.56
H7 MHE A 1 10.36 -15.47 -11.06
H7A MHE A 1 11.58 -15.06 -9.86
H7B MHE A 1 11.93 -16.31 -11.03
H8 MHE A 1 14.00 -15.06 -11.56
H8A MHE A 1 13.96 -13.37 -12.19
H8B MHE A 1 13.61 -13.72 -10.49
N GLY A 2 8.26 -11.87 -9.41
CA GLY A 2 7.56 -12.01 -10.69
C GLY A 2 6.80 -10.74 -11.03
N I2M A 3 6.22 -10.68 -12.23
CA I2M A 3 5.46 -9.56 -12.74
CB I2M A 3 6.19 -8.93 -13.98
CG3 I2M A 3 5.95 -9.72 -15.29
CG2 I2M A 3 5.64 -7.51 -14.24
CG1 I2M A 3 7.75 -8.86 -13.88
CD1 I2M A 3 8.35 -7.99 -12.78
C I2M A 3 4.02 -10.01 -13.08
O I2M A 3 3.82 -11.09 -13.64
H I2M A 3 6.34 -11.45 -12.88
HA I2M A 3 5.40 -8.80 -11.96
HG31 I2M A 3 6.29 -10.76 -15.16
HG32 I2M A 3 6.49 -9.27 -16.11
HG33 I2M A 3 4.90 -9.73 -15.56
HG21 I2M A 3 4.58 -7.55 -14.48
HG22 I2M A 3 5.77 -6.88 -13.35
HG23 I2M A 3 6.16 -7.06 -15.08
HG12 I2M A 3 8.15 -9.87 -13.78
HG13 I2M A 3 8.13 -8.47 -14.82
HD11 I2M A 3 8.00 -6.97 -12.85
HD12 I2M A 3 8.14 -8.42 -11.80
HD13 I2M A 3 9.43 -7.98 -12.91
N GLY A 4 3.04 -9.11 -12.95
CA GLY A 4 1.65 -9.35 -13.27
C GLY A 4 0.74 -9.59 -12.08
N TBG A 5 -0.36 -10.30 -12.32
CA TBG A 5 -1.33 -10.61 -11.29
CB TBG A 5 -2.77 -10.74 -11.89
CG1 TBG A 5 -3.12 -9.45 -12.65
CG2 TBG A 5 -2.93 -11.91 -12.88
CG3 TBG A 5 -3.83 -10.88 -10.78
C TBG A 5 -0.85 -11.86 -10.56
O TBG A 5 -0.42 -12.83 -11.20
H TBG A 5 -0.51 -10.69 -13.23
HA TBG A 5 -1.35 -9.78 -10.59
HG11 TBG A 5 -2.48 -9.32 -13.53
HG12 TBG A 5 -4.16 -9.46 -12.98
HG13 TBG A 5 -2.97 -8.58 -12.00
HG21 TBG A 5 -3.93 -11.90 -13.31
HG22 TBG A 5 -2.20 -11.85 -13.68
HG23 TBG A 5 -2.79 -12.86 -12.36
HG31 TBG A 5 -4.83 -10.85 -11.21
HG32 TBG A 5 -3.73 -10.06 -10.06
HG33 TBG A 5 -3.70 -11.83 -10.26
N TDD A 6 -0.90 -11.88 -9.24
CA TDD A 6 -0.48 -12.99 -8.39
CB TDD A 6 -1.72 -13.79 -7.92
CG1 TDD A 6 -2.84 -12.93 -7.32
CG2 TDD A 6 -2.32 -14.58 -9.11
CG3 TDD A 6 -1.35 -14.83 -6.84
C TDD A 6 0.43 -12.46 -7.29
O TDD A 6 0.08 -11.52 -6.58
H TDD A 6 -1.25 -11.06 -8.74
HA TDD A 6 0.13 -13.67 -9.00
HG11 TDD A 6 -3.67 -13.56 -7.03
HG12 TDD A 6 -2.48 -12.41 -6.43
HG13 TDD A 6 -3.19 -12.18 -8.03
HG21 TDD A 6 -1.56 -15.23 -9.54
HG22 TDD A 6 -3.17 -15.18 -8.77
HG23 TDD A 6 -2.68 -13.90 -9.88
HG31 TDD A 6 -2.18 -15.48 -6.62
HG32 TDD A 6 -1.09 -14.31 -5.91
HG33 TDD A 6 -0.49 -15.41 -7.17
N TBG A 7 1.57 -13.11 -7.09
CA TBG A 7 2.57 -12.74 -6.10
CB TBG A 7 2.88 -13.92 -5.14
CG1 TBG A 7 3.38 -15.20 -5.85
CG2 TBG A 7 3.92 -13.49 -4.09
CG3 TBG A 7 1.60 -14.30 -4.37
C TBG A 7 3.76 -12.16 -6.87
O TBG A 7 4.30 -12.83 -7.76
H TBG A 7 1.83 -13.88 -7.70
HA TBG A 7 2.15 -11.94 -5.49
HG11 TBG A 7 3.54 -15.99 -5.12
HG12 TBG A 7 2.64 -15.54 -6.57
HG13 TBG A 7 4.33 -15.00 -6.34
HG21 TBG A 7 4.85 -13.21 -4.57
HG22 TBG A 7 3.55 -12.63 -3.53
HG23 TBG A 7 4.11 -14.30 -3.39
HG31 TBG A 7 0.89 -14.78 -5.04
HG32 TBG A 7 1.15 -13.42 -3.93
HG33 TBG A 7 1.83 -15.01 -3.57
N DAL A 8 4.19 -10.96 -6.51
CA DAL A 8 5.28 -10.24 -7.14
CB DAL A 8 6.57 -10.38 -6.32
C DAL A 8 4.85 -8.78 -7.28
O DAL A 8 4.25 -8.24 -6.34
H DAL A 8 3.70 -10.45 -5.78
HA DAL A 8 5.45 -10.64 -8.14
HB1 DAL A 8 6.42 -9.96 -5.31
HB2 DAL A 8 6.85 -11.43 -6.23
HB3 DAL A 8 7.37 -9.82 -6.80
N TBG A 9 5.26 -8.13 -8.36
CA TBG A 9 4.92 -6.74 -8.63
CB TBG A 9 6.17 -5.92 -9.07
CG1 TBG A 9 7.41 -6.29 -8.21
CG2 TBG A 9 6.58 -6.16 -10.53
CG3 TBG A 9 5.88 -4.42 -8.92
C TBG A 9 3.76 -6.78 -9.64
O TBG A 9 3.83 -7.49 -10.65
H TBG A 9 5.75 -8.63 -9.09
HA TBG A 9 4.56 -6.30 -7.71
HG11 TBG A 9 7.17 -6.26 -7.16
HG12 TBG A 9 7.75 -7.31 -8.45
HG13 TBG A 9 8.23 -5.61 -8.42
HG21 TBG A 9 5.82 -5.79 -11.21
HG22 TBG A 9 7.53 -5.67 -10.75
HG23 TBG A 9 6.69 -7.23 -10.69
HG31 TBG A 9 5.59 -4.19 -7.88
HG32 TBG A 9 5.06 -4.12 -9.57
HG33 TBG A 9 6.76 -3.84 -9.16
N TDD A 10 2.74 -5.94 -9.45
CA TDD A 10 1.57 -5.88 -10.31
CB TDD A 10 1.68 -4.79 -11.42
CG1 TDD A 10 0.37 -4.72 -12.22
CG2 TDD A 10 2.05 -3.40 -10.90
CG3 TDD A 10 2.78 -5.18 -12.44
C TDD A 10 0.33 -5.79 -9.41
O TDD A 10 0.09 -4.74 -8.81
H TDD A 10 2.71 -5.39 -8.59
HA TDD A 10 1.50 -6.83 -10.84
HG11 TDD A 10 -0.43 -4.33 -11.60
HG12 TDD A 10 0.51 -4.06 -13.08
HG13 TDD A 10 0.09 -5.71 -12.58
HG21 TDD A 10 3.00 -3.42 -10.37
HG22 TDD A 10 2.13 -2.70 -11.72
HG23 TDD A 10 1.28 -3.03 -10.21
HG31 TDD A 10 3.75 -5.20 -11.96
HG32 TDD A 10 2.81 -4.46 -13.26
HG33 TDD A 10 2.57 -6.16 -12.86
N ALA A 11 -0.44 -6.87 -9.32
CA ALA A 11 -1.64 -6.90 -8.48
C ALA A 11 -1.76 -8.23 -7.77
N GLY A 12 -2.05 -8.18 -6.48
CA GLY A 12 -2.21 -9.34 -5.63
C GLY A 12 -1.42 -9.11 -4.37
N ALA A 13 -0.18 -9.60 -4.30
CA ALA A 13 0.64 -9.41 -3.11
C ALA A 13 2.12 -9.25 -3.43
N TDD A 14 2.77 -8.36 -2.69
CA TDD A 14 4.19 -8.05 -2.77
CB TDD A 14 4.92 -8.65 -1.53
CG1 TDD A 14 6.42 -8.35 -1.59
CG2 TDD A 14 4.37 -8.18 -0.17
CG3 TDD A 14 4.76 -10.20 -1.53
C TDD A 14 4.33 -6.55 -3.00
O TDD A 14 4.61 -5.77 -2.09
H TDD A 14 2.22 -7.75 -2.09
HA TDD A 14 4.59 -8.55 -3.66
HG11 TDD A 14 6.59 -7.28 -1.52
HG12 TDD A 14 6.94 -8.83 -0.76
HG13 TDD A 14 6.83 -8.71 -2.53
HG21 TDD A 14 4.86 -8.72 0.65
HG22 TDD A 14 4.57 -7.12 -0.01
HG23 TDD A 14 3.30 -8.36 -0.10
HG31 TDD A 14 5.23 -10.63 -0.65
HG32 TDD A 14 5.18 -10.62 -2.44
HG33 TDD A 14 3.71 -10.47 -1.48
N ALA A 15 4.18 -6.13 -4.26
CA ALA A 15 4.28 -4.73 -4.65
C ALA A 15 3.31 -4.41 -5.78
N MND A 16 3.02 -3.14 -5.97
CA MND A 16 2.12 -2.64 -7.00
CB MND A 16 2.75 -1.48 -7.81
CG MND A 16 3.63 -0.46 -7.06
OD1 MND A 16 4.48 -0.83 -6.26
ND2 MND A 16 3.75 0.75 -7.61
CE2 MND A 16 4.65 1.78 -7.11
C MND A 16 0.76 -2.32 -6.38
O MND A 16 0.53 -1.22 -5.89
H MND A 16 3.44 -2.44 -5.35
HA MND A 16 1.96 -3.43 -7.73
HB2 MND A 16 3.38 -1.93 -8.57
HB3 MND A 16 1.96 -0.95 -8.34
HD2 MND A 16 2.97 1.05 -8.20
HE21 MND A 16 5.68 1.42 -7.16
HE22 MND A 16 4.44 1.98 -6.07
HE23 MND A 16 4.55 2.68 -7.71
N HVA A 17 -0.14 -3.30 -6.40
CA HVA A 17 -1.49 -3.16 -5.87
CB HVA A 17 -2.43 -2.68 -7.02
CG1 HVA A 17 -3.91 -2.63 -6.61
CG2 HVA A 17 -2.06 -1.25 -7.47
OG3 HVA A 17 -2.32 -3.48 -8.17
C HVA A 17 -1.92 -4.46 -5.16
O HVA A 17 -1.37 -5.53 -5.43
H HVA A 17 0.10 -4.19 -6.81
HA HVA A 17 -1.46 -2.38 -5.11
HG11 HVA A 17 -4.30 -3.64 -6.45
HG12 HVA A 17 -4.04 -2.04 -5.70
HG13 HVA A 17 -4.51 -2.18 -7.41
HG21 HVA A 17 -1.09 -1.23 -7.96
HG22 HVA A 17 -2.78 -0.88 -8.19
HG23 HVA A 17 -2.03 -0.58 -6.61
HOG3 HVA A 17 -1.40 -3.80 -8.25
N GLY A 18 -2.92 -4.39 -4.28
CA GLY A 18 -3.47 -5.50 -3.53
C GLY A 18 -2.94 -5.47 -2.11
N ALA A 19 -1.83 -6.16 -1.86
CA ALA A 19 -1.19 -6.23 -0.56
C ALA A 19 0.30 -5.95 -0.76
N GLY A 20 0.96 -5.38 0.24
CA GLY A 20 2.37 -5.05 0.17
C GLY A 20 2.59 -3.56 -0.09
N TBG A 21 3.73 -3.20 -0.69
CA TBG A 21 4.07 -1.80 -0.97
CB TBG A 21 5.61 -1.57 -0.88
CG1 TBG A 21 5.93 -0.09 -1.14
CG2 TBG A 21 6.07 -1.89 0.56
CG3 TBG A 21 6.43 -2.45 -1.84
C TBG A 21 3.41 -1.37 -2.29
O TBG A 21 3.65 -1.96 -3.34
H TBG A 21 4.36 -3.91 -1.03
HA TBG A 21 3.62 -1.20 -0.18
HG11 TBG A 21 5.69 0.18 -2.17
HG12 TBG A 21 5.36 0.55 -0.46
HG13 TBG A 21 7.00 0.09 -0.99
HG21 TBG A 21 5.49 -1.32 1.29
HG22 TBG A 21 5.94 -2.95 0.78
HG23 TBG A 21 7.13 -1.66 0.68
HG31 TBG A 21 6.23 -3.50 -1.67
HG32 TBG A 21 7.49 -2.27 -1.70
HG33 TBG A 21 6.17 -2.21 -2.88
N MND A 22 2.58 -0.33 -2.25
CA MND A 22 1.87 0.21 -3.40
CB MND A 22 2.63 1.36 -4.04
CG MND A 22 1.79 2.14 -5.06
OD1 MND A 22 1.33 1.61 -6.07
ND2 MND A 22 1.55 3.44 -4.82
CE2 MND A 22 0.69 4.31 -5.61
C MND A 22 0.51 0.69 -2.92
O MND A 22 0.47 1.53 -2.02
H MND A 22 2.40 0.13 -1.36
HA MND A 22 1.75 -0.58 -4.13
HB2 MND A 22 2.98 2.03 -3.25
HB3 MND A 22 3.52 0.95 -4.53
HD2 MND A 22 1.85 3.77 -3.88
HE21 MND A 22 0.15 3.73 -6.35
HE22 MND A 22 1.28 5.05 -6.15
HE23 MND A 22 -0.02 4.82 -4.96
N LMQ A 23 -0.59 0.12 -3.38
CA LMQ A 23 -1.92 0.55 -2.94
CB LMQ A 23 -2.64 1.36 -4.04
CB2 LMQ A 23 -4.01 1.89 -3.61
CG LMQ A 23 -1.75 2.46 -4.68
CD LMQ A 23 -2.41 3.20 -5.82
OE1 LMQ A 23 -2.58 4.42 -5.78
NE2 LMQ A 23 -2.93 2.51 -6.81
C LMQ A 23 -2.76 -0.68 -2.57
O LMQ A 23 -2.80 -1.64 -3.34
H LMQ A 23 -0.51 -0.58 -4.12
HA LMQ A 23 -1.83 1.19 -2.07
HB3 LMQ A 23 -2.80 0.64 -4.82
HB21 LMQ A 23 -4.68 1.04 -3.41
HB22 LMQ A 23 -3.93 2.49 -2.71
HB23 LMQ A 23 -4.46 2.47 -4.40
HG2 LMQ A 23 -1.44 3.18 -3.94
HG3 LMQ A 23 -0.88 1.99 -5.09
HE21 LMQ A 23 -3.56 3.01 -7.41
HE22 LMQ A 23 -2.90 1.50 -6.83
N DHV A 24 -3.49 -0.60 -1.47
CA DHV A 24 -4.34 -1.67 -0.97
CB DHV A 24 -5.82 -1.44 -1.39
CG1 DHV A 24 -6.03 -2.09 -2.77
CG2 DHV A 24 -6.86 -2.02 -0.42
OG3 DHV A 24 -6.15 -0.07 -1.53
C DHV A 24 -4.02 -1.84 0.53
O DHV A 24 -4.52 -1.08 1.36
H DHV A 24 -3.40 0.22 -0.87
HA DHV A 24 -4.00 -2.59 -1.44
HG11 DHV A 24 -5.42 -1.58 -3.51
HG12 DHV A 24 -5.74 -3.14 -2.74
HG13 DHV A 24 -7.06 -2.03 -3.08
HG21 DHV A 24 -7.85 -1.97 -0.85
HG22 DHV A 24 -6.62 -3.06 -0.19
HG23 DHV A 24 -6.87 -1.45 0.51
HOG3 DHV A 24 -7.02 -0.02 -1.93
N ALA A 25 -3.15 -2.80 0.86
CA ALA A 25 -2.80 -3.06 2.25
C ALA A 25 -1.35 -3.50 2.47
N GLY A 26 -0.54 -2.65 3.11
CA GLY A 26 0.85 -2.94 3.42
C GLY A 26 1.57 -1.62 3.70
N GLY A 27 2.01 -0.95 2.65
CA GLY A 27 2.70 0.34 2.69
C GLY A 27 2.29 1.13 1.45
N MND A 28 2.43 2.45 1.44
CA MND A 28 2.07 3.26 0.27
CB MND A 28 3.13 4.34 -0.02
CG MND A 28 2.87 5.01 -1.37
OD1 MND A 28 2.60 4.31 -2.34
ND2 MND A 28 3.07 6.32 -1.52
CE2 MND A 28 2.66 7.06 -2.70
C MND A 28 0.69 3.88 0.50
O MND A 28 0.56 4.69 1.40
H MND A 28 2.70 2.97 2.27
HA MND A 28 2.03 2.63 -0.61
HB2 MND A 28 3.14 5.09 0.78
HB3 MND A 28 4.11 3.87 -0.06
HD2 MND A 28 3.32 6.86 -0.68
HE21 MND A 28 1.57 7.17 -2.68
HE22 MND A 28 2.96 6.53 -3.60
HE23 MND A 28 3.12 8.06 -2.69
N ILE A 29 -0.38 3.38 -0.14
CA ILE A 29 -1.72 3.95 0.04
C ILE A 29 -2.66 2.88 0.56
O HTN A 30 -4.61 2.80 4.56
C HTN A 30 -4.09 2.04 3.73
CE HTN A 30 -9.04 0.89 1.48
N HTN A 30 -3.40 3.17 1.64
CA HTN A 30 -4.36 2.25 2.23
CB HTN A 30 -5.77 2.81 1.98
OG HTN A 30 -5.95 3.25 0.63
CG HTN A 30 -6.87 1.77 2.26
OD1 HTN A 30 -6.94 1.14 3.32
ND2 HTN A 30 -7.85 1.72 1.37
HE1 HTN A 30 -9.87 1.37 0.98
HE2 HTN A 30 -9.30 0.73 2.52
HE3 HTN A 30 -8.85 -0.08 1.01
H HTN A 30 -3.32 4.10 2.04
HA HTN A 30 -4.30 1.28 1.74
HB3 HTN A 30 -5.93 3.66 2.63
HOG HTN A 30 -5.97 4.24 0.66
HD22 HTN A 30 -7.59 2.31 0.54
N TBG A 31 -3.29 1.04 4.10
CA TBG A 31 -2.95 0.77 5.50
CB TBG A 31 -3.76 -0.41 6.11
CG1 TBG A 31 -3.52 -1.78 5.47
CG2 TBG A 31 -3.43 -0.53 7.61
CG3 TBG A 31 -5.26 -0.18 5.95
C TBG A 31 -1.43 0.60 5.57
O TBG A 31 -0.86 -0.15 4.78
H TBG A 31 -2.86 0.43 3.41
HA TBG A 31 -3.19 1.66 6.09
HG11 TBG A 31 -3.95 -1.79 4.47
HG12 TBG A 31 -2.45 -2.01 5.42
HG13 TBG A 31 -4.02 -2.56 6.04
HG21 TBG A 31 -3.56 0.42 8.12
HG22 TBG A 31 -4.08 -1.27 8.09
HG23 TBG A 31 -2.40 -0.86 7.74
HG31 TBG A 31 -5.54 -0.27 4.90
HG32 TBG A 31 -5.54 0.81 6.27
HG33 TBG A 31 -5.83 -0.92 6.53
N DHV A 32 -0.77 1.29 6.51
CA DHV A 32 0.69 1.19 6.67
CB DHV A 32 1.05 0.08 7.70
CG1 DHV A 32 2.56 -0.05 7.89
CG2 DHV A 32 0.40 0.24 9.08
OG3 DHV A 32 0.59 -1.16 7.20
C DHV A 32 1.20 2.60 6.96
O DHV A 32 0.90 3.16 8.02
H DHV A 32 -1.30 1.91 7.13
HA DHV A 32 1.12 0.90 5.71
HG11 DHV A 32 2.80 -0.91 8.52
HG12 DHV A 32 3.06 -0.19 6.93
HG13 DHV A 32 2.97 0.84 8.36
HG21 DHV A 32 0.56 -0.66 9.67
HG22 DHV A 32 0.85 1.07 9.62
HG23 DHV A 32 -0.67 0.41 8.98
HOG3 DHV A 32 0.93 -1.22 6.28
N GLY A 33 1.96 3.17 6.03
CA GLY A 33 2.54 4.49 6.08
C GLY A 33 2.57 5.04 4.64
N MND A 34 2.09 6.26 4.47
CA MND A 34 2.02 6.97 3.19
CB MND A 34 3.22 7.90 3.02
CG MND A 34 3.24 8.44 1.60
OD1 MND A 34 3.84 7.83 0.73
ND2 MND A 34 2.59 9.59 1.34
CE2 MND A 34 2.44 10.16 0.01
C MND A 34 0.69 7.71 3.17
O MND A 34 0.60 8.83 3.65
H MND A 34 1.73 6.76 5.27
HA MND A 34 2.05 6.26 2.38
HB2 MND A 34 3.17 8.71 3.75
HB3 MND A 34 4.14 7.35 3.20
HD2 MND A 34 2.06 9.98 2.13
HE21 MND A 34 2.94 11.12 -0.05
HE22 MND A 34 1.38 10.29 -0.22
HE23 MND A 34 2.88 9.49 -0.74
N ILE A 35 -0.37 7.06 2.70
CA ILE A 35 -1.72 7.60 2.65
C ILE A 35 -2.64 6.53 3.25
N MND A 36 -3.78 6.93 3.79
CA MND A 36 -4.77 6.04 4.39
CB MND A 36 -6.17 6.49 4.02
CG MND A 36 -7.25 5.62 4.67
OD1 MND A 36 -7.69 4.65 4.07
ND2 MND A 36 -7.68 5.95 5.89
CE2 MND A 36 -8.70 5.21 6.63
C MND A 36 -4.58 6.05 5.90
O MND A 36 -4.38 7.12 6.47
H MND A 36 -3.93 7.93 3.87
HA MND A 36 -4.62 5.03 4.00
HB2 MND A 36 -6.30 7.53 4.30
HB3 MND A 36 -6.28 6.43 2.94
HD2 MND A 36 -7.26 6.75 6.34
HE21 MND A 36 -9.57 5.06 5.99
HE22 MND A 36 -8.99 5.75 7.52
HE23 MND A 36 -8.30 4.23 6.92
N VAL A 37 -4.80 4.92 6.58
CA VAL A 37 -4.62 4.87 8.02
C VAL A 37 -3.15 4.53 8.25
O HTN A 38 -1.12 7.57 10.04
C HTN A 38 -0.47 6.67 9.50
CE HTN A 38 2.81 3.54 10.98
N HTN A 38 -2.48 5.41 8.96
CA HTN A 38 -1.06 5.28 9.29
CB HTN A 38 -0.90 4.38 10.51
OG HTN A 38 -1.09 3.03 10.09
CG HTN A 38 0.51 4.49 11.11
OD1 HTN A 38 0.80 5.31 11.98
ND2 HTN A 38 1.40 3.65 10.61
HE1 HTN A 38 3.25 4.54 11.06
HE2 HTN A 38 3.34 2.97 10.21
HE3 HTN A 38 2.89 3.03 11.93
H HTN A 38 -2.93 6.26 9.30
HA HTN A 38 -0.57 4.86 8.42
HB3 HTN A 38 -1.64 4.66 11.26
HOG HTN A 38 -1.81 3.04 9.43
HD22 HTN A 38 0.96 3.17 9.80
N ALA A 39 0.80 6.79 9.11
CA ALA A 39 1.56 8.01 9.19
C ALA A 39 1.75 8.51 7.77
N MND A 40 1.52 9.79 7.54
CA MND A 40 1.66 10.41 6.24
CB MND A 40 3.02 11.13 6.18
CG MND A 40 3.37 11.57 4.76
OD1 MND A 40 4.35 11.07 4.19
ND2 MND A 40 2.66 12.52 4.18
CE2 MND A 40 2.79 12.86 2.77
C MND A 40 0.45 11.32 5.99
O MND A 40 0.50 12.51 6.30
H MND A 40 1.14 10.34 8.31
HA MND A 40 1.69 9.64 5.48
HB2 MND A 40 3.00 12.00 6.84
HB3 MND A 40 3.79 10.46 6.53
HD2 MND A 40 1.85 12.84 4.72
HE21 MND A 40 2.94 11.95 2.19
HE22 MND A 40 3.66 13.51 2.61
HE23 MND A 40 1.90 13.35 2.39
N VAL A 41 -0.62 10.78 5.41
CA VAL A 41 -1.86 11.49 5.12
C VAL A 41 -3.04 10.54 5.30
N DSN A 42 -4.25 11.06 5.51
CA DSN A 42 -5.46 10.26 5.65
C DSN A 42 -6.00 10.31 7.08
O DSN A 42 -6.76 11.22 7.44
CB DSN A 42 -6.50 10.70 4.61
OG DSN A 42 -6.11 10.27 3.31
H DSN A 42 -4.34 12.06 5.67
HA DSN A 42 -5.22 9.22 5.41
HB2 DSN A 42 -7.45 10.23 4.84
HB3 DSN A 42 -6.62 11.78 4.63
HG DSN A 42 -5.85 11.07 2.79
N VAL A 43 -5.65 9.30 7.88
CA VAL A 43 -6.05 9.11 9.27
C VAL A 43 -4.83 8.64 10.06
N DSG A 44 -4.65 9.09 11.30
CA DSG A 44 -3.53 8.70 12.16
C DSG A 44 -2.61 9.87 12.48
O DSG A 44 -2.94 10.73 13.31
CB DSG A 44 -4.03 8.07 13.47
CG DSG A 44 -2.83 7.53 14.24
OD1 DSG A 44 -2.34 6.46 13.91
ND2 DSG A 44 -2.27 8.30 15.16
H DSG A 44 -5.33 9.74 11.70
HA DSG A 44 -2.95 7.94 11.65
HB2 DSG A 44 -4.58 8.80 14.07
HB3 DSG A 44 -4.71 7.25 13.23
HD21 DSG A 44 -1.43 7.99 15.63
HD22 DSG A 44 -2.66 9.21 15.37
N M2S A 45 -1.45 9.90 11.84
CA M2S A 45 -0.40 10.90 12.02
CB M2S A 45 0.80 10.24 12.80
CG1 M2S A 45 0.77 8.69 12.82
CG2 M2S A 45 2.17 10.61 12.20
CG M2S A 45 0.80 10.59 14.32
SD M2S A 45 1.04 12.31 14.87
OE M2S A 45 1.34 12.04 16.65
CE M2S A 45 -0.68 12.81 15.04
C M2S A 45 -0.06 11.52 10.65
O M2S A 45 -0.08 10.83 9.64
H M2S A 45 -1.23 9.17 11.16
HA M2S A 45 -0.82 11.71 12.61
HG11 M2S A 45 -0.08 8.30 13.39
HG12 M2S A 45 0.71 8.28 11.82
HG13 M2S A 45 1.68 8.28 13.28
HG21 M2S A 45 2.25 10.26 11.18
HG22 M2S A 45 2.97 10.13 12.78
HG23 M2S A 45 2.33 11.68 12.23
HG2 M2S A 45 1.61 10.03 14.77
HG3 M2S A 45 -0.12 10.21 14.76
HE1 M2S A 45 -1.26 11.98 15.44
HE2 M2S A 45 -0.73 13.65 15.72
HE3 M2S A 45 -1.08 13.11 14.07
N DSG A 46 0.42 12.76 10.63
CA DSG A 46 0.79 13.46 9.39
C DSG A 46 -0.33 14.45 9.09
O DSG A 46 -0.61 15.27 9.96
CB DSG A 46 2.12 14.21 9.55
CG DSG A 46 2.53 14.87 8.24
OD1 DSG A 46 1.97 15.89 7.82
ND2 DSG A 46 3.57 14.37 7.62
H DSG A 46 0.44 13.33 11.48
HA DSG A 46 0.90 12.75 8.58
HB2 DSG A 46 2.02 14.99 10.30
HB3 DSG A 46 2.89 13.51 9.88
HD21 DSG A 46 3.99 13.51 7.97
HD22 DSG A 46 3.81 14.67 6.68
N GLN A 47 -1.05 14.31 7.97
CA GLN A 47 -2.12 15.24 7.63
C GLN A 47 -3.49 14.56 7.57
N 2TL A 48 -4.52 15.30 7.99
CA 2TL A 48 -5.91 14.88 8.01
CB 2TL A 48 -6.76 16.04 7.46
OG1 2TL A 48 -6.29 16.37 6.16
CG2 2TL A 48 -6.70 17.34 8.28
C 2TL A 48 -6.34 14.43 9.41
O 2TL A 48 -6.07 15.10 10.41
H 2TL A 48 -4.35 16.24 8.30
HA 2TL A 48 -6.02 14.03 7.33
HB 2TL A 48 -7.80 15.72 7.38
HG1 2TL A 48 -6.17 15.53 5.67
HG21 2TL A 48 -5.67 17.68 8.40
HG22 2TL A 48 -7.14 17.18 9.25
HG23 2TL A 48 -7.26 18.12 7.77
N THR A 49 -7.05 13.31 9.50
CA THR A 49 -7.53 12.75 10.76
C THR A 49 -6.37 12.05 11.50
C MHE A 1 9.41 -11.37 -8.83
O MHE A 1 10.18 -11.32 -9.80
CA MHE A 1 9.61 -10.77 -7.55
O2 MHE A 1 9.17 -11.26 -6.49
C3 MHE A 1 10.06 -9.31 -7.60
C4 MHE A 1 10.69 -8.84 -6.27
C5 MHE A 1 11.18 -7.39 -6.22
C6 MHE A 1 12.12 -7.05 -7.38
C7 MHE A 1 11.99 -7.20 -4.92
C8 MHE A 1 10.00 -6.40 -6.21
H1 MHE A 1 10.80 -9.19 -8.40
H3A MHE A 1 9.20 -8.68 -7.84
H4 MHE A 1 9.97 -8.98 -5.47
H4A MHE A 1 11.53 -9.50 -6.05
H6 MHE A 1 12.55 -6.05 -7.25
H6A MHE A 1 11.57 -7.08 -8.33
H6B MHE A 1 12.91 -7.78 -7.44
H7 MHE A 1 12.91 -7.78 -4.96
H7A MHE A 1 11.42 -7.56 -4.06
H7B MHE A 1 12.26 -6.15 -4.77
H8 MHE A 1 10.35 -5.38 -6.08
H8A MHE A 1 9.46 -6.47 -7.15
H8B MHE A 1 9.31 -6.64 -5.40
N GLY A 2 8.16 -11.86 -8.86
CA GLY A 2 7.48 -12.14 -10.12
C GLY A 2 6.91 -10.86 -10.72
N I2M A 3 6.44 -10.93 -11.97
CA I2M A 3 5.84 -9.82 -12.70
CB I2M A 3 6.79 -9.26 -13.81
CG3 I2M A 3 6.92 -10.22 -15.03
CG2 I2M A 3 6.18 -7.96 -14.37
CG1 I2M A 3 8.26 -9.03 -13.37
CD1 I2M A 3 8.56 -7.95 -12.33
C I2M A 3 4.49 -10.35 -13.21
O I2M A 3 4.45 -11.42 -13.85
H I2M A 3 6.51 -11.80 -12.48
HA I2M A 3 5.64 -9.01 -12.00
HG31 I2M A 3 7.29 -11.19 -14.70
HG32 I2M A 3 7.61 -9.81 -15.77
HG33 I2M A 3 5.97 -10.36 -15.52
HG21 I2M A 3 6.84 -7.53 -15.12
HG22 I2M A 3 5.21 -8.16 -14.82
HG23 I2M A 3 6.05 -7.23 -13.58
HG12 I2M A 3 8.69 -9.96 -13.00
HG13 I2M A 3 8.82 -8.73 -14.24
HD11 I2M A 3 8.21 -6.97 -12.68
HD12 I2M A 3 8.11 -8.19 -11.37
HD13 I2M A 3 9.63 -7.87 -12.19
N GLY A 4 3.37 -9.68 -12.94
CA GLY A 4 2.04 -10.10 -13.39
C GLY A 4 1.06 -10.24 -12.25
N TBG A 5 0.05 -11.11 -12.43
CA TBG A 5 -0.97 -11.35 -11.43
CB TBG A 5 -2.38 -11.40 -12.11
CG1 TBG A 5 -2.60 -12.66 -12.97
CG2 TBG A 5 -3.48 -11.36 -11.04
CG3 TBG A 5 -2.59 -10.17 -13.01
C TBG A 5 -0.58 -12.58 -10.58
O TBG A 5 -0.19 -13.61 -11.14
H TBG A 5 0.04 -11.68 -13.26
HA TBG A 5 -0.99 -10.48 -10.77
HG11 TBG A 5 -1.86 -12.70 -13.78
HG12 TBG A 5 -2.51 -13.56 -12.37
HG13 TBG A 5 -3.59 -12.64 -13.42
HG21 TBG A 5 -3.40 -12.21 -10.36
HG22 TBG A 5 -3.37 -10.45 -10.44
HG23 TBG A 5 -4.46 -11.33 -11.50
HG31 TBG A 5 -2.37 -9.26 -12.46
HG32 TBG A 5 -3.62 -10.14 -13.37
HG33 TBG A 5 -1.94 -10.21 -13.88
N TDD A 6 -0.72 -12.49 -9.26
CA TDD A 6 -0.41 -13.55 -8.32
CB TDD A 6 -1.72 -14.28 -7.87
CG1 TDD A 6 -2.80 -13.34 -7.33
CG2 TDD A 6 -2.37 -15.02 -9.06
CG3 TDD A 6 -1.39 -15.33 -6.79
C TDD A 6 0.49 -13.02 -7.20
O TDD A 6 0.00 -12.38 -6.26
H TDD A 6 -1.04 -11.62 -8.85
HA TDD A 6 0.20 -14.30 -8.84
HG11 TDD A 6 -3.70 -13.91 -7.13
HG12 TDD A 6 -2.47 -12.88 -6.40
HG13 TDD A 6 -3.04 -12.55 -8.04
HG21 TDD A 6 -1.67 -15.75 -9.49
HG22 TDD A 6 -3.25 -15.56 -8.73
HG23 TDD A 6 -2.66 -14.33 -9.85
HG31 TDD A 6 -0.58 -15.97 -7.12
HG32 TDD A 6 -2.26 -15.95 -6.58
HG33 TDD A 6 -1.10 -14.83 -5.87
N TBG A 7 1.77 -13.33 -7.26
CA TBG A 7 2.79 -12.94 -6.29
CB TBG A 7 3.19 -14.17 -5.43
CG1 TBG A 7 1.96 -14.73 -4.68
CG2 TBG A 7 3.77 -15.34 -6.25
CG3 TBG A 7 4.23 -13.76 -4.36
C TBG A 7 3.94 -12.21 -7.00
O TBG A 7 4.68 -12.82 -7.79
H TBG A 7 2.12 -13.85 -8.05
HA TBG A 7 2.33 -12.23 -5.62
HG11 TBG A 7 1.23 -15.13 -5.38
HG12 TBG A 7 2.24 -15.52 -4.00
HG13 TBG A 7 1.49 -13.93 -4.11
HG21 TBG A 7 3.13 -15.56 -7.10
HG22 TBG A 7 4.75 -15.08 -6.63
HG23 TBG A 7 3.87 -16.23 -5.63
HG31 TBG A 7 3.81 -12.98 -3.73
HG32 TBG A 7 5.14 -13.38 -4.83
HG33 TBG A 7 4.49 -14.61 -3.74
N DAL A 8 4.11 -10.92 -6.73
CA DAL A 8 5.13 -10.08 -7.33
CB DAL A 8 6.31 -9.96 -6.36
C DAL A 8 4.57 -8.70 -7.64
O DAL A 8 3.73 -8.21 -6.89
H DAL A 8 3.46 -10.47 -6.09
HA DAL A 8 5.46 -10.54 -8.25
HB1 DAL A 8 6.66 -10.95 -6.09
HB2 DAL A 8 7.10 -9.38 -6.82
HB3 DAL A 8 5.99 -9.44 -5.46
N TBG A 9 5.15 -7.99 -8.62
CA TBG A 9 4.69 -6.65 -9.00
CB TBG A 9 5.84 -5.74 -9.52
CG1 TBG A 9 7.15 -5.97 -8.74
CG2 TBG A 9 6.18 -5.95 -11.00
CG3 TBG A 9 5.45 -4.26 -9.38
C TBG A 9 3.54 -6.88 -10.00
O TBG A 9 3.69 -7.66 -10.94
H TBG A 9 5.84 -8.44 -9.22
HA TBG A 9 4.29 -6.18 -8.11
HG11 TBG A 9 6.98 -5.93 -7.66
HG12 TBG A 9 7.57 -6.95 -8.97
HG13 TBG A 9 7.90 -5.22 -9.00
HG21 TBG A 9 7.10 -5.43 -11.26
HG22 TBG A 9 6.29 -7.01 -11.19
HG23 TBG A 9 5.38 -5.57 -11.64
HG31 TBG A 9 4.55 -4.04 -9.96
HG32 TBG A 9 6.26 -3.61 -9.73
HG33 TBG A 9 5.24 -4.01 -8.34
N TDD A 10 2.45 -6.13 -9.87
CA TDD A 10 1.28 -6.23 -10.73
CB TDD A 10 1.25 -5.16 -11.86
CG1 TDD A 10 -0.08 -5.21 -12.63
CG2 TDD A 10 1.49 -3.72 -11.38
CG3 TDD A 10 2.35 -5.48 -12.89
C TDD A 10 0.04 -6.26 -9.83
O TDD A 10 -0.38 -5.22 -9.33
H TDD A 10 2.38 -5.50 -9.07
HA TDD A 10 1.33 -7.19 -11.22
HG11 TDD A 10 -0.27 -6.23 -12.98
HG12 TDD A 10 -0.90 -4.91 -11.98
HG13 TDD A 10 -0.07 -4.53 -13.48
HG21 TDD A 10 2.48 -3.61 -10.96
HG22 TDD A 10 1.38 -3.02 -12.20
HG23 TDD A 10 0.75 -3.44 -10.62
HG31 TDD A 10 3.33 -5.33 -12.46
HG32 TDD A 10 2.26 -4.84 -13.77
HG33 TDD A 10 2.27 -6.52 -13.22
N ALA A 11 -0.55 -7.44 -9.64
CA ALA A 11 -1.75 -7.54 -8.82
C ALA A 11 -1.82 -8.84 -8.03
N GLY A 12 -2.28 -8.75 -6.79
CA GLY A 12 -2.41 -9.88 -5.88
C GLY A 12 -1.68 -9.50 -4.62
N ALA A 13 -0.45 -10.01 -4.43
CA ALA A 13 0.36 -9.71 -3.27
C ALA A 13 1.81 -9.47 -3.69
N TDD A 14 2.48 -8.54 -3.03
CA TDD A 14 3.87 -8.21 -3.29
CB TDD A 14 4.78 -8.84 -2.18
CG1 TDD A 14 4.81 -10.38 -2.38
CG2 TDD A 14 6.24 -8.38 -2.29
CG3 TDD A 14 4.28 -8.60 -0.75
C TDD A 14 3.95 -6.69 -3.49
O TDD A 14 4.27 -5.94 -2.57
H TDD A 14 1.98 -7.94 -2.39
HA TDD A 14 4.17 -8.65 -4.24
HG11 TDD A 14 5.48 -10.84 -1.65
HG12 TDD A 14 3.82 -10.80 -2.27
HG13 TDD A 14 5.18 -10.62 -3.38
HG21 TDD A 14 6.32 -7.31 -2.07
HG22 TDD A 14 6.85 -8.92 -1.58
HG23 TDD A 14 6.62 -8.55 -3.29
HG31 TDD A 14 4.20 -7.53 -0.56
HG32 TDD A 14 4.98 -9.01 -0.02
HG33 TDD A 14 3.30 -9.05 -0.59
N ALA A 15 3.72 -6.26 -4.73
CA ALA A 15 3.72 -4.86 -5.12
C ALA A 15 2.69 -4.61 -6.22
N MND A 16 2.28 -3.36 -6.42
CA MND A 16 1.31 -2.99 -7.45
CB MND A 16 1.81 -1.84 -8.35
CG MND A 16 2.42 -0.63 -7.67
OD1 MND A 16 2.89 -0.69 -6.54
ND2 MND A 16 2.91 0.30 -8.50
CE2 MND A 16 3.69 1.46 -8.06
C MND A 16 -0.03 -2.68 -6.81
O MND A 16 -0.22 -1.62 -6.21
H MND A 16 2.59 -2.61 -5.80
HA MND A 16 1.17 -3.84 -8.11
HB2 MND A 16 2.57 -2.27 -9.01
HB3 MND A 16 0.98 -1.53 -8.97
HD2 MND A 16 2.56 0.25 -9.46
HE21 MND A 16 3.02 2.22 -7.66
HE22 MND A 16 4.26 1.87 -8.90
HE23 MND A 16 4.37 1.16 -7.26
N HVA A 17 -0.97 -3.63 -6.90
CA HVA A 17 -2.31 -3.50 -6.35
CB HVA A 17 -3.34 -3.18 -7.46
CG1 HVA A 17 -2.82 -2.18 -8.51
CG2 HVA A 17 -3.77 -4.44 -8.22
OG3 HVA A 17 -4.52 -2.64 -6.91
C HVA A 17 -2.66 -4.76 -5.53
O HVA A 17 -2.11 -5.84 -5.76
H HVA A 17 -0.77 -4.48 -7.42
HA HVA A 17 -2.30 -2.65 -5.67
HG11 HVA A 17 -2.05 -2.64 -9.13
HG12 HVA A 17 -3.63 -1.85 -9.14
HG13 HVA A 17 -2.38 -1.32 -8.02
HG21 HVA A 17 -4.45 -4.17 -9.04
HG22 HVA A 17 -2.89 -4.91 -8.65
HG23 HVA A 17 -4.27 -5.14 -7.55
HOG3 HVA A 17 -5.25 -2.75 -7.54
N GLY A 18 -3.60 -4.61 -4.60
CA GLY A 18 -4.10 -5.68 -3.74
C GLY A 18 -3.44 -5.63 -2.38
N ALA A 19 -2.32 -6.32 -2.21
CA ALA A 19 -1.56 -6.36 -0.98
C ALA A 19 -0.10 -6.09 -1.28
N GLY A 20 0.62 -5.58 -0.29
CA GLY A 20 2.02 -5.27 -0.40
C GLY A 20 2.25 -3.78 -0.64
N TBG A 21 3.36 -3.41 -1.26
CA TBG A 21 3.73 -2.03 -1.53
CB TBG A 21 5.27 -1.86 -1.45
CG1 TBG A 21 6.06 -2.79 -2.38
CG2 TBG A 21 5.66 -0.40 -1.71
CG3 TBG A 21 5.72 -2.17 -0.01
C TBG A 21 3.06 -1.54 -2.82
O TBG A 21 3.40 -1.99 -3.92
H TBG A 21 4.00 -4.14 -1.58
HA TBG A 21 3.32 -1.44 -0.71
HG11 TBG A 21 5.83 -2.57 -3.42
HG12 TBG A 21 7.13 -2.62 -2.25
HG13 TBG A 21 5.85 -3.83 -2.17
HG21 TBG A 21 5.37 -0.10 -2.72
HG22 TBG A 21 5.19 0.26 -1.00
HG23 TBG A 21 6.74 -0.31 -1.64
HG31 TBG A 21 6.80 -2.01 0.08
HG32 TBG A 21 5.52 -3.20 0.26
HG33 TBG A 21 5.22 -1.51 0.71
N MND A 22 2.10 -0.63 -2.69
CA MND A 22 1.33 -0.02 -3.77
CB MND A 22 2.03 1.28 -4.20
CG MND A 22 1.24 2.06 -5.25
OD1 MND A 22 0.62 1.50 -6.15
ND2 MND A 22 1.28 3.39 -5.18
CE2 MND A 22 0.55 4.31 -6.03
C MND A 22 -0.07 0.30 -3.26
O MND A 22 -0.22 0.65 -2.07
H MND A 22 1.85 -0.31 -1.76
HA MND A 22 1.27 -0.69 -4.62
HB2 MND A 22 2.17 1.90 -3.32
HB3 MND A 22 3.01 1.04 -4.61
HD2 MND A 22 1.66 3.76 -4.29
HE21 MND A 22 0.35 3.86 -7.00
HE22 MND A 22 1.13 5.23 -6.16
HE23 MND A 22 -0.40 4.56 -5.55
N LMQ A 23 -1.11 0.26 -4.10
CA LMQ A 23 -2.47 0.56 -3.66
CB LMQ A 23 -3.29 1.30 -4.73
CB2 LMQ A 23 -2.54 2.55 -5.22
CG LMQ A 23 -3.73 0.43 -5.92
CD LMQ A 23 -4.33 1.17 -7.11
OE1 LMQ A 23 -3.87 1.07 -8.24
NE2 LMQ A 23 -5.34 2.00 -6.91
C LMQ A 23 -3.15 -0.70 -3.11
O LMQ A 23 -3.33 -1.70 -3.82
H LMQ A 23 -0.94 -0.03 -5.06
HA LMQ A 23 -2.39 1.26 -2.83
HB3 LMQ A 23 -4.21 1.66 -4.25
HB21 LMQ A 23 -3.23 3.23 -5.71
HB22 LMQ A 23 -2.07 3.06 -4.38
HB23 LMQ A 23 -1.76 2.27 -5.94
HG2 LMQ A 23 -2.85 -0.09 -6.30
HG3 LMQ A 23 -4.46 -0.30 -5.59
HE21 LMQ A 23 -5.62 2.52 -7.71
HE22 LMQ A 23 -5.73 2.19 -5.99
N DHV A 24 -3.61 -0.63 -1.88
CA DHV A 24 -4.29 -1.74 -1.24
CB DHV A 24 -5.79 -1.65 -1.58
CG1 DHV A 24 -6.61 -2.76 -0.89
CG2 DHV A 24 -6.43 -0.30 -1.26
OG3 DHV A 24 -5.93 -1.85 -2.96
C DHV A 24 -3.91 -1.80 0.25
O DHV A 24 -4.07 -0.81 0.96
H DHV A 24 -3.45 0.20 -1.31
HA DHV A 24 -3.90 -2.65 -1.69
HG11 DHV A 24 -6.18 -3.73 -1.13
HG12 DHV A 24 -6.60 -2.62 0.19
HG13 DHV A 24 -7.64 -2.73 -1.24
HG21 DHV A 24 -5.97 0.51 -1.84
HG22 DHV A 24 -7.50 -0.31 -1.49
HG23 DHV A 24 -6.30 -0.07 -0.20
HOG3 DHV A 24 -5.03 -1.91 -3.33
N ALA A 25 -3.33 -2.91 0.69
CA ALA A 25 -2.92 -3.10 2.06
C ALA A 25 -1.48 -3.61 2.18
N GLY A 26 -0.61 -2.80 2.79
CA GLY A 26 0.80 -3.11 3.00
C GLY A 26 1.53 -1.81 3.25
N GLY A 27 1.94 -1.13 2.17
CA GLY A 27 2.62 0.15 2.20
C GLY A 27 2.15 0.92 0.98
N MND A 28 2.17 2.25 1.00
CA MND A 28 1.76 3.06 -0.13
CB MND A 28 2.85 4.11 -0.43
CG MND A 28 2.57 4.88 -1.72
OD1 MND A 28 2.06 4.29 -2.67
ND2 MND A 28 3.03 6.12 -1.83
CE2 MND A 28 3.25 6.82 -3.09
C MND A 28 0.42 3.74 0.13
O MND A 28 0.34 4.64 0.96
H MND A 28 2.40 2.75 1.85
HA MND A 28 1.66 2.44 -1.02
HB2 MND A 28 2.94 4.80 0.40
HB3 MND A 28 3.80 3.59 -0.55
HD2 MND A 28 3.37 6.59 -0.99
HE21 MND A 28 2.84 7.83 -3.02
HE22 MND A 28 2.79 6.27 -3.91
HE23 MND A 28 4.32 6.88 -3.28
N ILE A 29 -0.67 3.26 -0.49
CA ILE A 29 -2.01 3.86 -0.34
C ILE A 29 -3.00 2.84 0.23
O HTN A 30 -4.85 2.84 4.30
C HTN A 30 -4.32 2.09 3.48
CE HTN A 30 -8.21 0.64 4.23
N HTN A 30 -3.68 3.15 1.34
CA HTN A 30 -4.67 2.27 1.99
CB HTN A 30 -6.11 2.84 1.84
OG HTN A 30 -6.45 3.07 0.49
CG HTN A 30 -7.14 1.82 2.35
OD1 HTN A 30 -7.73 1.11 1.52
ND2 HTN A 30 -7.53 1.77 3.62
HE1 HTN A 30 -8.03 0.63 5.30
HE2 HTN A 30 -7.83 -0.30 3.81
HE3 HTN A 30 -9.28 0.67 4.07
H HTN A 30 -3.50 4.05 1.76
HA HTN A 30 -4.66 1.30 1.52
HB3 HTN A 30 -6.20 3.77 2.40
HOG HTN A 30 -6.94 2.25 0.26
HD22 HTN A 30 -7.08 2.48 4.29
N TBG A 31 -3.52 1.08 3.85
CA TBG A 31 -3.14 0.84 5.25
CB TBG A 31 -4.00 -0.28 5.92
CG1 TBG A 31 -3.73 -0.32 7.44
CG2 TBG A 31 -5.51 -0.08 5.70
CG3 TBG A 31 -3.74 -1.69 5.35
C TBG A 31 -1.64 0.55 5.35
O TBG A 31 -1.11 -0.20 4.53
H TBG A 31 -3.09 0.48 3.15
HA TBG A 31 -3.33 1.76 5.80
HG11 TBG A 31 -2.71 -0.63 7.65
HG12 TBG A 31 -3.88 0.67 7.87
HG13 TBG A 31 -4.41 -1.02 7.93
HG21 TBG A 31 -6.08 -0.81 6.27
HG22 TBG A 31 -5.81 0.91 6.01
HG23 TBG A 31 -5.74 -0.21 4.65
HG31 TBG A 31 -4.31 -2.43 5.90
HG32 TBG A 31 -2.69 -1.96 5.43
HG33 TBG A 31 -4.04 -1.73 4.31
N DHV A 32 -0.95 1.17 6.30
CA DHV A 32 0.47 0.99 6.56
CB DHV A 32 0.62 0.02 7.77
CG1 DHV A 32 0.23 -1.41 7.41
CG2 DHV A 32 2.06 -0.03 8.31
OG3 DHV A 32 -0.28 0.36 8.80
C DHV A 32 1.17 2.35 6.70
O DHV A 32 1.20 2.96 7.76
H DHV A 32 -1.44 1.79 6.95
HA DHV A 32 0.92 0.49 5.70
HG11 DHV A 32 0.96 -1.83 6.71
HG12 DHV A 32 0.22 -2.03 8.31
HG13 DHV A 32 -0.75 -1.44 6.96
HG21 DHV A 32 2.32 0.90 8.80
HG22 DHV A 32 2.17 -0.86 9.02
HG23 DHV A 32 2.75 -0.21 7.48
HOG3 DHV A 32 0.05 -0.02 9.62
N GLY A 33 1.86 2.79 5.64
CA GLY A 33 2.58 4.05 5.61
C GLY A 33 2.53 4.64 4.22
N MND A 34 2.22 5.94 4.12
CA MND A 34 2.13 6.70 2.89
CB MND A 34 3.36 7.59 2.75
CG MND A 34 3.44 8.16 1.34
OD1 MND A 34 4.01 7.52 0.46
ND2 MND A 34 2.88 9.35 1.10
CE2 MND A 34 2.77 9.93 -0.24
C MND A 34 0.83 7.49 2.93
O MND A 34 0.77 8.55 3.56
H MND A 34 1.93 6.44 4.96
HA MND A 34 2.10 6.01 2.04
HB2 MND A 34 3.36 8.38 3.49
HB3 MND A 34 4.25 6.98 2.91
HD2 MND A 34 2.45 9.79 1.91
HE21 MND A 34 3.58 10.63 -0.42
HE22 MND A 34 1.81 10.43 -0.35
HE23 MND A 34 2.82 9.13 -0.98
N ILE A 35 -0.26 6.93 2.44
CA ILE A 35 -1.57 7.58 2.44
C ILE A 35 -2.60 6.56 2.90
N MND A 36 -3.64 7.04 3.55
CA MND A 36 -4.76 6.24 4.06
CB MND A 36 -6.05 6.84 3.53
CG MND A 36 -7.28 6.19 4.15
OD1 MND A 36 -7.93 5.35 3.53
ND2 MND A 36 -7.65 6.56 5.38
CE2 MND A 36 -8.76 6.02 6.16
C MND A 36 -4.69 6.25 5.58
O MND A 36 -4.92 7.31 6.15
H MND A 36 -3.61 8.04 3.76
HA MND A 36 -4.67 5.21 3.70
HB2 MND A 36 -6.09 7.91 3.73
HB3 MND A 36 -6.10 6.71 2.45
HD2 MND A 36 -6.98 7.18 5.85
HE21 MND A 36 -8.36 5.44 6.99
HE22 MND A 36 -9.39 5.38 5.54
HE23 MND A 36 -9.37 6.83 6.57
N VAL A 37 -4.52 5.10 6.24
CA VAL A 37 -4.40 5.02 7.69
C VAL A 37 -3.02 4.43 8.02
O HTN A 38 -0.39 6.47 10.81
C HTN A 38 -0.26 5.87 9.74
CE HTN A 38 2.68 3.69 11.76
N HTN A 38 -2.36 5.00 9.03
CA HTN A 38 -1.03 4.60 9.45
CB HTN A 38 -1.05 3.64 10.66
OG HTN A 38 -1.80 2.49 10.31
CG HTN A 38 0.39 3.17 11.00
OD1 HTN A 38 0.70 1.99 10.81
ND2 HTN A 38 1.27 4.00 11.53
HE1 HTN A 38 2.97 2.83 11.14
HE2 HTN A 38 2.83 3.45 12.81
HE3 HTN A 38 3.29 4.53 11.47
H HTN A 38 -2.75 5.84 9.45
HA HTN A 38 -0.57 4.09 8.63
HB3 HTN A 38 -1.49 4.15 11.52
HOG HTN A 38 -1.14 1.89 9.91
HD22 HTN A 38 0.81 4.75 12.10
N ALA A 39 0.58 6.26 8.79
CA ALA A 39 1.38 7.47 8.88
C ALA A 39 1.50 8.06 7.48
N MND A 40 1.83 9.35 7.38
CA MND A 40 1.97 10.05 6.10
CB MND A 40 3.37 10.63 5.91
CG MND A 40 3.59 11.11 4.47
OD1 MND A 40 2.67 11.16 3.65
ND2 MND A 40 4.83 11.42 4.11
CE2 MND A 40 5.25 11.61 2.72
C MND A 40 0.87 11.09 5.94
O MND A 40 0.93 12.15 6.56
H MND A 40 1.89 9.89 8.23
HA MND A 40 1.88 9.32 5.32
HB2 MND A 40 3.52 11.46 6.61
HB3 MND A 40 4.11 9.85 6.13
HD2 MND A 40 5.57 11.23 4.78
HE21 MND A 40 4.81 12.51 2.30
HE22 MND A 40 4.91 10.75 2.13
HE23 MND A 40 6.33 11.67 2.66
N VAL A 41 -0.20 10.77 5.21
CA VAL A 41 -1.34 11.67 4.98
C VAL A 41 -2.63 10.85 5.10
N DSN A 42 -3.72 11.50 5.52
CA DSN A 42 -5.04 10.89 5.66
C DSN A 42 -5.42 10.73 7.12
O DSN A 42 -5.91 11.68 7.76
CB DSN A 42 -6.07 11.71 4.89
OG DSN A 42 -6.13 11.29 3.53
H DSN A 42 -3.63 12.49 5.71
HA DSN A 42 -5.03 9.88 5.22
HB2 DSN A 42 -7.06 11.55 5.32
HB3 DSN A 42 -5.84 12.77 4.95
HG DSN A 42 -7.06 11.02 3.40
N VAL A 43 -5.13 9.57 7.71
CA VAL A 43 -5.47 9.24 9.08
C VAL A 43 -4.29 8.57 9.79
N DSG A 44 -4.06 8.92 11.05
CA DSG A 44 -3.00 8.35 11.87
C DSG A 44 -2.02 9.43 12.31
O DSG A 44 -2.44 10.34 13.03
CB DSG A 44 -3.71 7.65 13.04
CG DSG A 44 -2.75 6.99 13.99
OD1 DSG A 44 -2.39 5.83 13.81
ND2 DSG A 44 -2.33 7.68 15.03
H DSG A 44 -4.61 9.65 11.48
HA DSG A 44 -2.45 7.57 11.32
HB2 DSG A 44 -4.32 8.37 13.59
HB3 DSG A 44 -4.37 6.88 12.65
HD21 DSG A 44 -1.73 7.24 15.71
HD22 DSG A 44 -2.59 8.65 15.15
N M2S A 45 -0.76 9.37 11.86
CA M2S A 45 0.28 10.34 12.19
CB M2S A 45 1.29 9.82 13.28
CG1 M2S A 45 0.87 8.49 13.91
CG2 M2S A 45 2.73 9.56 12.77
CG M2S A 45 1.30 10.84 14.44
SD M2S A 45 1.90 12.53 14.10
OE M2S A 45 3.68 12.19 14.35
CE M2S A 45 1.51 13.33 15.66
C M2S A 45 0.91 10.93 10.92
O M2S A 45 1.55 10.23 10.14
H M2S A 45 -0.48 8.57 11.28
HA M2S A 45 -0.25 11.18 12.63
HG11 M2S A 45 1.60 8.18 14.66
HG12 M2S A 45 -0.09 8.60 14.41
HG13 M2S A 45 0.81 7.70 13.15
HG21 M2S A 45 3.15 10.45 12.30
HG22 M2S A 45 2.72 8.76 12.03
HG23 M2S A 45 3.38 9.27 13.59
HG2 M2S A 45 1.88 10.44 15.27
HG3 M2S A 45 0.27 10.93 14.79
HE1 M2S A 45 1.90 12.74 16.49
HE2 M2S A 45 1.95 14.32 15.69
HE3 M2S A 45 0.43 13.42 15.77
N DSG A 46 0.87 12.25 10.77
CA DSG A 46 1.42 12.93 9.60
C DSG A 46 0.54 14.15 9.32
O DSG A 46 0.57 15.07 10.14
CB DSG A 46 2.88 13.35 9.83
CG DSG A 46 3.49 13.95 8.57
OD1 DSG A 46 4.37 13.35 7.96
ND2 DSG A 46 3.11 15.16 8.21
H DSG A 46 0.34 12.84 11.40
HA DSG A 46 1.38 12.25 8.75
HB2 DSG A 46 2.94 14.07 10.65
HB3 DSG A 46 3.46 12.46 10.10
HD21 DSG A 46 3.38 15.53 7.30
HD22 DSG A 46 2.46 15.69 8.78
N GLN A 47 -0.32 14.14 8.30
CA GLN A 47 -1.20 15.27 8.00
C GLN A 47 -2.62 14.76 7.76
N 2TL A 48 -3.59 15.21 8.55
CA 2TL A 48 -4.98 14.78 8.44
CB 2TL A 48 -5.81 15.83 7.66
OG1 2TL A 48 -5.87 17.08 8.33
CG2 2TL A 48 -7.22 15.36 7.33
C 2TL A 48 -5.52 14.45 9.84
O 2TL A 48 -5.13 15.05 10.84
H 2TL A 48 -3.40 15.88 9.29
HA 2TL A 48 -5.00 13.87 7.86
HB 2TL A 48 -5.31 15.98 6.70
HG1 2TL A 48 -6.36 16.93 9.16
HG21 2TL A 48 -7.82 15.23 8.24
HG22 2TL A 48 -7.18 14.41 6.79
HG23 2TL A 48 -7.71 16.09 6.69
N THR A 49 -6.45 13.51 9.92
CA THR A 49 -7.08 13.07 11.17
C THR A 49 -6.07 12.35 12.06
C MHE A 1 9.45 -11.05 -8.81
O MHE A 1 10.01 -10.88 -7.72
CA MHE A 1 9.90 -10.42 -10.00
O2 MHE A 1 9.82 -9.20 -10.17
C3 MHE A 1 10.86 -11.26 -10.84
C4 MHE A 1 12.24 -11.41 -10.18
C5 MHE A 1 13.32 -12.07 -11.05
C6 MHE A 1 14.53 -12.38 -10.15
C7 MHE A 1 13.79 -11.14 -12.16
C8 MHE A 1 12.83 -13.38 -11.68
H1 MHE A 1 10.42 -12.24 -11.01
H3A MHE A 1 10.97 -10.77 -11.81
H4 MHE A 1 12.58 -10.41 -9.88
H4A MHE A 1 12.10 -11.99 -9.28
H6 MHE A 1 15.36 -12.77 -10.74
H6A MHE A 1 14.25 -13.12 -9.40
H6B MHE A 1 14.83 -11.47 -9.64
H7 MHE A 1 14.65 -11.54 -12.68
H7A MHE A 1 14.07 -10.17 -11.74
H7B MHE A 1 13.00 -10.98 -12.90
H8 MHE A 1 12.42 -14.02 -10.90
H8A MHE A 1 12.07 -13.17 -12.43
H8B MHE A 1 13.67 -13.90 -12.15
N GLY A 2 8.36 -11.82 -8.95
CA GLY A 2 7.55 -12.12 -10.15
C GLY A 2 6.86 -10.88 -10.73
N I2M A 3 6.19 -11.04 -11.87
CA I2M A 3 5.50 -9.96 -12.57
CB I2M A 3 6.40 -9.45 -13.76
CG3 I2M A 3 7.76 -8.96 -13.23
CG2 I2M A 3 6.69 -10.56 -14.79
CG1 I2M A 3 5.72 -8.32 -14.56
CD1 I2M A 3 5.42 -7.02 -13.80
C I2M A 3 4.10 -10.41 -13.02
O I2M A 3 3.95 -11.46 -13.67
H I2M A 3 6.19 -11.93 -12.34
HA I2M A 3 5.37 -9.14 -11.87
HG31 I2M A 3 8.36 -9.79 -12.88
HG32 I2M A 3 7.63 -8.27 -12.40
HG33 I2M A 3 8.30 -8.44 -14.01
HG21 I2M A 3 7.42 -10.22 -15.52
HG22 I2M A 3 7.08 -11.45 -14.30
HG23 I2M A 3 5.79 -10.83 -15.33
HG12 I2M A 3 6.37 -8.06 -15.39
HG13 I2M A 3 4.78 -8.68 -14.99
HD11 I2M A 3 4.88 -6.34 -14.45
HD12 I2M A 3 4.81 -7.24 -12.93
HD13 I2M A 3 6.35 -6.55 -13.49
N GLY A 4 3.09 -9.55 -12.84
CA GLY A 4 1.72 -9.82 -13.25
C GLY A 4 0.79 -10.10 -12.08
N TBG A 5 -0.27 -10.86 -12.34
CA TBG A 5 -1.24 -11.19 -11.31
CB TBG A 5 -2.66 -11.38 -11.92
CG1 TBG A 5 -3.03 -10.14 -12.78
CG2 TBG A 5 -2.80 -12.62 -12.81
CG3 TBG A 5 -3.71 -11.47 -10.80
C TBG A 5 -0.68 -12.40 -10.55
O TBG A 5 -0.18 -13.35 -11.17
H TBG A 5 -0.40 -11.27 -13.25
HA TBG A 5 -1.29 -10.35 -10.62
HG11 TBG A 5 -2.42 -10.09 -13.68
HG12 TBG A 5 -4.08 -10.21 -13.11
HG13 TBG A 5 -2.91 -9.22 -12.21
HG21 TBG A 5 -2.60 -13.53 -12.24
HG22 TBG A 5 -3.82 -12.69 -13.20
HG23 TBG A 5 -2.11 -12.57 -13.65
HG31 TBG A 5 -3.54 -12.38 -10.23
HG32 TBG A 5 -4.71 -11.51 -11.21
HG33 TBG A 5 -3.65 -10.62 -10.13
N TDD A 6 -0.66 -12.34 -9.22
CA TDD A 6 -0.18 -13.39 -8.34
CB TDD A 6 -1.39 -14.23 -7.85
CG1 TDD A 6 -2.57 -13.39 -7.31
CG2 TDD A 6 -1.93 -15.11 -9.00
CG3 TDD A 6 -1.00 -15.18 -6.71
C TDD A 6 0.67 -12.74 -7.24
O TDD A 6 0.20 -11.89 -6.49
H TDD A 6 -1.07 -11.54 -8.75
HA TDD A 6 0.47 -14.05 -8.91
HG11 TDD A 6 -2.95 -12.73 -8.08
HG12 TDD A 6 -3.37 -14.04 -6.99
HG13 TDD A 6 -2.25 -12.79 -6.46
HG21 TDD A 6 -2.75 -15.74 -8.64
HG22 TDD A 6 -2.31 -14.49 -9.81
HG23 TDD A 6 -1.13 -15.74 -9.40
HG31 TDD A 6 -1.83 -15.83 -6.47
HG32 TDD A 6 -0.77 -14.61 -5.81
HG33 TDD A 6 -0.13 -15.77 -6.99
N TBG A 7 1.94 -13.15 -7.14
CA TBG A 7 2.87 -12.64 -6.14
CB TBG A 7 3.11 -13.70 -5.03
CG1 TBG A 7 1.78 -14.19 -4.42
CG2 TBG A 7 3.83 -14.96 -5.54
CG3 TBG A 7 3.93 -13.05 -3.90
C TBG A 7 4.14 -12.13 -6.85
O TBG A 7 4.75 -12.86 -7.65
H TBG A 7 2.29 -13.85 -7.78
HA TBG A 7 2.41 -11.78 -5.67
HG11 TBG A 7 1.96 -14.71 -3.48
HG12 TBG A 7 1.11 -13.35 -4.24
HG13 TBG A 7 1.29 -14.88 -5.10
HG21 TBG A 7 4.84 -14.70 -5.87
HG22 TBG A 7 3.90 -15.70 -4.73
HG23 TBG A 7 3.27 -15.40 -6.37
HG31 TBG A 7 4.03 -13.75 -3.05
HG32 TBG A 7 3.45 -12.14 -3.54
HG33 TBG A 7 4.94 -12.80 -4.24
N DAL A 8 4.58 -10.91 -6.51
CA DAL A 8 5.74 -10.25 -7.06
CB DAL A 8 6.96 -10.49 -6.15
C DAL A 8 5.37 -8.76 -7.18
O DAL A 8 5.27 -8.10 -6.15
H DAL A 8 4.03 -10.37 -5.84
HA DAL A 8 5.95 -10.65 -8.06
HB1 DAL A 8 7.80 -9.90 -6.52
HB2 DAL A 8 6.73 -10.17 -5.13
HB3 DAL A 8 7.22 -11.54 -6.16
N TBG A 9 5.18 -8.26 -8.40
CA TBG A 9 4.78 -6.88 -8.68
CB TBG A 9 5.95 -5.98 -9.16
CG1 TBG A 9 5.54 -4.51 -9.06
CG2 TBG A 9 7.21 -6.20 -8.29
CG3 TBG A 9 6.39 -6.24 -10.60
C TBG A 9 3.61 -7.04 -9.66
O TBG A 9 3.72 -7.80 -10.63
H TBG A 9 5.27 -8.84 -9.23
HA TBG A 9 4.39 -6.46 -7.76
HG11 TBG A 9 6.37 -3.85 -9.34
HG12 TBG A 9 4.71 -4.30 -9.74
HG13 TBG A 9 5.22 -4.25 -8.05
HG21 TBG A 9 7.98 -5.46 -8.53
HG22 TBG A 9 6.97 -6.14 -7.23
HG23 TBG A 9 7.63 -7.19 -8.50
HG31 TBG A 9 5.60 -5.92 -11.28
HG32 TBG A 9 6.59 -7.30 -10.73
HG33 TBG A 9 7.29 -5.68 -10.82
N TDD A 10 2.53 -6.30 -9.47
CA TDD A 10 1.35 -6.38 -10.32
CB TDD A 10 1.33 -5.28 -11.42
CG1 TDD A 10 1.48 -3.85 -10.87
CG2 TDD A 10 2.47 -5.49 -12.43
CG3 TDD A 10 0.02 -5.40 -12.23
C TDD A 10 0.13 -6.41 -9.40
O TDD A 10 -0.07 -5.47 -8.65
H TDD A 10 2.46 -5.70 -8.66
HA TDD A 10 1.38 -7.33 -10.85
HG11 TDD A 10 2.43 -3.75 -10.37
HG12 TDD A 10 1.43 -3.13 -11.68
HG13 TDD A 10 0.67 -3.63 -10.18
HG21 TDD A 10 2.40 -4.77 -13.26
HG22 TDD A 10 3.44 -5.36 -11.94
HG23 TDD A 10 2.43 -6.50 -12.85
HG31 TDD A 10 0.02 -4.76 -13.10
HG32 TDD A 10 -0.83 -5.12 -11.60
HG33 TDD A 10 -0.12 -6.42 -12.57
N ALA A 11 -0.67 -7.49 -9.42
CA ALA A 11 -1.86 -7.57 -8.59
C ALA A 11 -1.89 -8.83 -7.74
N GLY A 12 -2.09 -8.66 -6.45
CA GLY A 12 -2.16 -9.73 -5.47
C GLY A 12 -1.31 -9.37 -4.26
N ALA A 13 -0.09 -9.89 -4.20
CA ALA A 13 0.82 -9.65 -3.09
C ALA A 13 2.23 -9.28 -3.54
N TDD A 14 2.97 -8.67 -2.61
CA TDD A 14 4.34 -8.23 -2.75
CB TDD A 14 5.19 -8.72 -1.54
CG1 TDD A 14 6.52 -7.97 -1.37
CG2 TDD A 14 4.46 -8.67 -0.19
CG3 TDD A 14 5.54 -10.21 -1.81
C TDD A 14 4.28 -6.72 -3.01
O TDD A 14 4.35 -5.91 -2.10
H TDD A 14 2.52 -8.42 -1.73
HA TDD A 14 4.77 -8.67 -3.65
HG11 TDD A 14 7.18 -8.50 -0.69
HG12 TDD A 14 7.00 -7.87 -2.34
HG13 TDD A 14 6.34 -6.97 -0.97
HG21 TDD A 14 5.14 -8.95 0.63
HG22 TDD A 14 4.11 -7.65 0.01
HG23 TDD A 14 3.61 -9.35 -0.17
HG31 TDD A 14 6.19 -10.59 -1.02
HG32 TDD A 14 6.07 -10.30 -2.75
HG33 TDD A 14 4.64 -10.81 -1.86
N ALA A 15 4.04 -6.37 -4.27
CA ALA A 15 3.94 -4.99 -4.70
C ALA A 15 2.90 -4.81 -5.81
N MND A 16 2.46 -3.56 -5.98
CA MND A 16 1.50 -3.13 -6.98
CB MND A 16 2.07 -1.99 -7.85
CG MND A 16 2.78 -0.84 -7.14
OD1 MND A 16 3.30 -0.97 -6.03
ND2 MND A 16 3.29 0.11 -7.94
CE2 MND A 16 3.86 1.35 -7.45
C MND A 16 0.16 -2.79 -6.35
O MND A 16 0.06 -1.85 -5.55
H MND A 16 2.80 -2.82 -5.37
HA MND A 16 1.34 -3.95 -7.66
HB2 MND A 16 2.81 -2.44 -8.53
HB3 MND A 16 1.27 -1.58 -8.46
HD2 MND A 16 2.89 0.11 -8.88
HE21 MND A 16 4.07 1.26 -6.39
HE22 MND A 16 3.12 2.15 -7.60
HE23 MND A 16 4.77 1.61 -7.99
N HVA A 17 -0.83 -3.67 -6.53
CA HVA A 17 -2.19 -3.50 -6.02
CB HVA A 17 -3.14 -3.10 -7.18
CG1 HVA A 17 -3.28 -4.14 -8.29
CG2 HVA A 17 -4.55 -2.79 -6.66
OG3 HVA A 17 -2.61 -1.97 -7.86
C HVA A 17 -2.63 -4.75 -5.22
O HVA A 17 -2.64 -5.87 -5.76
H HVA A 17 -0.69 -4.42 -7.20
HA HVA A 17 -2.17 -2.68 -5.32
HG11 HVA A 17 -3.71 -5.07 -7.90
HG12 HVA A 17 -3.97 -3.77 -9.06
HG13 HVA A 17 -2.33 -4.35 -8.76
HG21 HVA A 17 -4.50 -2.15 -5.79
HG22 HVA A 17 -5.14 -2.31 -7.43
HG23 HVA A 17 -5.05 -3.71 -6.36
HOG3 HVA A 17 -3.02 -1.14 -7.55
N GLY A 18 -3.04 -4.58 -3.96
CA GLY A 18 -3.51 -5.66 -3.10
C GLY A 18 -2.91 -5.58 -1.70
N ALA A 19 -1.82 -6.30 -1.46
CA ALA A 19 -1.15 -6.29 -0.17
C ALA A 19 0.36 -6.27 -0.33
N GLY A 20 0.97 -5.29 0.30
CA GLY A 20 2.38 -5.02 0.34
C GLY A 20 2.65 -3.55 -0.01
N TBG A 21 3.72 -3.28 -0.75
CA TBG A 21 4.04 -1.90 -1.10
CB TBG A 21 5.58 -1.69 -1.20
CG1 TBG A 21 5.89 -0.19 -1.27
CG2 TBG A 21 6.28 -2.22 0.08
CG3 TBG A 21 6.22 -2.41 -2.39
C TBG A 21 3.22 -1.52 -2.36
O TBG A 21 3.13 -2.28 -3.31
H TBG A 21 4.32 -4.04 -1.06
HA TBG A 21 3.71 -1.28 -0.28
HG11 TBG A 21 5.54 0.30 -0.36
HG12 TBG A 21 6.97 -0.04 -1.34
HG13 TBG A 21 5.41 0.26 -2.13
HG21 TBG A 21 7.33 -1.93 0.09
HG22 TBG A 21 5.79 -1.81 0.97
HG23 TBG A 21 6.22 -3.31 0.12
HG31 TBG A 21 7.30 -2.27 -2.39
HG32 TBG A 21 5.82 -2.03 -3.33
HG33 TBG A 21 6.01 -3.49 -2.33
N MND A 22 2.49 -0.41 -2.28
CA MND A 22 1.64 0.11 -3.35
CB MND A 22 2.28 1.38 -3.93
CG MND A 22 1.44 1.96 -5.07
OD1 MND A 22 0.93 1.23 -5.91
ND2 MND A 22 1.34 3.29 -5.13
CE2 MND A 22 0.72 4.00 -6.24
C MND A 22 0.27 0.44 -2.80
O MND A 22 0.16 0.89 -1.66
H MND A 22 2.60 0.19 -1.46
HA MND A 22 1.56 -0.62 -4.15
HB2 MND A 22 2.41 2.10 -3.12
HB3 MND A 22 3.26 1.12 -4.33
HD2 MND A 22 1.53 3.79 -4.25
HE21 MND A 22 1.23 4.95 -6.40
HE22 MND A 22 -0.33 4.19 -6.01
HE23 MND A 22 0.79 3.40 -7.15
N LMQ A 23 -0.80 0.27 -3.59
CA LMQ A 23 -2.15 0.59 -3.11
CB LMQ A 23 -2.98 1.32 -4.19
CB2 LMQ A 23 -2.15 2.47 -4.78
CG LMQ A 23 -3.53 0.38 -5.27
CD LMQ A 23 -4.08 1.02 -6.55
OE1 LMQ A 23 -3.70 0.64 -7.65
NE2 LMQ A 23 -5.00 1.97 -6.44
C LMQ A 23 -2.79 -0.70 -2.56
O LMQ A 23 -2.72 -1.75 -3.20
H LMQ A 23 -0.66 -0.10 -4.52
HA LMQ A 23 -2.07 1.29 -2.28
HB3 LMQ A 23 -3.85 1.76 -3.68
HB21 LMQ A 23 -1.42 2.09 -5.48
HB22 LMQ A 23 -2.80 3.17 -5.31
HB23 LMQ A 23 -1.62 3.00 -3.99
HG2 LMQ A 23 -2.74 -0.28 -5.60
HG3 LMQ A 23 -4.33 -0.22 -4.83
HE21 LMQ A 23 -5.22 2.47 -7.27
HE22 LMQ A 23 -5.41 2.22 -5.56
N DHV A 24 -3.42 -0.59 -1.39
CA DHV A 24 -4.08 -1.70 -0.72
CB DHV A 24 -5.60 -1.68 -0.99
CG1 DHV A 24 -6.27 -0.33 -0.71
CG2 DHV A 24 -5.91 -2.09 -2.44
OG3 DHV A 24 -6.26 -2.63 -0.18
C DHV A 24 -3.66 -1.68 0.77
O DHV A 24 -3.95 -0.73 1.51
H DHV A 24 -3.42 0.30 -0.92
HA DHV A 24 -3.69 -2.62 -1.14
HG11 DHV A 24 -5.86 0.45 -1.35
HG12 DHV A 24 -7.33 -0.41 -0.92
HG13 DHV A 24 -6.13 -0.04 0.33
HG21 DHV A 24 -6.98 -2.16 -2.60
HG22 DHV A 24 -5.51 -1.34 -3.13
HG23 DHV A 24 -5.45 -3.05 -2.67
HOG3 DHV A 24 -7.22 -2.59 -0.37
N ALA A 25 -2.88 -2.68 1.19
CA ALA A 25 -2.42 -2.83 2.56
C ALA A 25 -0.94 -3.16 2.71
N GLY A 26 -0.14 -2.25 3.28
CA GLY A 26 1.28 -2.44 3.51
C GLY A 26 1.99 -1.09 3.62
N GLY A 27 2.41 -0.52 2.51
CA GLY A 27 3.09 0.78 2.45
C GLY A 27 2.68 1.47 1.16
N MND A 28 1.99 2.60 1.21
CA MND A 28 1.55 3.31 0.02
CB MND A 28 2.57 4.39 -0.41
CG MND A 28 2.18 5.01 -1.75
OD1 MND A 28 1.53 4.36 -2.56
ND2 MND A 28 2.61 6.23 -2.04
CE2 MND A 28 2.54 6.83 -3.37
C MND A 28 0.19 3.94 0.27
O MND A 28 0.09 4.77 1.19
H MND A 28 1.76 3.03 2.10
HA MND A 28 1.47 2.62 -0.81
HB2 MND A 28 2.63 5.17 0.36
HB3 MND A 28 3.54 3.93 -0.51
HD2 MND A 28 3.16 6.70 -1.32
HE21 MND A 28 3.16 6.26 -4.06
HE22 MND A 28 2.88 7.86 -3.35
HE23 MND A 28 1.50 6.80 -3.73
N ILE A 29 -0.85 3.51 -0.44
CA ILE A 29 -2.19 4.07 -0.28
C ILE A 29 -3.12 3.03 0.35
O HTN A 30 -4.63 3.39 4.30
C HTN A 30 -4.44 2.43 3.57
CE HTN A 30 -9.50 1.11 2.59
N HTN A 30 -3.88 3.40 1.39
CA HTN A 30 -4.82 2.52 2.09
CB HTN A 30 -6.27 3.00 1.91
OG HTN A 30 -6.67 2.90 0.54
CG HTN A 30 -7.30 2.21 2.74
OD1 HTN A 30 -7.35 2.26 3.98
ND2 HTN A 30 -8.22 1.57 2.04
HE1 HTN A 30 -9.71 1.61 3.53
HE2 HTN A 30 -9.47 0.03 2.76
HE3 HTN A 30 -10.30 1.36 1.91
H HTN A 30 -3.79 4.35 1.75
HA HTN A 30 -4.76 1.52 1.66
HB3 HTN A 30 -6.34 4.05 2.20
HOG HTN A 30 -6.81 3.81 0.18
HD22 HTN A 30 -8.06 1.82 1.02
N TBG A 31 -3.91 1.29 4.01
CA TBG A 31 -3.50 1.06 5.40
CB TBG A 31 -4.34 -0.11 6.01
CG1 TBG A 31 -4.08 -1.47 5.35
CG2 TBG A 31 -4.10 -0.25 7.53
CG3 TBG A 31 -5.85 0.11 5.83
C TBG A 31 -1.99 0.84 5.42
O TBG A 31 -1.48 0.02 4.63
H TBG A 31 -3.76 0.52 3.37
HA TBG A 31 -3.71 1.96 5.98
HG11 TBG A 31 -4.69 -2.24 5.82
HG12 TBG A 31 -4.35 -1.42 4.29
HG13 TBG A 31 -3.04 -1.75 5.44
HG21 TBG A 31 -4.68 -1.07 7.94
HG22 TBG A 31 -3.05 -0.43 7.74
HG23 TBG A 31 -4.38 0.67 8.05
HG31 TBG A 31 -6.15 1.06 6.24
HG32 TBG A 31 -6.41 -0.68 6.34
HG33 TBG A 31 -6.12 0.09 4.77
N DHV A 32 -1.26 1.42 6.39
CA DHV A 32 0.19 1.24 6.48
CB DHV A 32 0.58 0.05 7.42
CG1 DHV A 32 0.28 0.25 8.91
CG2 DHV A 32 -0.07 -1.29 7.03
OG3 DHV A 32 1.96 -0.18 7.31
C DHV A 32 0.86 2.59 6.76
O DHV A 32 0.85 3.08 7.89
H DHV A 32 -1.71 2.09 7.01
HA DHV A 32 0.53 0.96 5.48
HG11 DHV A 32 0.88 1.04 9.33
HG12 DHV A 32 -0.78 0.48 9.04
HG13 DHV A 32 0.50 -0.66 9.47
HG21 DHV A 32 0.10 -1.50 5.99
HG22 DHV A 32 0.34 -2.10 7.63
HG23 DHV A 32 -1.14 -1.23 7.21
HOG3 DHV A 32 2.14 -0.40 6.37
N GLY A 33 1.61 3.11 5.77
CA GLY A 33 2.31 4.38 5.80
C GLY A 33 2.27 4.96 4.39
N MND A 34 2.02 6.26 4.23
CA MND A 34 1.93 6.96 2.96
CB MND A 34 3.20 7.77 2.65
CG MND A 34 3.09 8.42 1.27
OD1 MND A 34 3.39 7.78 0.25
ND2 MND A 34 2.57 9.65 1.18
CE2 MND A 34 2.48 10.41 -0.07
C MND A 34 0.69 7.83 3.00
O MND A 34 0.69 8.88 3.66
H MND A 34 1.80 6.82 5.06
HA MND A 34 1.81 6.23 2.16
HB2 MND A 34 3.32 8.54 3.42
HB3 MND A 34 4.06 7.11 2.68
HD2 MND A 34 2.30 10.04 2.08
HE21 MND A 34 3.38 11.01 -0.19
HE22 MND A 34 1.61 11.07 -0.05
HE23 MND A 34 2.42 9.75 -0.93
N ILE A 35 -0.39 7.40 2.35
CA ILE A 35 -1.66 8.11 2.31
C ILE A 35 -2.72 7.10 2.73
N MND A 36 -3.71 7.57 3.46
CA MND A 36 -4.81 6.75 3.95
CB MND A 36 -6.13 7.32 3.46
CG MND A 36 -7.32 6.65 4.13
OD1 MND A 36 -7.72 5.55 3.74
ND2 MND A 36 -7.97 7.29 5.09
CE2 MND A 36 -9.19 6.87 5.75
C MND A 36 -4.68 6.75 5.46
O MND A 36 -4.48 7.82 6.04
H MND A 36 -3.64 8.52 3.81
HA MND A 36 -4.72 5.73 3.58
HB2 MND A 36 -6.15 8.39 3.67
HB3 MND A 36 -6.20 7.18 2.39
HD2 MND A 36 -7.58 8.20 5.35
HE21 MND A 36 -9.76 6.21 5.09
HE22 MND A 36 -9.80 7.74 6.00
HE23 MND A 36 -8.95 6.34 6.67
N VAL A 37 -4.82 5.59 6.10
CA VAL A 37 -4.68 5.47 7.53
C VAL A 37 -3.29 4.91 7.80
O HTN A 38 -0.67 6.98 10.61
C HTN A 38 -0.42 6.38 9.56
CE HTN A 38 2.23 3.18 11.22
N HTN A 38 -2.57 5.57 8.72
CA HTN A 38 -1.24 5.17 9.12
CB HTN A 38 -1.34 4.13 10.23
OG HTN A 38 -1.59 2.85 9.66
CG HTN A 38 -0.10 4.02 11.10
OD1 HTN A 38 -0.17 4.26 12.31
ND2 HTN A 38 0.97 3.48 10.55
HE1 HTN A 38 2.96 3.98 11.04
HE2 HTN A 38 2.65 2.25 10.83
HE3 HTN A 38 2.08 3.08 12.29
H HTN A 38 -2.98 6.37 9.19
HA HTN A 38 -0.75 4.75 8.26
HB3 HTN A 38 -2.18 4.40 10.87
HOG HTN A 38 -2.08 2.34 10.32
HD22 HTN A 38 0.82 3.20 9.55
N ALA A 39 0.62 6.67 8.80
CA ALA A 39 1.54 7.76 9.00
C ALA A 39 1.80 8.39 7.64
N MND A 40 1.75 9.71 7.56
CA MND A 40 1.98 10.45 6.32
CB MND A 40 3.41 11.01 6.30
CG MND A 40 3.80 11.55 4.93
OD1 MND A 40 3.03 11.49 3.97
ND2 MND A 40 5.06 11.96 4.75
CE2 MND A 40 5.61 12.34 3.44
C MND A 40 0.90 11.51 6.12
O MND A 40 1.03 12.62 6.65
H MND A 40 1.49 10.24 8.39
HA MND A 40 1.92 9.74 5.49
HB2 MND A 40 3.51 11.79 7.04
HB3 MND A 40 4.10 10.21 6.58
HD2 MND A 40 5.69 11.87 5.57
HE21 MND A 40 6.70 12.37 3.49
HE22 MND A 40 5.24 13.31 3.12
HE23 MND A 40 5.31 11.61 2.69
N VAL A 41 -0.18 11.18 5.43
CA VAL A 41 -1.31 12.07 5.15
C VAL A 41 -2.63 11.27 5.16
N DSN A 42 -3.75 11.90 5.54
CA DSN A 42 -5.08 11.28 5.55
C DSN A 42 -5.62 11.09 6.98
O DSN A 42 -6.38 11.91 7.48
CB DSN A 42 -6.05 12.12 4.69
OG DSN A 42 -5.46 12.57 3.49
H DSN A 42 -3.68 12.88 5.80
HA DSN A 42 -5.03 10.30 5.09
HB2 DSN A 42 -6.92 11.51 4.45
HB3 DSN A 42 -6.39 13.00 5.25
HG DSN A 42 -5.18 13.49 3.66
N VAL A 43 -5.28 9.97 7.61
CA VAL A 43 -5.70 9.59 8.95
C VAL A 43 -4.51 8.95 9.67
N DSG A 44 -4.48 9.04 11.01
CA DSG A 44 -3.44 8.49 11.86
C DSG A 44 -2.52 9.64 12.25
O DSG A 44 -3.00 10.58 12.88
CB DSG A 44 -4.07 7.85 13.10
CG DSG A 44 -2.98 7.25 13.99
OD1 DSG A 44 -2.34 6.27 13.61
ND2 DSG A 44 -2.68 7.86 15.12
H DSG A 44 -5.17 9.64 11.45
HA DSG A 44 -2.89 7.73 11.32
HB2 DSG A 44 -4.64 8.59 13.65
HB3 DSG A 44 -4.74 7.05 12.80
HD21 DSG A 44 -2.02 7.45 15.76
HD22 DSG A 44 -3.23 8.66 15.42
N M2S A 45 -1.23 9.54 12.00
CA M2S A 45 -0.26 10.59 12.32
CB M2S A 45 0.84 10.10 13.29
CG1 M2S A 45 2.08 11.03 13.29
CG2 M2S A 45 0.25 10.27 14.71
CG M2S A 45 1.38 8.66 13.02
SD M2S A 45 0.70 7.20 13.90
OE M2S A 45 1.35 7.54 15.58
CE M2S A 45 1.95 5.99 13.40
C M2S A 45 0.20 11.21 10.99
O M2S A 45 0.22 10.56 9.96
H M2S A 45 -0.89 8.74 11.46
HA M2S A 45 -0.80 11.41 12.81
HG11 M2S A 45 1.80 12.07 13.45
HG12 M2S A 45 2.79 10.75 14.07
HG13 M2S A 45 2.61 10.96 12.33
HG21 M2S A 45 0.99 10.00 15.46
HG22 M2S A 45 -0.64 9.64 14.83
HG23 M2S A 45 -0.05 11.31 14.89
HG2 M2S A 45 2.44 8.65 13.25
HG3 M2S A 45 1.30 8.48 11.95
HE1 M2S A 45 1.80 5.08 13.98
HE2 M2S A 45 1.85 5.78 12.34
HE3 M2S A 45 2.93 6.41 13.60
N DSG A 46 0.57 12.49 11.01
CA DSG A 46 1.03 13.21 9.85
C DSG A 46 0.12 14.39 9.61
O DSG A 46 0.04 15.27 10.47
CB DSG A 46 2.46 13.70 10.08
CG DSG A 46 2.94 14.56 8.92
OD1 DSG A 46 3.77 14.14 8.13
ND2 DSG A 46 2.50 15.81 8.82
H DSG A 46 0.54 13.00 11.89
HA DSG A 46 1.04 12.56 8.98
HB2 DSG A 46 2.49 14.29 11.00
HB3 DSG A 46 3.13 12.84 10.19
HD21 DSG A 46 2.65 16.26 7.93
HD22 DSG A 46 1.73 16.09 9.44
N GLN A 47 -0.51 14.48 8.44
CA GLN A 47 -1.38 15.60 8.09
C GLN A 47 -2.76 15.02 7.77
N 2TL A 48 -3.74 15.25 8.65
CA 2TL A 48 -5.09 14.76 8.46
CB 2TL A 48 -5.86 15.79 7.60
OG1 2TL A 48 -5.82 17.08 8.17
CG2 2TL A 48 -7.32 15.42 7.33
C 2TL A 48 -5.71 14.44 9.83
O 2TL A 48 -5.38 15.07 10.83
H 2TL A 48 -3.56 15.75 9.52
HA 2TL A 48 -5.03 13.83 7.90
HB 2TL A 48 -5.36 15.84 6.64
HG1 2TL A 48 -4.88 17.35 8.20
HG21 2TL A 48 -7.76 16.16 6.65
HG22 2TL A 48 -7.88 15.41 8.25
HG23 2TL A 48 -7.37 14.44 6.86
N THR A 49 -6.67 13.54 9.87
CA THR A 49 -7.33 13.14 11.12
C THR A 49 -6.32 12.40 12.01
C MHE A 1 9.68 -11.37 -9.63
O MHE A 1 10.28 -12.28 -10.24
CA MHE A 1 10.05 -10.84 -8.35
O2 MHE A 1 9.89 -9.65 -8.04
C3 MHE A 1 10.23 -11.93 -7.28
C4 MHE A 1 11.05 -11.44 -6.06
C5 MHE A 1 11.36 -12.53 -5.01
C6 MHE A 1 12.13 -11.90 -3.84
C7 MHE A 1 12.23 -13.65 -5.59
C8 MHE A 1 10.08 -13.15 -4.45
H1 MHE A 1 9.24 -12.23 -6.96
H3A MHE A 1 10.73 -12.78 -7.73
H4 MHE A 1 11.99 -11.03 -6.43
H4A MHE A 1 10.50 -10.63 -5.59
H6 MHE A 1 11.52 -11.12 -3.37
H6A MHE A 1 13.05 -11.44 -4.20
H6B MHE A 1 12.38 -12.64 -3.10
H7 MHE A 1 13.12 -13.24 -6.05
H7A MHE A 1 11.67 -14.23 -6.31
H7B MHE A 1 12.54 -14.33 -4.79
H8 MHE A 1 10.34 -13.91 -3.70
H8A MHE A 1 9.44 -12.38 -4.01
H8B MHE A 1 9.53 -13.65 -5.24
N GLY A 2 8.49 -10.88 -9.94
CA GLY A 2 7.73 -11.26 -11.13
C GLY A 2 6.87 -10.11 -11.63
N I2M A 3 6.19 -10.29 -12.77
CA I2M A 3 5.35 -9.27 -13.42
CB I2M A 3 6.07 -8.83 -14.76
CG3 I2M A 3 6.08 -9.96 -15.81
CG2 I2M A 3 5.33 -7.62 -15.37
CG1 I2M A 3 7.58 -8.49 -14.63
CD1 I2M A 3 7.98 -7.31 -13.74
C I2M A 3 3.91 -9.79 -13.64
O I2M A 3 3.73 -10.86 -14.23
H I2M A 3 6.29 -11.16 -13.26
HA I2M A 3 5.30 -8.40 -12.76
HG31 I2M A 3 6.69 -9.70 -16.67
HG32 I2M A 3 5.07 -10.18 -16.16
HG33 I2M A 3 6.50 -10.88 -15.39
HG21 I2M A 3 5.89 -7.22 -16.22
HG22 I2M A 3 4.33 -7.90 -15.70
HG23 I2M A 3 5.23 -6.83 -14.62
HG12 I2M A 3 8.13 -9.36 -14.29
HG13 I2M A 3 7.96 -8.25 -15.62
HD11 I2M A 3 7.38 -6.43 -13.95
HD12 I2M A 3 7.90 -7.59 -12.69
HD13 I2M A 3 9.02 -7.07 -13.95
N GLY A 4 2.87 -8.98 -13.35
CA GLY A 4 1.46 -9.34 -13.57
C GLY A 4 0.66 -9.69 -12.32
N TBG A 5 -0.41 -10.46 -12.49
CA TBG A 5 -1.30 -10.90 -11.42
CB TBG A 5 -2.76 -11.00 -11.96
CG1 TBG A 5 -3.16 -9.68 -12.65
CG2 TBG A 5 -2.98 -12.10 -13.01
CG3 TBG A 5 -3.71 -11.22 -10.78
C TBG A 5 -0.76 -12.18 -10.79
O TBG A 5 -0.53 -13.17 -11.51
H TBG A 5 -0.60 -10.83 -13.41
HA TBG A 5 -1.28 -10.11 -10.66
HG11 TBG A 5 -2.62 -9.55 -13.59
HG12 TBG A 5 -4.22 -9.68 -12.90
HG13 TBG A 5 -2.95 -8.83 -12.01
HG21 TBG A 5 -2.85 -13.08 -12.56
HG22 TBG A 5 -3.99 -12.04 -13.42
HG23 TBG A 5 -2.28 -12.00 -13.83
HG31 TBG A 5 -3.62 -12.24 -10.40
HG32 TBG A 5 -4.75 -11.01 -11.07
HG33 TBG A 5 -3.46 -10.54 -9.95
N TDD A 6 -0.58 -12.21 -9.48
CA TDD A 6 -0.08 -13.34 -8.71
CB TDD A 6 -1.26 -14.22 -8.18
CG1 TDD A 6 -2.39 -13.43 -7.50
CG2 TDD A 6 -1.91 -15.01 -9.35
CG3 TDD A 6 -0.74 -15.28 -7.19
C TDD A 6 0.86 -12.77 -7.64
O TDD A 6 0.40 -12.13 -6.68
H TDD A 6 -0.77 -11.37 -8.93
HA TDD A 6 0.52 -13.96 -9.38
HG11 TDD A 6 -2.82 -12.69 -8.17
HG12 TDD A 6 -3.19 -14.11 -7.18
HG13 TDD A 6 -2.01 -12.92 -6.62
HG21 TDD A 6 -1.15 -15.58 -9.89
HG22 TDD A 6 -2.66 -15.70 -8.97
HG23 TDD A 6 -2.39 -14.33 -10.05
HG31 TDD A 6 0.04 -15.87 -7.64
HG32 TDD A 6 -1.56 -15.93 -6.89
HG33 TDD A 6 -0.37 -14.79 -6.29
N TBG A 7 2.16 -12.98 -7.79
CA TBG A 7 3.17 -12.50 -6.86
CB TBG A 7 3.70 -13.62 -5.91
CG1 TBG A 7 4.65 -14.59 -6.61
CG2 TBG A 7 4.42 -12.98 -4.72
CG3 TBG A 7 2.53 -14.44 -5.33
C TBG A 7 4.23 -11.75 -7.68
O TBG A 7 4.78 -12.30 -8.63
H TBG A 7 2.50 -13.50 -8.59
HA TBG A 7 2.67 -11.77 -6.23
HG11 TBG A 7 4.18 -15.00 -7.50
HG12 TBG A 7 5.57 -14.08 -6.91
HG13 TBG A 7 4.93 -15.40 -5.94
HG21 TBG A 7 3.77 -12.28 -4.20
HG22 TBG A 7 4.71 -13.75 -4.01
HG23 TBG A 7 5.31 -12.44 -5.06
HG31 TBG A 7 2.00 -14.98 -6.12
HG32 TBG A 7 1.83 -13.78 -4.82
HG33 TBG A 7 2.90 -15.17 -4.61
N DAL A 8 4.55 -10.53 -7.26
CA DAL A 8 5.51 -9.66 -7.90
CB DAL A 8 6.77 -9.55 -7.05
C DAL A 8 4.85 -8.29 -8.09
O DAL A 8 3.99 -7.92 -7.27
H DAL A 8 4.04 -10.14 -6.47
HA DAL A 8 5.76 -10.06 -8.88
HB1 DAL A 8 7.25 -10.53 -6.95
HB2 DAL A 8 7.47 -8.85 -7.53
HB3 DAL A 8 6.53 -9.16 -6.06
N TBG A 9 5.29 -7.52 -9.07
CA TBG A 9 4.75 -6.20 -9.36
CB TBG A 9 5.82 -5.26 -9.98
CG1 TBG A 9 5.34 -3.80 -9.85
CG2 TBG A 9 7.17 -5.39 -9.25
CG3 TBG A 9 6.09 -5.52 -11.46
C TBG A 9 3.52 -6.47 -10.26
O TBG A 9 3.60 -7.31 -11.16
H TBG A 9 5.99 -7.88 -9.72
HA TBG A 9 4.41 -5.77 -8.42
HG11 TBG A 9 4.46 -3.63 -10.45
HG12 TBG A 9 5.11 -3.54 -8.81
HG13 TBG A 9 6.12 -3.11 -10.19
HG21 TBG A 9 7.05 -5.31 -8.17
HG22 TBG A 9 7.63 -6.37 -9.47
HG23 TBG A 9 7.86 -4.63 -9.58
HG31 TBG A 9 5.24 -5.26 -12.08
HG32 TBG A 9 6.31 -6.58 -11.60
HG33 TBG A 9 6.95 -4.95 -11.81
N TDD A 10 2.41 -5.77 -10.05
CA TDD A 10 1.18 -5.91 -10.81
CB TDD A 10 1.05 -4.84 -11.94
CG1 TDD A 10 1.29 -3.40 -11.48
CG2 TDD A 10 2.07 -5.13 -13.05
CG3 TDD A 10 -0.35 -4.92 -12.56
C TDD A 10 0.03 -6.01 -9.80
O TDD A 10 -0.45 -4.98 -9.31
H TDD A 10 2.40 -5.11 -9.28
HA TDD A 10 1.21 -6.87 -11.31
HG11 TDD A 10 1.12 -2.71 -12.30
HG12 TDD A 10 0.60 -3.14 -10.69
HG13 TDD A 10 2.31 -3.28 -11.13
HG21 TDD A 10 1.95 -4.43 -13.88
HG22 TDD A 10 3.09 -5.03 -12.68
HG23 TDD A 10 1.94 -6.14 -13.44
HG31 TDD A 10 -0.57 -5.94 -12.85
HG32 TDD A 10 -0.41 -4.27 -13.43
HG33 TDD A 10 -1.10 -4.57 -11.85
N ALA A 11 -0.43 -7.22 -9.48
CA ALA A 11 -1.51 -7.40 -8.52
C ALA A 11 -1.32 -8.67 -7.71
N GLY A 12 -1.96 -8.71 -6.54
CA GLY A 12 -1.92 -9.82 -5.61
C GLY A 12 -1.00 -9.43 -4.46
N ALA A 13 0.21 -9.96 -4.44
CA ALA A 13 1.17 -9.64 -3.39
C ALA A 13 2.52 -9.26 -3.98
N TDD A 14 3.24 -8.37 -3.30
CA TDD A 14 4.56 -7.90 -3.69
CB TDD A 14 5.63 -8.44 -2.69
CG1 TDD A 14 5.33 -8.15 -1.21
CG2 TDD A 14 5.73 -9.98 -2.84
CG3 TDD A 14 7.03 -7.89 -3.03
C TDD A 14 4.46 -6.40 -3.89
O TDD A 14 4.69 -5.61 -2.97
H TDD A 14 2.82 -7.90 -2.51
HA TDD A 14 4.81 -8.31 -4.67
HG11 TDD A 14 6.11 -8.59 -0.57
HG12 TDD A 14 5.31 -7.08 -1.03
HG13 TDD A 14 4.37 -8.57 -0.92
HG21 TDD A 14 6.53 -10.36 -2.21
HG22 TDD A 14 4.79 -10.44 -2.54
HG23 TDD A 14 5.94 -10.25 -3.88
HG31 TDD A 14 7.04 -6.80 -2.89
HG32 TDD A 14 7.29 -8.09 -4.06
HG33 TDD A 14 7.78 -8.33 -2.38
N ALA A 15 4.11 -5.98 -5.10
CA ALA A 15 3.96 -4.57 -5.44
C ALA A 15 2.83 -4.39 -6.45
N MND A 16 2.30 -3.18 -6.59
CA MND A 16 1.22 -2.88 -7.51
CB MND A 16 1.54 -1.73 -8.46
CG MND A 16 2.22 -0.49 -7.87
OD1 MND A 16 3.06 -0.58 -6.97
ND2 MND A 16 2.31 0.53 -8.73
CE2 MND A 16 3.07 1.73 -8.44
C MND A 16 -0.08 -2.70 -6.73
O MND A 16 -0.27 -1.66 -6.09
H MND A 16 2.63 -2.40 -6.01
HA MND A 16 1.08 -3.74 -8.15
HB2 MND A 16 2.22 -2.12 -9.20
HB3 MND A 16 0.62 -1.42 -8.95
HD2 MND A 16 1.55 0.53 -9.42
HE21 MND A 16 3.76 1.94 -9.25
HE22 MND A 16 3.62 1.59 -7.52
HE23 MND A 16 2.39 2.57 -8.31
N HVA A 17 -0.94 -3.71 -6.68
CA HVA A 17 -2.21 -3.65 -5.96
CB HVA A 17 -3.35 -3.32 -6.96
CG1 HVA A 17 -3.70 -4.46 -7.91
CG2 HVA A 17 -4.65 -2.89 -6.25
OG3 HVA A 17 -2.95 -2.26 -7.80
C HVA A 17 -2.46 -4.92 -5.13
O HVA A 17 -2.19 -6.02 -5.60
H HVA A 17 -0.75 -4.54 -7.22
HA HVA A 17 -2.14 -2.83 -5.25
HG11 HVA A 17 -4.07 -5.33 -7.34
HG12 HVA A 17 -4.48 -4.15 -8.60
HG13 HVA A 17 -2.83 -4.73 -8.49
HG21 HVA A 17 -4.47 -2.08 -5.56
HG22 HVA A 17 -5.39 -2.57 -6.98
HG23 HVA A 17 -5.06 -3.73 -5.68
HOG3 HVA A 17 -2.22 -1.80 -7.37
N GLY A 18 -3.05 -4.76 -3.93
CA GLY A 18 -3.40 -5.85 -3.03
C GLY A 18 -2.63 -5.74 -1.72
N ALA A 19 -1.44 -6.35 -1.66
CA ALA A 19 -0.59 -6.33 -0.47
C ALA A 19 0.87 -6.08 -0.87
N GLY A 20 1.60 -5.33 -0.03
CA GLY A 20 3.01 -5.00 -0.22
C GLY A 20 3.27 -3.52 -0.40
N TBG A 21 3.75 -3.09 -1.58
CA TBG A 21 4.05 -1.69 -1.89
CB TBG A 21 5.58 -1.43 -1.97
CG1 TBG A 21 5.82 0.05 -2.24
CG2 TBG A 21 6.25 -1.76 -0.63
CG3 TBG A 21 6.30 -2.25 -3.07
C TBG A 21 3.20 -1.27 -3.09
O TBG A 21 3.32 -1.82 -4.18
H TBG A 21 3.87 -3.76 -2.33
HA TBG A 21 3.71 -1.11 -1.04
HG11 TBG A 21 5.36 0.66 -1.47
HG12 TBG A 21 6.90 0.26 -2.29
HG13 TBG A 21 5.39 0.34 -3.20
HG21 TBG A 21 7.31 -1.50 -0.66
HG22 TBG A 21 5.77 -1.18 0.18
HG23 TBG A 21 6.17 -2.81 -0.40
HG31 TBG A 21 7.38 -2.05 -3.04
HG32 TBG A 21 5.92 -1.98 -4.04
HG33 TBG A 21 6.14 -3.32 -2.90
N MND A 22 2.36 -0.25 -2.91
CA MND A 22 1.45 0.27 -3.93
CB MND A 22 1.99 1.53 -4.59
CG MND A 22 0.93 2.20 -5.49
OD1 MND A 22 0.37 1.56 -6.38
ND2 MND A 22 0.60 3.47 -5.27
CE2 MND A 22 -0.48 4.15 -5.98
C MND A 22 0.13 0.54 -3.25
O MND A 22 0.08 1.06 -2.14
H MND A 22 2.27 0.17 -2.00
HA MND A 22 1.32 -0.49 -4.71
HB2 MND A 22 2.31 2.22 -3.82
HB3 MND A 22 2.83 1.27 -5.21
HD2 MND A 22 1.05 3.88 -4.44
HE21 MND A 22 -1.24 3.43 -6.25
HE22 MND A 22 -0.09 4.62 -6.89
HE23 MND A 22 -0.91 4.92 -5.34
N LMQ A 23 -0.97 0.27 -3.94
CA LMQ A 23 -2.31 0.48 -3.41
CB LMQ A 23 -3.31 0.92 -4.49
CB2 LMQ A 23 -3.52 2.45 -4.58
CG LMQ A 23 -2.98 0.35 -5.88
CD LMQ A 23 -4.06 0.51 -6.97
OE1 LMQ A 23 -3.73 0.58 -8.15
NE2 LMQ A 23 -5.33 0.68 -6.63
C LMQ A 23 -2.80 -0.80 -2.72
O LMQ A 23 -3.11 -1.78 -3.39
H LMQ A 23 -0.87 -0.16 -4.85
HA LMQ A 23 -2.27 1.27 -2.65
HB3 LMQ A 23 -4.27 0.53 -4.16
HB21 LMQ A 23 -4.04 2.69 -5.50
HB22 LMQ A 23 -4.14 2.77 -3.76
HB23 LMQ A 23 -2.54 2.94 -4.57
HG2 LMQ A 23 -2.08 0.84 -6.26
HG3 LMQ A 23 -2.75 -0.71 -5.78
HE21 LMQ A 23 -5.94 0.96 -7.39
HE22 LMQ A 23 -5.65 0.71 -5.67
N DHV A 24 -2.92 -0.73 -1.41
CA DHV A 24 -3.43 -1.79 -0.56
CB DHV A 24 -4.98 -1.56 -0.44
CG1 DHV A 24 -5.74 -1.96 -1.71
CG2 DHV A 24 -5.63 -2.30 0.73
OG3 DHV A 24 -5.23 -0.17 -0.27
C DHV A 24 -2.76 -1.75 0.82
O DHV A 24 -2.64 -0.68 1.43
H DHV A 24 -2.63 0.11 -0.93
HA DHV A 24 -3.24 -2.77 -1.02
HG11 DHV A 24 -5.45 -1.32 -2.55
HG12 DHV A 24 -5.53 -2.99 -1.97
HG13 DHV A 24 -6.81 -1.83 -1.56
HG21 DHV A 24 -6.71 -2.15 0.73
HG22 DHV A 24 -5.44 -3.37 0.65
HG23 DHV A 24 -5.26 -1.94 1.69
HOG3 DHV A 24 -4.35 0.27 -0.33
N ALA A 25 -2.48 -2.93 1.38
CA ALA A 25 -1.89 -3.11 2.69
C ALA A 25 -0.37 -3.28 2.72
N GLY A 26 0.31 -2.36 3.41
CA GLY A 26 1.76 -2.35 3.59
C GLY A 26 2.27 -0.92 3.55
N GLY A 27 2.58 -0.43 2.35
CA GLY A 27 3.07 0.91 2.12
C GLY A 27 2.56 1.44 0.79
N MND A 28 2.22 2.73 0.72
CA MND A 28 1.72 3.39 -0.48
CB MND A 28 2.73 4.47 -0.88
CG MND A 28 2.34 5.20 -2.18
OD1 MND A 28 2.31 4.59 -3.25
ND2 MND A 28 2.34 6.52 -2.17
CE2 MND A 28 2.57 7.38 -3.32
C MND A 28 0.35 3.99 -0.19
O MND A 28 0.28 4.99 0.51
H MND A 28 2.28 3.29 1.56
HA MND A 28 1.65 2.69 -1.30
HB2 MND A 28 2.83 5.20 -0.07
HB3 MND A 28 3.71 4.01 -1.03
HD2 MND A 28 2.37 6.97 -1.25
HE21 MND A 28 3.11 8.26 -2.97
HE22 MND A 28 1.63 7.69 -3.77
HE23 MND A 28 3.21 6.88 -4.05
N ILE A 29 -0.74 3.32 -0.59
CA ILE A 29 -2.09 3.84 -0.35
C ILE A 29 -2.99 2.78 0.27
O HTN A 30 -4.52 3.08 4.23
C HTN A 30 -4.26 2.08 3.54
CE HTN A 30 -8.85 -0.15 1.13
N HTN A 30 -3.66 3.08 1.39
CA HTN A 30 -4.56 2.10 2.05
CB HTN A 30 -6.03 2.41 1.71
OG HTN A 30 -6.11 2.63 0.32
CG HTN A 30 -7.02 1.29 2.05
OD1 HTN A 30 -7.03 0.73 3.14
ND2 HTN A 30 -7.94 1.00 1.12
HE1 HTN A 30 -8.73 -0.69 0.18
HE2 HTN A 30 -9.87 0.20 1.21
HE3 HTN A 30 -8.58 -0.83 1.94
H HTN A 30 -3.50 4.00 1.80
HA HTN A 30 -4.35 1.11 1.68
HB3 HTN A 30 -6.35 3.32 2.23
HOG HTN A 30 -5.73 1.83 -0.11
HD22 HTN A 30 -7.86 1.58 0.25
N TBG A 31 -3.68 0.98 4.02
CA TBG A 31 -3.31 0.80 5.43
CB TBG A 31 -4.11 -0.36 6.11
CG1 TBG A 31 -3.85 -0.34 7.63
CG2 TBG A 31 -5.63 -0.20 5.89
CG3 TBG A 31 -3.78 -1.77 5.57
C TBG A 31 -1.80 0.58 5.47
O TBG A 31 -1.26 -0.19 4.66
H TBG A 31 -3.49 0.19 3.41
HA TBG A 31 -3.55 1.72 5.96
HG11 TBG A 31 -4.17 0.60 8.06
HG12 TBG A 31 -4.38 -1.15 8.12
HG13 TBG A 31 -2.78 -0.47 7.84
HG21 TBG A 31 -5.89 -0.49 4.89
HG22 TBG A 31 -6.18 -0.83 6.59
HG23 TBG A 31 -5.94 0.83 6.04
HG31 TBG A 31 -4.36 -2.52 6.10
HG32 TBG A 31 -2.73 -2.00 5.72
HG33 TBG A 31 -4.01 -1.82 4.51
N DHV A 32 -1.12 1.24 6.42
CA DHV A 32 0.32 1.08 6.58
CB DHV A 32 0.58 0.01 7.68
CG1 DHV A 32 0.20 -1.39 7.22
CG2 DHV A 32 2.06 -0.08 8.08
OG3 DHV A 32 -0.18 0.25 8.84
C DHV A 32 0.99 2.44 6.76
O DHV A 32 0.99 3.03 7.85
H DHV A 32 -1.61 1.86 7.05
HA DHV A 32 0.71 0.67 5.66
HG11 DHV A 32 0.74 -1.63 6.31
HG12 DHV A 32 0.45 -2.12 7.99
HG13 DHV A 32 -0.88 -1.45 7.03
HG21 DHV A 32 2.66 -0.34 7.21
HG22 DHV A 32 2.40 0.87 8.47
HG23 DHV A 32 2.21 -0.84 8.84
HOG3 DHV A 32 0.08 1.10 9.23
N GLY A 33 1.65 2.93 5.72
CA GLY A 33 2.34 4.21 5.71
C GLY A 33 2.19 4.77 4.30
N MND A 34 1.99 6.07 4.20
CA MND A 34 1.78 6.77 2.94
CB MND A 34 2.90 7.75 2.58
CG MND A 34 2.48 8.52 1.32
OD1 MND A 34 2.28 7.89 0.28
ND2 MND A 34 2.16 9.81 1.42
CE2 MND A 34 1.53 10.58 0.35
C MND A 34 0.47 7.51 3.12
O MND A 34 0.21 8.07 4.20
H MND A 34 1.78 6.61 5.04
HA MND A 34 1.69 6.06 2.13
HB2 MND A 34 3.10 8.42 3.40
HB3 MND A 34 3.81 7.18 2.36
HD2 MND A 34 2.31 10.23 2.35
HE21 MND A 34 0.84 9.92 -0.20
HE22 MND A 34 2.28 10.95 -0.34
HE23 MND A 34 0.96 11.40 0.78
N ILE A 35 -0.42 7.44 2.12
CA ILE A 35 -1.71 8.09 2.18
C ILE A 35 -2.81 7.06 2.48
N MND A 36 -3.66 7.35 3.45
CA MND A 36 -4.77 6.46 3.81
CB MND A 36 -6.04 6.99 3.12
CG MND A 36 -7.29 6.25 3.56
OD1 MND A 36 -7.86 5.47 2.80
ND2 MND A 36 -7.78 6.55 4.77
CE2 MND A 36 -8.86 5.84 5.41
C MND A 36 -4.89 6.46 5.32
O MND A 36 -5.26 7.48 5.91
H MND A 36 -3.56 8.22 3.94
HA MND A 36 -4.59 5.45 3.46
HB2 MND A 36 -6.13 8.04 3.34
HB3 MND A 36 -5.91 6.88 2.04
HD2 MND A 36 -7.14 7.10 5.37
HE21 MND A 36 -9.76 5.93 4.80
HE22 MND A 36 -9.05 6.26 6.40
HE23 MND A 36 -8.59 4.78 5.49
N VAL A 37 -4.53 5.35 5.96
CA VAL A 37 -4.57 5.22 7.41
C VAL A 37 -3.23 4.62 7.87
O HTN A 38 -0.98 6.87 10.54
C HTN A 38 -0.56 5.99 9.79
CE HTN A 38 0.16 4.72 13.13
N HTN A 38 -2.68 5.17 8.95
CA HTN A 38 -1.41 4.74 9.53
CB HTN A 38 -1.60 3.90 10.78
OG HTN A 38 -2.46 2.81 10.50
CG HTN A 38 -0.26 3.24 11.16
OD1 HTN A 38 0.07 2.22 10.56
ND2 HTN A 38 0.46 3.62 12.21
HE1 HTN A 38 -0.35 5.53 12.61
HE2 HTN A 38 1.10 5.12 13.53
HE3 HTN A 38 -0.46 4.37 13.94
H HTN A 38 -3.18 5.89 9.46
HA HTN A 38 -0.89 4.13 8.79
HB3 HTN A 38 -2.00 4.49 11.59
HOG HTN A 38 -1.84 2.08 10.33
HD22 HTN A 38 1.26 2.97 12.34
N ALA A 39 0.59 6.09 9.14
CA ALA A 39 1.50 7.23 9.28
C ALA A 39 1.67 7.85 7.89
N MND A 40 1.65 9.18 7.82
CA MND A 40 1.79 9.91 6.58
CB MND A 40 3.16 10.57 6.41
CG MND A 40 3.17 11.28 5.05
OD1 MND A 40 2.73 10.74 4.05
ND2 MND A 40 3.57 12.55 4.99
CE2 MND A 40 3.12 13.48 3.96
C MND A 40 0.70 10.96 6.49
O MND A 40 0.75 11.97 7.19
H MND A 40 1.44 9.72 8.66
HA MND A 40 1.67 9.22 5.74
HB2 MND A 40 3.33 11.29 7.21
HB3 MND A 40 3.94 9.81 6.46
HD2 MND A 40 3.83 12.94 5.91
HE21 MND A 40 2.75 12.92 3.10
HE22 MND A 40 3.94 14.12 3.65
HE23 MND A 40 2.32 14.09 4.38
N VAL A 41 -0.35 10.68 5.72
CA VAL A 41 -1.44 11.60 5.54
C VAL A 41 -2.75 10.84 5.44
N DSN A 42 -3.84 11.43 5.90
CA DSN A 42 -5.15 10.79 5.86
C DSN A 42 -5.68 10.74 7.28
O DSN A 42 -6.04 11.78 7.84
CB DSN A 42 -6.08 11.44 4.84
OG DSN A 42 -7.16 10.61 4.48
H DSN A 42 -3.77 12.34 6.36
HA DSN A 42 -5.02 9.76 5.53
HB2 DSN A 42 -6.48 12.35 5.29
HB3 DSN A 42 -5.52 11.70 3.95
HG DSN A 42 -7.00 10.22 3.59
N VAL A 43 -5.57 9.58 7.91
CA VAL A 43 -6.03 9.32 9.26
C VAL A 43 -4.92 8.60 10.02
N DSG A 44 -4.58 9.07 11.22
CA DSG A 44 -3.55 8.43 12.05
C DSG A 44 -2.57 9.48 12.52
O DSG A 44 -2.98 10.37 13.28
CB DSG A 44 -4.23 7.68 13.21
CG DSG A 44 -3.38 6.52 13.68
OD1 DSG A 44 -3.55 5.40 13.22
ND2 DSG A 44 -2.49 6.75 14.63
H DSG A 44 -5.03 9.91 11.57
HA DSG A 44 -3.02 7.69 11.46
HB2 DSG A 44 -4.43 8.36 14.03
HB3 DSG A 44 -5.18 7.27 12.86
HD21 DSG A 44 -1.97 5.96 14.96
HD22 DSG A 44 -2.36 7.66 15.05
N M2S A 45 -1.33 9.47 12.01
CA M2S A 45 -0.27 10.41 12.38
CB M2S A 45 0.79 9.71 13.31
CG1 M2S A 45 0.27 8.39 13.95
CG2 M2S A 45 2.09 9.28 12.60
CG M2S A 45 1.10 10.60 14.53
SD M2S A 45 2.17 12.08 14.38
OE M2S A 45 2.83 12.11 16.09
CE M2S A 45 0.91 13.37 14.56
C M2S A 45 0.30 11.07 11.11
O M2S A 45 0.45 10.41 10.08
H M2S A 45 -1.07 8.71 11.40
HA M2S A 45 -0.74 11.20 12.96
HG11 M2S A 45 -0.63 8.61 14.54
HG12 M2S A 45 0.03 7.65 13.18
HG13 M2S A 45 1.01 7.95 14.60
HG21 M2S A 45 2.60 10.11 12.12
HG22 M2S A 45 1.87 8.53 11.85
HG23 M2S A 45 2.78 8.82 13.31
HG2 M2S A 45 1.60 9.97 15.27
HG3 M2S A 45 0.16 10.89 14.98
HE1 M2S A 45 1.40 14.34 14.64
HE2 M2S A 45 0.25 13.38 13.70
HE3 M2S A 45 0.32 13.19 15.46
N DSG A 46 0.82 12.29 11.26
CA DSG A 46 1.43 13.11 10.21
C DSG A 46 0.49 14.26 9.93
O DSG A 46 0.35 15.14 10.80
CB DSG A 46 2.78 13.67 10.71
CG DSG A 46 3.87 12.62 10.80
OD1 DSG A 46 4.17 12.17 11.90
ND2 DSG A 46 4.52 12.29 9.70
H DSG A 46 0.64 12.77 12.12
HA DSG A 46 1.62 12.51 9.32
HB2 DSG A 46 3.12 14.44 10.02
HB3 DSG A 46 2.65 14.16 11.67
HD21 DSG A 46 5.32 11.65 9.76
HD22 DSG A 46 4.35 12.75 8.82
N GLN A 47 -0.17 14.28 8.77
CA GLN A 47 -1.10 15.35 8.41
C GLN A 47 -2.52 14.84 8.15
N 2TL A 48 -3.48 15.70 8.47
CA 2TL A 48 -4.90 15.51 8.32
CB 2TL A 48 -5.49 16.84 7.76
OG1 2TL A 48 -4.77 17.99 8.20
CG2 2TL A 48 -6.97 17.09 8.08
C 2TL A 48 -5.49 15.10 9.66
O 2TL A 48 -5.30 15.77 10.68
H 2TL A 48 -3.23 16.61 8.82
HA 2TL A 48 -5.08 14.71 7.59
HB 2TL A 48 -5.39 16.79 6.67
HG1 2TL A 48 -4.92 18.10 9.16
HG21 2TL A 48 -7.56 16.22 7.81
HG22 2TL A 48 -7.33 17.95 7.50
HG23 2TL A 48 -7.11 17.30 9.15
N THR A 49 -6.33 14.06 9.66
CA THR A 49 -7.00 13.54 10.84
C THR A 49 -6.01 12.80 11.76
C MHE A 1 9.37 -11.64 -9.50
O MHE A 1 10.05 -11.88 -10.51
CA MHE A 1 9.84 -10.97 -8.33
O2 MHE A 1 9.77 -9.74 -8.20
C3 MHE A 1 10.08 -11.85 -7.09
C4 MHE A 1 11.44 -11.59 -6.42
C5 MHE A 1 12.65 -12.34 -7.02
C6 MHE A 1 12.60 -13.82 -6.64
C7 MHE A 1 13.91 -11.73 -6.38
C8 MHE A 1 12.78 -12.20 -8.54
H1 MHE A 1 9.29 -11.63 -6.37
H3A MHE A 1 9.98 -12.91 -7.36
H4 MHE A 1 11.62 -10.51 -6.46
H4A MHE A 1 11.35 -11.86 -5.38
H6 MHE A 1 11.71 -14.30 -7.05
H6A MHE A 1 12.58 -13.95 -5.56
H6B MHE A 1 13.47 -14.35 -7.04
H7 MHE A 1 13.87 -11.85 -5.30
H7A MHE A 1 13.99 -10.69 -6.65
H7B MHE A 1 14.80 -12.25 -6.76
H8 MHE A 1 13.73 -12.61 -8.87
H8A MHE A 1 11.99 -12.77 -9.04
H8B MHE A 1 12.73 -11.15 -8.84
N GLY A 2 8.07 -11.85 -9.35
CA GLY A 2 7.21 -12.19 -10.47
C GLY A 2 6.67 -10.93 -11.12
N I2M A 3 6.05 -11.06 -12.29
CA I2M A 3 5.48 -9.94 -13.06
CB I2M A 3 6.38 -9.60 -14.30
CG3 I2M A 3 6.15 -10.57 -15.49
CG2 I2M A 3 6.01 -8.19 -14.82
CG1 I2M A 3 7.92 -9.68 -14.06
CD1 I2M A 3 8.57 -8.68 -13.09
C I2M A 3 4.03 -10.33 -13.42
O I2M A 3 3.79 -11.48 -13.83
H I2M A 3 6.01 -11.96 -12.73
HA I2M A 3 5.45 -9.07 -12.41
HG31 I2M A 3 5.13 -10.54 -15.82
HG32 I2M A 3 6.40 -11.58 -15.19
HG33 I2M A 3 6.78 -10.29 -16.34
HG21 I2M A 3 6.64 -7.92 -15.67
HG22 I2M A 3 4.97 -8.16 -15.13
HG23 I2M A 3 6.14 -7.45 -14.04
HG12 I2M A 3 8.18 -10.68 -13.74
HG13 I2M A 3 8.43 -9.54 -15.02
HD11 I2M A 3 8.35 -7.66 -13.39
HD12 I2M A 3 8.24 -8.84 -12.08
HD13 I2M A 3 9.65 -8.83 -13.11
N GLY A 4 3.07 -9.40 -13.33
CA GLY A 4 1.68 -9.68 -13.68
C GLY A 4 0.81 -9.94 -12.46
N TBG A 5 -0.24 -10.73 -12.61
CA TBG A 5 -1.15 -11.03 -11.51
CB TBG A 5 -2.57 -11.29 -12.09
CG1 TBG A 5 -3.62 -11.30 -10.96
CG2 TBG A 5 -2.98 -10.14 -13.03
CG3 TBG A 5 -2.65 -12.60 -12.89
C TBG A 5 -0.53 -12.19 -10.71
O TBG A 5 0.18 -13.03 -11.28
H TBG A 5 -0.40 -11.20 -13.48
HA TBG A 5 -1.20 -10.15 -10.86
HG11 TBG A 5 -3.44 -12.14 -10.28
HG12 TBG A 5 -3.56 -10.37 -10.41
HG13 TBG A 5 -4.62 -11.39 -11.37
HG21 TBG A 5 -2.87 -9.18 -12.54
HG22 TBG A 5 -2.39 -10.14 -13.95
HG23 TBG A 5 -4.03 -10.24 -13.33
HG31 TBG A 5 -3.65 -12.72 -13.31
HG32 TBG A 5 -2.44 -13.46 -12.25
HG33 TBG A 5 -1.94 -12.60 -13.70
N TDD A 6 -0.76 -12.24 -9.40
CA TDD A 6 -0.28 -13.28 -8.50
CB TDD A 6 -1.47 -14.13 -7.99
CG1 TDD A 6 -2.61 -13.30 -7.34
CG2 TDD A 6 -2.11 -14.90 -9.17
CG3 TDD A 6 -1.01 -15.16 -6.96
C TDD A 6 0.60 -12.63 -7.41
O TDD A 6 0.13 -11.80 -6.62
H TDD A 6 -1.34 -11.53 -8.96
HA TDD A 6 0.37 -13.96 -9.05
HG11 TDD A 6 -3.00 -12.56 -8.03
HG12 TDD A 6 -3.42 -13.96 -7.04
HG13 TDD A 6 -2.25 -12.78 -6.45
HG21 TDD A 6 -2.52 -14.22 -9.91
HG22 TDD A 6 -1.35 -15.52 -9.66
HG23 TDD A 6 -2.91 -15.55 -8.83
HG31 TDD A 6 -1.81 -15.89 -6.76
HG32 TDD A 6 -0.76 -14.67 -6.02
HG33 TDD A 6 -0.13 -15.70 -7.33
N TBG A 7 1.87 -13.00 -7.36
CA TBG A 7 2.84 -12.49 -6.41
CB TBG A 7 3.19 -13.54 -5.31
CG1 TBG A 7 1.93 -13.93 -4.52
CG2 TBG A 7 3.79 -14.83 -5.88
CG3 TBG A 7 4.19 -12.95 -4.30
C TBG A 7 4.01 -11.93 -7.20
O TBG A 7 4.58 -12.61 -8.07
H TBG A 7 2.23 -13.69 -8.01
HA TBG A 7 2.36 -11.65 -5.89
HG11 TBG A 7 2.19 -14.53 -3.66
HG12 TBG A 7 1.39 -13.04 -4.20
HG13 TBG A 7 1.26 -14.52 -5.16
HG21 TBG A 7 3.95 -15.54 -5.07
HG22 TBG A 7 3.11 -15.28 -6.61
HG23 TBG A 7 4.74 -14.61 -6.37
HG31 TBG A 7 5.13 -12.69 -4.79
HG32 TBG A 7 4.41 -13.68 -3.52
HG33 TBG A 7 3.77 -12.06 -3.83
N DAL A 8 4.38 -10.69 -6.91
CA DAL A 8 5.46 -9.95 -7.55
CB DAL A 8 6.70 -9.91 -6.65
C DAL A 8 4.96 -8.56 -7.88
O DAL A 8 4.17 -8.00 -7.10
H DAL A 8 3.87 -10.19 -6.19
HA DAL A 8 5.71 -10.47 -8.48
HB1 DAL A 8 7.03 -10.93 -6.43
HB2 DAL A 8 7.49 -9.35 -7.14
HB3 DAL A 8 6.44 -9.41 -5.72
N TBG A 9 5.47 -7.96 -8.95
CA TBG A 9 5.05 -6.63 -9.36
CB TBG A 9 6.19 -5.84 -10.06
CG1 TBG A 9 5.82 -4.35 -10.13
CG2 TBG A 9 7.50 -5.96 -9.25
CG3 TBG A 9 6.49 -6.32 -11.49
C TBG A 9 3.78 -6.86 -10.21
O TBG A 9 3.77 -7.72 -11.09
H TBG A 9 6.11 -8.46 -9.55
HA TBG A 9 4.80 -6.09 -8.45
HG11 TBG A 9 5.65 -3.96 -9.13
HG12 TBG A 9 6.63 -3.78 -10.60
HG13 TBG A 9 4.91 -4.21 -10.71
HG21 TBG A 9 7.88 -6.98 -9.29
HG22 TBG A 9 8.25 -5.31 -9.67
HG23 TBG A 9 7.33 -5.69 -8.21
HG31 TBG A 9 6.66 -7.38 -11.48
HG32 TBG A 9 7.37 -5.80 -11.88
HG33 TBG A 9 5.65 -6.10 -12.14
N TDD A 10 2.69 -6.13 -9.92
CA TDD A 10 1.43 -6.24 -10.62
CB TDD A 10 1.27 -5.14 -11.71
CG1 TDD A 10 -0.11 -5.20 -12.37
CG2 TDD A 10 1.49 -3.70 -11.20
CG3 TDD A 10 2.30 -5.37 -12.84
C TDD A 10 0.27 -6.27 -9.61
O TDD A 10 0.08 -5.32 -8.86
H TDD A 10 2.74 -5.44 -9.17
HA TDD A 10 1.42 -7.18 -11.16
HG11 TDD A 10 -0.19 -4.49 -13.19
HG12 TDD A 10 -0.29 -6.21 -12.76
HG13 TDD A 10 -0.89 -4.98 -11.64
HG21 TDD A 10 1.38 -2.99 -12.02
HG22 TDD A 10 0.75 -3.46 -10.44
HG23 TDD A 10 2.49 -3.59 -10.77
HG31 TDD A 10 2.16 -4.63 -13.63
HG32 TDD A 10 2.19 -6.37 -13.25
HG33 TDD A 10 3.32 -5.26 -12.46
N ALA A 11 -0.56 -7.33 -9.66
CA ALA A 11 -1.72 -7.43 -8.78
C ALA A 11 -1.80 -8.71 -7.95
N GLY A 12 -1.97 -8.52 -6.65
CA GLY A 12 -2.09 -9.54 -5.63
C GLY A 12 -1.21 -9.12 -4.46
N ALA A 13 0.04 -9.57 -4.44
CA ALA A 13 0.97 -9.22 -3.36
C ALA A 13 2.36 -8.97 -3.91
N TDD A 14 3.09 -8.04 -3.29
CA TDD A 14 4.45 -7.69 -3.68
CB TDD A 14 5.48 -8.25 -2.65
CG1 TDD A 14 5.46 -9.79 -2.69
CG2 TDD A 14 6.91 -7.80 -3.01
CG3 TDD A 14 5.21 -7.86 -1.18
C TDD A 14 4.44 -6.17 -3.91
O TDD A 14 4.57 -5.39 -2.97
H TDD A 14 2.64 -7.42 -2.63
HA TDD A 14 4.67 -8.14 -4.63
HG11 TDD A 14 6.24 -10.20 -2.06
HG12 TDD A 14 4.50 -10.17 -2.33
HG13 TDD A 14 5.59 -10.15 -3.71
HG21 TDD A 14 7.15 -8.08 -4.04
HG22 TDD A 14 7.00 -6.72 -2.91
HG23 TDD A 14 7.63 -8.27 -2.34
HG31 TDD A 14 5.34 -6.79 -1.04
HG32 TDD A 14 5.92 -8.36 -0.52
HG33 TDD A 14 4.20 -8.13 -0.88
N ALA A 15 4.28 -5.74 -5.17
CA ALA A 15 4.26 -4.32 -5.51
C ALA A 15 3.23 -4.05 -6.58
N MND A 16 2.46 -2.98 -6.43
CA MND A 16 1.44 -2.63 -7.41
CB MND A 16 1.87 -1.62 -8.47
CG MND A 16 2.29 -0.22 -8.07
OD1 MND A 16 2.26 0.66 -8.94
ND2 MND A 16 3.18 -0.12 -7.07
CE2 MND A 16 4.00 1.05 -6.83
C MND A 16 0.11 -2.35 -6.74
O MND A 16 -0.18 -1.23 -6.31
H MND A 16 2.41 -2.59 -5.50
HA MND A 16 1.27 -3.53 -7.99
HB2 MND A 16 2.70 -2.07 -9.01
HB3 MND A 16 1.03 -1.53 -9.16
HD2 MND A 16 3.07 -0.81 -6.32
HE21 MND A 16 4.61 0.93 -5.93
HE22 MND A 16 3.36 1.93 -6.72
HE23 MND A 16 4.65 1.24 -7.68
N HVA A 17 -0.72 -3.38 -6.68
CA HVA A 17 -2.03 -3.34 -6.09
CB HVA A 17 -3.07 -3.07 -7.22
CG1 HVA A 17 -3.15 -4.16 -8.28
CG2 HVA A 17 -4.49 -2.85 -6.68
OG3 HVA A 17 -2.69 -1.91 -7.93
C HVA A 17 -2.25 -4.61 -5.25
O HVA A 17 -1.63 -5.65 -5.51
H HVA A 17 -0.41 -4.27 -7.05
HA HVA A 17 -2.05 -2.51 -5.39
HG11 HVA A 17 -3.93 -3.93 -8.99
HG12 HVA A 17 -2.20 -4.24 -8.81
HG13 HVA A 17 -3.37 -5.11 -7.82
HG21 HVA A 17 -4.91 -3.80 -6.33
HG22 HVA A 17 -4.49 -2.15 -5.84
HG23 HVA A 17 -5.13 -2.46 -7.47
HOG3 HVA A 17 -1.92 -1.54 -7.51
N GLY A 18 -3.16 -4.53 -4.26
CA GLY A 18 -3.51 -5.62 -3.37
C GLY A 18 -2.78 -5.49 -2.04
N ALA A 19 -1.56 -5.99 -1.97
CA ALA A 19 -0.73 -5.92 -0.77
C ALA A 19 0.75 -5.71 -1.09
N GLY A 20 1.51 -5.24 -0.10
CA GLY A 20 2.93 -4.98 -0.16
C GLY A 20 3.18 -3.49 -0.34
N TBG A 21 3.46 -3.02 -1.55
CA TBG A 21 3.68 -1.60 -1.83
CB TBG A 21 5.18 -1.28 -2.09
CG1 TBG A 21 5.84 -2.21 -3.12
CG2 TBG A 21 5.40 0.13 -2.63
CG3 TBG A 21 5.96 -1.44 -0.78
C TBG A 21 2.68 -1.18 -2.92
O TBG A 21 2.27 -1.99 -3.75
H TBG A 21 3.46 -3.66 -2.33
HA TBG A 21 3.39 -1.04 -0.95
HG11 TBG A 21 5.80 -3.25 -2.80
HG12 TBG A 21 5.32 -2.08 -4.07
HG13 TBG A 21 6.89 -1.94 -3.26
HG21 TBG A 21 4.97 0.25 -3.64
HG22 TBG A 21 4.94 0.87 -1.98
HG23 TBG A 21 6.47 0.35 -2.70
HG31 TBG A 21 5.92 -2.47 -0.41
HG32 TBG A 21 5.55 -0.78 -0.01
HG33 TBG A 21 7.02 -1.17 -0.93
N MND A 22 2.31 0.10 -2.92
CA MND A 22 1.36 0.68 -3.87
CB MND A 22 1.82 2.08 -4.26
CG MND A 22 0.87 2.74 -5.26
OD1 MND A 22 0.36 2.07 -6.17
ND2 MND A 22 0.57 4.03 -5.11
CE2 MND A 22 -0.42 4.74 -5.90
C MND A 22 -0.02 0.78 -3.24
O MND A 22 -0.14 1.09 -2.05
H MND A 22 2.67 0.71 -2.19
HA MND A 22 1.32 0.07 -4.76
HB2 MND A 22 1.87 2.70 -3.35
HB3 MND A 22 2.82 2.04 -4.66
HD2 MND A 22 0.89 4.49 -4.25
HE21 MND A 22 -0.54 4.29 -6.88
HE22 MND A 22 -0.12 5.78 -6.00
HE23 MND A 22 -1.37 4.71 -5.37
N LMQ A 23 -1.06 0.60 -4.03
CA LMQ A 23 -2.43 0.71 -3.55
CB LMQ A 23 -3.43 1.12 -4.66
CB2 LMQ A 23 -3.68 2.62 -4.85
CG LMQ A 23 -3.09 0.50 -6.02
CD LMQ A 23 -4.16 0.70 -7.08
OE1 LMQ A 23 -3.90 1.29 -8.12
NE2 LMQ A 23 -5.43 0.55 -6.74
C LMQ A 23 -2.91 -0.60 -2.91
O LMQ A 23 -3.20 -1.59 -3.59
H LMQ A 23 -0.89 0.34 -5.01
HA LMQ A 23 -2.46 1.48 -2.79
HB3 LMQ A 23 -4.39 0.73 -4.32
HB21 LMQ A 23 -2.74 3.14 -5.01
HB22 LMQ A 23 -4.36 2.77 -5.70
HB23 LMQ A 23 -4.20 3.02 -3.98
HG2 LMQ A 23 -2.16 0.93 -6.39
HG3 LMQ A 23 -2.92 -0.57 -5.88
HE21 LMQ A 23 -6.06 0.75 -7.50
HE22 LMQ A 23 -5.72 -0.06 -5.98
N DHV A 24 -3.07 -0.58 -1.60
CA DHV A 24 -3.58 -1.68 -0.80
CB DHV A 24 -5.13 -1.44 -0.67
CG1 DHV A 24 -5.87 -1.81 -1.96
CG2 DHV A 24 -5.79 -2.24 0.47
OG3 DHV A 24 -5.39 -0.08 -0.43
C DHV A 24 -2.89 -1.72 0.56
O DHV A 24 -2.46 -0.69 1.09
H DHV A 24 -2.81 0.26 -1.09
HA DHV A 24 -3.39 -2.61 -1.33
HG11 DHV A 24 -5.65 -2.84 -2.25
HG12 DHV A 24 -6.95 -1.70 -1.82
HG13 DHV A 24 -5.59 -1.14 -2.78
HG21 DHV A 24 -6.87 -2.05 0.47
HG22 DHV A 24 -5.62 -3.30 0.34
HG23 DHV A 24 -5.41 -1.92 1.44
HOG3 DHV A 24 -4.57 0.40 -0.60
N ALA A 25 -2.80 -2.92 1.14
CA ALA A 25 -2.26 -3.18 2.45
C ALA A 25 -0.74 -3.32 2.51
N GLY A 26 -0.07 -2.34 3.14
CA GLY A 26 1.36 -2.35 3.31
C GLY A 26 1.95 -0.95 3.31
N GLY A 27 2.33 -0.43 2.15
CA GLY A 27 2.91 0.91 2.07
C GLY A 27 2.55 1.62 0.78
N MND A 28 1.81 2.73 0.85
CA MND A 28 1.45 3.50 -0.33
CB MND A 28 2.55 4.57 -0.54
CG MND A 28 2.37 5.39 -1.80
OD1 MND A 28 1.53 5.10 -2.65
ND2 MND A 28 3.39 6.21 -2.11
CE2 MND A 28 3.40 7.19 -3.19
C MND A 28 0.08 4.14 -0.11
O MND A 28 -0.01 5.11 0.64
H MND A 28 1.48 3.05 1.75
HA MND A 28 1.41 2.87 -1.20
HB2 MND A 28 2.59 5.23 0.32
HB3 MND A 28 3.51 4.04 -0.60
HD2 MND A 28 4.03 6.37 -1.34
HE21 MND A 28 2.74 6.86 -3.99
HE22 MND A 28 4.41 7.30 -3.56
HE23 MND A 28 3.04 8.14 -2.79
N ILE A 29 -1.00 3.51 -0.59
CA ILE A 29 -2.34 4.05 -0.44
C ILE A 29 -3.25 2.95 0.13
O HTN A 30 -4.96 3.26 4.05
C HTN A 30 -4.61 2.30 3.35
CE HTN A 30 -9.62 0.69 1.68
N HTN A 30 -3.95 3.24 1.23
CA HTN A 30 -4.87 2.29 1.86
CB HTN A 30 -6.31 2.63 1.44
OG HTN A 30 -6.43 2.52 0.03
CG HTN A 30 -7.39 1.74 2.05
OD1 HTN A 30 -7.42 1.46 3.26
ND2 HTN A 30 -8.40 1.39 1.26
HE1 HTN A 30 -9.80 0.89 2.74
HE2 HTN A 30 -9.50 -0.38 1.52
HE3 HTN A 30 -10.47 1.07 1.11
H HTN A 30 -3.83 4.15 1.65
HA HTN A 30 -4.65 1.28 1.51
HB3 HTN A 30 -6.50 3.67 1.75
HOG HTN A 30 -6.14 1.62 -0.20
HD22 HTN A 30 -8.32 1.87 0.33
N TBG A 31 -3.93 1.26 3.84
CA TBG A 31 -3.56 1.08 5.23
CB TBG A 31 -4.40 -0.06 5.91
CG1 TBG A 31 -4.16 -0.01 7.43
CG2 TBG A 31 -5.91 0.10 5.66
CG3 TBG A 31 -4.07 -1.47 5.40
C TBG A 31 -2.05 0.84 5.24
O TBG A 31 -1.57 0.01 4.46
H TBG A 31 -3.65 0.51 3.23
HA TBG A 31 -3.77 2.01 5.76
HG11 TBG A 31 -4.72 -0.79 7.93
HG12 TBG A 31 -3.10 -0.14 7.66
HG13 TBG A 31 -4.47 0.94 7.83
HG21 TBG A 31 -6.22 1.12 5.79
HG22 TBG A 31 -6.16 -0.19 4.64
HG23 TBG A 31 -6.49 -0.54 6.34
HG31 TBG A 31 -4.72 -2.20 5.88
HG32 TBG A 31 -3.03 -1.72 5.62
HG33 TBG A 31 -4.22 -1.52 4.32
N DHV A 32 -1.32 1.56 6.10
CA DHV A 32 0.13 1.38 6.19
CB DHV A 32 0.45 0.42 7.37
CG1 DHV A 32 -0.02 -1.02 7.08
CG2 DHV A 32 1.94 0.36 7.70
OG3 DHV A 32 -0.24 0.80 8.55
C DHV A 32 0.84 2.74 6.22
O DHV A 32 0.46 3.66 6.94
H DHV A 32 -1.76 2.23 6.71
HA DHV A 32 0.45 0.90 5.28
HG11 DHV A 32 -1.09 -1.06 6.97
HG12 DHV A 32 0.44 -1.37 6.16
HG13 DHV A 32 0.29 -1.69 7.88
HG21 DHV A 32 2.11 -0.37 8.49
HG22 DHV A 32 2.51 0.06 6.82
HG23 DHV A 32 2.29 1.33 8.03
HOG3 DHV A 32 -0.07 1.74 8.74
N GLY A 33 2.00 2.82 5.56
CA GLY A 33 2.80 4.02 5.48
C GLY A 33 2.47 4.73 4.16
N MND A 34 1.96 5.96 4.23
CA MND A 34 1.61 6.76 3.06
CB MND A 34 2.69 7.80 2.78
CG MND A 34 2.31 8.75 1.63
OD1 MND A 34 1.79 8.31 0.61
ND2 MND A 34 2.67 10.03 1.75
CE2 MND A 34 2.36 11.04 0.76
C MND A 34 0.26 7.42 3.31
O MND A 34 0.00 7.91 4.43
H MND A 34 1.78 6.38 5.13
HA MND A 34 1.53 6.13 2.19
HB2 MND A 34 2.86 8.39 3.69
HB3 MND A 34 3.61 7.28 2.53
HD2 MND A 34 3.07 10.36 2.63
HE21 MND A 34 2.71 12.02 1.11
HE22 MND A 34 1.29 11.09 0.60
HE23 MND A 34 2.86 10.80 -0.19
N ILE A 35 -0.59 7.50 2.30
CA ILE A 35 -1.90 8.11 2.40
C ILE A 35 -2.96 7.05 2.76
N MND A 36 -4.03 7.47 3.45
CA MND A 36 -5.13 6.59 3.86
CB MND A 36 -6.43 7.01 3.16
CG MND A 36 -7.63 6.25 3.74
OD1 MND A 36 -8.06 5.24 3.20
ND2 MND A 36 -8.18 6.73 4.86
CE2 MND A 36 -9.18 6.03 5.65
C MND A 36 -5.23 6.66 5.37
O MND A 36 -5.64 7.67 5.94
H MND A 36 -4.05 8.43 3.75
HA MND A 36 -4.93 5.57 3.55
HB2 MND A 36 -6.58 8.08 3.28
HB3 MND A 36 -6.35 6.79 2.10
HD2 MND A 36 -7.62 7.46 5.32
HE21 MND A 36 -8.78 5.07 5.98
HE22 MND A 36 -10.08 5.86 5.05
HE23 MND A 36 -9.45 6.62 6.53
N VAL A 37 -4.84 5.58 6.03
CA VAL A 37 -4.84 5.44 7.48
C VAL A 37 -3.48 4.85 7.85
O HTN A 38 -1.06 7.29 10.03
C HTN A 38 -0.61 6.32 9.42
CE HTN A 38 -0.32 3.74 13.30
N HTN A 38 -2.79 5.48 8.80
CA HTN A 38 -1.47 5.07 9.27
CB HTN A 38 -1.52 4.29 10.59
OG HTN A 38 -2.59 3.37 10.61
CG HTN A 38 -0.18 3.55 10.81
OD1 HTN A 38 0.47 3.09 9.87
ND2 HTN A 38 0.27 3.30 12.04
HE1 HTN A 38 0.21 3.27 14.14
HE2 HTN A 38 -1.37 3.45 13.34
HE3 HTN A 38 -0.25 4.83 13.40
H HTN A 38 -3.23 6.25 9.30
HA HTN A 38 -1.04 4.44 8.50
HB3 HTN A 38 -1.67 5.01 11.40
HOG HTN A 38 -3.17 3.71 11.33
HD22 HTN A 38 1.11 2.71 12.02
N ALA A 39 0.65 6.27 8.97
CA ALA A 39 1.56 7.40 9.06
C ALA A 39 1.78 7.96 7.66
N MND A 40 1.64 9.27 7.51
CA MND A 40 1.80 9.99 6.25
CB MND A 40 3.22 10.56 6.14
CG MND A 40 3.46 11.32 4.83
OD1 MND A 40 2.63 12.05 4.33
ND2 MND A 40 4.69 11.28 4.33
CE2 MND A 40 5.16 12.00 3.14
C MND A 40 0.74 11.08 6.17
O MND A 40 0.91 12.16 6.73
H MND A 40 1.31 9.81 8.31
HA MND A 40 1.66 9.31 5.42
HB2 MND A 40 3.41 11.22 6.98
HB3 MND A 40 3.93 9.72 6.22
HD2 MND A 40 5.35 10.61 4.74
HE21 MND A 40 5.88 11.37 2.60
HE22 MND A 40 5.67 12.91 3.42
HE23 MND A 40 4.32 12.24 2.49
N VAL A 41 -0.39 10.79 5.53
CA VAL A 41 -1.47 11.75 5.38
C VAL A 41 -2.83 11.05 5.43
N DSN A 42 -3.67 11.50 6.35
CA DSN A 42 -5.02 11.00 6.54
C DSN A 42 -5.27 10.74 8.03
O DSN A 42 -5.05 11.61 8.88
CB DSN A 42 -5.92 12.10 5.97
OG DSN A 42 -7.30 11.79 5.94
H DSN A 42 -3.40 12.29 6.92
HA DSN A 42 -5.16 10.09 5.96
HB2 DSN A 42 -5.79 13.01 6.56
HB3 DSN A 42 -5.61 12.32 4.95
HG DSN A 42 -7.73 12.67 5.94
N VAL A 43 -5.78 9.56 8.34
CA VAL A 43 -6.12 9.16 9.70
C VAL A 43 -4.92 8.50 10.40
N DSG A 44 -4.40 9.12 11.46
CA DSG A 44 -3.28 8.60 12.23
C DSG A 44 -2.26 9.68 12.57
O DSG A 44 -2.56 10.53 13.42
CB DSG A 44 -3.83 7.97 13.52
CG DSG A 44 -2.71 7.26 14.28
OD1 DSG A 44 -2.58 6.05 14.12
ND2 DSG A 44 -1.91 7.96 15.04
H DSG A 44 -4.77 10.02 11.75
HA DSG A 44 -2.78 7.81 11.67
HB2 DSG A 44 -4.26 8.74 14.16
HB3 DSG A 44 -4.61 7.25 13.28
HD21 DSG A 44 -1.13 7.51 15.51
HD22 DSG A 44 -2.02 8.96 15.13
N M2S A 45 -1.07 9.62 12.00
CA M2S A 45 0.01 10.56 12.24
CB M2S A 45 1.13 9.88 13.11
CG1 M2S A 45 1.19 8.34 12.92
CG2 M2S A 45 2.55 10.40 12.80
CG M2S A 45 0.82 10.25 14.57
SD M2S A 45 1.82 9.49 15.89
OE M2S A 45 0.89 7.92 16.10
CE M2S A 45 1.17 10.41 17.29
C M2S A 45 0.50 11.13 10.91
O M2S A 45 0.52 10.44 9.88
H M2S A 45 -0.89 8.90 11.30
HA M2S A 45 -0.40 11.41 12.80
HG11 M2S A 45 2.06 7.91 13.43
HG12 M2S A 45 0.30 7.86 13.33
HG13 M2S A 45 1.26 8.10 11.86
HG21 M2S A 45 2.62 11.48 12.95
HG22 M2S A 45 2.83 10.17 11.77
HG23 M2S A 45 3.30 9.93 13.44
HG2 M2S A 45 -0.22 10.02 14.79
HG3 M2S A 45 0.93 11.33 14.68
HE1 M2S A 45 1.57 10.00 18.22
HE2 M2S A 45 1.45 11.46 17.20
HE3 M2S A 45 0.09 10.32 17.32
N DSG A 46 0.99 12.37 10.95
CA DSG A 46 1.53 13.10 9.82
C DSG A 46 0.66 14.31 9.55
O DSG A 46 0.70 15.30 10.29
CB DSG A 46 2.98 13.52 10.09
CG DSG A 46 3.99 12.61 9.42
OD1 DSG A 46 4.21 11.47 9.82
ND2 DSG A 46 4.73 13.11 8.44
H DSG A 46 0.94 12.86 11.84
HA DSG A 46 1.54 12.46 8.95
HB2 DSG A 46 3.14 14.53 9.71
HB3 DSG A 46 3.17 13.55 11.16
HD21 DSG A 46 4.49 14.01 8.05
HD22 DSG A 46 5.51 12.58 8.06
N GLN A 47 -0.14 14.24 8.50
CA GLN A 47 -1.03 15.30 8.05
C GLN A 47 -2.47 14.83 8.13
N 2TL A 48 -3.22 15.25 9.13
CA 2TL A 48 -4.62 14.87 9.23
CB 2TL A 48 -5.41 15.90 8.39
OG1 2TL A 48 -4.98 17.23 8.64
CG2 2TL A 48 -6.92 15.85 8.60
C 2TL A 48 -5.11 14.76 10.66
O 2TL A 48 -4.96 15.70 11.44
H 2TL A 48 -2.89 15.91 9.82
HA 2TL A 48 -4.76 13.91 8.74
HB 2TL A 48 -5.21 15.69 7.34
HG1 2TL A 48 -5.32 17.49 9.51
HG21 2TL A 48 -7.30 14.88 8.26
HG22 2TL A 48 -7.35 16.65 8.03
HG23 2TL A 48 -7.17 16.00 9.64
N THR A 49 -5.74 13.63 10.99
CA THR A 49 -6.32 13.38 12.29
C THR A 49 -5.61 12.21 12.98
C MHE A 1 9.35 -12.13 -9.31
O MHE A 1 9.97 -12.76 -10.16
CA MHE A 1 9.91 -11.15 -8.42
O2 MHE A 1 9.46 -10.93 -7.29
C3 MHE A 1 10.65 -10.06 -9.19
C4 MHE A 1 12.12 -10.43 -9.41
C5 MHE A 1 12.82 -9.62 -10.52
C6 MHE A 1 12.73 -8.11 -10.27
C7 MHE A 1 12.25 -9.93 -11.91
C8 MHE A 1 14.31 -10.01 -10.53
H1 MHE A 1 10.14 -9.90 -10.14
H3A MHE A 1 10.60 -9.14 -8.62
H4 MHE A 1 12.65 -10.30 -8.46
H4A MHE A 1 12.19 -11.50 -9.66
H6 MHE A 1 13.31 -7.59 -11.02
H6A MHE A 1 13.10 -7.89 -9.27
H6B MHE A 1 11.68 -7.79 -10.35
H7 MHE A 1 12.85 -9.46 -12.68
H7A MHE A 1 11.22 -9.57 -12.01
H7B MHE A 1 12.25 -11.01 -12.09
H8 MHE A 1 14.75 -9.88 -9.55
H8A MHE A 1 14.43 -11.03 -10.87
H8B MHE A 1 14.85 -9.37 -11.23
N GLY A 2 8.04 -11.90 -9.30
CA GLY A 2 7.18 -12.18 -10.44
C GLY A 2 6.67 -10.89 -11.03
N I2M A 3 6.03 -10.97 -12.20
CA I2M A 3 5.43 -9.86 -12.95
CB I2M A 3 6.27 -9.57 -14.25
CG3 I2M A 3 6.56 -10.87 -15.04
CG2 I2M A 3 5.49 -8.66 -15.23
CG1 I2M A 3 7.64 -8.93 -13.92
CD1 I2M A 3 7.61 -7.42 -13.67
C I2M A 3 3.99 -10.27 -13.25
O I2M A 3 3.74 -11.43 -13.64
H I2M A 3 5.97 -11.87 -12.63
HA I2M A 3 5.43 -8.97 -12.33
HG31 I2M A 3 5.63 -11.37 -15.29
HG32 I2M A 3 7.19 -11.54 -14.46
HG33 I2M A 3 7.08 -10.63 -15.96
HG21 I2M A 3 4.62 -9.18 -15.64
HG22 I2M A 3 5.14 -7.77 -14.70
HG23 I2M A 3 6.13 -8.36 -16.05
HG12 I2M A 3 8.07 -9.41 -13.04
HG13 I2M A 3 8.34 -9.10 -14.74
HD11 I2M A 3 7.54 -6.89 -14.62
HD12 I2M A 3 6.75 -7.14 -13.06
HD13 I2M A 3 8.53 -7.10 -13.16
N GLY A 4 3.05 -9.34 -13.17
CA GLY A 4 1.65 -9.58 -13.47
C GLY A 4 0.79 -9.82 -12.25
N TBG A 5 -0.33 -10.52 -12.44
CA TBG A 5 -1.26 -10.85 -11.37
CB TBG A 5 -2.70 -10.94 -11.94
CG1 TBG A 5 -3.03 -9.71 -12.81
CG2 TBG A 5 -2.94 -12.18 -12.81
CG3 TBG A 5 -3.73 -10.95 -10.79
C TBG A 5 -0.76 -12.12 -10.65
O TBG A 5 -0.23 -13.02 -11.31
H TBG A 5 -0.49 -10.95 -13.35
HA TBG A 5 -1.24 -10.02 -10.65
HG11 TBG A 5 -2.81 -8.79 -12.27
HG12 TBG A 5 -2.45 -9.71 -13.73
HG13 TBG A 5 -4.09 -9.69 -13.08
HG21 TBG A 5 -2.27 -12.18 -13.67
HG22 TBG A 5 -2.78 -13.10 -12.26
HG23 TBG A 5 -3.97 -12.17 -13.21
HG31 TBG A 5 -4.75 -10.90 -11.18
HG32 TBG A 5 -3.56 -10.09 -10.14
HG33 TBG A 5 -3.62 -11.85 -10.19
N TDD A 6 -0.95 -12.20 -9.34
CA TDD A 6 -0.55 -13.33 -8.50
CB TDD A 6 -1.83 -14.11 -8.03
CG1 TDD A 6 -1.41 -15.21 -7.04
CG2 TDD A 6 -2.87 -13.21 -7.35
CG3 TDD A 6 -2.53 -14.77 -9.21
C TDD A 6 0.36 -12.82 -7.38
O TDD A 6 -0.02 -12.01 -6.55
H TDD A 6 -1.37 -11.43 -8.84
HA TDD A 6 0.03 -14.02 -9.11
HG11 TDD A 6 -2.26 -15.86 -6.82
HG12 TDD A 6 -0.61 -15.81 -7.45
HG13 TDD A 6 -1.09 -14.77 -6.09
HG21 TDD A 6 -3.25 -12.45 -8.02
HG22 TDD A 6 -3.71 -13.82 -7.00
HG23 TDD A 6 -2.44 -12.72 -6.48
HG31 TDD A 6 -3.40 -15.35 -8.87
HG32 TDD A 6 -1.86 -15.46 -9.72
HG33 TDD A 6 -2.87 -14.03 -9.93
N TBG A 7 1.63 -13.24 -7.41
CA TBG A 7 2.66 -12.90 -6.45
CB TBG A 7 3.05 -14.17 -5.62
CG1 TBG A 7 1.98 -14.46 -4.56
CG2 TBG A 7 3.13 -15.44 -6.50
CG3 TBG A 7 4.39 -13.97 -4.88
C TBG A 7 3.83 -12.22 -7.20
O TBG A 7 4.42 -12.84 -8.08
H TBG A 7 1.90 -13.90 -8.12
HA TBG A 7 2.26 -12.16 -5.74
HG11 TBG A 7 1.98 -13.66 -3.82
HG12 TBG A 7 0.99 -14.53 -5.01
HG13 TBG A 7 2.19 -15.40 -4.05
HG21 TBG A 7 3.83 -15.28 -7.33
HG22 TBG A 7 3.47 -16.29 -5.90
HG23 TBG A 7 2.16 -15.68 -6.89
HG31 TBG A 7 4.60 -14.82 -4.23
HG32 TBG A 7 4.33 -13.09 -4.24
HG33 TBG A 7 5.22 -13.84 -5.57
N DAL A 8 4.12 -10.97 -6.88
CA DAL A 8 5.18 -10.16 -7.50
CB DAL A 8 6.44 -10.21 -6.62
C DAL A 8 4.72 -8.72 -7.70
O DAL A 8 3.96 -8.21 -6.87
H DAL A 8 3.59 -10.49 -6.16
HA DAL A 8 5.41 -10.58 -8.47
HB1 DAL A 8 6.77 -11.23 -6.51
HB2 DAL A 8 7.21 -9.60 -7.08
HB3 DAL A 8 6.21 -9.80 -5.63
N TBG A 9 5.32 -8.02 -8.65
CA TBG A 9 5.01 -6.64 -9.00
CB TBG A 9 6.27 -5.87 -9.50
CG1 TBG A 9 7.25 -6.76 -10.28
CG2 TBG A 9 5.89 -4.65 -10.37
CG3 TBG A 9 7.09 -5.31 -8.33
C TBG A 9 3.84 -6.76 -10.00
O TBG A 9 3.96 -7.45 -11.02
H TBG A 9 5.94 -8.49 -9.31
HA TBG A 9 4.64 -6.12 -8.10
HG11 TBG A 9 7.99 -6.16 -10.82
HG12 TBG A 9 7.78 -7.44 -9.62
HG13 TBG A 9 6.69 -7.36 -11.00
HG21 TBG A 9 5.17 -4.02 -9.84
HG22 TBG A 9 6.78 -4.05 -10.58
HG23 TBG A 9 5.47 -4.98 -11.32
HG31 TBG A 9 6.55 -4.49 -7.86
HG32 TBG A 9 8.05 -4.93 -8.67
HG33 TBG A 9 7.27 -6.10 -7.59
N TDD A 10 2.74 -6.05 -9.74
CA TDD A 10 1.55 -6.06 -10.58
CB TDD A 10 1.54 -4.97 -11.69
CG1 TDD A 10 1.94 -3.57 -11.19
CG2 TDD A 10 2.52 -5.37 -12.81
CG3 TDD A 10 0.16 -4.88 -12.38
C TDD A 10 0.34 -6.04 -9.64
O TDD A 10 -0.03 -4.99 -9.11
H TDD A 10 2.70 -5.51 -8.88
HA TDD A 10 1.52 -7.01 -11.10
HG11 TDD A 10 1.92 -2.86 -12.03
HG12 TDD A 10 1.23 -3.23 -10.45
HG13 TDD A 10 2.94 -3.58 -10.77
HG21 TDD A 10 2.32 -6.38 -13.14
HG22 TDD A 10 2.43 -4.71 -13.66
HG23 TDD A 10 3.55 -5.33 -12.45
HG31 TDD A 10 -0.59 -4.52 -11.68
HG32 TDD A 10 -0.14 -5.86 -12.74
HG33 TDD A 10 0.19 -4.19 -13.22
N ALA A 11 -0.27 -7.20 -9.39
CA ALA A 11 -1.42 -7.29 -8.52
C ALA A 11 -1.43 -8.59 -7.71
N GLY A 12 -2.19 -8.57 -6.61
CA GLY A 12 -2.38 -9.66 -5.68
C GLY A 12 -1.55 -9.44 -4.43
N ALA A 13 -0.32 -9.93 -4.43
CA ALA A 13 0.58 -9.81 -3.30
C ALA A 13 1.99 -9.48 -3.79
N TDD A 14 2.80 -8.86 -2.94
CA TDD A 14 4.17 -8.47 -3.22
CB TDD A 14 5.16 -9.17 -2.23
CG1 TDD A 14 4.82 -8.96 -0.74
CG2 TDD A 14 5.15 -10.68 -2.51
CG3 TDD A 14 6.61 -8.68 -2.47
C TDD A 14 4.22 -6.93 -3.31
O TDD A 14 4.42 -6.23 -2.32
H TDD A 14 2.41 -8.55 -2.05
HA TDD A 14 4.44 -8.84 -4.21
HG11 TDD A 14 3.82 -9.35 -0.52
HG12 TDD A 14 5.54 -9.49 -0.11
HG13 TDD A 14 4.84 -7.91 -0.48
HG21 TDD A 14 5.88 -11.19 -1.88
HG22 TDD A 14 4.16 -11.10 -2.29
HG23 TDD A 14 5.39 -10.88 -3.54
HG31 TDD A 14 6.71 -7.63 -2.21
HG32 TDD A 14 6.87 -8.80 -3.52
HG33 TDD A 14 7.31 -9.26 -1.88
N ALA A 15 4.02 -6.42 -4.52
CA ALA A 15 4.02 -5.00 -4.81
C ALA A 15 3.01 -4.70 -5.91
N MND A 16 2.51 -3.46 -5.98
CA MND A 16 1.53 -3.08 -6.99
CB MND A 16 2.04 -1.98 -7.93
CG MND A 16 2.68 -0.77 -7.27
OD1 MND A 16 3.32 -0.87 -6.23
ND2 MND A 16 2.91 0.28 -8.06
CE2 MND A 16 3.36 1.56 -7.52
C MND A 16 0.18 -2.76 -6.35
O MND A 16 0.10 -1.93 -5.45
H MND A 16 2.78 -2.73 -5.33
HA MND A 16 1.36 -3.93 -7.64
HB2 MND A 16 2.80 -2.43 -8.58
HB3 MND A 16 1.21 -1.66 -8.56
HD2 MND A 16 2.36 0.30 -8.92
HE21 MND A 16 3.79 1.38 -6.52
HE22 MND A 16 2.50 2.22 -7.39
HE23 MND A 16 4.10 2.03 -8.17
N HVA A 17 -0.83 -3.57 -6.67
CA HVA A 17 -2.20 -3.41 -6.19
CB HVA A 17 -3.09 -2.97 -7.38
CG1 HVA A 17 -4.53 -2.74 -6.91
CG2 HVA A 17 -2.54 -1.72 -8.09
OG3 HVA A 17 -3.10 -3.97 -8.37
C HVA A 17 -2.70 -4.69 -5.49
O HVA A 17 -2.95 -5.70 -6.17
H HVA A 17 -0.69 -4.22 -7.44
HA HVA A 17 -2.22 -2.61 -5.45
HG11 HVA A 17 -4.98 -3.67 -6.59
HG12 HVA A 17 -4.54 -2.06 -6.07
HG13 HVA A 17 -5.14 -2.32 -7.72
HG21 HVA A 17 -1.65 -1.97 -8.67
HG22 HVA A 17 -3.28 -1.31 -8.78
HG23 HVA A 17 -2.27 -0.95 -7.38
HOG3 HVA A 17 -2.99 -4.81 -7.92
N GLY A 18 -2.89 -4.66 -4.17
CA GLY A 18 -3.37 -5.81 -3.40
C GLY A 18 -2.82 -5.81 -1.98
N ALA A 19 -1.71 -6.51 -1.72
CA ALA A 19 -1.10 -6.54 -0.39
C ALA A 19 0.42 -6.57 -0.46
N GLY A 20 1.03 -5.56 0.16
CA GLY A 20 2.46 -5.35 0.24
C GLY A 20 2.79 -3.87 -0.03
N TBG A 21 3.88 -3.61 -0.78
CA TBG A 21 4.30 -2.25 -1.10
CB TBG A 21 5.85 -2.12 -1.15
CG1 TBG A 21 6.24 -0.64 -1.34
CG2 TBG A 21 6.45 -2.56 0.20
CG3 TBG A 21 6.53 -2.98 -2.22
C TBG A 21 3.53 -1.74 -2.33
O TBG A 21 3.73 -2.22 -3.44
H TBG A 21 4.37 -4.38 -1.21
HA TBG A 21 3.99 -1.62 -0.27
HG11 TBG A 21 7.33 -0.53 -1.33
HG12 TBG A 21 5.88 -0.28 -2.30
HG13 TBG A 21 5.82 -0.03 -0.56
HG21 TBG A 21 6.39 -3.65 0.29
HG22 TBG A 21 7.50 -2.29 0.25
HG23 TBG A 21 5.92 -2.08 1.02
HG31 TBG A 21 6.27 -4.03 -2.10
HG32 TBG A 21 7.62 -2.89 -2.13
HG33 TBG A 21 6.25 -2.64 -3.21
N MND A 22 2.64 -0.77 -2.14
CA MND A 22 1.80 -0.20 -3.20
CB MND A 22 2.40 1.10 -3.76
CG MND A 22 1.46 1.76 -4.79
OD1 MND A 22 0.86 1.09 -5.62
ND2 MND A 22 1.25 3.07 -4.67
CE2 MND A 22 0.48 3.85 -5.64
C MND A 22 0.43 0.09 -2.60
O MND A 22 0.33 0.32 -1.40
H MND A 22 2.49 -0.39 -1.20
HA MND A 22 1.70 -0.91 -4.01
HB2 MND A 22 2.60 1.77 -2.93
HB3 MND A 22 3.35 0.87 -4.25
HD2 MND A 22 1.69 3.54 -3.88
HE21 MND A 22 -0.16 3.19 -6.23
HE22 MND A 22 1.17 4.35 -6.31
HE23 MND A 22 -0.14 4.57 -5.11
N LMQ A 23 -0.62 0.09 -3.43
CA LMQ A 23 -1.94 0.33 -2.88
CB LMQ A 23 -2.93 1.06 -3.81
CB2 LMQ A 23 -2.28 2.23 -4.55
CG LMQ A 23 -3.68 0.17 -4.81
CD LMQ A 23 -4.76 0.94 -5.56
OE1 LMQ A 23 -4.73 1.07 -6.79
NE2 LMQ A 23 -5.65 1.59 -4.86
C LMQ A 23 -2.42 -1.01 -2.37
O LMQ A 23 -2.25 -2.05 -3.03
H LMQ A 23 -0.48 -0.12 -4.41
HA LMQ A 23 -1.82 0.99 -2.03
HB3 LMQ A 23 -3.68 1.48 -3.14
HB21 LMQ A 23 -1.75 1.86 -5.43
HB22 LMQ A 23 -3.07 2.92 -4.87
HB23 LMQ A 23 -1.56 2.72 -3.92
HG2 LMQ A 23 -2.97 -0.21 -5.53
HG3 LMQ A 23 -4.16 -0.67 -4.31
HE21 LMQ A 23 -6.16 2.32 -5.33
HE22 LMQ A 23 -5.72 1.52 -3.85
N DHV A 24 -3.12 -0.99 -1.25
CA DHV A 24 -3.61 -2.18 -0.62
CB DHV A 24 -5.13 -2.40 -0.86
CG1 DHV A 24 -5.99 -1.37 -0.12
CG2 DHV A 24 -5.50 -2.33 -2.35
OG3 DHV A 24 -5.53 -3.68 -0.42
C DHV A 24 -3.17 -2.19 0.84
O DHV A 24 -2.95 -1.13 1.46
H DHV A 24 -3.21 -0.11 -0.75
HA DHV A 24 -3.08 -2.99 -1.08
HG11 DHV A 24 -5.84 -1.47 0.95
HG12 DHV A 24 -5.73 -0.36 -0.43
HG13 DHV A 24 -7.05 -1.54 -0.33
HG21 DHV A 24 -4.84 -2.97 -2.94
HG22 DHV A 24 -6.53 -2.68 -2.51
HG23 DHV A 24 -5.44 -1.31 -2.71
HOG3 DHV A 24 -4.85 -4.32 -0.70
N ALA A 25 -3.08 -3.39 1.40
CA ALA A 25 -2.69 -3.61 2.78
C ALA A 25 -1.17 -3.80 2.90
N GLY A 26 -0.50 -2.88 3.60
CA GLY A 26 0.94 -2.97 3.79
C GLY A 26 1.57 -1.61 4.02
N GLY A 27 2.17 -1.04 2.98
CA GLY A 27 2.81 0.26 3.02
C GLY A 27 2.63 0.93 1.66
N MND A 28 2.09 2.15 1.64
CA MND A 28 1.87 2.89 0.40
CB MND A 28 3.01 3.88 0.13
CG MND A 28 2.78 4.65 -1.18
OD1 MND A 28 2.53 4.06 -2.23
ND2 MND A 28 3.05 5.96 -1.21
CE2 MND A 28 2.90 6.80 -2.39
C MND A 28 0.54 3.61 0.51
O MND A 28 0.47 4.66 1.17
H MND A 28 1.76 2.59 2.49
HA MND A 28 1.82 2.20 -0.44
HB2 MND A 28 3.10 4.57 0.96
HB3 MND A 28 3.93 3.33 0.03
HD2 MND A 28 3.19 6.44 -0.30
HE21 MND A 28 3.60 6.48 -3.17
HE22 MND A 28 3.12 7.83 -2.13
HE23 MND A 28 1.88 6.71 -2.75
N ILE A 29 -0.52 3.03 -0.04
CA ILE A 29 -1.85 3.63 -0.02
C ILE A 29 -2.84 2.62 0.53
O HTN A 30 -5.04 3.04 4.31
C HTN A 30 -4.49 2.10 3.71
CE HTN A 30 -8.97 -0.01 1.23
N HTN A 30 -3.54 2.95 1.61
CA HTN A 30 -4.51 2.02 2.19
CB HTN A 30 -5.91 2.27 1.63
OG HTN A 30 -5.88 2.37 0.21
CG HTN A 30 -6.88 1.13 1.97
OD1 HTN A 30 -6.62 0.27 2.80
ND2 HTN A 30 -7.96 1.05 1.21
HE1 HTN A 30 -9.91 0.37 1.62
HE2 HTN A 30 -8.63 -0.85 1.86
HE3 HTN A 30 -9.12 -0.39 0.22
H HTN A 30 -3.34 3.84 2.05
HA HTN A 30 -4.23 1.00 1.92
HB3 HTN A 30 -6.27 3.21 2.04
HOG HTN A 30 -5.16 1.80 -0.09
HD22 HTN A 30 -7.99 1.89 0.58
N TBG A 31 -3.83 1.14 4.34
CA TBG A 31 -3.67 1.02 5.79
CB TBG A 31 -4.76 0.09 6.40
CG1 TBG A 31 -4.80 -1.31 5.75
CG2 TBG A 31 -4.54 -0.04 7.91
CG3 TBG A 31 -6.17 0.69 6.24
C TBG A 31 -2.21 0.55 5.96
O TBG A 31 -1.77 -0.34 5.24
H TBG A 31 -3.39 0.39 3.82
HA TBG A 31 -3.76 2.01 6.23
HG11 TBG A 31 -5.10 -1.23 4.70
HG12 TBG A 31 -3.81 -1.76 5.79
HG13 TBG A 31 -5.51 -1.94 6.27
HG21 TBG A 31 -5.32 -0.66 8.37
HG22 TBG A 31 -3.57 -0.50 8.10
HG23 TBG A 31 -4.56 0.95 8.38
HG31 TBG A 31 -6.45 0.72 5.19
HG32 TBG A 31 -6.22 1.70 6.64
HG33 TBG A 31 -6.91 0.08 6.76
N DHV A 32 -1.51 1.07 6.97
CA DHV A 32 -0.12 0.76 7.24
CB DHV A 32 0.09 -0.36 8.30
CG1 DHV A 32 -0.40 0.00 9.71
CG2 DHV A 32 -0.58 -1.69 7.88
OG3 DHV A 32 1.47 -0.67 8.41
C DHV A 32 0.55 2.11 7.54
O DHV A 32 0.30 2.72 8.58
H DHV A 32 -1.92 1.81 7.53
HA DHV A 32 0.31 0.39 6.31
HG11 DHV A 32 -0.40 -0.88 10.36
HG12 DHV A 32 0.25 0.75 10.16
HG13 DHV A 32 -1.41 0.39 9.66
HG21 DHV A 32 -1.66 -1.57 7.88
HG22 DHV A 32 -0.25 -1.97 6.88
HG23 DHV A 32 -0.32 -2.49 8.57
HOG3 DHV A 32 1.79 -0.89 7.52
N GLY A 33 1.33 2.60 6.58
CA GLY A 33 2.05 3.86 6.57
C GLY A 33 1.93 4.45 5.17
N MND A 34 2.16 5.76 5.03
CA MND A 34 2.07 6.46 3.76
CB MND A 34 3.26 7.38 3.54
CG MND A 34 3.30 7.76 2.07
OD1 MND A 34 3.94 7.04 1.29
ND2 MND A 34 2.53 8.75 1.64
CE2 MND A 34 2.41 9.17 0.25
C MND A 34 0.76 7.25 3.75
O MND A 34 0.51 8.05 4.65
H MND A 34 2.42 6.33 5.84
HA MND A 34 2.05 5.74 2.94
HB2 MND A 34 3.19 8.28 4.16
HB3 MND A 34 4.18 6.86 3.79
HD2 MND A 34 2.09 9.34 2.34
HE21 MND A 34 1.99 10.17 0.20
HE22 MND A 34 1.76 8.47 -0.29
HE23 MND A 34 3.39 9.16 -0.23
N ILE A 35 -0.12 6.98 2.80
CA ILE A 35 -1.41 7.64 2.67
C ILE A 35 -2.53 6.65 2.96
N MND A 36 -3.62 7.11 3.56
CA MND A 36 -4.79 6.32 3.91
CB MND A 36 -5.99 6.85 3.14
CG MND A 36 -7.28 6.15 3.54
OD1 MND A 36 -7.77 5.27 2.83
ND2 MND A 36 -7.83 6.50 4.70
CE2 MND A 36 -8.96 5.82 5.29
C MND A 36 -4.93 6.40 5.43
O MND A 36 -5.26 7.47 5.95
H MND A 36 -3.63 8.10 3.81
HA MND A 36 -4.66 5.28 3.61
HB2 MND A 36 -6.08 7.92 3.29
HB3 MND A 36 -5.82 6.68 2.07
HD2 MND A 36 -7.29 7.13 5.28
HE21 MND A 36 -9.80 5.80 4.60
HE22 MND A 36 -9.26 6.31 6.22
HE23 MND A 36 -8.68 4.79 5.53
N VAL A 37 -4.56 5.33 6.13
CA VAL A 37 -4.59 5.23 7.58
C VAL A 37 -3.17 4.87 8.02
O HTN A 38 -1.13 7.95 9.61
C HTN A 38 -0.49 6.92 9.41
CE HTN A 38 2.09 3.25 11.47
N HTN A 38 -2.55 5.74 8.84
CA HTN A 38 -1.21 5.56 9.35
CB HTN A 38 -1.27 4.91 10.74
OG HTN A 38 -1.83 3.60 10.63
CG HTN A 38 0.11 4.76 11.37
OD1 HTN A 38 0.60 5.58 12.13
ND2 HTN A 38 0.76 3.65 11.02
HE1 HTN A 38 2.76 4.10 11.41
HE2 HTN A 38 2.47 2.45 10.83
HE3 HTN A 38 2.03 2.89 12.50
H HTN A 38 -3.03 6.60 9.10
HA HTN A 38 -0.66 4.93 8.67
HB3 HTN A 38 -1.90 5.52 11.40
HOG HTN A 38 -2.04 3.34 11.56
HD22 HTN A 38 0.26 3.17 10.24
N ALA A 39 0.84 6.89 9.30
CA ALA A 39 1.66 8.09 9.33
C ALA A 39 1.95 8.52 7.89
N MND A 40 1.72 9.80 7.61
CA MND A 40 1.95 10.45 6.32
CB MND A 40 3.32 11.14 6.37
CG MND A 40 3.93 11.41 5.00
OD1 MND A 40 5.15 11.27 4.85
ND2 MND A 40 3.17 11.81 3.96
CE2 MND A 40 3.63 11.80 2.58
C MND A 40 0.79 11.41 6.01
O MND A 40 0.95 12.63 6.18
H MND A 40 1.30 10.35 8.35
HA MND A 40 2.00 9.69 5.55
HB2 MND A 40 3.26 12.08 6.93
HB3 MND A 40 4.01 10.48 6.90
HD2 MND A 40 2.17 11.90 4.11
HE21 MND A 40 2.91 12.32 1.94
HE22 MND A 40 3.76 10.78 2.23
HE23 MND A 40 4.60 12.29 2.50
N VAL A 41 -0.27 10.93 5.38
CA VAL A 41 -1.43 11.78 5.07
C VAL A 41 -2.74 10.97 5.12
N DSN A 42 -3.81 11.51 5.70
CA DSN A 42 -5.11 10.83 5.78
C DSN A 42 -5.66 10.84 7.21
O DSN A 42 -6.22 11.84 7.67
CB DSN A 42 -6.05 11.46 4.74
OG DSN A 42 -7.05 10.55 4.32
H DSN A 42 -3.73 12.42 6.14
HA DSN A 42 -4.96 9.80 5.48
HB2 DSN A 42 -6.51 12.36 5.16
HB3 DSN A 42 -5.48 11.76 3.85
HG DSN A 42 -6.63 9.84 3.82
N VAL A 43 -5.49 9.73 7.92
CA VAL A 43 -5.94 9.55 9.31
C VAL A 43 -4.82 8.85 10.08
N DSG A 44 -4.33 9.47 11.14
CA DSG A 44 -3.28 8.94 12.00
C DSG A 44 -2.33 10.07 12.39
O DSG A 44 -2.60 10.80 13.35
CB DSG A 44 -3.89 8.26 13.23
CG DSG A 44 -2.80 7.63 14.09
OD1 DSG A 44 -1.91 6.97 13.58
ND2 DSG A 44 -2.95 7.71 15.40
H DSG A 44 -4.65 10.41 11.35
HA DSG A 44 -2.71 8.18 11.47
HB2 DSG A 44 -4.44 9.01 13.80
HB3 DSG A 44 -4.58 7.50 12.91
HD21 DSG A 44 -2.29 7.21 16.00
HD22 DSG A 44 -3.73 8.19 15.81
N M2S A 45 -1.25 10.22 11.64
CA M2S A 45 -0.25 11.27 11.85
CB M2S A 45 0.97 10.77 12.72
CG1 M2S A 45 0.86 9.28 13.13
CG2 M2S A 45 2.35 10.92 12.02
CG M2S A 45 0.95 11.68 13.97
SD M2S A 45 2.26 11.56 15.21
OE M2S A 45 1.71 10.08 16.14
CE M2S A 45 1.66 12.87 16.30
C M2S A 45 0.11 11.83 10.48
O M2S A 45 0.07 11.11 9.49
H M2S A 45 -1.09 9.59 10.86
HA M2S A 45 -0.76 12.07 12.37
HG11 M2S A 45 0.74 8.64 12.25
HG12 M2S A 45 1.75 8.96 13.64
HG13 M2S A 45 0.01 9.12 13.79
HG21 M2S A 45 2.61 11.96 11.88
HG22 M2S A 45 2.33 10.43 11.06
HG23 M2S A 45 3.15 10.45 12.61
HG2 M2S A 45 0.00 11.53 14.48
HG3 M2S A 45 0.97 12.71 13.62
HE1 M2S A 45 1.78 13.83 15.81
HE2 M2S A 45 0.60 12.71 16.52
HE3 M2S A 45 2.23 12.86 17.23
N DSG A 46 0.67 13.04 10.46
CA DSG A 46 1.03 13.70 9.21
C DSG A 46 -0.10 14.68 8.95
O DSG A 46 -0.64 15.25 9.91
CB DSG A 46 2.42 14.34 9.25
CG DSG A 46 2.41 15.77 9.81
OD1 DSG A 46 2.37 16.73 9.06
ND2 DSG A 46 2.45 15.91 11.12
H DSG A 46 0.66 13.59 11.30
HA DSG A 46 1.04 12.96 8.43
HB2 DSG A 46 3.11 13.71 9.80
HB3 DSG A 46 2.79 14.41 8.23
HD21 DSG A 46 2.42 16.84 11.51
HD22 DSG A 46 2.56 15.13 11.75
N GLN A 47 -0.45 14.94 7.69
CA GLN A 47 -1.55 15.84 7.38
C GLN A 47 -2.84 15.01 7.46
N 2TL A 48 -3.95 15.61 7.86
CA 2TL A 48 -5.23 14.89 7.97
CB 2TL A 48 -6.23 15.41 6.94
OG1 2TL A 48 -5.78 15.14 5.63
CG2 2TL A 48 -6.47 16.93 7.04
C 2TL A 48 -5.71 14.91 9.43
O 2TL A 48 -5.49 15.90 10.13
H 2TL A 48 -3.96 16.60 8.05
HA 2TL A 48 -5.05 13.85 7.73
HB 2TL A 48 -7.18 14.90 7.09
HG1 2TL A 48 -6.56 15.28 5.05
HG21 2TL A 48 -6.86 17.16 8.02
HG22 2TL A 48 -7.18 17.23 6.29
HG23 2TL A 48 -5.53 17.47 6.89
N THR A 49 -6.47 13.89 9.85
CA THR A 49 -6.98 13.81 11.23
C THR A 49 -5.97 13.01 12.05
C MHE A 1 8.80 -12.58 -8.71
O MHE A 1 9.03 -13.72 -9.13
CA MHE A 1 9.46 -11.94 -7.62
O2 MHE A 1 9.48 -10.72 -7.43
C3 MHE A 1 9.89 -12.88 -6.50
C4 MHE A 1 11.35 -12.69 -6.09
C5 MHE A 1 12.44 -13.05 -7.13
C6 MHE A 1 12.33 -14.51 -7.58
C7 MHE A 1 13.79 -12.87 -6.41
C8 MHE A 1 12.44 -12.13 -8.35
H1 MHE A 1 9.26 -12.66 -5.64
H3A MHE A 1 9.72 -13.92 -6.77
H4 MHE A 1 11.49 -11.65 -5.81
H4A MHE A 1 11.51 -13.29 -5.19
H6 MHE A 1 11.40 -14.69 -8.13
H6A MHE A 1 12.35 -15.18 -6.72
H6B MHE A 1 13.16 -14.78 -8.24
H7 MHE A 1 13.88 -11.85 -6.06
H7A MHE A 1 14.62 -13.09 -7.08
H7B MHE A 1 13.85 -13.55 -5.56
H8 MHE A 1 12.32 -11.10 -8.04
H8A MHE A 1 13.39 -12.20 -8.89
H8B MHE A 1 11.65 -12.40 -9.05
N GLY A 2 7.86 -11.77 -9.17
CA GLY A 2 7.02 -12.08 -10.31
C GLY A 2 6.54 -10.79 -10.96
N I2M A 3 5.88 -10.92 -12.10
CA I2M A 3 5.37 -9.79 -12.86
CB I2M A 3 6.37 -9.40 -13.98
CG3 I2M A 3 7.74 -9.01 -13.40
CG2 I2M A 3 6.65 -10.56 -14.96
CG1 I2M A 3 5.82 -8.23 -14.84
CD1 I2M A 3 5.58 -6.93 -14.05
C I2M A 3 3.96 -10.10 -13.36
O I2M A 3 3.71 -11.12 -14.02
H I2M A 3 5.74 -11.84 -12.51
HA I2M A 3 5.30 -8.95 -12.17
HG31 I2M A 3 8.38 -8.61 -14.18
HG32 I2M A 3 8.24 -9.88 -12.96
HG33 I2M A 3 7.64 -8.26 -12.63
HG21 I2M A 3 7.06 -11.41 -14.42
HG22 I2M A 3 5.73 -10.87 -15.45
HG23 I2M A 3 7.36 -10.24 -15.71
HG12 I2M A 3 6.53 -7.99 -15.64
HG13 I2M A 3 4.89 -8.52 -15.31
HD11 I2M A 3 5.06 -6.21 -14.68
HD12 I2M A 3 4.97 -7.12 -13.17
HD13 I2M A 3 6.53 -6.50 -13.74
N GLY A 4 3.06 -9.13 -13.19
CA GLY A 4 1.68 -9.20 -13.60
C GLY A 4 0.75 -9.51 -12.43
N TBG A 5 -0.32 -10.23 -12.70
CA TBG A 5 -1.28 -10.56 -11.67
CB TBG A 5 -2.69 -10.73 -12.32
CG1 TBG A 5 -3.04 -9.48 -13.16
CG2 TBG A 5 -2.78 -11.96 -13.25
CG3 TBG A 5 -3.77 -10.83 -11.23
C TBG A 5 -0.72 -11.81 -10.94
O TBG A 5 -0.08 -12.65 -11.58
H TBG A 5 -0.51 -10.55 -13.64
HA TBG A 5 -1.33 -9.74 -10.96
HG11 TBG A 5 -2.92 -8.58 -12.56
HG12 TBG A 5 -2.41 -9.40 -14.04
HG13 TBG A 5 -4.08 -9.53 -13.50
HG21 TBG A 5 -2.05 -11.89 -14.05
HG22 TBG A 5 -2.61 -12.88 -12.70
HG23 TBG A 5 -3.78 -12.00 -13.70
HG31 TBG A 5 -4.76 -10.93 -11.68
HG32 TBG A 5 -3.77 -9.93 -10.62
HG33 TBG A 5 -3.59 -11.70 -10.60
N TDD A 6 -0.85 -11.87 -9.61
CA TDD A 6 -0.38 -13.01 -8.82
CB TDD A 6 -1.57 -13.97 -8.54
CG1 TDD A 6 -2.77 -13.29 -7.89
CG2 TDD A 6 -2.06 -14.60 -9.85
CG3 TDD A 6 -1.12 -15.12 -7.63
C TDD A 6 0.41 -12.54 -7.58
O TDD A 6 -0.13 -11.97 -6.63
H TDD A 6 -1.38 -11.17 -9.12
HA TDD A 6 0.32 -13.58 -9.42
HG11 TDD A 6 -2.49 -12.75 -6.99
HG12 TDD A 6 -3.23 -12.58 -8.58
HG13 TDD A 6 -3.52 -14.04 -7.63
HG21 TDD A 6 -2.48 -13.84 -10.50
HG22 TDD A 6 -1.24 -15.07 -10.38
HG23 TDD A 6 -2.83 -15.35 -9.66
HG31 TDD A 6 -1.93 -15.85 -7.56
HG32 TDD A 6 -0.92 -14.76 -6.62
HG33 TDD A 6 -0.22 -15.61 -8.02
N TBG A 7 1.69 -12.93 -7.56
CA TBG A 7 2.65 -12.64 -6.52
CB TBG A 7 2.94 -13.89 -5.64
CG1 TBG A 7 4.13 -13.62 -4.71
CG2 TBG A 7 1.72 -14.18 -4.74
CG3 TBG A 7 3.20 -15.18 -6.44
C TBG A 7 3.86 -12.03 -7.23
O TBG A 7 4.55 -12.71 -8.01
H TBG A 7 2.08 -13.39 -8.38
HA TBG A 7 2.22 -11.88 -5.87
HG11 TBG A 7 4.32 -14.46 -4.05
HG12 TBG A 7 5.04 -13.42 -5.29
HG13 TBG A 7 3.94 -12.74 -4.10
HG21 TBG A 7 0.85 -14.43 -5.34
HG22 TBG A 7 1.93 -15.02 -4.07
HG23 TBG A 7 1.49 -13.31 -4.14
HG31 TBG A 7 3.40 -16.01 -5.76
HG32 TBG A 7 4.04 -15.05 -7.12
HG33 TBG A 7 2.32 -15.44 -7.04
N DAL A 8 4.14 -10.76 -6.95
CA DAL A 8 5.22 -9.99 -7.52
CB DAL A 8 6.43 -9.99 -6.59
C DAL A 8 4.70 -8.59 -7.75
O DAL A 8 3.91 -8.09 -6.94
H DAL A 8 3.54 -10.26 -6.29
HA DAL A 8 5.49 -10.43 -8.47
HB1 DAL A 8 6.78 -11.01 -6.41
HB2 DAL A 8 7.23 -9.40 -7.03
HB3 DAL A 8 6.17 -9.53 -5.64
N TBG A 9 5.28 -7.87 -8.72
CA TBG A 9 4.85 -6.52 -9.02
CB TBG A 9 6.05 -5.66 -9.52
CG1 TBG A 9 7.28 -5.87 -8.62
CG2 TBG A 9 6.51 -6.00 -10.94
CG3 TBG A 9 5.65 -4.17 -9.51
C TBG A 9 3.66 -6.67 -9.99
O TBG A 9 3.72 -7.49 -10.91
H TBG A 9 5.92 -8.29 -9.38
HA TBG A 9 4.50 -6.07 -8.10
HG11 TBG A 9 7.01 -5.83 -7.57
HG12 TBG A 9 7.73 -6.84 -8.81
HG13 TBG A 9 8.03 -5.10 -8.82
HG21 TBG A 9 7.44 -5.48 -11.18
HG22 TBG A 9 6.67 -7.07 -11.04
HG23 TBG A 9 5.75 -5.68 -11.66
HG31 TBG A 9 5.29 -3.87 -8.54
HG32 TBG A 9 4.88 -3.98 -10.24
HG33 TBG A 9 6.51 -3.55 -9.76
N TDD A 10 2.59 -5.89 -9.81
CA TDD A 10 1.41 -5.92 -10.66
CB TDD A 10 1.49 -4.85 -11.78
CG1 TDD A 10 1.74 -3.42 -11.25
CG2 TDD A 10 2.65 -5.16 -12.75
CG3 TDD A 10 0.21 -4.86 -12.62
C TDD A 10 0.15 -5.89 -9.78
O TDD A 10 -0.27 -4.82 -9.34
H TDD A 10 2.58 -5.24 -9.04
HA TDD A 10 1.40 -6.87 -11.17
HG11 TDD A 10 1.83 -2.73 -12.08
HG12 TDD A 10 0.92 -3.09 -10.63
HG13 TDD A 10 2.66 -3.40 -10.68
HG21 TDD A 10 2.62 -4.49 -13.61
HG22 TDD A 10 3.61 -5.03 -12.26
HG23 TDD A 10 2.56 -6.19 -13.11
HG31 TDD A 10 0.27 -4.13 -13.43
HG32 TDD A 10 -0.65 -4.63 -12.00
HG33 TDD A 10 0.06 -5.85 -13.06
N ALA A 11 -0.54 -7.03 -9.62
CA ALA A 11 -1.75 -7.09 -8.80
C ALA A 11 -1.88 -8.41 -8.05
N GLY A 12 -2.08 -8.31 -6.75
CA GLY A 12 -2.22 -9.43 -5.83
C GLY A 12 -1.37 -9.12 -4.61
N ALA A 13 -0.16 -9.68 -4.53
CA ALA A 13 0.72 -9.43 -3.39
C ALA A 13 2.17 -9.21 -3.84
N TDD A 14 2.89 -8.33 -3.16
CA TDD A 14 4.29 -8.00 -3.43
CB TDD A 14 5.24 -8.66 -2.38
CG1 TDD A 14 5.20 -10.20 -2.57
CG2 TDD A 14 6.71 -8.25 -2.60
CG3 TDD A 14 4.84 -8.39 -0.91
C TDD A 14 4.34 -6.47 -3.59
O TDD A 14 4.74 -5.73 -2.69
H TDD A 14 2.39 -7.71 -2.53
HA TDD A 14 4.56 -8.41 -4.40
HG11 TDD A 14 4.20 -10.58 -2.41
HG12 TDD A 14 5.50 -10.46 -3.59
HG13 TDD A 14 5.88 -10.69 -1.87
HG21 TDD A 14 6.99 -8.42 -3.63
HG22 TDD A 14 6.83 -7.19 -2.37
HG23 TDD A 14 7.37 -8.83 -1.95
HG31 TDD A 14 4.89 -7.32 -0.70
HG32 TDD A 14 5.52 -8.91 -0.23
HG33 TDD A 14 3.83 -8.73 -0.71
N ALA A 15 4.05 -6.02 -4.80
CA ALA A 15 3.99 -4.60 -5.14
C ALA A 15 2.90 -4.42 -6.19
N MND A 16 2.41 -3.19 -6.35
CA MND A 16 1.37 -2.84 -7.29
CB MND A 16 1.72 -1.66 -8.21
CG MND A 16 2.49 -0.48 -7.60
OD1 MND A 16 3.12 -0.61 -6.57
ND2 MND A 16 2.92 0.43 -8.48
CE2 MND A 16 3.86 1.51 -8.14
C MND A 16 0.08 -2.62 -6.52
O MND A 16 0.07 -1.79 -5.60
H MND A 16 2.70 -2.45 -5.71
HA MND A 16 1.20 -3.69 -7.95
HB2 MND A 16 2.37 -2.05 -8.99
HB3 MND A 16 0.81 -1.29 -8.70
HD2 MND A 16 2.30 0.58 -9.27
HE21 MND A 16 4.47 1.75 -9.00
HE22 MND A 16 4.49 1.20 -7.30
HE23 MND A 16 3.29 2.39 -7.84
N HVA A 17 -0.94 -3.42 -6.74
CA HVA A 17 -2.23 -3.27 -6.05
CB HVA A 17 -3.27 -2.76 -7.07
CG1 HVA A 17 -4.64 -2.50 -6.45
CG2 HVA A 17 -2.77 -1.46 -7.72
OG3 HVA A 17 -3.43 -3.73 -8.09
C HVA A 17 -2.58 -4.57 -5.29
O HVA A 17 -2.20 -5.66 -5.73
H HVA A 17 -0.91 -4.10 -7.49
HA HVA A 17 -2.12 -2.50 -5.30
HG11 HVA A 17 -4.56 -1.74 -5.66
HG12 HVA A 17 -5.34 -2.15 -7.21
HG13 HVA A 17 -5.05 -3.41 -6.01
HG21 HVA A 17 -3.55 -1.02 -8.34
HG22 HVA A 17 -2.49 -0.73 -6.95
HG23 HVA A 17 -1.91 -1.63 -8.36
HOG3 HVA A 17 -3.88 -3.30 -8.84
N GLY A 18 -3.36 -4.48 -4.22
CA GLY A 18 -3.79 -5.60 -3.39
C GLY A 18 -3.07 -5.53 -2.06
N ALA A 19 -1.85 -6.04 -2.01
CA ALA A 19 -1.01 -6.02 -0.83
C ALA A 19 0.46 -5.82 -1.23
N GLY A 20 1.23 -5.29 -0.29
CA GLY A 20 2.62 -4.99 -0.44
C GLY A 20 2.80 -3.49 -0.66
N TBG A 21 3.85 -3.08 -1.36
CA TBG A 21 4.11 -1.66 -1.59
CB TBG A 21 5.63 -1.38 -1.54
CG1 TBG A 21 6.46 -2.24 -2.50
CG2 TBG A 21 5.90 0.12 -1.77
CG3 TBG A 21 6.14 -1.68 -0.11
C TBG A 21 3.37 -1.22 -2.86
O TBG A 21 3.61 -1.76 -3.94
H TBG A 21 4.44 -3.77 -1.81
HA TBG A 21 3.68 -1.10 -0.76
HG11 TBG A 21 7.51 -1.96 -2.45
HG12 TBG A 21 6.37 -3.30 -2.27
HG13 TBG A 21 6.13 -2.08 -3.53
HG21 TBG A 21 6.97 0.33 -1.69
HG22 TBG A 21 5.58 0.42 -2.76
HG23 TBG A 21 5.35 0.72 -1.04
HG31 TBG A 21 6.06 -2.74 0.11
HG32 TBG A 21 5.57 -1.13 0.63
HG33 TBG A 21 7.19 -1.39 -0.02
N MND A 22 2.51 -0.20 -2.76
CA MND A 22 1.70 0.35 -3.84
CB MND A 22 2.32 1.63 -4.42
CG MND A 22 1.37 2.28 -5.44
OD1 MND A 22 0.86 1.63 -6.33
ND2 MND A 22 1.08 3.59 -5.28
CE2 MND A 22 0.28 4.40 -6.18
C MND A 22 0.34 0.72 -3.26
O MND A 22 0.29 1.43 -2.26
H MND A 22 2.35 0.20 -1.84
HA MND A 22 1.59 -0.36 -4.63
HB2 MND A 22 2.55 2.32 -3.62
HB3 MND A 22 3.25 1.39 -4.92
HD2 MND A 22 1.50 4.04 -4.47
HE21 MND A 22 -0.44 4.97 -5.60
HE22 MND A 22 -0.24 3.78 -6.90
HE23 MND A 22 0.95 5.09 -6.70
N LMQ A 23 -0.78 0.19 -3.76
CA LMQ A 23 -2.10 0.53 -3.23
CB LMQ A 23 -2.97 1.25 -4.27
CB2 LMQ A 23 -4.32 1.71 -3.65
CG LMQ A 23 -2.22 2.41 -4.96
CD LMQ A 23 -3.02 3.26 -5.94
OE1 LMQ A 23 -3.03 4.48 -5.85
NE2 LMQ A 23 -3.81 2.67 -6.82
C LMQ A 23 -2.77 -0.71 -2.65
O LMQ A 23 -3.08 -1.66 -3.37
H LMQ A 23 -0.71 -0.40 -4.59
HA LMQ A 23 -1.97 1.24 -2.42
HB3 LMQ A 23 -3.19 0.52 -5.02
HB21 LMQ A 23 -4.87 0.85 -3.27
HB22 LMQ A 23 -4.16 2.42 -2.84
HB23 LMQ A 23 -4.95 2.18 -4.40
HG2 LMQ A 23 -1.83 3.09 -4.20
HG3 LMQ A 23 -1.40 2.00 -5.52
HE21 LMQ A 23 -4.43 3.28 -7.33
HE22 LMQ A 23 -3.96 1.67 -6.83
N DHV A 24 -3.02 -0.68 -1.34
CA DHV A 24 -3.68 -1.72 -0.58
CB DHV A 24 -5.20 -1.36 -0.50
CG1 DHV A 24 -5.94 -1.84 -1.77
CG2 DHV A 24 -5.92 -1.99 0.71
OG3 DHV A 24 -5.40 0.04 -0.43
C DHV A 24 -3.00 -1.84 0.78
O DHV A 24 -2.76 -0.83 1.47
H DHV A 24 -2.74 0.13 -0.81
HA DHV A 24 -3.57 -2.67 -1.11
HG11 DHV A 24 -5.83 -2.93 -1.87
HG12 DHV A 24 -7.00 -1.60 -1.69
HG13 DHV A 24 -5.55 -1.36 -2.65
HG21 DHV A 24 -5.53 -1.59 1.64
HG22 DHV A 24 -6.98 -1.76 0.68
HG23 DHV A 24 -5.79 -3.07 0.70
HOG3 DHV A 24 -4.60 0.46 -0.77
N ALA A 25 -2.70 -3.08 1.20
CA ALA A 25 -2.09 -3.37 2.48
C ALA A 25 -0.58 -3.61 2.47
N GLY A 26 0.17 -2.66 3.01
CA GLY A 26 1.63 -2.72 3.11
C GLY A 26 2.13 -1.30 3.30
N GLY A 27 2.49 -0.64 2.20
CA GLY A 27 2.96 0.74 2.19
C GLY A 27 2.47 1.39 0.91
N MND A 28 2.36 2.70 0.86
CA MND A 28 1.90 3.43 -0.33
CB MND A 28 2.91 4.54 -0.66
CG MND A 28 2.46 5.31 -1.90
OD1 MND A 28 2.34 4.72 -2.97
ND2 MND A 28 2.27 6.62 -1.80
CE2 MND A 28 1.84 7.46 -2.91
C MND A 28 0.52 4.00 -0.04
O MND A 28 0.46 4.90 0.80
H MND A 28 2.51 3.26 1.69
HA MND A 28 1.85 2.78 -1.19
HB2 MND A 28 3.01 5.22 0.19
HB3 MND A 28 3.88 4.09 -0.86
HD2 MND A 28 2.50 7.09 -0.91
HE21 MND A 28 2.72 7.79 -3.46
HE22 MND A 28 1.30 8.33 -2.52
HE23 MND A 28 1.19 6.89 -3.56
N ILE A 29 -0.60 3.47 -0.58
CA ILE A 29 -1.93 4.03 -0.29
C ILE A 29 -2.87 2.92 0.21
O HTN A 30 -4.85 2.64 4.26
C HTN A 30 -4.18 1.99 3.45
CE HTN A 30 -8.03 0.30 3.95
N HTN A 30 -3.52 3.10 1.37
CA HTN A 30 -4.45 2.15 1.96
CB HTN A 30 -5.90 2.62 1.71
OG HTN A 30 -6.11 2.86 0.33
CG HTN A 30 -6.96 1.59 2.16
OD1 HTN A 30 -7.71 1.10 1.32
ND2 HTN A 30 -7.19 1.39 3.46
HE1 HTN A 30 -7.54 -0.66 3.74
HE2 HTN A 30 -8.99 0.30 3.44
HE3 HTN A 30 -8.17 0.39 5.03
H HTN A 30 -3.34 3.97 1.85
HA HTN A 30 -4.32 1.17 1.50
HB3 HTN A 30 -6.06 3.56 2.25
HOG HTN A 30 -6.32 1.98 -0.04
HD22 HTN A 30 -6.66 1.96 4.18
N TBG A 31 -3.32 1.04 3.84
CA TBG A 31 -2.97 0.81 5.24
CB TBG A 31 -3.73 -0.40 5.88
CG1 TBG A 31 -3.37 -1.77 5.30
CG2 TBG A 31 -3.44 -0.44 7.39
CG3 TBG A 31 -5.25 -0.30 5.67
C TBG A 31 -1.44 0.71 5.32
O TBG A 31 -0.84 -0.05 4.55
H TBG A 31 -2.80 0.52 3.14
HA TBG A 31 -3.27 1.69 5.81
HG11 TBG A 31 -2.30 -1.95 5.35
HG12 TBG A 31 -3.87 -2.57 5.86
HG13 TBG A 31 -3.73 -1.82 4.28
HG21 TBG A 31 -3.70 0.50 7.86
HG22 TBG A 31 -4.00 -1.25 7.87
HG23 TBG A 31 -2.38 -0.62 7.58
HG31 TBG A 31 -5.77 -1.08 6.24
HG32 TBG A 31 -5.49 -0.46 4.61
HG33 TBG A 31 -5.64 0.66 5.98
N DHV A 32 -0.81 1.51 6.20
CA DHV A 32 0.63 1.53 6.42
CB DHV A 32 0.94 0.82 7.77
CG1 DHV A 32 0.77 -0.70 7.63
CG2 DHV A 32 2.37 1.05 8.26
OG3 DHV A 32 0.06 1.22 8.80
C DHV A 32 1.19 2.96 6.30
O DHV A 32 0.57 3.95 6.69
H DHV A 32 -1.37 2.13 6.80
HA DHV A 32 1.09 0.96 5.62
HG11 DHV A 32 0.95 -1.20 8.59
HG12 DHV A 32 -0.23 -0.93 7.29
HG13 DHV A 32 1.49 -1.09 6.91
HG21 DHV A 32 3.09 0.77 7.49
HG22 DHV A 32 2.52 2.09 8.52
HG23 DHV A 32 2.57 0.44 9.15
HOG3 DHV A 32 0.35 0.75 9.61
N GLY A 33 2.46 3.03 5.88
CA GLY A 33 3.19 4.27 5.70
C GLY A 33 2.96 4.82 4.30
N MND A 34 2.46 6.04 4.23
CA MND A 34 2.18 6.78 3.02
CB MND A 34 3.28 7.84 2.84
CG MND A 34 3.11 8.54 1.50
OD1 MND A 34 3.44 7.95 0.47
ND2 MND A 34 2.72 9.82 1.50
CE2 MND A 34 2.56 10.62 0.30
C MND A 34 0.83 7.45 3.16
O MND A 34 0.70 8.46 3.87
H MND A 34 2.21 6.51 5.10
HA MND A 34 2.18 6.12 2.16
HB2 MND A 34 3.26 8.56 3.66
HB3 MND A 34 4.24 7.34 2.86
HD2 MND A 34 2.42 10.20 2.40
HE21 MND A 34 3.40 10.43 -0.38
HE22 MND A 34 2.53 11.68 0.56
HE23 MND A 34 1.63 10.34 -0.20
N ILE A 35 -0.21 6.89 2.55
CA ILE A 35 -1.55 7.44 2.61
C ILE A 35 -2.52 6.37 3.08
N MND A 36 -3.63 6.84 3.62
CA MND A 36 -4.73 6.04 4.13
CB MND A 36 -6.03 6.70 3.64
CG MND A 36 -7.25 6.01 4.24
OD1 MND A 36 -7.53 4.86 3.93
ND2 MND A 36 -7.93 6.67 5.18
CE2 MND A 36 -8.98 6.07 5.99
C MND A 36 -4.62 6.01 5.65
O MND A 36 -4.38 7.07 6.24
H MND A 36 -3.66 7.85 3.76
HA MND A 36 -4.68 5.03 3.73
HB2 MND A 36 -6.02 7.75 3.92
HB3 MND A 36 -6.07 6.64 2.55
HD2 MND A 36 -7.59 7.60 5.40
HE21 MND A 36 -9.68 6.84 6.32
HE22 MND A 36 -8.52 5.62 6.88
HE23 MND A 36 -9.52 5.31 5.42
N VAL A 37 -4.94 4.89 6.29
CA VAL A 37 -4.81 4.82 7.74
C VAL A 37 -3.35 4.42 8.02
O HTN A 38 -0.76 6.73 10.67
C HTN A 38 -0.57 6.06 9.63
CE HTN A 38 -0.62 2.59 13.19
N HTN A 38 -2.72 5.06 9.01
CA HTN A 38 -1.34 4.77 9.38
CB HTN A 38 -1.30 3.83 10.58
OG HTN A 38 -1.89 2.58 10.23
CG HTN A 38 0.15 3.57 11.03
OD1 HTN A 38 1.11 3.79 10.30
ND2 HTN A 38 0.36 2.90 12.15
HE1 HTN A 38 -1.00 3.51 13.62
HE2 HTN A 38 -0.16 1.98 13.96
HE3 HTN A 38 -1.45 2.03 12.75
H HTN A 38 -3.21 5.79 9.51
HA HTN A 38 -0.85 4.26 8.55
HB3 HTN A 38 -1.85 4.28 11.39
HOG HTN A 38 -1.29 2.17 9.59
HD22 HTN A 38 1.39 2.91 12.36
N ALA A 39 0.39 6.37 8.76
CA ALA A 39 1.21 7.55 8.86
C ALA A 39 1.43 8.16 7.50
N MND A 40 1.51 9.49 7.45
CA MND A 40 1.76 10.27 6.25
CB MND A 40 3.13 10.94 6.38
CG MND A 40 3.57 11.50 5.04
OD1 MND A 40 4.35 10.88 4.33
ND2 MND A 40 3.03 12.65 4.61
CE2 MND A 40 3.19 13.13 3.24
C MND A 40 0.61 11.25 6.01
O MND A 40 0.67 12.39 6.46
H MND A 40 1.28 10.00 8.30
HA MND A 40 1.84 9.60 5.40
HB2 MND A 40 3.09 11.72 7.14
HB3 MND A 40 3.86 10.19 6.70
HD2 MND A 40 2.25 12.99 5.19
HE21 MND A 40 2.82 12.38 2.55
HE22 MND A 40 4.24 13.31 3.03
HE23 MND A 40 2.61 14.04 3.09
N VAL A 41 -0.45 10.83 5.31
CA VAL A 41 -1.63 11.65 5.02
C VAL A 41 -2.86 10.75 5.05
N DSN A 42 -3.92 11.14 5.74
CA DSN A 42 -5.14 10.35 5.80
C DSN A 42 -5.66 10.31 7.23
O DSN A 42 -6.12 11.34 7.75
CB DSN A 42 -6.16 10.92 4.81
OG DSN A 42 -7.27 10.05 4.68
H DSN A 42 -3.90 11.99 6.29
HA DSN A 42 -4.91 9.33 5.46
HB2 DSN A 42 -6.49 11.89 5.17
HB3 DSN A 42 -5.69 11.04 3.83
HG DSN A 42 -8.06 10.62 4.66
N VAL A 43 -5.53 9.16 7.88
CA VAL A 43 -6.00 8.91 9.24
C VAL A 43 -4.86 8.27 10.06
N DSG A 44 -4.38 8.91 11.12
CA DSG A 44 -3.32 8.36 11.95
C DSG A 44 -2.42 9.49 12.41
O DSG A 44 -2.86 10.32 13.21
CB DSG A 44 -3.92 7.58 13.12
CG DSG A 44 -2.84 6.81 13.88
OD1 DSG A 44 -2.63 5.62 13.67
ND2 DSG A 44 -2.22 7.43 14.87
H DSG A 44 -4.69 9.86 11.31
HA DSG A 44 -2.74 7.66 11.36
HB2 DSG A 44 -4.43 8.25 13.80
HB3 DSG A 44 -4.63 6.84 12.74
HD21 DSG A 44 -1.67 6.88 15.51
HD22 DSG A 44 -2.36 8.42 15.08
N M2S A 45 -1.20 9.56 11.86
CA M2S A 45 -0.21 10.60 12.17
CB M2S A 45 0.97 10.02 13.02
CG1 M2S A 45 0.47 9.87 14.46
CG2 M2S A 45 1.37 8.61 12.52
CG M2S A 45 2.20 10.98 12.91
SD M2S A 45 3.67 10.99 14.00
OE M2S A 45 3.89 9.24 14.47
CE M2S A 45 3.02 11.66 15.54
C M2S A 45 0.23 11.23 10.84
O M2S A 45 0.53 10.51 9.89
H M2S A 45 -0.93 8.82 11.21
HA M2S A 45 -0.70 11.38 12.74
HG11 M2S A 45 -0.44 9.27 14.48
HG12 M2S A 45 1.21 9.37 15.08
HG13 M2S A 45 0.24 10.84 14.88
HG21 M2S A 45 0.56 7.89 12.67
HG22 M2S A 45 2.25 8.23 13.03
HG23 M2S A 45 1.60 8.67 11.47
HG2 M2S A 45 1.81 12.00 12.97
HG3 M2S A 45 2.60 10.85 11.91
HE1 M2S A 45 2.32 10.98 15.99
HE2 M2S A 45 3.84 11.83 16.23
HE3 M2S A 45 2.52 12.61 15.33
N DSG A 46 0.42 12.55 10.80
CA DSG A 46 0.86 13.24 9.60
C DSG A 46 -0.13 14.35 9.29
O DSG A 46 -0.26 15.31 10.07
CB DSG A 46 2.30 13.75 9.75
CG DSG A 46 2.77 14.46 8.48
OD1 DSG A 46 2.20 15.46 8.07
ND2 DSG A 46 3.88 14.06 7.89
H DSG A 46 0.15 13.11 11.60
HA DSG A 46 0.86 12.54 8.76
HB2 DSG A 46 2.34 14.46 10.57
HB3 DSG A 46 2.94 12.91 9.95
HD21 DSG A 46 4.14 14.52 7.03
HD22 DSG A 46 4.46 13.30 8.25
N GLN A 47 -0.83 14.24 8.16
CA GLN A 47 -1.81 15.22 7.73
C GLN A 47 -3.19 14.55 7.69
N 2TL A 48 -4.22 15.33 8.01
CA 2TL A 48 -5.61 14.92 8.02
CB 2TL A 48 -6.43 16.08 7.39
OG1 2TL A 48 -5.93 17.36 7.76
CG2 2TL A 48 -7.92 16.04 7.66
C 2TL A 48 -6.05 14.57 9.44
O 2TL A 48 -5.91 15.39 10.35
H 2TL A 48 -4.07 16.29 8.25
HA 2TL A 48 -5.73 14.04 7.38
HB 2TL A 48 -6.32 16.00 6.31
HG1 2TL A 48 -6.15 17.51 8.70
HG21 2TL A 48 -8.43 16.81 7.08
HG22 2TL A 48 -8.14 16.22 8.72
HG23 2TL A 48 -8.31 15.07 7.39
N THR A 49 -6.77 13.47 9.58
CA THR A 49 -7.31 12.97 10.84
C THR A 49 -6.19 12.44 11.73
C MHE A 1 9.13 -11.23 -10.02
O MHE A 1 9.91 -10.28 -10.08
CA MHE A 1 9.33 -12.40 -9.23
O2 MHE A 1 9.27 -13.55 -9.70
C3 MHE A 1 9.98 -12.13 -7.87
C4 MHE A 1 11.51 -12.03 -7.93
C5 MHE A 1 12.31 -13.28 -7.52
C6 MHE A 1 13.79 -13.01 -7.85
C7 MHE A 1 11.89 -14.54 -8.30
C8 MHE A 1 12.20 -13.54 -6.02
H1 MHE A 1 9.58 -11.19 -7.49
H3A MHE A 1 9.67 -12.92 -7.17
H4 MHE A 1 11.80 -11.73 -8.93
H4A MHE A 1 11.81 -11.21 -7.26
H6 MHE A 1 13.92 -12.72 -8.89
H6A MHE A 1 14.39 -13.89 -7.64
H6B MHE A 1 14.17 -12.19 -7.22
H7 MHE A 1 11.91 -14.36 -9.37
H7A MHE A 1 10.88 -14.82 -8.02
H7B MHE A 1 12.54 -15.39 -8.04
H8 MHE A 1 11.18 -13.80 -5.74
H8A MHE A 1 12.84 -14.38 -5.73
H8B MHE A 1 12.51 -12.66 -5.45
N GLY A 2 8.26 -11.57 -10.97
CA GLY A 2 8.13 -10.84 -12.22
C GLY A 2 6.94 -9.90 -12.20
N I2M A 3 6.72 -9.29 -13.36
CA I2M A 3 5.63 -8.37 -13.59
CB I2M A 3 6.03 -7.31 -14.68
CG3 I2M A 3 6.45 -7.97 -16.00
CG2 I2M A 3 4.79 -6.43 -14.98
CG1 I2M A 3 7.14 -6.30 -14.27
CD1 I2M A 3 8.42 -6.85 -13.64
C I2M A 3 4.45 -9.28 -13.93
O I2M A 3 4.54 -10.15 -14.80
H I2M A 3 7.23 -9.59 -14.17
HA I2M A 3 5.40 -7.84 -12.66
HG31 I2M A 3 5.70 -8.66 -16.35
HG32 I2M A 3 7.38 -8.51 -15.87
HG33 I2M A 3 6.60 -7.21 -16.78
HG21 I2M A 3 5.04 -5.68 -15.73
HG22 I2M A 3 3.95 -7.02 -15.33
HG23 I2M A 3 4.50 -5.91 -14.08
HG12 I2M A 3 7.43 -5.73 -15.15
HG13 I2M A 3 6.73 -5.58 -13.57
HD11 I2M A 3 9.14 -6.05 -13.53
HD12 I2M A 3 8.21 -7.26 -12.65
HD13 I2M A 3 8.85 -7.63 -14.27
N GLY A 4 3.28 -9.05 -13.33
CA GLY A 4 2.12 -9.88 -13.59
C GLY A 4 1.05 -9.82 -12.52
N TBG A 5 0.49 -11.00 -12.24
CA TBG A 5 -0.54 -11.24 -11.24
CB TBG A 5 -1.92 -11.45 -11.94
CG1 TBG A 5 -2.27 -10.26 -12.86
CG2 TBG A 5 -1.95 -12.71 -12.83
CG3 TBG A 5 -3.08 -11.59 -10.94
C TBG A 5 -0.05 -12.41 -10.38
O TBG A 5 0.72 -13.24 -10.86
H TBG A 5 1.01 -11.81 -12.53
HA TBG A 5 -0.61 -10.36 -10.61
HG11 TBG A 5 -3.28 -10.37 -13.25
HG12 TBG A 5 -2.21 -9.33 -12.30
HG13 TBG A 5 -1.58 -10.19 -13.71
HG21 TBG A 5 -1.82 -13.60 -12.23
HG22 TBG A 5 -2.91 -12.79 -13.35
HG23 TBG A 5 -1.16 -12.67 -13.58
HG31 TBG A 5 -3.14 -10.70 -10.31
HG32 TBG A 5 -2.95 -12.48 -10.33
HG33 TBG A 5 -4.03 -11.68 -11.46
N TDD A 6 -0.58 -12.57 -9.16
CA TDD A 6 -0.22 -13.64 -8.24
CB TDD A 6 -1.48 -14.39 -7.73
CG1 TDD A 6 -2.63 -13.47 -7.28
CG2 TDD A 6 -2.03 -15.27 -8.87
CG3 TDD A 6 -1.12 -15.34 -6.57
C TDD A 6 0.69 -13.05 -7.17
O TDD A 6 0.25 -12.41 -6.21
H TDD A 6 -1.20 -11.86 -8.81
HA TDD A 6 0.37 -14.39 -8.77
HG11 TDD A 6 -2.29 -12.84 -6.46
HG12 TDD A 6 -2.97 -12.83 -8.08
HG13 TDD A 6 -3.46 -14.08 -6.92
HG21 TDD A 6 -1.30 -16.01 -9.16
HG22 TDD A 6 -2.92 -15.81 -8.54
HG23 TDD A 6 -2.28 -14.67 -9.74
HG31 TDD A 6 -0.27 -15.95 -6.83
HG32 TDD A 6 -1.96 -15.99 -6.32
HG33 TDD A 6 -0.86 -14.77 -5.67
N TBG A 7 2.00 -13.29 -7.32
CA TBG A 7 3.04 -12.83 -6.42
CB TBG A 7 3.54 -14.00 -5.54
CG1 TBG A 7 4.02 -15.22 -6.36
CG2 TBG A 7 4.69 -13.53 -4.63
CG3 TBG A 7 2.41 -14.51 -4.63
C TBG A 7 4.07 -12.16 -7.32
O TBG A 7 4.51 -12.75 -8.31
H TBG A 7 2.32 -13.80 -8.12
HA TBG A 7 2.61 -12.08 -5.77
HG11 TBG A 7 4.27 -16.04 -5.70
HG12 TBG A 7 3.25 -15.56 -7.05
HG13 TBG A 7 4.91 -14.96 -6.94
HG21 TBG A 7 5.53 -13.18 -5.22
HG22 TBG A 7 4.34 -12.70 -4.00
HG23 TBG A 7 5.02 -14.34 -3.98
HG31 TBG A 7 1.60 -14.97 -5.21
HG32 TBG A 7 1.99 -13.68 -4.06
HG33 TBG A 7 2.78 -15.25 -3.93
N DAL A 8 4.50 -10.95 -6.96
CA DAL A 8 5.46 -10.16 -7.71
CB DAL A 8 6.82 -10.19 -7.01
C DAL A 8 4.91 -8.73 -7.79
O DAL A 8 4.28 -8.27 -6.85
H DAL A 8 4.10 -10.51 -6.14
HA DAL A 8 5.57 -10.56 -8.72
HB1 DAL A 8 7.17 -11.23 -6.95
HB2 DAL A 8 7.55 -9.60 -7.57
HB3 DAL A 8 6.74 -9.78 -6.00
N TBG A 9 5.32 -7.98 -8.81
CA TBG A 9 4.83 -6.63 -9.01
CB TBG A 9 5.96 -5.67 -9.47
CG1 TBG A 9 5.46 -4.21 -9.43
CG2 TBG A 9 7.18 -5.81 -8.53
CG3 TBG A 9 6.44 -5.96 -10.88
C TBG A 9 3.61 -6.77 -9.94
O TBG A 9 3.62 -7.62 -10.85
H TBG A 9 5.84 -8.41 -9.58
HA TBG A 9 4.48 -6.26 -8.05
HG11 TBG A 9 5.06 -3.96 -8.44
HG12 TBG A 9 6.28 -3.52 -9.66
HG13 TBG A 9 4.68 -4.05 -10.17
HG21 TBG A 9 7.88 -4.98 -8.70
HG22 TBG A 9 6.87 -5.82 -7.49
HG23 TBG A 9 7.70 -6.74 -8.73
HG31 TBG A 9 6.79 -6.99 -10.95
HG32 TBG A 9 7.26 -5.30 -11.15
HG33 TBG A 9 5.62 -5.82 -11.59
N TDD A 10 2.57 -5.98 -9.76
CA TDD A 10 1.36 -6.04 -10.58
CB TDD A 10 1.27 -4.87 -11.60
CG1 TDD A 10 2.36 -5.07 -12.66
CG2 TDD A 10 -0.08 -4.90 -12.33
CG3 TDD A 10 1.47 -3.47 -11.00
C TDD A 10 0.15 -6.20 -9.64
O TDD A 10 -0.17 -5.25 -8.92
H TDD A 10 2.57 -5.31 -9.00
HA TDD A 10 1.41 -6.94 -11.17
HG11 TDD A 10 2.26 -6.05 -13.12
HG12 TDD A 10 2.27 -4.32 -13.45
HG13 TDD A 10 3.34 -4.98 -12.22
HG21 TDD A 10 -0.11 -4.15 -13.14
HG22 TDD A 10 -0.25 -5.89 -12.76
HG23 TDD A 10 -0.90 -4.68 -11.65
HG31 TDD A 10 2.44 -3.40 -10.53
HG32 TDD A 10 0.69 -3.26 -10.28
HG33 TDD A 10 1.41 -2.71 -11.78
N ALA A 11 -0.46 -7.38 -9.61
CA ALA A 11 -1.63 -7.60 -8.75
C ALA A 11 -1.59 -8.89 -7.94
N GLY A 12 -1.89 -8.77 -6.65
CA GLY A 12 -1.92 -9.86 -5.70
C GLY A 12 -1.11 -9.48 -4.49
N ALA A 13 0.12 -10.01 -4.36
CA ALA A 13 1.00 -9.70 -3.24
C ALA A 13 2.40 -9.39 -3.73
N TDD A 14 3.06 -8.41 -3.08
CA TDD A 14 4.41 -7.97 -3.38
CB TDD A 14 5.43 -8.54 -2.36
CG1 TDD A 14 5.55 -10.08 -2.55
CG2 TDD A 14 6.83 -7.97 -2.62
CG3 TDD A 14 5.05 -8.31 -0.88
C TDD A 14 4.33 -6.45 -3.55
O TDD A 14 4.56 -5.69 -2.61
H TDD A 14 2.53 -7.85 -2.42
HA TDD A 14 4.69 -8.37 -4.37
HG11 TDD A 14 6.31 -10.49 -1.90
HG12 TDD A 14 4.60 -10.56 -2.32
HG13 TDD A 14 5.80 -10.30 -3.59
HG21 TDD A 14 6.86 -6.90 -2.37
HG22 TDD A 14 7.59 -8.47 -2.01
HG23 TDD A 14 7.10 -8.08 -3.67
HG31 TDD A 14 5.80 -8.76 -0.23
HG32 TDD A 14 4.08 -8.75 -0.66
HG33 TDD A 14 5.01 -7.24 -0.67
N ALA A 15 4.08 -5.99 -4.77
CA ALA A 15 3.95 -4.58 -5.07
C ALA A 15 2.92 -4.36 -6.17
N MND A 16 2.39 -3.16 -6.29
CA MND A 16 1.39 -2.79 -7.30
CB MND A 16 1.83 -1.58 -8.15
CG MND A 16 2.39 -0.37 -7.40
OD1 MND A 16 2.78 -0.44 -6.24
ND2 MND A 16 2.93 0.60 -8.16
CE2 MND A 16 3.57 1.80 -7.62
C MND A 16 0.04 -2.61 -6.63
O MND A 16 -0.24 -1.57 -6.02
H MND A 16 2.62 -2.42 -5.62
HA MND A 16 1.30 -3.62 -7.99
HB2 MND A 16 2.62 -1.92 -8.82
HB3 MND A 16 0.99 -1.26 -8.76
HD2 MND A 16 2.72 0.50 -9.16
HE21 MND A 16 4.18 2.29 -8.38
HE22 MND A 16 4.20 1.53 -6.76
HE23 MND A 16 2.81 2.48 -7.25
N HVA A 17 -0.81 -3.63 -6.69
CA HVA A 17 -2.14 -3.63 -6.11
CB HVA A 17 -3.21 -3.39 -7.22
CG1 HVA A 17 -2.78 -2.36 -8.28
CG2 HVA A 17 -3.58 -4.66 -7.97
OG3 HVA A 17 -4.42 -2.93 -6.64
C HVA A 17 -2.36 -4.90 -5.29
O HVA A 17 -1.74 -5.95 -5.56
H HVA A 17 -0.53 -4.46 -7.20
HA HVA A 17 -2.18 -2.80 -5.40
HG11 HVA A 17 -2.38 -1.47 -7.82
HG12 HVA A 17 -2.00 -2.78 -8.92
HG13 HVA A 17 -3.63 -2.08 -8.91
HG21 HVA A 17 -2.70 -5.02 -8.47
HG22 HVA A 17 -3.96 -5.41 -7.28
HG23 HVA A 17 -4.34 -4.45 -8.72
HOG3 HVA A 17 -5.14 -3.09 -7.27
N GLY A 18 -3.31 -4.85 -4.36
CA GLY A 18 -3.69 -5.96 -3.49
C GLY A 18 -3.03 -5.85 -2.14
N ALA A 19 -1.83 -6.39 -2.00
CA ALA A 19 -1.05 -6.35 -0.78
C ALA A 19 0.41 -6.05 -1.10
N GLY A 20 1.11 -5.56 -0.10
CA GLY A 20 2.50 -5.18 -0.16
C GLY A 20 2.59 -3.67 -0.30
N TBG A 21 3.54 -3.19 -1.10
CA TBG A 21 3.72 -1.76 -1.31
CB TBG A 21 5.23 -1.39 -1.22
CG1 TBG A 21 6.14 -2.24 -2.12
CG2 TBG A 21 5.42 0.11 -1.52
CG3 TBG A 21 5.71 -1.60 0.23
C TBG A 21 2.99 -1.35 -2.59
O TBG A 21 3.33 -1.84 -3.68
H TBG A 21 4.13 -3.84 -1.61
HA TBG A 21 3.25 -1.24 -0.49
HG11 TBG A 21 5.84 -2.13 -3.16
HG12 TBG A 21 7.17 -1.91 -2.04
HG13 TBG A 21 6.09 -3.29 -1.85
HG21 TBG A 21 5.08 0.34 -2.53
HG22 TBG A 21 4.82 0.71 -0.83
HG23 TBG A 21 6.48 0.37 -1.46
HG31 TBG A 21 5.09 -1.03 0.93
HG32 TBG A 21 6.75 -1.28 0.34
HG33 TBG A 21 5.64 -2.66 0.50
N MND A 22 2.05 -0.42 -2.49
CA MND A 22 1.22 0.11 -3.58
CB MND A 22 1.77 1.45 -4.07
CG MND A 22 0.87 2.13 -5.12
OD1 MND A 22 0.32 1.49 -6.01
ND2 MND A 22 0.66 3.43 -4.99
CE2 MND A 22 -0.23 4.23 -5.82
C MND A 22 -0.18 0.33 -3.03
O MND A 22 -0.33 0.66 -1.85
H MND A 22 1.80 -0.06 -1.57
HA MND A 22 1.19 -0.60 -4.39
HB2 MND A 22 1.85 2.09 -3.21
HB3 MND A 22 2.77 1.32 -4.49
HD2 MND A 22 1.16 3.89 -4.22
HE21 MND A 22 -1.14 4.44 -5.27
HE22 MND A 22 -0.49 3.66 -6.72
HE23 MND A 22 0.26 5.17 -6.07
N LMQ A 23 -1.21 0.19 -3.85
CA LMQ A 23 -2.58 0.38 -3.41
CB LMQ A 23 -3.52 0.85 -4.54
CB2 LMQ A 23 -3.58 2.36 -4.82
CG LMQ A 23 -3.26 0.12 -5.87
CD LMQ A 23 -4.34 0.38 -6.91
OE1 LMQ A 23 -4.05 0.86 -7.99
NE2 LMQ A 23 -5.60 0.37 -6.53
C LMQ A 23 -3.09 -0.94 -2.79
O LMQ A 23 -3.34 -1.94 -3.49
H LMQ A 23 -1.01 -0.09 -4.81
HA LMQ A 23 -2.60 1.13 -2.63
HB3 LMQ A 23 -4.51 0.60 -4.17
HB21 LMQ A 23 -4.07 2.87 -3.98
HB22 LMQ A 23 -2.57 2.75 -4.98
HB23 LMQ A 23 -4.20 2.55 -5.69
HG2 LMQ A 23 -2.31 0.45 -6.27
HG3 LMQ A 23 -3.20 -0.93 -5.70
HE21 LMQ A 23 -6.23 0.63 -7.27
HE22 LMQ A 23 -5.90 -0.19 -5.74
N DHV A 24 -3.33 -0.92 -1.49
CA DHV A 24 -3.83 -2.07 -0.78
CB DHV A 24 -5.39 -2.10 -0.93
CG1 DHV A 24 -6.08 -3.19 -0.10
CG2 DHV A 24 -6.06 -0.76 -0.60
OG3 DHV A 24 -5.69 -2.36 -2.28
C DHV A 24 -3.32 -2.09 0.67
O DHV A 24 -3.23 -1.06 1.34
H DHV A 24 -3.11 -0.11 -0.92
HA DHV A 24 -3.42 -2.95 -1.26
HG11 DHV A 24 -5.63 -4.16 -0.29
HG12 DHV A 24 -5.99 -2.97 0.96
HG13 DHV A 24 -7.14 -3.23 -0.35
HG21 DHV A 24 -7.14 -0.86 -0.68
HG22 DHV A 24 -5.80 -0.49 0.42
HG23 DHV A 24 -5.73 0.01 -1.28
HOG3 DHV A 24 -4.83 -2.38 -2.75
N ALA A 25 -3.03 -3.30 1.16
CA ALA A 25 -2.57 -3.55 2.52
C ALA A 25 -1.05 -3.71 2.61
N GLY A 26 -0.38 -2.81 3.35
CA GLY A 26 1.06 -2.84 3.57
C GLY A 26 1.61 -1.43 3.67
N GLY A 27 1.94 -0.84 2.53
CA GLY A 27 2.46 0.52 2.42
C GLY A 27 1.96 1.14 1.12
N MND A 28 1.97 2.45 1.01
CA MND A 28 1.55 3.17 -0.18
CB MND A 28 2.56 4.29 -0.51
CG MND A 28 2.18 4.98 -1.82
OD1 MND A 28 2.39 4.40 -2.88
ND2 MND A 28 1.60 6.18 -1.79
CE2 MND A 28 1.13 6.85 -3.00
C MND A 28 0.16 3.77 0.03
O MND A 28 0.05 4.71 0.82
H MND A 28 2.23 3.00 1.82
HA MND A 28 1.50 2.49 -1.04
HB2 MND A 28 2.61 5.01 0.30
HB3 MND A 28 3.55 3.84 -0.63
HD2 MND A 28 1.58 6.64 -0.87
HE21 MND A 28 0.99 6.11 -3.79
HE22 MND A 28 1.87 7.59 -3.31
HE23 MND A 28 0.17 7.32 -2.81
N ILE A 29 -0.91 3.18 -0.51
CA ILE A 29 -2.26 3.73 -0.36
C ILE A 29 -3.15 2.67 0.28
O HTN A 30 -4.98 3.12 4.19
C HTN A 30 -4.50 2.16 3.56
CE HTN A 30 -9.10 -0.17 1.68
N HTN A 30 -3.82 3.01 1.38
CA HTN A 30 -4.69 2.05 2.06
CB HTN A 30 -6.16 2.30 1.66
OG HTN A 30 -6.28 2.33 0.24
CG HTN A 30 -7.07 1.18 2.17
OD1 HTN A 30 -6.75 0.41 3.07
ND2 HTN A 30 -8.18 0.95 1.46
HE1 HTN A 30 -10.08 0.21 1.97
HE2 HTN A 30 -8.72 -0.84 2.45
HE3 HTN A 30 -9.18 -0.74 0.75
H HTN A 30 -3.67 3.93 1.79
HA HTN A 30 -4.43 1.04 1.77
HB3 HTN A 30 -6.45 3.26 2.08
HOG HTN A 30 -5.57 1.77 -0.11
HD22 HTN A 30 -8.22 1.60 0.63
N TBG A 31 -3.75 1.22 4.14
CA TBG A 31 -3.45 1.18 5.56
CB TBG A 31 -4.51 0.32 6.34
CG1 TBG A 31 -5.88 1.02 6.34
CG2 TBG A 31 -4.75 -1.08 5.76
CG3 TBG A 31 -4.09 0.22 7.81
C TBG A 31 -1.99 0.75 5.71
O TBG A 31 -1.59 -0.32 5.22
H TBG A 31 -3.38 0.46 3.58
HA TBG A 31 -3.54 2.20 5.93
HG11 TBG A 31 -6.36 0.92 5.38
HG12 TBG A 31 -6.54 0.62 7.10
HG13 TBG A 31 -5.75 2.09 6.50
HG21 TBG A 31 -5.16 -1.01 4.74
HG22 TBG A 31 -3.81 -1.63 5.70
HG23 TBG A 31 -5.46 -1.63 6.38
HG31 TBG A 31 -3.21 -0.41 7.91
HG32 TBG A 31 -4.88 -0.22 8.40
HG33 TBG A 31 -3.86 1.21 8.20
N DHV A 32 -1.20 1.59 6.40
CA DHV A 32 0.23 1.41 6.67
CB DHV A 32 0.44 0.80 8.08
CG1 DHV A 32 -0.01 -0.67 8.10
CG2 DHV A 32 1.90 0.82 8.52
OG3 DHV A 32 -0.32 1.49 9.06
C DHV A 32 0.94 2.76 6.45
O DHV A 32 0.37 3.82 6.75
H DHV A 32 -1.60 2.44 6.77
HA DHV A 32 0.62 0.72 5.94
HG11 DHV A 32 0.19 -1.11 9.09
HG12 DHV A 32 -1.07 -0.74 7.92
HG13 DHV A 32 0.54 -1.24 7.35
HG21 DHV A 32 2.03 0.30 9.47
HG22 DHV A 32 2.52 0.33 7.77
HG23 DHV A 32 2.26 1.85 8.65
HOG3 DHV A 32 0.31 2.01 9.60
N GLY A 33 2.19 2.75 6.00
CA GLY A 33 2.96 3.95 5.76
C GLY A 33 2.65 4.52 4.39
N MND A 34 2.13 5.74 4.33
CA MND A 34 1.77 6.46 3.12
CB MND A 34 2.91 7.41 2.74
CG MND A 34 2.50 8.32 1.58
OD1 MND A 34 1.92 7.86 0.59
ND2 MND A 34 2.83 9.61 1.66
CE2 MND A 34 2.58 10.61 0.63
C MND A 34 0.47 7.24 3.33
O MND A 34 0.33 7.93 4.35
H MND A 34 1.96 6.25 5.20
HA MND A 34 1.63 5.75 2.31
HB2 MND A 34 3.17 8.03 3.60
HB3 MND A 34 3.77 6.82 2.44
HD2 MND A 34 3.31 9.93 2.50
HE21 MND A 34 2.99 10.25 -0.32
HE22 MND A 34 3.07 11.55 0.90
HE23 MND A 34 1.51 10.78 0.54
N ILE A 35 -0.45 7.13 2.39
CA ILE A 35 -1.73 7.82 2.44
C ILE A 35 -2.85 6.83 2.73
N MND A 36 -3.81 7.23 3.54
CA MND A 36 -4.97 6.43 3.92
CB MND A 36 -6.19 6.97 3.16
CG MND A 36 -7.48 6.36 3.66
OD1 MND A 36 -7.98 5.40 3.08
ND2 MND A 36 -8.01 6.86 4.78
CE2 MND A 36 -9.12 6.24 5.47
C MND A 36 -5.08 6.52 5.45
O MND A 36 -5.38 7.60 5.97
H MND A 36 -3.74 8.17 3.94
HA MND A 36 -4.85 5.39 3.62
HB2 MND A 36 -6.22 8.05 3.28
HB3 MND A 36 -6.06 6.75 2.11
HD2 MND A 36 -7.40 7.50 5.29
HE21 MND A 36 -9.27 6.72 6.44
HE22 MND A 36 -8.89 5.19 5.62
HE23 MND A 36 -10.03 6.33 4.87
N VAL A 37 -4.76 5.41 6.15
CA VAL A 37 -4.76 5.33 7.61
C VAL A 37 -3.38 4.80 8.03
O HTN A 38 -0.69 7.14 10.43
C HTN A 38 -0.44 6.34 9.53
CE HTN A 38 1.54 4.82 12.96
N HTN A 38 -2.65 5.55 8.84
CA HTN A 38 -1.35 5.13 9.33
CB HTN A 38 -1.49 4.40 10.66
OG HTN A 38 -2.14 3.14 10.53
CG HTN A 38 -0.09 4.17 11.25
OD1 HTN A 38 0.66 3.35 10.71
ND2 HTN A 38 0.22 4.83 12.35
HE1 HTN A 38 1.53 5.45 13.86
HE2 HTN A 38 2.28 5.21 12.26
HE3 HTN A 38 1.81 3.80 13.21
H HTN A 38 -2.99 6.48 9.09
HA HTN A 38 -0.88 4.47 8.61
HB3 HTN A 38 -2.09 5.01 11.34
HOG HTN A 38 -1.53 2.59 9.99
HD22 HTN A 38 -0.50 5.52 12.68
N ALA A 39 0.71 6.36 8.85
CA ALA A 39 1.67 7.45 8.97
C ALA A 39 1.92 8.01 7.59
N MND A 40 1.80 9.32 7.45
CA MND A 40 1.99 10.03 6.19
CB MND A 40 3.41 10.63 6.16
CG MND A 40 3.64 11.37 4.84
OD1 MND A 40 4.26 10.85 3.92
ND2 MND A 40 3.15 12.61 4.73
CE2 MND A 40 2.90 13.25 3.45
C MND A 40 0.90 11.10 6.07
O MND A 40 1.05 12.18 6.65
H MND A 40 1.50 9.85 8.26
HA MND A 40 1.91 9.35 5.36
HB2 MND A 40 3.55 11.30 7.00
HB3 MND A 40 4.14 9.81 6.23
HD2 MND A 40 2.53 12.84 5.53
HE21 MND A 40 1.98 13.84 3.49
HE22 MND A 40 2.78 12.49 2.67
HE23 MND A 40 3.73 13.90 3.18
N VAL A 41 -0.20 10.79 5.37
CA VAL A 41 -1.28 11.76 5.19
C VAL A 41 -2.65 11.06 5.22
N DSN A 42 -3.65 11.75 5.78
CA DSN A 42 -5.02 11.31 5.90
C DSN A 42 -5.30 11.08 7.39
O DSN A 42 -5.25 12.03 8.18
CB DSN A 42 -5.94 12.39 5.30
OG DSN A 42 -7.31 12.05 5.35
H DSN A 42 -3.42 12.66 6.18
HA DSN A 42 -5.17 10.38 5.35
HB2 DSN A 42 -5.78 13.34 5.83
HB3 DSN A 42 -5.66 12.54 4.26
HG DSN A 42 -7.63 12.24 6.27
N VAL A 43 -5.65 9.85 7.76
CA VAL A 43 -5.96 9.46 9.13
C VAL A 43 -4.72 8.82 9.75
N DSG A 44 -4.55 8.93 11.07
CA DSG A 44 -3.42 8.36 11.78
C DSG A 44 -2.57 9.48 12.36
O DSG A 44 -3.01 10.16 13.29
CB DSG A 44 -3.92 7.36 12.83
CG DSG A 44 -2.78 6.91 13.74
OD1 DSG A 44 -1.79 6.35 13.29
ND2 DSG A 44 -2.85 7.22 15.02
H DSG A 44 -5.21 9.51 11.58
HA DSG A 44 -2.82 7.78 11.08
HB2 DSG A 44 -4.72 7.80 13.41
HB3 DSG A 44 -4.30 6.48 12.31
HD21 DSG A 44 -2.11 6.91 15.66
HD22 DSG A 44 -3.67 7.68 15.38
N M2S A 45 -1.34 9.61 11.83
CA M2S A 45 -0.36 10.62 12.20
CB M2S A 45 0.66 10.13 13.28
CG1 M2S A 45 1.37 11.36 13.87
CG2 M2S A 45 -0.12 9.51 14.47
CG M2S A 45 1.66 9.06 12.73
SD M2S A 45 3.36 8.93 13.42
OE M2S A 45 3.83 7.29 12.79
CE M2S A 45 3.05 8.44 15.12
C M2S A 45 0.30 11.11 10.90
O M2S A 45 0.39 10.35 9.92
H M2S A 45 -1.06 9.00 11.07
HA M2S A 45 -0.91 11.47 12.60
HG11 M2S A 45 1.94 11.12 14.76
HG12 M2S A 45 2.06 11.81 13.14
HG13 M2S A 45 0.64 12.11 14.16
HG21 M2S A 45 0.53 9.32 15.32
HG22 M2S A 45 -0.57 8.57 14.18
HG23 M2S A 45 -0.91 10.19 14.79
HG2 M2S A 45 1.81 9.23 11.68
HG3 M2S A 45 1.20 8.08 12.82
HE1 M2S A 45 2.72 9.29 15.70
HE2 M2S A 45 2.30 7.64 15.13
HE3 M2S A 45 3.99 8.06 15.55
N DSG A 46 0.81 12.34 10.89
CA DSG A 46 1.49 12.94 9.76
C DSG A 46 0.82 14.26 9.39
O DSG A 46 1.07 15.29 10.02
CB DSG A 46 2.96 13.09 10.14
CG DSG A 46 3.73 13.97 9.17
OD1 DSG A 46 4.05 13.56 8.06
ND2 DSG A 46 4.31 15.04 9.68
H DSG A 46 0.70 12.94 11.71
HA DSG A 46 1.46 12.27 8.91
HB2 DSG A 46 3.04 13.50 11.14
HB3 DSG A 46 3.42 12.09 10.14
HD21 DSG A 46 4.82 15.64 9.03
HD22 DSG A 46 3.96 15.41 10.57
N GLN A 47 -0.09 14.21 8.42
CA GLN A 47 -0.82 15.36 7.92
C GLN A 47 -2.30 14.98 7.82
N 2TL A 48 -3.13 15.51 8.71
CA 2TL A 48 -4.56 15.27 8.75
CB 2TL A 48 -5.32 16.51 8.22
OG1 2TL A 48 -5.05 16.68 6.84
CG2 2TL A 48 -4.94 17.83 8.92
C 2TL A 48 -5.02 14.88 10.15
O 2TL A 48 -4.62 15.52 11.14
H 2TL A 48 -2.76 16.17 9.39
HA 2TL A 48 -4.80 14.45 8.07
HB 2TL A 48 -6.38 16.34 8.34
HG1 2TL A 48 -4.09 16.71 6.71
HG21 2TL A 48 -3.89 18.07 8.79
HG22 2TL A 48 -5.16 17.76 9.97
HG23 2TL A 48 -5.55 18.64 8.50
N THR A 49 -5.88 13.87 10.26
CA THR A 49 -6.44 13.38 11.52
C THR A 49 -5.67 12.14 12.00
C MHE A 1 9.35 -11.41 -9.89
O MHE A 1 9.97 -11.33 -10.95
CA MHE A 1 9.93 -11.35 -8.58
O2 MHE A 1 10.26 -12.37 -7.97
C3 MHE A 1 10.02 -9.95 -7.95
C4 MHE A 1 10.03 -10.01 -6.40
C5 MHE A 1 10.07 -8.66 -5.65
C6 MHE A 1 8.88 -7.75 -5.99
C7 MHE A 1 11.37 -7.89 -5.95
C8 MHE A 1 10.02 -8.96 -4.16
H1 MHE A 1 10.94 -9.48 -8.29
H3A MHE A 1 9.18 -9.34 -8.30
H4 MHE A 1 9.14 -10.56 -6.08
H4A MHE A 1 10.89 -10.61 -6.10
H6 MHE A 1 7.94 -8.26 -5.80
H6A MHE A 1 8.91 -7.46 -7.05
H6B MHE A 1 8.91 -6.83 -5.39
H7 MHE A 1 11.40 -7.62 -7.00
H7A MHE A 1 12.23 -8.52 -5.71
H7B MHE A 1 11.42 -6.97 -5.36
H8 MHE A 1 10.90 -9.51 -3.84
H8A MHE A 1 9.92 -8.04 -3.57
H8B MHE A 1 9.15 -9.58 -3.93
N GLY A 2 8.15 -12.00 -9.73
CA GLY A 2 7.31 -12.26 -10.89
C GLY A 2 6.70 -10.96 -11.40
N I2M A 3 6.23 -10.97 -12.64
CA I2M A 3 5.62 -9.82 -13.32
CB I2M A 3 6.53 -9.28 -14.47
CG3 I2M A 3 6.48 -10.13 -15.75
CG2 I2M A 3 6.05 -7.87 -14.86
CG1 I2M A 3 8.05 -9.23 -14.12
CD1 I2M A 3 8.50 -8.33 -12.97
C I2M A 3 4.21 -10.26 -13.75
O I2M A 3 4.06 -11.22 -14.51
H I2M A 3 6.36 -11.81 -13.18
HA I2M A 3 5.50 -9.03 -12.58
HG31 I2M A 3 6.72 -11.18 -15.53
HG32 I2M A 3 7.19 -9.77 -16.50
HG33 I2M A 3 5.50 -10.08 -16.21
HG21 I2M A 3 6.05 -7.21 -14.00
HG22 I2M A 3 6.69 -7.45 -15.64
HG23 I2M A 3 5.03 -7.91 -15.25
HG12 I2M A 3 8.42 -10.23 -13.91
HG13 I2M A 3 8.60 -8.89 -15.01
HD11 I2M A 3 8.13 -7.32 -13.10
HD12 I2M A 3 8.16 -8.73 -12.02
HD13 I2M A 3 9.59 -8.30 -12.94
N GLY A 4 3.14 -9.63 -13.24
CA GLY A 4 1.77 -9.98 -13.60
C GLY A 4 0.86 -10.14 -12.39
N TBG A 5 -0.20 -10.92 -12.56
CA TBG A 5 -1.18 -11.17 -11.50
CB TBG A 5 -2.60 -11.28 -12.16
CG1 TBG A 5 -2.73 -12.43 -13.16
CG2 TBG A 5 -3.68 -11.45 -11.09
CG3 TBG A 5 -2.92 -9.97 -12.91
C TBG A 5 -0.72 -12.41 -10.72
O TBG A 5 -0.17 -13.35 -11.31
H TBG A 5 -0.29 -11.49 -13.38
HA TBG A 5 -1.19 -10.33 -10.82
HG11 TBG A 5 -2.04 -12.30 -14.00
HG12 TBG A 5 -2.52 -13.39 -12.69
HG13 TBG A 5 -3.74 -12.47 -13.57
HG21 TBG A 5 -4.67 -11.43 -11.55
HG22 TBG A 5 -3.54 -12.40 -10.59
HG23 TBG A 5 -3.63 -10.65 -10.36
HG31 TBG A 5 -2.31 -9.88 -13.80
HG32 TBG A 5 -2.76 -9.10 -12.28
HG33 TBG A 5 -3.97 -9.97 -13.24
N TDD A 6 -0.96 -12.46 -9.41
CA TDD A 6 -0.59 -13.56 -8.53
CB TDD A 6 -1.86 -14.38 -8.12
CG1 TDD A 6 -3.04 -13.52 -7.63
CG2 TDD A 6 -2.33 -15.20 -9.34
CG3 TDD A 6 -1.54 -15.39 -7.02
C TDD A 6 0.26 -13.04 -7.37
O TDD A 6 -0.23 -12.46 -6.40
H TDD A 6 -1.40 -11.65 -8.97
HA TDD A 6 0.04 -14.24 -9.09
HG11 TDD A 6 -2.76 -12.96 -6.74
HG12 TDD A 6 -3.34 -12.81 -8.39
HG13 TDD A 6 -3.89 -14.16 -7.39
HG21 TDD A 6 -1.51 -15.80 -9.74
HG22 TDD A 6 -3.14 -15.86 -9.06
HG23 TDD A 6 -2.67 -14.54 -10.14
HG31 TDD A 6 -0.72 -16.05 -7.33
HG32 TDD A 6 -2.42 -15.99 -6.78
HG33 TDD A 6 -1.25 -14.89 -6.10
N TBG A 7 1.55 -13.32 -7.47
CA TBG A 7 2.56 -12.94 -6.50
CB TBG A 7 2.91 -14.11 -5.55
CG1 TBG A 7 3.92 -13.63 -4.49
CG2 TBG A 7 1.67 -14.63 -4.81
CG3 TBG A 7 3.51 -15.33 -6.29
C TBG A 7 3.72 -12.34 -7.30
O TBG A 7 4.26 -12.99 -8.21
H TBG A 7 1.91 -13.79 -8.28
HA TBG A 7 2.13 -12.15 -5.89
HG11 TBG A 7 4.84 -13.27 -4.95
HG12 TBG A 7 3.48 -12.82 -3.91
HG13 TBG A 7 4.14 -14.45 -3.81
HG21 TBG A 7 1.95 -15.35 -4.03
HG22 TBG A 7 1.14 -13.81 -4.35
HG23 TBG A 7 1.00 -15.14 -5.49
HG31 TBG A 7 3.69 -16.14 -5.59
HG32 TBG A 7 4.46 -15.05 -6.75
HG33 TBG A 7 2.83 -15.67 -7.07
N DAL A 8 4.09 -11.10 -7.01
CA DAL A 8 5.14 -10.36 -7.69
CB DAL A 8 6.44 -10.47 -6.88
C DAL A 8 4.69 -8.91 -7.82
O DAL A 8 4.15 -8.35 -6.87
H DAL A 8 3.61 -10.59 -6.26
HA DAL A 8 5.29 -10.78 -8.68
HB1 DAL A 8 6.76 -11.51 -6.82
HB2 DAL A 8 7.20 -9.88 -7.38
HB3 DAL A 8 6.28 -10.08 -5.88
N TBG A 9 5.12 -8.24 -8.90
CA TBG A 9 4.75 -6.87 -9.19
CB TBG A 9 5.95 -6.03 -9.72
CG1 TBG A 9 6.33 -6.34 -11.18
CG2 TBG A 9 5.62 -4.53 -9.64
CG3 TBG A 9 7.22 -6.29 -8.88
C TBG A 9 3.56 -6.98 -10.14
O TBG A 9 3.64 -7.70 -11.16
H TBG A 9 5.56 -8.75 -9.66
HA TBG A 9 4.40 -6.41 -8.27
HG11 TBG A 9 5.55 -6.02 -11.86
HG12 TBG A 9 7.26 -5.82 -11.45
HG13 TBG A 9 6.48 -7.40 -11.29
HG21 TBG A 9 5.38 -4.24 -8.62
HG22 TBG A 9 6.47 -3.94 -9.97
HG23 TBG A 9 4.77 -4.29 -10.28
HG31 TBG A 9 7.58 -7.31 -9.05
HG32 TBG A 9 7.02 -6.16 -7.82
HG33 TBG A 9 8.01 -5.60 -9.17
N TDD A 10 2.48 -6.23 -9.89
CA TDD A 10 1.29 -6.24 -10.72
CB TDD A 10 1.29 -5.10 -11.78
CG1 TDD A 10 1.57 -3.70 -11.20
CG2 TDD A 10 2.40 -5.36 -12.83
CG3 TDD A 10 -0.06 -5.10 -12.54
C TDD A 10 0.07 -6.27 -9.78
O TDD A 10 -0.27 -5.24 -9.21
H TDD A 10 2.46 -5.67 -9.04
HA TDD A 10 1.27 -7.16 -11.29
HG11 TDD A 10 1.71 -2.96 -11.98
HG12 TDD A 10 0.74 -3.38 -10.57
HG13 TDD A 10 2.48 -3.71 -10.60
HG21 TDD A 10 3.38 -5.27 -12.37
HG22 TDD A 10 2.30 -6.37 -13.25
HG23 TDD A 10 2.34 -4.63 -13.64
HG31 TDD A 10 -0.02 -4.45 -13.41
HG32 TDD A 10 -0.85 -4.75 -11.88
HG33 TDD A 10 -0.29 -6.11 -12.86
N ALA A 11 -0.56 -7.44 -9.62
CA ALA A 11 -1.72 -7.53 -8.74
C ALA A 11 -1.77 -8.83 -7.94
N GLY A 12 -2.02 -8.68 -6.65
CA GLY A 12 -2.12 -9.77 -5.69
C GLY A 12 -1.24 -9.48 -4.48
N ALA A 13 -0.08 -10.13 -4.37
CA ALA A 13 0.83 -9.94 -3.25
C ALA A 13 2.25 -9.64 -3.71
N TDD A 14 2.96 -8.78 -2.99
CA TDD A 14 4.32 -8.39 -3.27
CB TDD A 14 5.32 -8.97 -2.22
CG1 TDD A 14 5.34 -10.52 -2.38
CG2 TDD A 14 6.74 -8.48 -2.49
CG3 TDD A 14 4.93 -8.66 -0.76
C TDD A 14 4.32 -6.87 -3.48
O TDD A 14 4.60 -6.07 -2.59
H TDD A 14 2.47 -8.24 -2.28
HA TDD A 14 4.61 -8.81 -4.24
HG11 TDD A 14 5.58 -10.79 -3.41
HG12 TDD A 14 6.09 -10.95 -1.72
HG13 TDD A 14 4.36 -10.94 -2.12
HG21 TDD A 14 6.81 -7.41 -2.31
HG22 TDD A 14 7.45 -8.99 -1.83
HG23 TDD A 14 7.02 -8.68 -3.53
HG31 TDD A 14 4.92 -7.59 -0.59
HG32 TDD A 14 5.67 -9.10 -0.09
HG33 TDD A 14 3.95 -9.07 -0.52
N ALA A 15 4.00 -6.48 -4.72
CA ALA A 15 3.94 -5.09 -5.11
C ALA A 15 2.82 -4.85 -6.12
N MND A 16 2.39 -3.60 -6.24
CA MND A 16 1.36 -3.14 -7.16
CB MND A 16 1.80 -1.87 -7.94
CG MND A 16 2.98 -1.03 -7.42
OD1 MND A 16 3.46 -1.13 -6.28
ND2 MND A 16 3.66 -0.33 -8.33
CE2 MND A 16 4.47 0.82 -7.97
C MND A 16 0.02 -2.93 -6.47
O MND A 16 -0.09 -2.20 -5.47
H MND A 16 2.72 -2.88 -5.59
HA MND A 16 1.23 -3.92 -7.91
HB2 MND A 16 2.09 -2.20 -8.93
HB3 MND A 16 0.94 -1.22 -8.08
HD2 MND A 16 3.11 -0.25 -9.19
HE21 MND A 16 4.32 1.03 -6.91
HE22 MND A 16 4.10 1.68 -8.55
HE23 MND A 16 5.52 0.67 -8.18
N HVA A 17 -1.00 -3.66 -6.93
CA HVA A 17 -2.37 -3.58 -6.43
CB HVA A 17 -3.31 -3.33 -7.65
CG1 HVA A 17 -4.73 -3.05 -7.17
CG2 HVA A 17 -2.82 -2.19 -8.55
OG3 HVA A 17 -3.35 -4.46 -8.48
C HVA A 17 -2.76 -4.81 -5.60
O HVA A 17 -2.93 -5.90 -6.16
H HVA A 17 -0.85 -4.25 -7.74
HA HVA A 17 -2.44 -2.70 -5.79
HG11 HVA A 17 -4.74 -2.15 -6.55
HG12 HVA A 17 -5.39 -2.91 -8.02
HG13 HVA A 17 -5.10 -3.88 -6.57
HG21 HVA A 17 -3.59 -1.94 -9.29
HG22 HVA A 17 -2.60 -1.31 -7.96
HG23 HVA A 17 -1.93 -2.47 -9.09
HOG3 HVA A 17 -3.32 -5.24 -7.90
N GLY A 18 -2.96 -4.66 -4.30
CA GLY A 18 -3.36 -5.75 -3.41
C GLY A 18 -2.71 -5.64 -2.04
N ALA A 19 -1.58 -6.32 -1.82
CA ALA A 19 -0.90 -6.26 -0.54
C ALA A 19 0.61 -6.28 -0.71
N GLY A 20 1.26 -5.38 0.00
CA GLY A 20 2.68 -5.18 0.02
C GLY A 20 2.92 -3.72 -0.32
N TBG A 21 3.88 -3.42 -1.18
CA TBG A 21 4.14 -2.03 -1.54
CB TBG A 21 5.64 -1.79 -1.88
CG1 TBG A 21 6.08 -2.52 -3.16
CG2 TBG A 21 5.90 -0.28 -2.04
CG3 TBG A 21 6.53 -2.27 -0.72
C TBG A 21 3.14 -1.68 -2.67
O TBG A 21 2.79 -2.55 -3.47
H TBG A 21 4.46 -4.17 -1.57
HA TBG A 21 3.91 -1.41 -0.68
HG11 TBG A 21 7.14 -2.33 -3.35
HG12 TBG A 21 5.93 -3.60 -3.05
HG13 TBG A 21 5.51 -2.17 -4.01
HG21 TBG A 21 5.63 0.25 -1.13
HG22 TBG A 21 6.96 -0.10 -2.24
HG23 TBG A 21 5.33 0.12 -2.88
HG31 TBG A 21 6.50 -3.35 -0.65
HG32 TBG A 21 6.20 -1.84 0.22
HG33 TBG A 21 7.57 -1.99 -0.90
N MND A 22 2.67 -0.43 -2.72
CA MND A 22 1.71 0.01 -3.75
CB MND A 22 2.24 1.23 -4.50
CG MND A 22 1.42 1.55 -5.76
OD1 MND A 22 0.74 0.69 -6.31
ND2 MND A 22 1.57 2.76 -6.30
CE2 MND A 22 1.28 3.00 -7.72
C MND A 22 0.37 0.32 -3.12
O MND A 22 0.31 0.77 -1.97
H MND A 22 2.98 0.24 -2.03
HA MND A 22 1.59 -0.78 -4.48
HB2 MND A 22 2.23 2.09 -3.82
HB3 MND A 22 3.27 1.06 -4.79
HD2 MND A 22 2.08 3.43 -5.72
HE21 MND A 22 1.95 2.40 -8.33
HE22 MND A 22 1.43 4.06 -7.97
HE23 MND A 22 0.26 2.70 -7.94
N LMQ A 23 -0.71 0.20 -3.88
CA LMQ A 23 -2.04 0.50 -3.40
CB LMQ A 23 -2.89 1.20 -4.49
CB2 LMQ A 23 -2.16 2.46 -4.97
CG LMQ A 23 -3.24 0.28 -5.68
CD LMQ A 23 -3.85 1.03 -6.86
OE1 LMQ A 23 -3.22 1.20 -7.90
NE2 LMQ A 23 -5.02 1.60 -6.69
C LMQ A 23 -2.66 -0.77 -2.83
O LMQ A 23 -2.82 -1.79 -3.50
H LMQ A 23 -0.57 -0.19 -4.82
HA LMQ A 23 -1.95 1.21 -2.59
HB3 LMQ A 23 -3.82 1.50 -4.02
HB21 LMQ A 23 -1.69 2.99 -4.14
HB22 LMQ A 23 -1.39 2.21 -5.70
HB23 LMQ A 23 -2.88 3.12 -5.44
HG2 LMQ A 23 -2.34 -0.21 -6.04
HG3 LMQ A 23 -3.96 -0.47 -5.35
HE21 LMQ A 23 -5.29 2.27 -7.38
HE22 LMQ A 23 -5.58 1.43 -5.86
N DHV A 24 -3.08 -0.70 -1.57
CA DHV A 24 -3.69 -1.81 -0.87
CB DHV A 24 -5.22 -1.82 -1.14
CG1 DHV A 24 -5.95 -2.92 -0.36
CG2 DHV A 24 -5.91 -0.48 -0.87
OG3 DHV A 24 -5.41 -2.10 -2.51
C DHV A 24 -3.26 -1.79 0.59
O DHV A 24 -3.31 -0.75 1.26
H DHV A 24 -2.94 0.15 -1.03
HA DHV A 24 -3.27 -2.71 -1.31
HG11 DHV A 24 -7.01 -2.93 -0.61
HG12 DHV A 24 -5.54 -3.89 -0.60
HG13 DHV A 24 -5.86 -2.75 0.71
HG21 DHV A 24 -5.74 -0.21 0.18
HG22 DHV A 24 -5.49 0.31 -1.50
HG23 DHV A 24 -6.97 -0.55 -1.05
HOG3 DHV A 24 -4.55 -2.03 -2.95
N ALA A 25 -2.75 -2.93 1.06
CA ALA A 25 -2.31 -3.12 2.43
C ALA A 25 -0.82 -3.44 2.54
N GLY A 26 -0.05 -2.53 3.13
CA GLY A 26 1.38 -2.66 3.33
C GLY A 26 1.98 -1.28 3.47
N GLY A 27 2.45 -0.69 2.37
CA GLY A 27 3.03 0.65 2.31
C GLY A 27 2.68 1.28 0.96
N MND A 28 2.21 2.52 0.94
CA MND A 28 1.86 3.23 -0.30
CB MND A 28 3.01 4.16 -0.69
CG MND A 28 2.85 4.83 -2.04
OD1 MND A 28 2.09 4.40 -2.91
ND2 MND A 28 3.68 5.86 -2.32
CE2 MND A 28 3.83 6.51 -3.63
C MND A 28 0.55 3.97 -0.10
O MND A 28 0.56 5.07 0.46
H MND A 28 2.06 3.03 1.81
HA MND A 28 1.74 2.51 -1.12
HB2 MND A 28 3.11 4.92 0.08
HB3 MND A 28 3.94 3.58 -0.72
HD2 MND A 28 4.23 6.17 -1.52
HE21 MND A 28 2.95 7.10 -3.87
HE22 MND A 28 3.97 5.75 -4.40
HE23 MND A 28 4.69 7.17 -3.61
N ILE A 29 -0.58 3.38 -0.51
CA ILE A 29 -1.90 4.00 -0.37
C ILE A 29 -2.89 2.95 0.15
O HTN A 30 -4.76 3.05 4.15
C HTN A 30 -4.32 2.22 3.35
CE HTN A 30 -8.40 1.37 4.23
N HTN A 30 -3.60 3.26 1.24
CA HTN A 30 -4.60 2.37 1.85
CB HTN A 30 -6.01 2.92 1.62
OG HTN A 30 -6.35 2.98 0.25
CG HTN A 30 -7.04 2.00 2.27
OD1 HTN A 30 -7.44 1.02 1.65
ND2 HTN A 30 -7.57 2.29 3.46
HE1 HTN A 30 -8.15 1.46 5.28
HE2 HTN A 30 -8.23 0.35 3.90
HE3 HTN A 30 -9.45 1.63 4.10
H HTN A 30 -3.42 4.15 1.69
HA HTN A 30 -4.53 1.39 1.39
HB3 HTN A 30 -6.07 3.92 2.04
HOG HTN A 30 -6.72 2.10 0.06
HD22 HTN A 30 -7.38 3.25 3.85
N TBG A 31 -3.61 1.16 3.75
CA TBG A 31 -3.28 0.89 5.14
CB TBG A 31 -4.22 -0.20 5.74
CG1 TBG A 31 -3.83 -0.52 7.20
CG2 TBG A 31 -5.68 0.30 5.73
CG3 TBG A 31 -4.25 -1.52 4.96
C TBG A 31 -1.77 0.60 5.20
O TBG A 31 -1.32 -0.44 4.72
H TBG A 31 -3.26 0.51 3.06
HA TBG A 31 -3.45 1.80 5.71
HG11 TBG A 31 -4.54 -1.22 7.64
HG12 TBG A 31 -2.84 -0.96 7.22
HG13 TBG A 31 -3.80 0.39 7.79
HG21 TBG A 31 -6.32 -0.37 6.30
HG22 TBG A 31 -5.75 1.30 6.14
HG23 TBG A 31 -6.04 0.31 4.70
HG31 TBG A 31 -4.51 -1.35 3.91
HG32 TBG A 31 -4.99 -2.20 5.39
HG33 TBG A 31 -3.29 -2.01 5.01
N DHV A 32 -1.03 1.55 5.79
CA DHV A 32 0.41 1.49 5.98
CB DHV A 32 0.74 0.61 7.22
CG1 DHV A 32 2.19 0.69 7.71
CG2 DHV A 32 -0.21 0.90 8.39
OG3 DHV A 32 0.57 -0.75 6.88
C DHV A 32 1.00 2.91 6.00
O DHV A 32 0.28 3.90 6.27
H DHV A 32 -1.46 2.39 6.16
HA DHV A 32 0.82 1.02 5.08
HG11 DHV A 32 2.87 0.40 6.92
HG12 DHV A 32 2.43 1.70 8.04
HG13 DHV A 32 2.32 0.02 8.56
HG21 DHV A 32 0.21 0.53 9.33
HG22 DHV A 32 -0.32 1.99 8.47
HG23 DHV A 32 -1.18 0.46 8.23
HOG3 DHV A 32 1.08 -0.89 6.07
N GLY A 33 2.28 3.04 5.67
CA GLY A 33 3.00 4.29 5.63
C GLY A 33 2.78 4.90 4.26
N MND A 34 2.28 6.12 4.24
CA MND A 34 1.99 6.85 3.03
CB MND A 34 3.05 7.94 2.80
CG MND A 34 2.91 8.57 1.44
OD1 MND A 34 2.99 7.87 0.43
ND2 MND A 34 2.95 9.90 1.35
CE2 MND A 34 3.02 10.65 0.10
C MND A 34 0.61 7.46 3.16
O MND A 34 0.31 8.10 4.18
H MND A 34 2.05 6.59 5.11
HA MND A 34 2.01 6.18 2.18
HB2 MND A 34 2.98 8.68 3.59
HB3 MND A 34 4.04 7.47 2.85
HD2 MND A 34 2.75 10.43 2.21
HE21 MND A 34 4.06 10.90 -0.13
HE22 MND A 34 2.45 11.58 0.20
HE23 MND A 34 2.59 10.07 -0.72
N ILE A 35 -0.22 7.29 2.15
CA ILE A 35 -1.56 7.83 2.16
C ILE A 35 -2.50 6.76 2.74
N MND A 36 -3.47 7.16 3.54
CA MND A 36 -4.46 6.26 4.12
CB MND A 36 -5.81 6.75 3.61
CG MND A 36 -6.93 5.72 3.55
OD1 MND A 36 -7.66 5.68 2.56
ND2 MND A 36 -7.20 4.89 4.56
CE2 MND A 36 -8.59 4.55 4.87
C MND A 36 -4.33 6.28 5.64
O MND A 36 -4.31 7.37 6.21
H MND A 36 -3.51 8.15 3.79
HA MND A 36 -4.29 5.25 3.74
HB2 MND A 36 -6.15 7.59 4.22
HB3 MND A 36 -5.69 7.12 2.59
HD2 MND A 36 -6.60 5.03 5.38
HE21 MND A 36 -9.10 5.47 5.16
HE22 MND A 36 -8.64 3.83 5.68
HE23 MND A 36 -9.11 4.16 4.00
N VAL A 37 -4.47 5.14 6.32
CA VAL A 37 -4.34 5.11 7.78
C VAL A 37 -2.90 4.70 8.08
O HTN A 38 -0.50 7.24 10.49
C HTN A 38 -0.12 6.51 9.55
CE HTN A 38 1.17 4.53 12.95
N HTN A 38 -2.22 5.46 8.94
CA HTN A 38 -0.84 5.20 9.30
CB HTN A 38 -0.67 4.27 10.50
OG HTN A 38 -1.52 3.15 10.35
CG HTN A 38 0.81 3.85 10.56
OD1 HTN A 38 1.38 3.47 9.54
ND2 HTN A 38 1.48 3.86 11.69
HE1 HTN A 38 0.60 5.44 12.75
HE2 HTN A 38 2.10 4.82 13.45
HE3 HTN A 38 0.62 3.87 13.61
H HTN A 38 -2.64 6.31 9.32
HA HTN A 38 -0.36 4.73 8.43
HB3 HTN A 38 -0.95 4.81 11.41
HOG HTN A 38 -1.53 2.97 9.39
HD22 HTN A 38 2.46 3.54 11.46
N ALA A 39 0.95 6.75 8.82
CA ALA A 39 1.75 7.95 8.93
C ALA A 39 1.98 8.45 7.52
N MND A 40 1.69 9.73 7.31
CA MND A 40 1.82 10.42 6.03
CB MND A 40 3.17 11.16 5.96
CG MND A 40 3.46 11.74 4.57
OD1 MND A 40 2.69 11.61 3.63
ND2 MND A 40 4.66 12.33 4.39
CE2 MND A 40 5.16 12.87 3.12
C MND A 40 0.63 11.37 5.91
O MND A 40 0.67 12.46 6.49
H MND A 40 1.27 10.22 8.09
HA MND A 40 1.78 9.70 5.23
HB2 MND A 40 3.21 11.95 6.70
HB3 MND A 40 3.96 10.43 6.19
HD2 MND A 40 5.29 12.31 5.20
HE21 MND A 40 4.97 13.94 3.05
HE22 MND A 40 4.67 12.40 2.28
HE23 MND A 40 6.25 12.71 3.05
N VAL A 41 -0.43 10.97 5.20
CA VAL A 41 -1.62 11.81 5.05
C VAL A 41 -2.87 10.91 5.01
N DSN A 42 -3.93 11.31 5.71
CA DSN A 42 -5.19 10.60 5.76
C DSN A 42 -5.72 10.45 7.19
O DSN A 42 -6.56 11.22 7.66
CB DSN A 42 -6.19 11.33 4.84
OG DSN A 42 -5.73 11.29 3.50
H DSN A 42 -3.85 12.18 6.23
HA DSN A 42 -5.05 9.61 5.34
HB2 DSN A 42 -7.16 10.83 4.89
HB3 DSN A 42 -6.30 12.35 5.16
HG DSN A 42 -6.01 10.44 3.13
N VAL A 43 -5.23 9.43 7.90
CA VAL A 43 -5.60 9.10 9.26
C VAL A 43 -4.33 8.62 9.98
N DSG A 44 -4.33 8.75 11.31
CA DSG A 44 -3.23 8.33 12.17
C DSG A 44 -2.39 9.55 12.53
O DSG A 44 -2.86 10.41 13.29
CB DSG A 44 -3.76 7.61 13.41
CG DSG A 44 -2.61 6.96 14.14
OD1 DSG A 44 -2.00 6.02 13.63
ND2 DSG A 44 -2.27 7.44 15.32
H DSG A 44 -5.10 9.23 11.75
HA DSG A 44 -2.61 7.62 11.62
HB2 DSG A 44 -4.29 8.33 14.05
HB3 DSG A 44 -4.47 6.84 13.10
HD21 DSG A 44 -1.45 7.02 15.76
HD22 DSG A 44 -2.81 8.17 15.76
N M2S A 45 -1.17 9.65 12.00
CA M2S A 45 -0.26 10.77 12.25
CB M2S A 45 0.92 10.36 13.19
CG1 M2S A 45 1.76 9.25 12.54
CG2 M2S A 45 1.85 11.57 13.44
CG M2S A 45 0.33 9.89 14.54
SD M2S A 45 1.40 9.85 16.02
OE M2S A 45 2.53 8.47 15.63
CE M2S A 45 0.30 9.09 17.22
C M2S A 45 0.15 11.34 10.88
O M2S A 45 0.11 10.67 9.85
H M2S A 45 -0.84 8.92 11.38
HA M2S A 45 -0.81 11.56 12.75
HG11 M2S A 45 1.18 8.33 12.44
HG12 M2S A 45 2.11 9.56 11.56
HG13 M2S A 45 2.64 9.05 13.14
HG21 M2S A 45 1.29 12.44 13.81
HG22 M2S A 45 2.37 11.85 12.51
HG23 M2S A 45 2.64 11.33 14.14
HG2 M2S A 45 -0.10 8.90 14.41
HG3 M2S A 45 -0.50 10.57 14.79
HE1 M2S A 45 -0.51 9.79 17.47
HE2 M2S A 45 -0.13 8.18 16.79
HE3 M2S A 45 0.86 8.84 18.11
N DSG A 46 0.54 12.61 10.86
CA DSG A 46 0.96 13.33 9.68
C DSG A 46 -0.07 14.44 9.48
O DSG A 46 -0.26 15.25 10.38
CB DSG A 46 2.40 13.83 9.84
CG DSG A 46 2.63 14.76 11.03
OD1 DSG A 46 3.09 14.30 12.07
ND2 DSG A 46 2.55 16.05 10.85
H DSG A 46 0.55 13.12 11.73
HA DSG A 46 0.95 12.66 8.82
HB2 DSG A 46 3.05 12.96 9.95
HB3 DSG A 46 2.70 14.32 8.92
HD21 DSG A 46 2.74 16.71 11.60
HD22 DSG A 46 2.23 16.40 9.95
N GLN A 47 -0.80 14.42 8.37
CA GLN A 47 -1.83 15.41 8.09
C GLN A 47 -3.12 14.65 7.82
N 2TL A 48 -4.09 14.73 8.73
CA 2TL A 48 -5.37 14.05 8.59
CB 2TL A 48 -6.30 14.83 7.65
OG1 2TL A 48 -5.79 14.80 6.33
CG2 2TL A 48 -6.46 16.30 8.02
C 2TL A 48 -5.94 13.81 9.98
O 2TL A 48 -5.64 14.57 10.90
H 2TL A 48 -3.99 15.28 9.57
HA 2TL A 48 -5.16 13.07 8.15
HB 2TL A 48 -7.28 14.35 7.64
HG1 2TL A 48 -4.92 14.34 6.38
HG21 2TL A 48 -7.13 16.78 7.31
HG22 2TL A 48 -5.50 16.82 7.98
HG23 2TL A 48 -6.87 16.38 9.02
N THR A 49 -6.80 12.80 10.14
CA THR A 49 -7.38 12.48 11.45
C THR A 49 -6.35 11.62 12.21
C MHE A 1 9.93 -11.17 -9.60
O MHE A 1 10.77 -11.78 -10.27
CA MHE A 1 10.16 -10.43 -8.40
O2 MHE A 1 9.86 -9.23 -8.28
C3 MHE A 1 10.40 -11.31 -7.18
C4 MHE A 1 11.85 -11.83 -7.15
C5 MHE A 1 12.11 -13.01 -6.19
C6 MHE A 1 11.89 -12.60 -4.72
C7 MHE A 1 13.56 -13.44 -6.38
C8 MHE A 1 11.21 -14.21 -6.52
H1 MHE A 1 10.21 -10.74 -6.27
H3A MHE A 1 9.70 -12.13 -7.22
H4 MHE A 1 12.13 -12.15 -8.16
H4A MHE A 1 12.50 -10.99 -6.89
H6 MHE A 1 10.86 -12.31 -4.56
H6A MHE A 1 12.53 -11.75 -4.47
H6B MHE A 1 12.16 -13.43 -4.07
H7 MHE A 1 13.79 -14.24 -5.69
H7A MHE A 1 14.22 -12.60 -6.17
H7B MHE A 1 13.73 -13.79 -7.40
H8 MHE A 1 11.22 -14.40 -7.59
H8A MHE A 1 11.55 -15.09 -5.97
H8B MHE A 1 10.18 -14.02 -6.22
N GLY A 2 8.62 -11.08 -9.85
CA GLY A 2 7.98 -11.52 -11.07
C GLY A 2 6.99 -10.45 -11.51
N I2M A 3 6.44 -10.58 -12.72
CA I2M A 3 5.50 -9.63 -13.28
CB I2M A 3 6.09 -9.10 -14.64
CG3 I2M A 3 5.96 -10.15 -15.77
CG2 I2M A 3 5.34 -7.83 -15.09
CG1 I2M A 3 7.61 -8.80 -14.64
CD1 I2M A 3 8.12 -7.76 -13.64
C I2M A 3 4.13 -10.30 -13.45
O I2M A 3 4.07 -11.48 -13.82
H I2M A 3 6.64 -11.40 -13.27
HA I2M A 3 5.40 -8.78 -12.60
HG31 I2M A 3 6.43 -11.08 -15.46
HG32 I2M A 3 6.45 -9.81 -16.68
HG33 I2M A 3 4.91 -10.35 -15.98
HG21 I2M A 3 5.35 -7.09 -14.28
HG22 I2M A 3 5.81 -7.38 -15.96
HG23 I2M A 3 4.29 -8.05 -15.31
HG12 I2M A 3 8.18 -9.72 -14.47
HG13 I2M A 3 7.90 -8.44 -15.63
HD11 I2M A 3 7.59 -6.82 -13.76
HD12 I2M A 3 8.02 -8.12 -12.63
HD13 I2M A 3 9.17 -7.60 -13.83
N GLY A 4 3.03 -9.54 -13.35
CA GLY A 4 1.67 -10.05 -13.54
C GLY A 4 0.82 -10.09 -12.29
N TBG A 5 -0.18 -10.97 -12.29
CA TBG A 5 -1.11 -11.17 -11.19
CB TBG A 5 -2.56 -11.23 -11.76
CG1 TBG A 5 -2.86 -10.02 -12.66
CG2 TBG A 5 -2.82 -12.47 -12.64
CG3 TBG A 5 -3.56 -11.23 -10.59
C TBG A 5 -0.62 -12.38 -10.41
O TBG A 5 -0.34 -13.43 -11.02
H TBG A 5 -0.22 -11.66 -13.02
HA TBG A 5 -1.05 -10.29 -10.54
HG11 TBG A 5 -2.32 -10.09 -13.60
HG12 TBG A 5 -3.92 -9.96 -12.89
HG13 TBG A 5 -2.56 -9.09 -12.18
HG21 TBG A 5 -3.84 -12.44 -13.05
HG22 TBG A 5 -2.13 -12.49 -13.49
HG23 TBG A 5 -2.68 -13.39 -12.08
HG31 TBG A 5 -4.58 -11.18 -10.97
HG32 TBG A 5 -3.41 -10.35 -9.96
HG33 TBG A 5 -3.45 -12.11 -9.97
N TDD A 6 -0.56 -12.31 -9.08
CA TDD A 6 -0.10 -13.38 -8.20
CB TDD A 6 -1.30 -14.20 -7.63
CG1 TDD A 6 -0.78 -15.29 -6.67
CG2 TDD A 6 -2.36 -13.36 -6.89
CG3 TDD A 6 -2.03 -14.93 -8.77
C TDD A 6 0.80 -12.73 -7.15
O TDD A 6 0.35 -11.89 -6.36
H TDD A 6 -0.77 -11.43 -8.62
HA TDD A 6 0.51 -14.07 -8.79
HG11 TDD A 6 -0.01 -15.88 -7.16
HG12 TDD A 6 -0.38 -14.83 -5.77
HG13 TDD A 6 -1.60 -15.95 -6.39
HG21 TDD A 6 -2.74 -12.57 -7.53
HG22 TDD A 6 -3.19 -13.99 -6.58
HG23 TDD A 6 -1.92 -12.90 -6.01
HG31 TDD A 6 -2.54 -14.22 -9.41
HG32 TDD A 6 -2.75 -15.62 -8.35
HG33 TDD A 6 -1.31 -15.48 -9.38
N TBG A 7 2.08 -13.12 -7.14
CA TBG A 7 3.08 -12.58 -6.23
CB TBG A 7 3.51 -13.62 -5.15
CG1 TBG A 7 2.28 -14.28 -4.50
CG2 TBG A 7 4.40 -14.74 -5.72
CG3 TBG A 7 4.28 -12.89 -4.03
C TBG A 7 4.18 -11.96 -7.10
O TBG A 7 4.77 -12.68 -7.93
H TBG A 7 2.40 -13.80 -7.81
HA TBG A 7 2.60 -11.77 -5.68
HG11 TBG A 7 2.58 -14.86 -3.62
HG12 TBG A 7 1.57 -13.52 -4.18
HG13 TBG A 7 1.80 -14.96 -5.20
HG21 TBG A 7 4.51 -15.55 -4.99
HG22 TBG A 7 3.95 -15.14 -6.61
HG23 TBG A 7 5.39 -14.35 -5.97
HG31 TBG A 7 4.55 -13.59 -3.25
HG32 TBG A 7 3.65 -12.11 -3.61
HG33 TBG A 7 5.19 -12.43 -4.43
N DAL A 8 4.42 -10.67 -6.96
CA DAL A 8 5.40 -9.88 -7.70
CB DAL A 8 6.70 -9.79 -6.91
C DAL A 8 4.81 -8.50 -7.95
O DAL A 8 4.03 -8.01 -7.13
H DAL A 8 3.88 -10.15 -6.27
HA DAL A 8 5.58 -10.38 -8.66
HB1 DAL A 8 6.51 -9.35 -5.93
HB2 DAL A 8 7.14 -10.77 -6.77
HB3 DAL A 8 7.40 -9.15 -7.44
N TBG A 9 5.27 -7.81 -9.00
CA TBG A 9 4.79 -6.48 -9.36
CB TBG A 9 5.93 -5.58 -9.90
CG1 TBG A 9 7.17 -5.70 -9.00
CG2 TBG A 9 6.36 -5.93 -11.33
CG3 TBG A 9 5.47 -4.10 -9.90
C TBG A 9 3.59 -6.68 -10.32
O TBG A 9 3.65 -7.52 -11.22
H TBG A 9 5.90 -8.27 -9.65
HA TBG A 9 4.43 -6.01 -8.45
HG11 TBG A 9 7.85 -4.88 -9.21
HG12 TBG A 9 6.89 -5.66 -7.96
HG13 TBG A 9 7.68 -6.64 -9.18
HG21 TBG A 9 6.61 -6.98 -11.37
HG22 TBG A 9 5.56 -5.73 -12.05
HG23 TBG A 9 7.24 -5.34 -11.62
HG31 TBG A 9 5.15 -3.81 -8.90
HG32 TBG A 9 4.65 -3.96 -10.59
HG33 TBG A 9 6.29 -3.46 -10.20
N TDD A 10 2.54 -5.88 -10.13
CA TDD A 10 1.32 -5.94 -10.92
CB TDD A 10 1.25 -4.81 -11.98
CG1 TDD A 10 1.49 -3.37 -11.44
CG2 TDD A 10 2.31 -5.06 -13.08
CG3 TDD A 10 -0.13 -4.82 -12.67
C TDD A 10 0.17 -6.00 -9.92
O TDD A 10 -0.26 -4.97 -9.40
H TDD A 10 2.56 -5.22 -9.36
HA TDD A 10 1.30 -6.87 -11.47
HG11 TDD A 10 0.77 -3.13 -10.67
HG12 TDD A 10 2.49 -3.29 -11.02
HG13 TDD A 10 1.38 -2.65 -12.24
HG21 TDD A 10 3.31 -4.98 -12.66
HG22 TDD A 10 2.19 -6.05 -13.50
HG23 TDD A 10 2.22 -4.33 -13.88
HG31 TDD A 10 -0.33 -5.81 -13.07
HG32 TDD A 10 -0.16 -4.09 -13.48
HG33 TDD A 10 -0.92 -4.57 -11.96
N ALA A 11 -0.30 -7.20 -9.58
CA ALA A 11 -1.41 -7.34 -8.65
C ALA A 11 -1.27 -8.57 -7.76
N GLY A 12 -1.96 -8.52 -6.63
CA GLY A 12 -2.02 -9.56 -5.62
C GLY A 12 -1.15 -9.15 -4.45
N ALA A 13 0.05 -9.71 -4.35
CA ALA A 13 0.99 -9.41 -3.28
C ALA A 13 2.35 -9.06 -3.85
N TDD A 14 3.13 -8.27 -3.13
CA TDD A 14 4.46 -7.83 -3.53
CB TDD A 14 5.54 -8.32 -2.54
CG1 TDD A 14 5.28 -7.96 -1.05
CG2 TDD A 14 5.62 -9.86 -2.62
CG3 TDD A 14 6.92 -7.79 -2.93
C TDD A 14 4.33 -6.32 -3.76
O TDD A 14 4.48 -5.53 -2.83
H TDD A 14 2.73 -7.80 -2.32
HA TDD A 14 4.70 -8.26 -4.50
HG11 TDD A 14 6.03 -8.42 -0.42
HG12 TDD A 14 5.33 -6.88 -0.91
HG13 TDD A 14 4.30 -8.33 -0.74
HG21 TDD A 14 4.70 -10.30 -2.25
HG22 TDD A 14 5.79 -10.17 -3.65
HG23 TDD A 14 6.45 -10.22 -2.01
HG31 TDD A 14 7.69 -8.19 -2.27
HG32 TDD A 14 6.95 -6.69 -2.84
HG33 TDD A 14 7.15 -8.04 -3.97
N ALA A 15 4.04 -5.94 -5.00
CA ALA A 15 3.89 -4.54 -5.34
C ALA A 15 2.82 -4.34 -6.40
N MND A 16 2.25 -3.15 -6.46
CA MND A 16 1.23 -2.77 -7.42
CB MND A 16 1.66 -1.56 -8.29
CG MND A 16 2.36 -0.40 -7.58
OD1 MND A 16 2.68 -0.44 -6.41
ND2 MND A 16 2.99 0.48 -8.36
CE2 MND A 16 3.76 1.62 -7.86
C MND A 16 -0.14 -2.57 -6.77
O MND A 16 -0.33 -1.61 -6.03
H MND A 16 2.47 -2.45 -5.75
HA MND A 16 1.12 -3.58 -8.12
HB2 MND A 16 2.35 -1.95 -9.04
HB3 MND A 16 0.79 -1.19 -8.82
HD2 MND A 16 2.71 0.47 -9.34
HE21 MND A 16 3.09 2.32 -7.35
HE22 MND A 16 4.29 2.12 -8.67
HE23 MND A 16 4.48 1.29 -7.11
N HVA A 17 -1.05 -3.53 -6.98
CA HVA A 17 -2.41 -3.48 -6.48
CB HVA A 17 -3.35 -3.21 -7.70
CG1 HVA A 17 -4.78 -2.90 -7.24
CG2 HVA A 17 -2.85 -2.07 -8.60
OG3 HVA A 17 -3.44 -4.30 -8.60
C HVA A 17 -2.79 -4.70 -5.61
O HVA A 17 -2.90 -5.82 -6.12
H HVA A 17 -0.82 -4.29 -7.61
HA HVA A 17 -2.48 -2.61 -5.83
HG11 HVA A 17 -4.79 -2.03 -6.58
HG12 HVA A 17 -5.42 -2.71 -8.09
HG13 HVA A 17 -5.19 -3.73 -6.67
HG21 HVA A 17 -2.00 -2.41 -9.22
HG22 HVA A 17 -3.64 -1.71 -9.26
HG23 HVA A 17 -2.48 -1.24 -8.00
HOG3 HVA A 17 -4.02 -4.98 -8.22
N GLY A 18 -3.06 -4.49 -4.31
CA GLY A 18 -3.46 -5.54 -3.38
C GLY A 18 -2.74 -5.43 -2.03
N ALA A 19 -1.53 -5.97 -1.93
CA ALA A 19 -0.75 -5.95 -0.70
C ALA A 19 0.75 -5.80 -0.98
N GLY A 20 1.46 -5.32 0.04
CA GLY A 20 2.90 -5.09 0.04
C GLY A 20 3.15 -3.60 -0.09
N TBG A 21 3.55 -3.13 -1.26
CA TBG A 21 3.82 -1.71 -1.50
CB TBG A 21 5.34 -1.40 -1.48
CG1 TBG A 21 5.57 0.09 -1.81
CG2 TBG A 21 5.91 -1.62 -0.07
CG3 TBG A 21 6.17 -2.29 -2.44
C TBG A 21 3.05 -1.29 -2.76
O TBG A 21 3.29 -1.82 -3.85
H TBG A 21 3.70 -3.76 -2.03
HA TBG A 21 3.39 -1.14 -0.67
HG11 TBG A 21 5.17 0.33 -2.80
HG12 TBG A 21 5.07 0.72 -1.08
HG13 TBG A 21 6.63 0.31 -1.83
HG21 TBG A 21 6.97 -1.33 -0.03
HG22 TBG A 21 5.37 -1.02 0.66
HG23 TBG A 21 5.84 -2.67 0.21
HG31 TBG A 21 5.82 -2.18 -3.46
HG32 TBG A 21 6.08 -3.34 -2.16
HG33 TBG A 21 7.22 -2.01 -2.40
N MND A 22 2.18 -0.30 -2.62
CA MND A 22 1.34 0.26 -3.68
CB MND A 22 1.93 1.57 -4.21
CG MND A 22 1.03 2.26 -5.24
OD1 MND A 22 0.40 1.63 -6.09
ND2 MND A 22 0.93 3.59 -5.20
CE2 MND A 22 0.21 4.41 -6.16
C MND A 22 -0.04 0.52 -3.10
O MND A 22 -0.17 0.87 -1.92
H MND A 22 2.02 0.09 -1.70
HA MND A 22 1.24 -0.47 -4.50
HB2 MND A 22 2.06 2.22 -3.35
HB3 MND A 22 2.91 1.38 -4.65
HD2 MND A 22 1.48 4.06 -4.46
HE21 MND A 22 -0.60 3.81 -6.59
HE22 MND A 22 0.88 4.71 -6.95
HE23 MND A 22 -0.21 5.29 -5.67
N LMQ A 23 -1.07 0.39 -3.91
CA LMQ A 23 -2.43 0.64 -3.48
CB LMQ A 23 -3.32 1.14 -4.65
CB2 LMQ A 23 -3.21 2.65 -4.92
CG LMQ A 23 -3.07 0.36 -5.96
CD LMQ A 23 -3.88 0.83 -7.14
OE1 LMQ A 23 -3.34 1.33 -8.12
NE2 LMQ A 23 -5.20 0.91 -7.02
C LMQ A 23 -2.98 -0.64 -2.84
O LMQ A 23 -3.15 -1.68 -3.49
H LMQ A 23 -0.88 0.10 -4.86
HA LMQ A 23 -2.43 1.41 -2.73
HB3 LMQ A 23 -4.32 0.98 -4.30
HB21 LMQ A 23 -2.17 2.95 -5.03
HB22 LMQ A 23 -3.79 2.91 -5.81
HB23 LMQ A 23 -3.68 3.19 -4.10
HG2 LMQ A 23 -2.03 0.44 -6.25
HG3 LMQ A 23 -3.29 -0.69 -5.78
HE21 LMQ A 23 -5.66 1.30 -7.81
HE22 LMQ A 23 -5.71 0.37 -6.32
N DHV A 24 -3.17 -0.60 -1.52
CA DHV A 24 -3.69 -1.67 -0.70
CB DHV A 24 -5.26 -1.57 -0.63
CG1 DHV A 24 -5.85 -1.66 0.79
CG2 DHV A 24 -5.90 -0.32 -1.27
OG3 DHV A 24 -5.80 -2.66 -1.35
C DHV A 24 -3.02 -1.64 0.68
O DHV A 24 -2.80 -0.57 1.27
H DHV A 24 -3.00 0.27 -1.03
HA DHV A 24 -3.42 -2.60 -1.19
HG11 DHV A 24 -5.56 -2.59 1.26
HG12 DHV A 24 -5.50 -0.83 1.40
HG13 DHV A 24 -6.94 -1.61 0.76
HG21 DHV A 24 -5.67 -0.28 -2.35
HG22 DHV A 24 -6.98 -0.33 -1.18
HG23 DHV A 24 -5.51 0.58 -0.80
HOG3 DHV A 24 -6.72 -2.78 -1.05
N ALA A 25 -2.78 -2.84 1.24
CA ALA A 25 -2.22 -3.02 2.57
C ALA A 25 -0.71 -3.26 2.65
N GLY A 26 -0.05 -2.43 3.47
CA GLY A 26 1.38 -2.47 3.74
C GLY A 26 1.94 -1.07 3.72
N GLY A 27 2.24 -0.55 2.53
CA GLY A 27 2.76 0.78 2.32
C GLY A 27 2.23 1.34 1.01
N MND A 28 2.25 2.66 0.84
CA MND A 28 1.81 3.37 -0.35
CB MND A 28 2.88 4.42 -0.71
CG MND A 28 2.56 5.11 -2.03
OD1 MND A 28 2.73 4.52 -3.09
ND2 MND A 28 2.08 6.35 -2.00
CE2 MND A 28 1.71 7.07 -3.20
C MND A 28 0.45 4.01 -0.14
O MND A 28 0.34 4.99 0.59
H MND A 28 2.51 3.25 1.63
HA MND A 28 1.75 2.66 -1.19
HB2 MND A 28 2.96 5.15 0.09
HB3 MND A 28 3.85 3.92 -0.81
HD2 MND A 28 2.04 6.84 -1.10
HE21 MND A 28 1.14 7.97 -2.94
HE22 MND A 28 1.10 6.41 -3.83
HE23 MND A 28 2.61 7.33 -3.75
N ILE A 29 -0.64 3.40 -0.64
CA ILE A 29 -1.95 4.00 -0.50
C ILE A 29 -2.96 3.00 0.07
O HTN A 30 -4.75 3.30 3.97
C HTN A 30 -4.44 2.36 3.25
CE HTN A 30 -9.54 1.48 1.04
N HTN A 30 -3.67 3.34 1.14
CA HTN A 30 -4.67 2.46 1.75
CB HTN A 30 -6.05 3.02 1.36
OG HTN A 30 -6.10 3.10 -0.06
CG HTN A 30 -7.26 2.17 1.80
OD1 HTN A 30 -7.36 1.63 2.89
ND2 HTN A 30 -8.24 2.13 0.90
HE1 HTN A 30 -9.39 0.40 1.16
HE2 HTN A 30 -10.12 1.65 0.13
HE3 HTN A 30 -10.07 1.89 1.89
H HTN A 30 -3.45 4.23 1.59
HA HTN A 30 -4.59 1.45 1.33
HB3 HTN A 30 -6.15 4.02 1.78
HOG HTN A 30 -5.23 2.86 -0.38
HD22 HTN A 30 -7.99 2.80 0.13
N TBG A 31 -3.84 1.26 3.71
CA TBG A 31 -3.56 1.04 5.13
CB TBG A 31 -4.48 -0.06 5.75
CG1 TBG A 31 -4.16 -1.49 5.24
CG2 TBG A 31 -4.34 -0.05 7.28
CG3 TBG A 31 -5.96 0.18 5.39
C TBG A 31 -2.05 0.77 5.29
O TBG A 31 -1.48 0.01 4.49
H TBG A 31 -3.60 0.51 3.08
HA TBG A 31 -3.79 1.95 5.66
HG11 TBG A 31 -3.14 -1.77 5.49
HG12 TBG A 31 -4.84 -2.21 5.70
HG13 TBG A 31 -4.30 -1.53 4.16
HG21 TBG A 31 -5.00 -0.80 7.72
HG22 TBG A 31 -3.33 -0.27 7.58
HG23 TBG A 31 -4.63 0.92 7.68
HG31 TBG A 31 -6.23 1.21 5.57
HG32 TBG A 31 -6.61 -0.48 5.99
HG33 TBG A 31 -6.15 -0.06 4.34
N DHV A 32 -1.41 1.38 6.30
CA DHV A 32 0.00 1.20 6.58
CB DHV A 32 0.18 0.24 7.80
CG1 DHV A 32 -0.27 -1.18 7.42
CG2 DHV A 32 1.63 0.10 8.27
OG3 DHV A 32 -0.58 0.64 8.92
C DHV A 32 0.72 2.55 6.68
O DHV A 32 0.81 3.14 7.76
H DHV A 32 -1.95 1.98 6.91
HA DHV A 32 0.45 0.70 5.73
HG11 DHV A 32 0.30 -1.52 6.55
HG12 DHV A 32 -0.11 -1.87 8.23
HG13 DHV A 32 -1.34 -1.19 7.17
HG21 DHV A 32 2.28 -0.19 7.43
HG22 DHV A 32 2.01 1.03 8.68
HG23 DHV A 32 1.72 -0.67 9.05
HOG3 DHV A 32 -0.08 1.35 9.36
N GLY A 33 1.38 2.98 5.61
CA GLY A 33 2.09 4.25 5.58
C GLY A 33 2.01 4.83 4.18
N MND A 34 1.74 6.13 4.08
CA MND A 34 1.61 6.88 2.85
CB MND A 34 2.75 7.90 2.71
CG MND A 34 2.72 8.61 1.35
OD1 MND A 34 2.10 8.15 0.39
ND2 MND A 34 3.51 9.68 1.25
CE2 MND A 34 3.97 10.25 -0.02
C MND A 34 0.27 7.60 2.94
O MND A 34 -0.03 8.19 3.99
H MND A 34 1.51 6.63 4.93
HA MND A 34 1.64 6.22 2.00
HB2 MND A 34 2.66 8.63 3.51
HB3 MND A 34 3.69 7.37 2.80
HD2 MND A 34 3.90 10.03 2.12
HE21 MND A 34 4.99 10.62 0.11
HE22 MND A 34 3.33 11.06 -0.32
HE23 MND A 34 3.97 9.48 -0.79
N ILE A 35 -0.58 7.51 1.92
CA ILE A 35 -1.88 8.18 1.96
C ILE A 35 -2.98 7.17 2.25
N MND A 36 -3.83 7.47 3.24
CA MND A 36 -4.92 6.61 3.66
CB MND A 36 -6.22 7.05 2.98
CG MND A 36 -7.44 6.37 3.63
OD1 MND A 36 -7.90 5.33 3.15
ND2 MND A 36 -7.94 6.93 4.73
CE2 MND A 36 -8.98 6.33 5.54
C MND A 36 -5.00 6.64 5.17
O MND A 36 -5.30 7.68 5.74
H MND A 36 -3.68 8.34 3.74
HA MND A 36 -4.72 5.59 3.34
HB2 MND A 36 -6.32 8.12 3.07
HB3 MND A 36 -6.18 6.79 1.92
HD2 MND A 36 -7.33 7.64 5.15
HE21 MND A 36 -9.14 6.93 6.45
HE22 MND A 36 -8.68 5.32 5.83
HE23 MND A 36 -9.91 6.27 4.98
N VAL A 37 -4.69 5.52 5.83
CA VAL A 37 -4.71 5.39 7.27
C VAL A 37 -3.45 4.64 7.71
O HTN A 38 -0.72 6.32 10.79
C HTN A 38 -0.64 5.78 9.68
CE HTN A 38 0.76 3.24 13.28
N HTN A 38 -2.78 5.17 8.73
CA HTN A 38 -1.56 4.63 9.31
CB HTN A 38 -1.86 3.73 10.50
OG HTN A 38 -2.54 2.56 10.11
CG HTN A 38 -0.54 3.31 11.18
OD1 HTN A 38 0.20 2.52 10.61
ND2 HTN A 38 -0.34 3.68 12.44
HE1 HTN A 38 1.62 3.90 13.15
HE2 HTN A 38 1.05 2.23 13.02
HE3 HTN A 38 0.45 3.26 14.33
H HTN A 38 -3.12 6.03 9.13
HA HTN A 38 -1.08 4.03 8.55
HB3 HTN A 38 -2.49 4.28 11.20
HOG HTN A 38 -1.87 1.96 9.73
HD22 HTN A 38 -1.02 4.40 12.79
N ALA A 39 0.25 6.15 8.76
CA ALA A 39 1.19 7.23 8.95
C ALA A 39 1.42 7.93 7.61
N MND A 40 1.46 9.26 7.57
CA MND A 40 1.69 10.00 6.33
CB MND A 40 3.13 10.50 6.29
CG MND A 40 3.53 10.90 4.86
OD1 MND A 40 4.42 10.31 4.26
ND2 MND A 40 2.91 11.95 4.31
CE2 MND A 40 3.12 12.42 2.95
C MND A 40 0.67 11.11 6.18
O MND A 40 0.92 12.27 6.58
H MND A 40 1.25 9.77 8.43
HA MND A 40 1.57 9.32 5.48
HB2 MND A 40 3.27 11.33 6.95
HB3 MND A 40 3.79 9.71 6.63
HD2 MND A 40 2.15 12.37 4.84
HE21 MND A 40 2.38 11.97 2.29
HE22 MND A 40 4.11 12.13 2.59
HE23 MND A 40 3.04 13.50 2.91
N VAL A 41 -0.45 10.82 5.52
CA VAL A 41 -1.53 11.76 5.31
C VAL A 41 -2.86 10.99 5.34
N DSN A 42 -3.88 11.54 5.98
CA DSN A 42 -5.21 10.96 6.13
C DSN A 42 -5.53 10.70 7.61
O DSN A 42 -5.81 11.65 8.34
CB DSN A 42 -6.27 11.88 5.53
OG DSN A 42 -6.12 12.04 4.14
H DSN A 42 -3.73 12.47 6.40
HA DSN A 42 -5.26 10.02 5.59
HB2 DSN A 42 -7.26 11.45 5.73
HB3 DSN A 42 -6.23 12.86 6.03
HG DSN A 42 -5.30 12.52 3.97
N VAL A 43 -5.36 9.47 8.12
CA VAL A 43 -5.67 9.15 9.51
C VAL A 43 -4.48 8.46 10.18
N DSG A 44 -4.19 8.75 11.44
CA DSG A 44 -3.09 8.15 12.19
C DSG A 44 -2.11 9.23 12.62
O DSG A 44 -2.51 10.14 13.35
CB DSG A 44 -3.57 7.33 13.39
CG DSG A 44 -2.41 6.51 13.94
OD1 DSG A 44 -2.14 5.42 13.43
ND2 DSG A 44 -1.65 7.01 14.90
H DSG A 44 -4.65 9.54 11.90
HA DSG A 44 -2.57 7.47 11.53
HB2 DSG A 44 -3.96 8.00 14.16
HB3 DSG A 44 -4.36 6.65 13.07
HD21 DSG A 44 -0.86 6.48 15.23
HD22 DSG A 44 -1.86 7.90 15.33
N M2S A 45 -0.85 9.11 12.22
CA M2S A 45 0.21 10.07 12.54
CB M2S A 45 1.41 9.42 13.32
CG1 M2S A 45 1.08 9.53 14.82
CG2 M2S A 45 1.61 7.93 12.98
CG M2S A 45 2.71 10.20 12.99
SD M2S A 45 4.33 9.77 13.72
OE M2S A 45 4.30 10.83 15.22
CE M2S A 45 5.31 10.82 12.63
C M2S A 45 0.59 10.73 11.22
O M2S A 45 1.15 10.07 10.34
H M2S A 45 -0.60 8.33 11.62
HA M2S A 45 -0.21 10.86 13.17
HG11 M2S A 45 1.02 10.58 15.12
HG12 M2S A 45 0.13 9.06 15.04
HG13 M2S A 45 1.85 9.06 15.42
HG21 M2S A 45 2.46 7.51 13.53
HG22 M2S A 45 1.78 7.82 11.91
HG23 M2S A 45 0.73 7.34 13.26
HG2 M2S A 45 2.53 11.26 13.19
HG3 M2S A 45 2.90 10.10 11.93
HE1 M2S A 45 5.31 10.40 11.62
HE2 M2S A 45 4.87 11.81 12.60
HE3 M2S A 45 6.33 10.89 13.00
N DSG A 46 0.44 12.05 11.12
CA DSG A 46 0.79 12.78 9.92
C DSG A 46 -0.19 13.91 9.67
O DSG A 46 -0.72 14.50 10.62
CB DSG A 46 2.22 13.32 10.03
CG DSG A 46 2.55 14.06 11.33
OD1 DSG A 46 3.59 13.78 11.94
ND2 DSG A 46 1.84 15.09 11.71
H DSG A 46 -0.02 12.56 11.87
HA DSG A 46 0.75 12.10 9.06
HB2 DSG A 46 2.92 12.50 9.92
HB3 DSG A 46 2.39 14.03 9.22
HD21 DSG A 46 1.97 15.35 12.69
HD22 DSG A 46 0.92 15.23 11.30
N GLN A 47 -0.39 14.26 8.40
CA GLN A 47 -1.25 15.35 7.95
C GLN A 47 -2.68 14.82 7.87
N 2TL A 48 -3.52 15.15 8.85
CA 2TL A 48 -4.89 14.70 8.89
CB 2TL A 48 -5.79 15.70 8.13
OG1 2TL A 48 -5.42 17.06 8.31
CG2 2TL A 48 -7.29 15.55 8.41
C 2TL A 48 -5.30 14.35 10.33
O 2TL A 48 -4.80 14.96 11.29
H 2TL A 48 -3.20 15.73 9.62
HA 2TL A 48 -4.94 13.77 8.32
HB 2TL A 48 -5.65 15.48 7.07
HG1 2TL A 48 -5.49 17.26 9.26
HG21 2TL A 48 -7.86 16.14 7.70
HG22 2TL A 48 -7.53 15.87 9.42
HG23 2TL A 48 -7.58 14.50 8.28
N THR A 49 -6.25 13.43 10.49
CA THR A 49 -6.74 12.96 11.77
C THR A 49 -5.60 12.28 12.52
C MHE A 1 9.23 -11.60 -9.35
O MHE A 1 9.61 -11.61 -8.18
CA MHE A 1 9.94 -10.92 -10.39
O2 MHE A 1 10.08 -9.70 -10.39
C3 MHE A 1 10.71 -11.77 -11.40
C4 MHE A 1 12.20 -11.92 -11.03
C5 MHE A 1 13.07 -12.58 -12.13
C6 MHE A 1 14.47 -12.86 -11.55
C7 MHE A 1 13.26 -11.64 -13.33
C8 MHE A 1 12.48 -13.90 -12.64
H1 MHE A 1 10.25 -12.76 -11.46
H3A MHE A 1 10.61 -11.29 -12.36
H4 MHE A 1 12.59 -10.93 -10.81
H4A MHE A 1 12.25 -12.53 -10.12
H6 MHE A 1 15.08 -13.36 -12.29
H6A MHE A 1 14.39 -13.52 -10.68
H6B MHE A 1 14.96 -11.93 -11.26
H7 MHE A 1 12.31 -11.49 -13.84
H7A MHE A 1 13.95 -12.08 -14.04
H7B MHE A 1 13.64 -10.68 -13.01
H8 MHE A 1 13.18 -14.39 -13.32
H8A MHE A 1 12.29 -14.56 -11.81
H8B MHE A 1 11.55 -13.72 -13.18
N GLY A 2 8.05 -12.14 -9.73
CA GLY A 2 7.39 -12.13 -11.03
C GLY A 2 6.70 -10.80 -11.32
N I2M A 3 6.27 -10.62 -12.57
CA I2M A 3 5.60 -9.42 -13.06
CB I2M A 3 6.43 -8.73 -14.20
CG3 I2M A 3 6.28 -9.37 -15.59
CG2 I2M A 3 5.92 -7.28 -14.32
CG1 I2M A 3 7.97 -8.73 -13.99
CD1 I2M A 3 8.54 -8.04 -12.76
C I2M A 3 4.17 -9.85 -13.47
O I2M A 3 4.00 -10.70 -14.34
H I2M A 3 6.41 -11.35 -13.25
HA I2M A 3 5.53 -8.73 -12.23
HG31 I2M A 3 6.52 -10.43 -15.54
HG32 I2M A 3 6.92 -8.88 -16.33
HG33 I2M A 3 5.26 -9.26 -15.94
HG21 I2M A 3 5.99 -6.77 -13.36
HG22 I2M A 3 6.51 -6.72 -15.04
HG23 I2M A 3 4.87 -7.27 -14.64
HG12 I2M A 3 8.33 -9.76 -13.99
HG13 I2M A 3 8.44 -8.24 -14.85
HD11 I2M A 3 8.24 -6.99 -12.74
HD12 I2M A 3 8.21 -8.55 -11.87
HD13 I2M A 3 9.62 -8.09 -12.80
N GLY A 4 3.14 -9.27 -12.84
CA GLY A 4 1.75 -9.57 -13.14
C GLY A 4 0.90 -9.86 -11.90
N TBG A 5 -0.20 -10.59 -12.09
CA TBG A 5 -1.11 -10.94 -11.01
CB TBG A 5 -2.55 -11.12 -11.58
CG1 TBG A 5 -2.71 -12.34 -12.50
CG2 TBG A 5 -3.56 -11.24 -10.42
CG3 TBG A 5 -2.98 -9.90 -12.43
C TBG A 5 -0.54 -12.20 -10.32
O TBG A 5 -0.10 -13.11 -11.03
H TBG A 5 -0.45 -10.89 -13.02
HA TBG A 5 -1.11 -10.13 -10.29
HG11 TBG A 5 -2.53 -13.28 -11.96
HG12 TBG A 5 -3.72 -12.38 -12.91
HG13 TBG A 5 -2.01 -12.30 -13.34
HG21 TBG A 5 -3.35 -12.14 -9.85
HG22 TBG A 5 -3.48 -10.38 -9.75
HG23 TBG A 5 -4.58 -11.28 -10.81
HG31 TBG A 5 -2.46 -9.93 -13.40
HG32 TBG A 5 -2.73 -8.97 -11.93
HG33 TBG A 5 -4.04 -9.93 -12.63
N TDD A 6 -0.60 -12.30 -9.00
CA TDD A 6 -0.12 -13.43 -8.22
CB TDD A 6 -1.28 -14.41 -7.91
CG1 TDD A 6 -2.51 -13.74 -7.27
CG2 TDD A 6 -1.77 -15.11 -9.20
CG3 TDD A 6 -0.83 -15.53 -6.97
C TDD A 6 0.67 -12.93 -7.00
O TDD A 6 0.11 -12.31 -6.08
H TDD A 6 -0.96 -11.51 -8.47
HA TDD A 6 0.60 -13.98 -8.85
HG11 TDD A 6 -3.27 -14.49 -7.06
HG12 TDD A 6 -2.23 -13.25 -6.34
HG13 TDD A 6 -2.93 -12.99 -7.93
HG21 TDD A 6 -2.55 -15.84 -8.98
HG22 TDD A 6 -2.19 -14.37 -9.88
HG23 TDD A 6 -0.94 -15.60 -9.71
HG31 TDD A 6 0.10 -16.00 -7.34
HG32 TDD A 6 -1.60 -16.30 -6.89
HG33 TDD A 6 -0.65 -15.14 -5.97
N TBG A 7 1.96 -13.25 -6.97
CA TBG A 7 2.91 -12.91 -5.92
CB TBG A 7 3.17 -14.12 -4.97
CG1 TBG A 7 1.91 -14.44 -4.14
CG2 TBG A 7 3.50 -15.44 -5.71
CG3 TBG A 7 4.28 -13.78 -3.96
C TBG A 7 4.15 -12.35 -6.64
O TBG A 7 4.84 -13.07 -7.38
H TBG A 7 2.34 -13.76 -7.75
HA TBG A 7 2.49 -12.11 -5.32
HG11 TBG A 7 2.12 -15.21 -3.40
HG12 TBG A 7 1.58 -13.55 -3.62
HG13 TBG A 7 1.11 -14.79 -4.79
HG21 TBG A 7 3.71 -16.24 -5.00
HG22 TBG A 7 2.67 -15.75 -6.34
HG23 TBG A 7 4.37 -15.30 -6.35
HG31 TBG A 7 4.00 -12.89 -3.39
HG32 TBG A 7 5.23 -13.55 -4.48
HG33 TBG A 7 4.44 -14.60 -3.27
N DAL A 8 4.41 -11.06 -6.48
CA DAL A 8 5.50 -10.31 -7.09
CB DAL A 8 6.74 -10.32 -6.18
C DAL A 8 4.99 -8.89 -7.31
O DAL A 8 4.24 -8.38 -6.48
H DAL A 8 3.80 -10.50 -5.87
HA DAL A 8 5.75 -10.76 -8.05
HB1 DAL A 8 7.55 -9.76 -6.67
HB2 DAL A 8 6.51 -9.85 -5.24
HB3 DAL A 8 7.08 -11.35 -6.01
N TBG A 9 5.53 -8.19 -8.30
CA TBG A 9 5.10 -6.83 -8.61
CB TBG A 9 6.28 -5.96 -9.13
CG1 TBG A 9 7.54 -6.15 -8.27
CG2 TBG A 9 6.66 -6.29 -10.57
CG3 TBG A 9 5.89 -4.47 -9.09
C TBG A 9 3.90 -6.98 -9.57
O TBG A 9 3.96 -7.82 -10.48
H TBG A 9 6.14 -8.64 -8.97
HA TBG A 9 4.75 -6.37 -7.69
HG11 TBG A 9 7.32 -6.02 -7.22
HG12 TBG A 9 7.95 -7.15 -8.42
HG13 TBG A 9 8.31 -5.43 -8.56
HG21 TBG A 9 6.85 -7.36 -10.65
HG22 TBG A 9 5.86 -6.02 -11.25
HG23 TBG A 9 7.55 -5.74 -10.86
HG31 TBG A 9 5.04 -4.28 -9.76
HG32 TBG A 9 6.72 -3.84 -9.40
HG33 TBG A 9 5.59 -4.19 -8.07
N TDD A 10 2.87 -6.15 -9.45
CA TDD A 10 1.69 -6.21 -10.31
CB TDD A 10 1.73 -5.18 -11.49
CG1 TDD A 10 1.95 -3.73 -11.07
CG2 TDD A 10 2.88 -5.53 -12.44
CG3 TDD A 10 0.44 -5.26 -12.32
C TDD A 10 0.44 -6.17 -9.44
O TDD A 10 -0.06 -5.10 -9.09
H TDD A 10 2.88 -5.49 -8.67
HA TDD A 10 1.68 -7.18 -10.79
HG11 TDD A 10 1.14 -3.38 -10.43
HG12 TDD A 10 2.90 -3.63 -10.54
HG13 TDD A 10 2.00 -3.08 -11.94
HG21 TDD A 10 2.79 -6.55 -12.81
HG22 TDD A 10 2.86 -4.85 -13.29
HG23 TDD A 10 3.84 -5.42 -11.95
HG31 TDD A 10 0.26 -6.29 -12.66
HG32 TDD A 10 0.51 -4.61 -13.20
HG33 TDD A 10 -0.42 -4.94 -11.74
N ALA A 11 -0.14 -7.33 -9.15
CA ALA A 11 -1.33 -7.43 -8.33
C ALA A 11 -1.32 -8.71 -7.48
N GLY A 12 -2.11 -8.71 -6.43
CA GLY A 12 -2.25 -9.82 -5.49
C GLY A 12 -1.43 -9.49 -4.26
N ALA A 13 -0.16 -9.90 -4.24
CA ALA A 13 0.71 -9.63 -3.11
C ALA A 13 2.14 -9.32 -3.54
N TDD A 14 2.87 -8.61 -2.68
CA TDD A 14 4.27 -8.23 -2.88
CB TDD A 14 5.18 -8.93 -1.83
CG1 TDD A 14 6.64 -8.45 -1.96
CG2 TDD A 14 4.69 -8.75 -0.39
CG3 TDD A 14 5.20 -10.45 -2.10
C TDD A 14 4.31 -6.70 -2.99
O TDD A 14 4.49 -5.94 -2.02
H TDD A 14 2.40 -8.23 -1.87
HA TDD A 14 4.59 -8.61 -3.85
HG11 TDD A 14 7.29 -8.98 -1.27
HG12 TDD A 14 7.00 -8.60 -2.97
HG13 TDD A 14 6.71 -7.39 -1.72
HG21 TDD A 14 3.75 -9.29 -0.22
HG22 TDD A 14 5.43 -9.14 0.31
HG23 TDD A 14 4.52 -7.70 -0.16
HG31 TDD A 14 4.21 -10.87 -1.99
HG32 TDD A 14 5.88 -10.95 -1.41
HG33 TDD A 14 5.54 -10.64 -3.13
N ALA A 15 4.14 -6.25 -4.24
CA ALA A 15 4.12 -4.87 -4.63
C ALA A 15 3.06 -4.74 -5.73
N MND A 16 2.42 -3.59 -5.84
CA MND A 16 1.38 -3.34 -6.83
CB MND A 16 1.77 -2.28 -7.87
CG MND A 16 2.51 -1.04 -7.36
OD1 MND A 16 2.82 -0.93 -6.19
ND2 MND A 16 3.21 -0.32 -8.25
CE2 MND A 16 3.94 0.89 -7.88
C MND A 16 0.04 -3.10 -6.12
O MND A 16 -0.01 -2.54 -5.02
H MND A 16 2.59 -2.83 -5.18
HA MND A 16 1.24 -4.25 -7.39
HB2 MND A 16 2.45 -2.77 -8.56
HB3 MND A 16 0.89 -1.96 -8.42
HD2 MND A 16 2.88 -0.40 -9.22
HE21 MND A 16 3.59 1.73 -8.48
HE22 MND A 16 5.00 0.74 -8.03
HE23 MND A 16 3.76 1.11 -6.82
N HVA A 17 -1.04 -3.58 -6.74
CA HVA A 17 -2.41 -3.48 -6.22
CB HVA A 17 -3.39 -3.12 -7.34
CG1 HVA A 17 -3.39 -4.07 -8.55
CG2 HVA A 17 -4.82 -3.02 -6.80
OG3 HVA A 17 -3.06 -1.85 -7.87
C HVA A 17 -2.76 -4.74 -5.41
O HVA A 17 -2.94 -5.82 -5.98
H HVA A 17 -0.92 -4.04 -7.63
HA HVA A 17 -2.42 -2.65 -5.52
HG11 HVA A 17 -2.39 -4.17 -8.97
HG12 HVA A 17 -3.77 -5.05 -8.27
HG13 HVA A 17 -4.02 -3.65 -9.33
HG21 HVA A 17 -5.21 -4.01 -6.57
HG22 HVA A 17 -4.83 -2.43 -5.90
HG23 HVA A 17 -5.47 -2.56 -7.55
HOG3 HVA A 17 -2.16 -1.86 -8.25
N GLY A 18 -2.83 -4.63 -4.08
CA GLY A 18 -3.15 -5.74 -3.19
C GLY A 18 -2.39 -5.59 -1.88
N ALA A 19 -2.09 -6.69 -1.18
CA ALA A 19 -1.36 -6.58 0.06
C ALA A 19 0.12 -6.52 -0.25
N GLY A 20 0.72 -5.42 0.15
CA GLY A 20 2.12 -5.14 -0.07
C GLY A 20 2.29 -3.64 -0.26
N TBG A 21 3.35 -3.24 -0.95
CA TBG A 21 3.62 -1.82 -1.18
CB TBG A 21 5.14 -1.53 -1.03
CG1 TBG A 21 6.04 -2.38 -1.93
CG2 TBG A 21 5.41 -0.03 -1.28
CG3 TBG A 21 5.55 -1.80 0.43
C TBG A 21 2.97 -1.40 -2.52
O TBG A 21 3.21 -2.05 -3.53
H TBG A 21 3.96 -3.95 -1.36
HA TBG A 21 3.13 -1.24 -0.40
HG11 TBG A 21 7.09 -2.10 -1.78
HG12 TBG A 21 5.94 -3.44 -1.69
HG13 TBG A 21 5.80 -2.25 -2.97
HG21 TBG A 21 5.21 0.22 -2.32
HG22 TBG A 21 4.79 0.59 -0.64
HG23 TBG A 21 6.45 0.20 -1.06
HG31 TBG A 21 6.59 -1.53 0.58
HG32 TBG A 21 5.44 -2.86 0.66
HG33 TBG A 21 4.93 -1.23 1.11
N MND A 22 2.21 -0.30 -2.53
CA MND A 22 1.49 0.24 -3.69
CB MND A 22 2.21 1.43 -4.35
CG MND A 22 1.46 1.93 -5.60
OD1 MND A 22 0.75 1.20 -6.30
ND2 MND A 22 1.68 3.20 -5.97
CE2 MND A 22 1.51 3.69 -7.33
C MND A 22 0.13 0.71 -3.20
O MND A 22 0.07 1.66 -2.43
H MND A 22 2.04 0.19 -1.66
HA MND A 22 1.34 -0.55 -4.41
HB2 MND A 22 2.30 2.24 -3.63
HB3 MND A 22 3.21 1.12 -4.64
HD2 MND A 22 2.36 3.67 -5.37
HE21 MND A 22 2.23 3.21 -7.99
HE22 MND A 22 1.68 4.77 -7.35
HE23 MND A 22 0.50 3.46 -7.68
N LMQ A 23 -0.94 0.01 -3.57
CA LMQ A 23 -2.28 0.40 -3.17
CB LMQ A 23 -3.02 1.15 -4.30
CB2 LMQ A 23 -2.21 2.39 -4.70
CG LMQ A 23 -3.31 0.26 -5.53
CD LMQ A 23 -3.59 1.02 -6.81
OE1 LMQ A 23 -2.74 1.16 -7.68
NE2 LMQ A 23 -4.73 1.69 -6.92
C LMQ A 23 -2.99 -0.84 -2.64
O LMQ A 23 -3.14 -1.84 -3.36
H LMQ A 23 -0.83 -0.78 -4.21
HA LMQ A 23 -2.20 1.10 -2.33
HB3 LMQ A 23 -3.97 1.50 -3.91
HB21 LMQ A 23 -1.35 2.11 -5.32
HB22 LMQ A 23 -2.83 3.07 -5.28
HB23 LMQ A 23 -1.82 2.92 -3.83
HG2 LMQ A 23 -2.44 -0.35 -5.74
HG3 LMQ A 23 -4.15 -0.38 -5.31
HE21 LMQ A 23 -4.81 2.32 -7.69
HE22 LMQ A 23 -5.47 1.59 -6.22
N DHV A 24 -3.53 -0.77 -1.42
CA DHV A 24 -4.23 -1.88 -0.80
CB DHV A 24 -5.71 -1.86 -1.22
CG1 DHV A 24 -6.49 -3.01 -0.57
CG2 DHV A 24 -6.45 -0.54 -0.99
OG3 DHV A 24 -5.75 -2.11 -2.62
C DHV A 24 -3.93 -1.88 0.70
O DHV A 24 -4.46 -1.07 1.45
H DHV A 24 -3.38 0.07 -0.86
HA DHV A 24 -3.81 -2.80 -1.20
HG11 DHV A 24 -6.56 -2.84 0.51
HG12 DHV A 24 -7.50 -3.06 -0.97
HG13 DHV A 24 -5.98 -3.96 -0.75
HG21 DHV A 24 -5.98 0.28 -1.54
HG22 DHV A 24 -7.49 -0.62 -1.30
HG23 DHV A 24 -6.44 -0.29 0.07
HOG3 DHV A 24 -4.82 -2.09 -2.92
N ALA A 25 -3.05 -2.81 1.12
CA ALA A 25 -2.69 -2.95 2.53
C ALA A 25 -1.23 -3.35 2.71
N GLY A 26 -0.42 -2.42 3.24
CA GLY A 26 0.99 -2.61 3.51
C GLY A 26 1.67 -1.25 3.53
N GLY A 27 1.94 -0.70 2.36
CA GLY A 27 2.56 0.61 2.20
C GLY A 27 2.01 1.30 0.96
N MND A 28 2.16 2.61 0.88
CA MND A 28 1.75 3.44 -0.25
CB MND A 28 2.85 4.48 -0.51
CG MND A 28 2.67 5.29 -1.80
OD1 MND A 28 1.73 5.09 -2.57
ND2 MND A 28 3.68 6.11 -2.14
CE2 MND A 28 3.85 6.95 -3.32
C MND A 28 0.40 4.09 0.08
O MND A 28 0.35 5.01 0.90
H MND A 28 2.54 3.10 1.68
HA MND A 28 1.66 2.84 -1.14
HB2 MND A 28 2.91 5.17 0.33
HB3 MND A 28 3.80 3.96 -0.58
HD2 MND A 28 4.39 6.18 -1.41
HE21 MND A 28 4.82 6.73 -3.77
HE22 MND A 28 3.87 8.01 -3.03
HE23 MND A 28 3.06 6.78 -4.05
N ILE A 29 -0.70 3.50 -0.39
CA ILE A 29 -2.05 4.01 -0.16
C ILE A 29 -2.96 2.91 0.40
O HTN A 30 -4.86 3.23 4.22
C HTN A 30 -4.51 2.30 3.48
CE HTN A 30 -8.97 0.23 1.61
N HTN A 30 -3.83 3.27 1.35
CA HTN A 30 -4.80 2.37 1.99
CB HTN A 30 -6.22 2.86 1.66
OG HTN A 30 -6.42 2.87 0.25
CG HTN A 30 -7.31 1.96 2.26
OD1 HTN A 30 -7.45 1.78 3.47
ND2 HTN A 30 -8.17 1.44 1.40
HE1 HTN A 30 -8.30 -0.60 1.84
HE2 HTN A 30 -9.50 0.00 0.68
HE3 HTN A 30 -9.69 0.36 2.41
H HTN A 30 -3.83 4.23 1.67
HA HTN A 30 -4.69 1.37 1.56
HB3 HTN A 30 -6.37 3.88 2.04
HOG HTN A 30 -6.65 3.79 -0.05
HD22 HTN A 30 -7.87 1.76 0.43
N TBG A 31 -3.84 1.23 3.94
CA TBG A 31 -3.49 1.02 5.35
CB TBG A 31 -4.40 -0.08 5.99
CG1 TBG A 31 -4.13 -0.17 7.51
CG2 TBG A 31 -5.88 0.27 5.81
CG3 TBG A 31 -4.28 -1.47 5.36
C TBG A 31 -1.98 0.76 5.42
O TBG A 31 -1.52 -0.24 4.85
H TBG A 31 -3.57 0.49 3.31
HA TBG A 31 -3.68 1.94 5.89
HG11 TBG A 31 -4.25 0.79 7.98
HG12 TBG A 31 -4.83 -0.88 7.98
HG13 TBG A 31 -3.13 -0.53 7.69
HG21 TBG A 31 -6.05 1.30 6.04
HG22 TBG A 31 -6.18 0.10 4.77
HG23 TBG A 31 -6.51 -0.36 6.45
HG31 TBG A 31 -3.26 -1.85 5.44
HG32 TBG A 31 -4.55 -1.43 4.31
HG33 TBG A 31 -4.94 -2.18 5.87
N DHV A 32 -1.22 1.56 6.17
CA DHV A 32 0.23 1.40 6.29
CB DHV A 32 0.58 0.53 7.55
CG1 DHV A 32 0.06 -0.90 7.44
CG2 DHV A 32 2.09 0.41 7.79
OG3 DHV A 32 0.03 1.05 8.74
C DHV A 32 0.93 2.77 6.22
O DHV A 32 0.40 3.77 6.68
H DHV A 32 -1.63 2.37 6.61
HA DHV A 32 0.56 0.84 5.41
HG11 DHV A 32 -1.02 -0.91 7.42
HG12 DHV A 32 0.45 -1.38 6.54
HG13 DHV A 32 0.37 -1.50 8.31
HG21 DHV A 32 2.51 1.38 8.05
HG22 DHV A 32 2.32 -0.28 8.59
HG23 DHV A 32 2.58 0.05 6.88
HOG3 DHV A 32 -0.71 1.64 8.53
N GLY A 33 2.17 2.77 5.74
CA GLY A 33 3.00 3.97 5.62
C GLY A 33 2.68 4.68 4.31
N MND A 34 2.26 5.94 4.38
CA MND A 34 1.92 6.76 3.24
CB MND A 34 3.01 7.80 2.94
CG MND A 34 2.63 8.54 1.66
OD1 MND A 34 2.73 7.98 0.58
ND2 MND A 34 2.04 9.74 1.78
CE2 MND A 34 1.35 10.39 0.67
C MND A 34 0.58 7.44 3.50
O MND A 34 0.40 7.98 4.59
H MND A 34 2.09 6.36 5.30
HA MND A 34 1.83 6.11 2.35
HB2 MND A 34 3.10 8.49 3.79
HB3 MND A 34 3.96 7.29 2.79
HD2 MND A 34 2.03 10.14 2.72
HE21 MND A 34 0.70 9.67 0.19
HE22 MND A 34 2.07 10.74 -0.06
HE23 MND A 34 0.75 11.22 1.04
N ILE A 35 -0.38 7.37 2.58
CA ILE A 35 -1.68 8.01 2.76
C ILE A 35 -2.80 6.98 2.96
N MND A 36 -3.87 7.38 3.63
CA MND A 36 -5.04 6.57 3.92
CB MND A 36 -6.26 7.12 3.18
CG MND A 36 -7.52 6.27 3.30
OD1 MND A 36 -8.20 6.04 2.29
ND2 MND A 36 -7.96 5.89 4.50
CE2 MND A 36 -8.98 4.86 4.65
C MND A 36 -5.16 6.60 5.44
O MND A 36 -5.61 7.59 6.00
H MND A 36 -3.86 8.32 4.03
HA MND A 36 -4.88 5.54 3.58
HB2 MND A 36 -6.47 8.12 3.54
HB3 MND A 36 -6.00 7.21 2.13
HD2 MND A 36 -7.34 6.11 5.28
HE21 MND A 36 -9.92 5.20 4.22
HE22 MND A 36 -9.11 4.59 5.70
HE23 MND A 36 -8.65 3.97 4.11
N VAL A 37 -4.72 5.52 6.10
CA VAL A 37 -4.71 5.44 7.55
C VAL A 37 -3.34 4.85 7.92
O HTN A 38 -1.08 7.11 10.56
C HTN A 38 -0.65 6.31 9.73
CE HTN A 38 -0.19 4.92 13.26
N HTN A 38 -2.72 5.42 8.94
CA HTN A 38 -1.39 5.04 9.40
CB HTN A 38 -1.36 4.05 10.57
OG HTN A 38 -1.90 2.81 10.15
CG HTN A 38 0.11 3.87 10.99
OD1 HTN A 38 0.96 3.51 10.19
ND2 HTN A 38 0.53 4.23 12.21
HE1 HTN A 38 0.52 5.37 13.95
HE2 HTN A 38 -0.82 4.23 13.80
HE3 HTN A 38 -0.81 5.71 12.84
H HTN A 38 -3.14 6.25 9.37
HA HTN A 38 -0.88 4.56 8.56
HB3 HTN A 38 -1.95 4.46 11.39
HOG HTN A 38 -2.87 2.88 10.19
HD22 HTN A 38 1.52 3.94 12.32
N ALA A 39 0.52 6.47 9.11
CA ALA A 39 1.38 7.61 9.29
C ALA A 39 1.81 8.09 7.91
N MND A 40 1.62 9.39 7.70
CA MND A 40 1.92 10.10 6.46
CB MND A 40 3.34 10.69 6.47
CG MND A 40 3.73 11.26 5.11
OD1 MND A 40 2.95 11.25 4.15
ND2 MND A 40 4.97 11.75 4.95
CE2 MND A 40 5.45 12.41 3.75
C MND A 40 0.84 11.16 6.25
O MND A 40 0.99 12.31 6.68
H MND A 40 1.17 9.92 8.45
HA MND A 40 1.89 9.40 5.63
HB2 MND A 40 3.41 11.46 7.23
HB3 MND A 40 4.04 9.90 6.73
HD2 MND A 40 5.59 11.58 5.73
HE21 MND A 40 5.30 11.78 2.88
HE22 MND A 40 6.50 12.67 3.87
HE23 MND A 40 4.88 13.34 3.59
N VAL A 41 -0.31 10.78 5.67
CA VAL A 41 -1.46 11.66 5.42
C VAL A 41 -2.75 10.85 5.61
N DSN A 42 -3.85 11.50 5.97
CA DSN A 42 -5.15 10.87 6.17
C DSN A 42 -5.53 10.91 7.65
O DSN A 42 -5.61 11.98 8.25
CB DSN A 42 -6.23 11.53 5.28
OG DSN A 42 -6.48 10.78 4.10
H DSN A 42 -3.78 12.50 6.18
HA DSN A 42 -5.08 9.83 5.86
HB2 DSN A 42 -7.15 11.59 5.85
HB3 DSN A 42 -5.92 12.54 5.02
HG DSN A 42 -7.24 10.20 4.31
N VAL A 43 -5.69 9.72 8.24
CA VAL A 43 -6.06 9.57 9.64
C VAL A 43 -5.04 8.70 10.37
N DSG A 44 -4.58 9.22 11.50
CA DSG A 44 -3.61 8.59 12.37
C DSG A 44 -2.62 9.66 12.78
O DSG A 44 -2.92 10.42 13.71
CB DSG A 44 -4.36 8.00 13.58
CG DSG A 44 -3.38 7.22 14.43
OD1 DSG A 44 -3.12 6.06 14.14
ND2 DSG A 44 -2.90 7.80 15.52
H DSG A 44 -4.86 10.15 11.77
HA DSG A 44 -3.09 7.78 11.85
HB2 DSG A 44 -4.82 8.80 14.16
HB3 DSG A 44 -5.15 7.33 13.24
HD21 DSG A 44 -2.10 7.34 15.97
HD22 DSG A 44 -3.01 8.81 15.61
N M2S A 45 -1.50 9.77 12.08
CA M2S A 45 -0.48 10.76 12.38
CB M2S A 45 0.64 10.16 13.32
CG1 M2S A 45 0.26 8.81 13.96
CG2 M2S A 45 1.96 9.89 12.56
CG M2S A 45 0.85 11.20 14.44
SD M2S A 45 1.90 10.83 15.89
OE M2S A 45 1.62 12.37 16.84
CE M2S A 45 3.54 11.21 15.25
C M2S A 45 0.05 11.33 11.04
O M2S A 45 0.10 10.64 10.02
H M2S A 45 -1.31 9.10 11.34
HA M2S A 45 -0.98 11.59 12.89
HG11 M2S A 45 0.06 8.05 13.20
HG12 M2S A 45 1.06 8.42 14.58
HG13 M2S A 45 -0.62 8.92 14.59
HG21 M2S A 45 2.46 10.83 12.27
HG22 M2S A 45 1.76 9.32 11.67
HG23 M2S A 45 2.66 9.31 13.16
HG2 M2S A 45 -0.12 11.44 14.85
HG3 M2S A 45 1.24 12.11 13.99
HE1 M2S A 45 3.52 12.18 14.74
HE2 M2S A 45 4.24 11.25 16.08
HE3 M2S A 45 3.86 10.44 14.56
N DSG A 46 0.52 12.58 11.08
CA DSG A 46 1.09 13.26 9.93
C DSG A 46 0.25 14.46 9.49
O DSG A 46 0.17 15.43 10.25
CB DSG A 46 2.51 13.70 10.33
CG DSG A 46 3.26 14.26 9.14
OD1 DSG A 46 4.05 13.55 8.52
ND2 DSG A 46 3.15 15.55 8.88
H DSG A 46 0.45 13.11 11.94
HA DSG A 46 1.20 12.57 9.09
HB2 DSG A 46 2.46 14.44 11.12
HB3 DSG A 46 3.06 12.84 10.69
HD21 DSG A 46 2.52 16.16 9.39
HD22 DSG A 46 3.73 15.91 8.13
N GLN A 47 -0.35 14.42 8.30
CA GLN A 47 -1.17 15.50 7.77
C GLN A 47 -2.62 15.03 7.72
N 2TL A 48 -3.49 15.62 8.54
CA 2TL A 48 -4.90 15.28 8.59
CB 2TL A 48 -5.71 16.33 7.83
OG1 2TL A 48 -5.42 17.65 8.24
CG2 2TL A 48 -7.21 16.09 7.90
C 2TL A 48 -5.26 15.09 10.07
O 2TL A 48 -4.93 15.95 10.89
H 2TL A 48 -3.18 16.32 9.19
HA 2TL A 48 -5.05 14.33 8.09
HB 2TL A 48 -5.42 16.25 6.78
HG1 2TL A 48 -4.51 17.82 7.93
HG21 2TL A 48 -7.44 15.08 7.57
HG22 2TL A 48 -7.73 16.79 7.24
HG23 2TL A 48 -7.57 16.23 8.92
N THR A 49 -5.97 14.02 10.41
CA THR A 49 -6.34 13.73 11.78
C THR A 49 -5.43 12.59 12.27
C MHE A 1 9.41 -10.86 -9.48
O MHE A 1 9.11 -9.72 -9.87
CA MHE A 1 10.74 -11.35 -9.52
O2 MHE A 1 11.31 -11.84 -8.54
C3 MHE A 1 11.51 -11.09 -10.82
C4 MHE A 1 10.86 -11.71 -12.07
C5 MHE A 1 11.77 -11.80 -13.33
C6 MHE A 1 10.93 -12.21 -14.55
C7 MHE A 1 12.83 -12.88 -13.14
C8 MHE A 1 12.45 -10.47 -13.63
H1 MHE A 1 11.60 -10.01 -10.96
H3A MHE A 1 12.51 -11.49 -10.68
H4 MHE A 1 10.52 -12.72 -11.82
H4A MHE A 1 9.99 -11.11 -12.32
H6 MHE A 1 10.50 -13.20 -14.40
H6A MHE A 1 11.57 -12.26 -15.43
H6B MHE A 1 10.16 -11.47 -14.74
H7 MHE A 1 12.36 -13.85 -12.94
H7A MHE A 1 13.46 -12.62 -12.30
H7B MHE A 1 13.44 -12.96 -14.04
H8 MHE A 1 11.71 -9.68 -13.71
H8A MHE A 1 13.16 -10.20 -12.85
H8B MHE A 1 13.00 -10.53 -14.58
N GLY A 2 8.68 -11.99 -9.65
CA GLY A 2 7.69 -12.18 -10.70
C GLY A 2 6.80 -11.00 -11.01
N I2M A 3 6.52 -10.89 -12.30
CA I2M A 3 5.71 -9.83 -12.92
CB I2M A 3 6.43 -9.21 -14.16
CG3 I2M A 3 6.14 -9.97 -15.48
CG2 I2M A 3 5.89 -7.79 -14.36
CG1 I2M A 3 7.98 -9.17 -14.10
CD1 I2M A 3 8.62 -8.37 -12.97
C I2M A 3 4.31 -10.41 -13.19
O I2M A 3 4.18 -11.42 -13.89
H I2M A 3 7.01 -11.54 -12.88
HA I2M A 3 5.61 -9.04 -12.17
HG31 I2M A 3 5.08 -9.92 -15.75
HG32 I2M A 3 6.43 -11.02 -15.39
HG33 I2M A 3 6.70 -9.53 -16.31
HG21 I2M A 3 4.80 -7.80 -14.46
HG22 I2M A 3 6.14 -7.16 -13.51
HG23 I2M A 3 6.33 -7.34 -15.26
HG12 I2M A 3 8.37 -10.18 -14.05
HG13 I2M A 3 8.35 -8.74 -15.03
HD11 I2M A 3 8.35 -7.31 -13.05
HD12 I2M A 3 8.29 -8.76 -12.02
HD13 I2M A 3 9.70 -8.46 -13.03
N GLY A 4 3.25 -9.81 -12.66
CA GLY A 4 1.89 -10.27 -12.89
C GLY A 4 1.04 -10.32 -11.64
N TBG A 5 0.00 -11.16 -11.67
CA TBG A 5 -0.94 -11.34 -10.58
CB TBG A 5 -2.36 -11.57 -11.18
CG1 TBG A 5 -2.68 -10.52 -12.28
CG2 TBG A 5 -2.54 -12.94 -11.86
CG3 TBG A 5 -3.43 -11.43 -10.09
C TBG A 5 -0.43 -12.49 -9.67
O TBG A 5 0.05 -13.50 -10.21
H TBG A 5 -0.12 -11.76 -12.48
HA TBG A 5 -0.95 -10.41 -10.02
HG11 TBG A 5 -2.07 -10.69 -13.17
HG12 TBG A 5 -3.72 -10.60 -12.57
HG13 TBG A 5 -2.46 -9.51 -11.91
HG21 TBG A 5 -3.55 -13.02 -12.28
HG22 TBG A 5 -1.82 -13.08 -12.66
HG23 TBG A 5 -2.42 -13.75 -11.14
HG31 TBG A 5 -3.34 -12.24 -9.37
HG32 TBG A 5 -4.44 -11.48 -10.52
HG33 TBG A 5 -3.32 -10.48 -9.57
N TDD A 6 -0.57 -12.39 -8.35
CA TDD A 6 -0.16 -13.44 -7.41
CB TDD A 6 -1.39 -14.30 -7.00
CG1 TDD A 6 -1.04 -15.32 -5.91
CG2 TDD A 6 -2.59 -13.47 -6.51
CG3 TDD A 6 -1.87 -15.12 -8.21
C TDD A 6 0.66 -12.88 -6.24
O TDD A 6 0.12 -12.25 -5.32
H TDD A 6 -0.96 -11.54 -7.95
HA TDD A 6 0.51 -14.11 -7.95
HG11 TDD A 6 -0.86 -14.81 -4.95
HG12 TDD A 6 -1.86 -16.02 -5.77
HG13 TDD A 6 -0.15 -15.89 -6.18
HG21 TDD A 6 -2.33 -12.90 -5.62
HG22 TDD A 6 -2.93 -12.76 -7.27
HG23 TDD A 6 -3.42 -14.13 -6.28
HG31 TDD A 6 -1.04 -15.68 -8.65
HG32 TDD A 6 -2.29 -14.48 -8.97
HG33 TDD A 6 -2.63 -15.85 -7.90
N TBG A 7 1.96 -13.23 -6.22
CA TBG A 7 2.96 -12.87 -5.23
CB TBG A 7 3.22 -14.07 -4.27
CG1 TBG A 7 1.96 -14.34 -3.44
CG2 TBG A 7 3.55 -15.40 -4.97
CG3 TBG A 7 4.34 -13.73 -3.27
C TBG A 7 4.17 -12.33 -6.01
O TBG A 7 4.99 -13.09 -6.51
H TBG A 7 2.32 -13.73 -7.02
HA TBG A 7 2.56 -12.06 -4.63
HG11 TBG A 7 2.15 -15.09 -2.68
HG12 TBG A 7 1.62 -13.42 -2.95
HG13 TBG A 7 1.14 -14.70 -4.07
HG21 TBG A 7 3.68 -16.20 -4.24
HG22 TBG A 7 2.74 -15.70 -5.64
HG23 TBG A 7 4.47 -15.33 -5.55
HG31 TBG A 7 5.29 -13.57 -3.79
HG32 TBG A 7 4.48 -14.55 -2.55
HG33 TBG A 7 4.09 -12.82 -2.72
N DAL A 8 4.31 -11.01 -6.08
CA DAL A 8 5.38 -10.33 -6.80
CB DAL A 8 6.64 -10.24 -5.93
C DAL A 8 4.89 -8.92 -7.17
O DAL A 8 4.18 -8.30 -6.36
H DAL A 8 3.61 -10.41 -5.65
HA DAL A 8 5.61 -10.87 -7.72
HB1 DAL A 8 6.43 -9.67 -5.03
HB2 DAL A 8 7.00 -11.23 -5.68
HB3 DAL A 8 7.43 -9.72 -6.49
N TBG A 9 5.46 -8.34 -8.21
CA TBG A 9 5.11 -7.00 -8.68
CB TBG A 9 6.37 -6.26 -9.21
CG1 TBG A 9 6.03 -4.78 -9.42
CG2 TBG A 9 7.53 -6.33 -8.20
CG3 TBG A 9 6.89 -6.86 -10.52
C TBG A 9 3.96 -7.17 -9.68
O TBG A 9 4.00 -8.05 -10.54
H TBG A 9 6.02 -8.90 -8.84
HA TBG A 9 4.76 -6.45 -7.82
HG11 TBG A 9 5.61 -4.34 -8.52
HG12 TBG A 9 6.92 -4.21 -9.69
HG13 TBG A 9 5.31 -4.66 -10.24
HG21 TBG A 9 7.23 -5.93 -7.24
HG22 TBG A 9 7.88 -7.35 -8.07
HG23 TBG A 9 8.38 -5.73 -8.56
HG31 TBG A 9 7.83 -6.39 -10.81
HG32 TBG A 9 6.16 -6.72 -11.31
HG33 TBG A 9 7.07 -7.91 -10.38
N TDD A 10 2.97 -6.26 -9.67
CA TDD A 10 1.82 -6.31 -10.58
CB TDD A 10 1.99 -5.36 -11.81
CG1 TDD A 10 3.11 -5.90 -12.73
CG2 TDD A 10 0.70 -5.36 -12.65
CG3 TDD A 10 2.37 -3.93 -11.43
C TDD A 10 0.56 -6.14 -9.74
O TDD A 10 0.15 -5.03 -9.38
H TDD A 10 2.97 -5.56 -8.95
HA TDD A 10 1.77 -7.31 -11.00
HG11 TDD A 10 2.86 -6.92 -13.05
HG12 TDD A 10 3.20 -5.28 -13.62
HG13 TDD A 10 4.06 -5.92 -12.22
HG21 TDD A 10 0.42 -6.38 -12.92
HG22 TDD A 10 -0.11 -4.91 -12.10
HG23 TDD A 10 0.86 -4.79 -13.58
HG31 TDD A 10 1.63 -3.52 -10.75
HG32 TDD A 10 2.42 -3.30 -12.32
HG33 TDD A 10 3.33 -3.89 -10.91
N ALA A 11 -0.08 -7.27 -9.41
CA ALA A 11 -1.28 -7.29 -8.59
C ALA A 11 -1.18 -8.45 -7.60
N GLY A 12 -1.87 -8.31 -6.48
CA GLY A 12 -1.86 -9.32 -5.42
C GLY A 12 -0.89 -8.81 -4.37
N ALA A 13 -0.25 -9.72 -3.65
CA ALA A 13 0.71 -9.35 -2.63
C ALA A 13 2.08 -9.12 -3.24
N TDD A 14 2.90 -8.36 -2.54
CA TDD A 14 4.26 -8.02 -2.87
CB TDD A 14 5.19 -8.60 -1.77
CG1 TDD A 14 4.77 -8.25 -0.32
CG2 TDD A 14 5.17 -10.14 -1.87
CG3 TDD A 14 6.64 -8.16 -1.96
C TDD A 14 4.29 -6.51 -3.14
O TDD A 14 4.47 -5.71 -2.23
H TDD A 14 2.51 -7.86 -1.75
HA TDD A 14 4.53 -8.51 -3.81
HG11 TDD A 14 5.42 -8.76 0.38
HG12 TDD A 14 4.85 -7.18 -0.16
HG13 TDD A 14 3.75 -8.58 -0.12
HG21 TDD A 14 5.45 -10.46 -2.88
HG22 TDD A 14 5.89 -10.57 -1.16
HG23 TDD A 14 4.19 -10.53 -1.64
HG31 TDD A 14 6.72 -7.07 -1.91
HG32 TDD A 14 7.00 -8.49 -2.94
HG33 TDD A 14 7.28 -8.59 -1.18
N ALA A 15 4.10 -6.12 -4.40
CA ALA A 15 4.07 -4.72 -4.79
C ALA A 15 3.06 -4.57 -5.92
N MND A 16 2.47 -3.38 -6.06
CA MND A 16 1.48 -3.12 -7.09
CB MND A 16 1.99 -2.21 -8.22
CG MND A 16 2.45 -0.82 -7.79
OD1 MND A 16 2.02 0.19 -8.36
ND2 MND A 16 3.57 -0.77 -7.06
CE2 MND A 16 4.03 0.40 -6.35
C MND A 16 0.16 -2.71 -6.48
O MND A 16 0.09 -1.87 -5.58
H MND A 16 2.56 -2.70 -5.30
HA MND A 16 1.29 -4.07 -7.58
HB2 MND A 16 2.82 -2.70 -8.72
HB3 MND A 16 1.19 -2.10 -8.94
HD2 MND A 16 3.83 -1.67 -6.67
HE21 MND A 16 4.23 0.12 -5.32
HE22 MND A 16 3.23 1.15 -6.34
HE23 MND A 16 4.91 0.82 -6.82
N HVA A 17 -0.88 -3.43 -6.90
CA HVA A 17 -2.24 -3.24 -6.46
CB HVA A 17 -3.12 -2.90 -7.67
CG1 HVA A 17 -4.59 -2.73 -7.24
CG2 HVA A 17 -2.65 -1.63 -8.41
OG3 HVA A 17 -3.06 -3.95 -8.63
C HVA A 17 -2.69 -4.50 -5.70
O HVA A 17 -2.84 -5.55 -6.34
H HVA A 17 -0.73 -4.10 -7.65
HA HVA A 17 -2.29 -2.40 -5.76
HG11 HVA A 17 -5.00 -3.68 -6.91
HG12 HVA A 17 -4.64 -2.02 -6.42
HG13 HVA A 17 -5.18 -2.36 -8.06
HG21 HVA A 17 -2.63 -0.79 -7.72
HG22 HVA A 17 -1.66 -1.77 -8.80
HG23 HVA A 17 -3.33 -1.40 -9.22
HOG3 HVA A 17 -3.02 -4.78 -8.12
N GLY A 18 -2.88 -4.42 -4.39
CA GLY A 18 -3.30 -5.55 -3.57
C GLY A 18 -2.76 -5.40 -2.16
N ALA A 19 -1.56 -5.93 -1.91
CA ALA A 19 -0.92 -5.86 -0.61
C ALA A 19 0.59 -5.72 -0.74
N GLY A 20 1.22 -5.23 0.33
CA GLY A 20 2.66 -5.03 0.39
C GLY A 20 2.99 -3.56 0.14
N TBG A 21 3.45 -3.18 -1.06
CA TBG A 21 3.78 -1.78 -1.35
CB TBG A 21 5.32 -1.52 -1.29
CG1 TBG A 21 6.12 -2.34 -2.30
CG2 TBG A 21 5.59 -0.01 -1.52
CG3 TBG A 21 5.86 -1.84 0.12
C TBG A 21 3.08 -1.31 -2.64
O TBG A 21 3.28 -1.86 -3.72
H TBG A 21 3.64 -3.87 -1.77
HA TBG A 21 3.36 -1.17 -0.55
HG11 TBG A 21 5.95 -3.41 -2.14
HG12 TBG A 21 5.82 -2.09 -3.31
HG13 TBG A 21 7.18 -2.14 -2.20
HG21 TBG A 21 5.29 0.28 -2.52
HG22 TBG A 21 5.06 0.60 -0.80
HG23 TBG A 21 6.67 0.19 -1.43
HG31 TBG A 21 5.27 -1.34 0.88
HG32 TBG A 21 6.91 -1.54 0.21
HG33 TBG A 21 5.81 -2.92 0.29
N MND A 22 2.26 -0.28 -2.50
CA MND A 22 1.49 0.37 -3.57
CB MND A 22 2.14 1.72 -3.86
CG MND A 22 1.38 2.55 -4.90
OD1 MND A 22 0.70 2.02 -5.78
ND2 MND A 22 1.48 3.88 -4.80
CE2 MND A 22 0.70 4.84 -5.55
C MND A 22 0.10 0.61 -3.02
O MND A 22 0.02 1.17 -1.92
H MND A 22 2.14 0.13 -1.58
HA MND A 22 1.48 -0.24 -4.47
HB2 MND A 22 2.16 2.28 -2.93
HB3 MND A 22 3.17 1.60 -4.18
HD2 MND A 22 2.02 4.21 -3.98
HE21 MND A 22 0.71 4.58 -6.61
HE22 MND A 22 1.10 5.84 -5.41
HE23 MND A 22 -0.32 4.81 -5.16
N LMQ A 23 -0.98 0.25 -3.70
CA LMQ A 23 -2.32 0.51 -3.17
CB LMQ A 23 -3.23 1.31 -4.14
CB2 LMQ A 23 -2.47 2.48 -4.78
CG LMQ A 23 -3.91 0.46 -5.23
CD LMQ A 23 -4.79 1.24 -6.21
OE1 LMQ A 23 -4.78 0.99 -7.41
NE2 LMQ A 23 -5.55 2.21 -5.74
C LMQ A 23 -2.98 -0.76 -2.66
O LMQ A 23 -2.97 -1.79 -3.36
H LMQ A 23 -0.87 -0.20 -4.61
HA LMQ A 23 -2.21 1.16 -2.30
HB3 LMQ A 23 -4.01 1.73 -3.52
HB21 LMQ A 23 -1.88 2.11 -5.62
HB22 LMQ A 23 -3.17 3.22 -5.14
HB23 LMQ A 23 -1.78 2.94 -4.07
HG2 LMQ A 23 -3.13 -0.02 -5.81
HG3 LMQ A 23 -4.52 -0.31 -4.78
HE21 LMQ A 23 -6.07 2.73 -6.43
HE22 LMQ A 23 -5.61 2.48 -4.77
N DHV A 24 -3.68 -0.65 -1.53
CA DHV A 24 -4.41 -1.72 -0.89
CB DHV A 24 -5.94 -1.49 -1.13
CG1 DHV A 24 -6.52 -0.26 -0.41
CG2 DHV A 24 -6.24 -1.27 -2.61
OG3 DHV A 24 -6.69 -2.62 -0.75
C DHV A 24 -3.98 -1.82 0.57
O DHV A 24 -4.09 -0.82 1.29
H DHV A 24 -3.63 0.23 -1.02
HA DHV A 24 -4.15 -2.65 -1.39
HG11 DHV A 24 -6.48 -0.39 0.68
HG12 DHV A 24 -5.96 0.63 -0.68
HG13 DHV A 24 -7.57 -0.12 -0.69
HG21 DHV A 24 -7.32 -1.23 -2.77
HG22 DHV A 24 -5.84 -0.32 -2.95
HG23 DHV A 24 -5.81 -2.07 -3.21
HOG3 DHV A 24 -6.89 -2.57 0.20
N ALA A 25 -3.43 -2.94 1.01
CA ALA A 25 -3.02 -3.12 2.40
C ALA A 25 -1.55 -3.49 2.56
N GLY A 26 -0.78 -2.62 3.22
CA GLY A 26 0.64 -2.84 3.46
C GLY A 26 1.27 -1.49 3.75
N GLY A 27 1.75 -0.82 2.71
CA GLY A 27 2.37 0.48 2.69
C GLY A 27 1.99 1.16 1.37
N MND A 28 2.11 2.48 1.31
CA MND A 28 1.81 3.26 0.11
CB MND A 28 2.94 4.26 -0.16
CG MND A 28 2.76 4.94 -1.52
OD1 MND A 28 3.20 4.40 -2.53
ND2 MND A 28 2.23 6.17 -1.58
CE2 MND A 28 1.90 6.87 -2.83
C MND A 28 0.46 3.94 0.28
O MND A 28 0.37 4.96 0.96
H MND A 28 2.31 3.01 2.15
HA MND A 28 1.75 2.60 -0.75
HB2 MND A 28 3.00 5.00 0.63
HB3 MND A 28 3.87 3.70 -0.18
HD2 MND A 28 2.03 6.61 -0.69
HE21 MND A 28 0.91 6.57 -3.15
HE22 MND A 28 2.61 6.60 -3.61
HE23 MND A 28 1.93 7.94 -2.66
N ILE A 29 -0.60 3.34 -0.24
CA ILE A 29 -1.95 3.88 -0.18
C ILE A 29 -2.92 2.88 0.43
O HTN A 30 -4.72 3.19 4.53
C HTN A 30 -4.23 2.34 3.78
CE HTN A 30 -9.11 0.91 1.69
N HTN A 30 -3.49 3.24 1.58
CA HTN A 30 -4.46 2.41 2.28
CB HTN A 30 -5.87 2.92 1.93
OG HTN A 30 -5.99 3.07 0.51
CG HTN A 30 -6.99 1.96 2.38
OD1 HTN A 30 -6.82 1.11 3.25
ND2 HTN A 30 -8.09 1.95 1.63
HE1 HTN A 30 -8.68 -0.02 2.03
HE2 HTN A 30 -9.50 0.77 0.68
HE3 HTN A 30 -9.92 1.21 2.35
H HTN A 30 -3.13 4.09 2.01
HA HTN A 30 -4.39 1.39 1.90
HB3 HTN A 30 -6.01 3.88 2.38
HOG HTN A 30 -5.50 2.33 0.13
HD22 HTN A 30 -8.08 2.64 0.84
N TBG A 31 -3.54 1.30 4.26
CA TBG A 31 -3.23 1.07 5.67
CB TBG A 31 -4.17 0.01 6.30
CG1 TBG A 31 -5.59 0.57 6.47
CG2 TBG A 31 -4.31 -1.29 5.47
CG3 TBG A 31 -3.70 -0.36 7.72
C TBG A 31 -1.75 0.73 5.73
O TBG A 31 -1.33 -0.26 5.12
H TBG A 31 -3.14 0.63 3.62
HA TBG A 31 -3.38 2.01 6.20
HG11 TBG A 31 -5.58 1.45 7.11
HG12 TBG A 31 -6.01 0.86 5.51
HG13 TBG A 31 -6.26 -0.17 6.93
HG21 TBG A 31 -3.33 -1.76 5.37
HG22 TBG A 31 -4.97 -2.00 5.98
HG23 TBG A 31 -4.68 -1.07 4.48
HG31 TBG A 31 -4.39 -1.05 8.19
HG32 TBG A 31 -3.62 0.55 8.34
HG33 TBG A 31 -2.72 -0.82 7.68
N DHV A 32 -0.99 1.49 6.54
CA DHV A 32 0.44 1.31 6.72
CB DHV A 32 0.77 0.25 7.80
CG1 DHV A 32 2.28 0.13 8.02
CG2 DHV A 32 0.10 0.49 9.16
OG3 DHV A 32 0.32 -1.02 7.38
C DHV A 32 1.05 2.69 6.95
O DHV A 32 0.84 3.34 7.98
H DHV A 32 -1.42 2.27 7.00
HA DHV A 32 0.84 0.95 5.77
HG11 DHV A 32 2.49 -0.66 8.75
HG12 DHV A 32 2.78 -0.12 7.08
HG13 DHV A 32 2.69 1.06 8.39
HG21 DHV A 32 0.44 1.45 9.57
HG22 DHV A 32 -0.99 0.53 9.05
HG23 DHV A 32 0.35 -0.29 9.86
HOG3 DHV A 32 0.68 -1.12 6.47
N GLY A 33 1.81 3.16 5.97
CA GLY A 33 2.46 4.45 5.97
C GLY A 33 2.44 4.94 4.53
N MND A 34 2.28 6.25 4.38
CA MND A 34 2.20 6.92 3.11
CB MND A 34 3.47 7.73 2.82
CG MND A 34 3.41 8.21 1.38
OD1 MND A 34 3.96 7.57 0.49
ND2 MND A 34 2.77 9.36 1.11
CE2 MND A 34 2.41 9.75 -0.24
C MND A 34 0.95 7.78 3.19
O MND A 34 0.89 8.69 4.01
H MND A 34 2.09 6.83 5.20
HA MND A 34 2.09 6.19 2.30
HB2 MND A 34 3.52 8.58 3.51
HB3 MND A 34 4.35 7.10 2.96
HD2 MND A 34 2.30 9.86 1.88
HE21 MND A 34 3.31 9.96 -0.83
HE22 MND A 34 1.76 10.62 -0.22
HE23 MND A 34 1.87 8.93 -0.73
N ILE A 35 -0.12 7.30 2.58
CA ILE A 35 -1.40 7.95 2.56
C ILE A 35 -2.49 6.93 2.89
N MND A 36 -3.52 7.34 3.63
CA MND A 36 -4.64 6.49 4.04
CB MND A 36 -5.93 6.92 3.35
CG MND A 36 -7.15 6.25 3.97
OD1 MND A 36 -7.59 5.19 3.53
ND2 MND A 36 -7.82 6.92 4.91
CE2 MND A 36 -9.04 6.42 5.53
C MND A 36 -4.71 6.57 5.55
O MND A 36 -4.76 7.68 6.09
H MND A 36 -3.49 8.29 3.99
HA MND A 36 -4.44 5.46 3.76
HB2 MND A 36 -6.03 8.01 3.43
HB3 MND A 36 -5.87 6.67 2.29
HD2 MND A 36 -7.38 7.76 5.27
HE21 MND A 36 -8.90 5.36 5.76
HE22 MND A 36 -9.88 6.55 4.86
HE23 MND A 36 -9.21 6.95 6.47
N VAL A 37 -4.62 5.43 6.24
CA VAL A 37 -4.63 5.35 7.68
C VAL A 37 -3.23 4.90 8.08
O HTN A 38 -0.95 7.39 10.58
C HTN A 38 -0.54 6.55 9.77
CE HTN A 38 1.55 2.46 12.24
N HTN A 38 -2.64 5.58 9.07
CA HTN A 38 -1.32 5.27 9.57
CB HTN A 38 -1.41 4.52 10.91
OG HTN A 38 -2.21 3.36 10.87
CG HTN A 38 -0.02 4.18 11.45
OD1 HTN A 38 0.79 5.06 11.72
ND2 HTN A 38 0.24 2.91 11.77
HE1 HTN A 38 1.53 1.40 12.47
HE2 HTN A 38 1.84 3.04 13.11
HE3 HTN A 38 2.28 2.65 11.45
H HTN A 38 -3.14 6.33 9.54
HA HTN A 38 -0.80 4.63 8.86
HB3 HTN A 38 -1.87 5.21 11.62
HOG HTN A 38 -2.56 3.27 11.79
HD22 HTN A 38 -0.54 2.25 11.50
N ALA A 39 0.59 6.69 9.09
CA ALA A 39 1.43 7.87 9.20
C ALA A 39 1.78 8.41 7.83
N MND A 40 1.82 9.74 7.71
CA MND A 40 2.15 10.44 6.48
CB MND A 40 3.55 11.07 6.60
CG MND A 40 4.01 11.61 5.25
OD1 MND A 40 4.47 10.85 4.41
ND2 MND A 40 3.89 12.92 5.00
CE2 MND A 40 4.18 13.57 3.72
C MND A 40 1.03 11.44 6.25
O MND A 40 1.07 12.56 6.77
H MND A 40 1.48 10.29 8.49
HA MND A 40 2.19 9.74 5.64
HB2 MND A 40 3.53 11.86 7.34
HB3 MND A 40 4.25 10.32 6.92
HD2 MND A 40 3.47 13.46 5.76
HE21 MND A 40 5.04 14.22 3.78
HE22 MND A 40 3.32 14.16 3.39
HE23 MND A 40 4.40 12.82 2.96
N VAL A 41 -0.04 11.02 5.55
CA VAL A 41 -1.20 11.85 5.31
C VAL A 41 -2.48 11.01 5.31
N DSN A 42 -3.61 11.63 5.61
CA DSN A 42 -4.91 10.96 5.59
C DSN A 42 -5.59 10.99 6.95
O DSN A 42 -6.27 11.95 7.31
CB DSN A 42 -5.75 11.55 4.46
OG DSN A 42 -5.04 11.37 3.24
H DSN A 42 -3.59 12.62 5.80
HA DSN A 42 -4.76 9.91 5.32
HB2 DSN A 42 -6.71 11.04 4.40
HB3 DSN A 42 -5.91 12.62 4.63
HG DSN A 42 -5.50 11.86 2.53
N VAL A 43 -5.39 9.90 7.71
CA VAL A 43 -5.91 9.64 9.04
C VAL A 43 -4.76 9.00 9.84
N DSG A 44 -4.78 9.13 11.16
CA DSG A 44 -3.78 8.59 12.07
C DSG A 44 -2.85 9.72 12.51
O DSG A 44 -3.26 10.53 13.34
CB DSG A 44 -4.48 7.94 13.27
CG DSG A 44 -3.42 7.39 14.21
OD1 DSG A 44 -2.77 6.40 13.89
ND2 DSG A 44 -3.17 8.04 15.33
H DSG A 44 -5.50 9.72 11.58
HA DSG A 44 -3.19 7.82 11.56
HB2 DSG A 44 -5.10 8.67 13.79
HB3 DSG A 44 -5.10 7.11 12.92
HD21 DSG A 44 -2.24 7.84 15.73
HD22 DSG A 44 -3.60 8.95 15.49
N M2S A 45 -1.61 9.75 12.02
CA M2S A 45 -0.60 10.77 12.33
CB M2S A 45 0.45 10.23 13.36
CG1 M2S A 45 1.71 11.11 13.38
CG2 M2S A 45 -0.16 10.42 14.76
CG M2S A 45 1.01 8.79 13.19
SD M2S A 45 0.17 7.26 13.73
OE M2S A 45 -0.33 7.58 15.47
CE M2S A 45 1.66 6.32 14.13
C M2S A 45 -0.06 11.39 11.02
O M2S A 45 -0.03 10.76 9.96
H M2S A 45 -1.34 9.06 11.32
HA M2S A 45 -1.13 11.59 12.82
HG11 M2S A 45 1.44 12.16 13.51
HG12 M2S A 45 2.37 10.84 14.20
HG13 M2S A 45 2.27 10.98 12.45
HG21 M2S A 45 -0.33 11.49 14.97
HG22 M2S A 45 0.53 10.02 15.50
HG23 M2S A 45 -1.11 9.91 14.85
HG2 M2S A 45 1.97 8.77 13.72
HG3 M2S A 45 1.25 8.67 12.13
HE1 M2S A 45 2.32 6.29 13.26
HE2 M2S A 45 2.18 6.79 14.97
HE3 M2S A 45 1.39 5.29 14.40
N DSG A 46 0.41 12.65 11.12
CA DSG A 46 0.96 13.43 10.01
C DSG A 46 -0.11 14.45 9.61
O DSG A 46 -0.70 15.09 10.48
CB DSG A 46 2.25 14.14 10.44
CG DSG A 46 3.41 13.66 9.59
OD1 DSG A 46 3.56 14.12 8.46
ND2 DSG A 46 4.18 12.71 10.07
H DSG A 46 0.36 13.12 12.02
HA DSG A 46 1.17 12.77 9.18
HB2 DSG A 46 2.15 15.21 10.32
HB3 DSG A 46 2.47 13.95 11.50
HD21 DSG A 46 4.89 12.25 9.50
HD22 DSG A 46 4.11 12.44 11.05
N GLN A 47 -0.31 14.70 8.31
CA GLN A 47 -1.33 15.63 7.86
C GLN A 47 -2.66 14.89 7.79
N 2TL A 48 -3.75 15.57 8.04
CA 2TL A 48 -5.08 14.99 8.00
CB 2TL A 48 -5.96 15.99 7.25
OG1 2TL A 48 -5.90 17.29 7.82
CG2 2TL A 48 -7.41 15.55 7.09
C 2TL A 48 -5.49 14.68 9.44
O 2TL A 48 -5.02 15.33 10.38
H 2TL A 48 -3.71 16.54 8.33
HA 2TL A 48 -5.06 14.07 7.44
HB 2TL A 48 -5.55 16.09 6.25
HG1 2TL A 48 -6.21 17.25 8.74
HG21 2TL A 48 -7.45 14.57 6.62
HG22 2TL A 48 -7.94 16.26 6.45
HG23 2TL A 48 -7.90 15.50 8.07
N THR A 49 -6.39 13.73 9.66
CA THR A 49 -6.88 13.35 10.98
C THR A 49 -6.03 12.21 11.55
C MHE A 1 9.68 -10.13 -9.28
O MHE A 1 9.89 -9.35 -8.34
CA MHE A 1 10.47 -10.16 -10.47
O2 MHE A 1 10.02 -10.28 -11.61
C3 MHE A 1 11.97 -10.25 -10.24
C4 MHE A 1 12.49 -11.67 -10.51
C5 MHE A 1 14.01 -11.81 -10.61
C6 MHE A 1 14.56 -11.18 -11.90
C7 MHE A 1 14.33 -13.31 -10.62
C8 MHE A 1 14.72 -11.14 -9.41
H1 MHE A 1 12.44 -9.55 -10.94
H3A MHE A 1 12.22 -9.94 -9.23
H4 MHE A 1 12.11 -12.31 -9.70
H4A MHE A 1 12.05 -12.04 -11.44
H6 MHE A 1 15.64 -11.31 -11.97
H6A MHE A 1 14.37 -10.11 -11.93
H6B MHE A 1 14.08 -11.62 -12.77
H7 MHE A 1 15.40 -13.47 -10.66
H7A MHE A 1 13.85 -13.79 -11.46
H7B MHE A 1 13.95 -13.77 -9.70
H8 MHE A 1 14.53 -10.07 -9.39
H8A MHE A 1 14.33 -11.57 -8.48
H8B MHE A 1 15.80 -11.29 -9.47
N GLY A 2 8.89 -11.22 -9.14
CA GLY A 2 8.05 -11.81 -10.20
C GLY A 2 7.17 -10.73 -10.84
N I2M A 3 6.49 -11.04 -11.94
CA I2M A 3 5.64 -10.08 -12.65
CB I2M A 3 6.28 -9.73 -14.04
CG3 I2M A 3 6.15 -10.89 -15.05
CG2 I2M A 3 5.59 -8.49 -14.66
CG1 I2M A 3 7.80 -9.44 -14.02
CD1 I2M A 3 8.27 -8.25 -13.17
C I2M A 3 4.23 -10.64 -12.81
O I2M A 3 4.05 -11.87 -12.86
H I2M A 3 6.69 -11.93 -12.38
HA I2M A 3 5.58 -9.16 -12.06
HG31 I2M A 3 5.10 -11.11 -15.26
HG32 I2M A 3 6.61 -11.79 -14.66
HG33 I2M A 3 6.62 -10.64 -15.99
HG21 I2M A 3 6.15 -8.13 -15.52
HG22 I2M A 3 4.58 -8.74 -14.99
HG23 I2M A 3 5.52 -7.70 -13.93
HG12 I2M A 3 8.34 -10.31 -13.67
HG13 I2M A 3 8.16 -9.25 -15.03
HD11 I2M A 3 7.77 -7.34 -13.49
HD12 I2M A 3 8.09 -8.43 -12.12
HD13 I2M A 3 9.33 -8.12 -13.31
N GLY A 4 3.23 -9.76 -12.97
CA GLY A 4 1.86 -10.13 -13.22
C GLY A 4 0.92 -10.13 -12.03
N TBG A 5 -0.14 -10.92 -12.15
CA TBG A 5 -1.15 -11.06 -11.12
CB TBG A 5 -2.58 -11.08 -11.76
CG1 TBG A 5 -3.64 -11.08 -10.64
CG2 TBG A 5 -2.79 -9.81 -12.61
CG3 TBG A 5 -2.83 -12.27 -12.70
C TBG A 5 -0.77 -12.32 -10.33
O TBG A 5 -0.46 -13.35 -10.93
H TBG A 5 -0.22 -11.54 -12.95
HA TBG A 5 -1.10 -10.20 -10.46
HG11 TBG A 5 -4.64 -11.00 -11.07
HG12 TBG A 5 -3.59 -12.00 -10.07
HG13 TBG A 5 -3.48 -10.25 -9.96
HG21 TBG A 5 -2.52 -8.93 -12.05
HG22 TBG A 5 -2.19 -9.85 -13.51
HG23 TBG A 5 -3.84 -9.73 -12.92
HG31 TBG A 5 -2.70 -13.22 -12.17
HG32 TBG A 5 -2.12 -12.25 -13.54
HG33 TBG A 5 -3.84 -12.23 -13.11
N TDD A 6 -0.82 -12.27 -9.00
CA TDD A 6 -0.49 -13.38 -8.12
CB TDD A 6 -1.78 -14.08 -7.62
CG1 TDD A 6 -2.86 -13.13 -7.04
CG2 TDD A 6 -2.48 -14.82 -8.78
CG3 TDD A 6 -1.45 -15.13 -6.54
C TDD A 6 0.46 -12.85 -7.03
O TDD A 6 0.03 -12.27 -6.03
H TDD A 6 -1.07 -11.39 -8.55
HA TDD A 6 0.07 -14.11 -8.69
HG11 TDD A 6 -2.44 -12.60 -6.20
HG12 TDD A 6 -3.17 -12.40 -7.79
HG13 TDD A 6 -3.71 -13.70 -6.71
HG21 TDD A 6 -2.76 -14.12 -9.57
HG22 TDD A 6 -1.81 -15.56 -9.22
HG23 TDD A 6 -3.38 -15.33 -8.44
HG31 TDD A 6 -1.15 -14.64 -5.62
HG32 TDD A 6 -0.63 -15.77 -6.87
HG33 TDD A 6 -2.32 -15.76 -6.32
N TBG A 7 1.76 -13.12 -7.19
CA TBG A 7 2.79 -12.73 -6.25
CB TBG A 7 3.19 -13.94 -5.35
CG1 TBG A 7 1.95 -14.53 -4.64
CG2 TBG A 7 3.82 -15.11 -6.14
CG3 TBG A 7 4.17 -13.48 -4.26
C TBG A 7 3.95 -12.13 -7.06
O TBG A 7 4.47 -12.78 -7.98
H TBG A 7 2.07 -13.60 -8.02
HA TBG A 7 2.40 -11.95 -5.60
HG11 TBG A 7 1.43 -13.75 -4.10
HG12 TBG A 7 1.27 -14.98 -5.36
HG13 TBG A 7 2.25 -15.31 -3.93
HG21 TBG A 7 4.82 -14.84 -6.46
HG22 TBG A 7 3.88 -15.99 -5.51
HG23 TBG A 7 3.22 -15.34 -7.03
HG31 TBG A 7 3.72 -12.69 -3.65
HG32 TBG A 7 5.09 -13.10 -4.71
HG33 TBG A 7 4.43 -14.32 -3.61
N DAL A 8 4.38 -10.92 -6.71
CA DAL A 8 5.46 -10.21 -7.39
CB DAL A 8 6.75 -10.36 -6.60
C DAL A 8 5.06 -8.74 -7.54
O DAL A 8 4.68 -8.13 -6.54
H DAL A 8 3.92 -10.41 -5.96
HA DAL A 8 5.59 -10.64 -8.40
HB1 DAL A 8 7.54 -9.80 -7.08
HB2 DAL A 8 6.60 -9.99 -5.59
HB3 DAL A 8 7.03 -11.42 -6.55
N TBG A 9 5.20 -8.18 -8.74
CA TBG A 9 4.86 -6.81 -9.06
CB TBG A 9 6.12 -5.99 -9.52
CG1 TBG A 9 5.82 -4.49 -9.38
CG2 TBG A 9 7.35 -6.31 -8.67
CG3 TBG A 9 6.50 -6.23 -10.99
C TBG A 9 3.71 -6.89 -10.06
O TBG A 9 3.82 -7.59 -11.09
H TBG A 9 5.53 -8.75 -9.51
HA TBG A 9 4.51 -6.33 -8.16
HG11 TBG A 9 5.57 -4.25 -8.35
HG12 TBG A 9 6.68 -3.90 -9.69
HG13 TBG A 9 4.97 -4.21 -10.01
HG21 TBG A 9 7.13 -6.24 -7.60
HG22 TBG A 9 7.72 -7.32 -8.87
HG23 TBG A 9 8.17 -5.62 -8.90
HG31 TBG A 9 5.75 -5.82 -11.65
HG32 TBG A 9 6.56 -7.30 -11.15
HG33 TBG A 9 7.47 -5.78 -11.22
N TDD A 10 2.66 -6.11 -9.83
CA TDD A 10 1.47 -6.06 -10.68
CB TDD A 10 1.52 -5.00 -11.81
CG1 TDD A 10 2.62 -5.36 -12.84
CG2 TDD A 10 0.20 -4.98 -12.60
CG3 TDD A 10 1.83 -3.57 -11.34
C TDD A 10 0.26 -6.02 -9.75
O TDD A 10 -0.19 -4.95 -9.34
H TDD A 10 2.65 -5.58 -8.96
HA TDD A 10 1.41 -7.02 -11.20
HG11 TDD A 10 3.60 -5.27 -12.37
HG12 TDD A 10 2.48 -6.37 -13.19
HG13 TDD A 10 2.59 -4.67 -13.69
HG21 TDD A 10 -0.62 -4.64 -11.96
HG22 TDD A 10 0.27 -4.30 -13.44
HG23 TDD A 10 -0.03 -5.98 -12.97
HG31 TDD A 10 1.90 -2.89 -12.18
HG32 TDD A 10 2.78 -3.54 -10.79
HG33 TDD A 10 1.04 -3.21 -10.69
N ALA A 11 -0.30 -7.18 -9.43
CA ALA A 11 -1.45 -7.27 -8.55
C ALA A 11 -1.38 -8.55 -7.73
N GLY A 12 -2.09 -8.55 -6.60
CA GLY A 12 -2.18 -9.66 -5.68
C GLY A 12 -1.36 -9.33 -4.45
N ALA A 13 -0.14 -9.88 -4.37
CA ALA A 13 0.74 -9.65 -3.23
C ALA A 13 2.14 -9.25 -3.67
N TDD A 14 2.88 -8.63 -2.74
CA TDD A 14 4.26 -8.19 -2.95
CB TDD A 14 5.18 -8.75 -1.83
CG1 TDD A 14 5.23 -10.28 -1.94
CG2 TDD A 14 6.62 -8.25 -2.01
CG3 TDD A 14 4.71 -8.41 -0.39
C TDD A 14 4.24 -6.67 -3.19
O TDD A 14 4.31 -5.87 -2.26
H TDD A 14 2.41 -8.34 -1.88
HA TDD A 14 4.62 -8.64 -3.88
HG11 TDD A 14 5.56 -10.58 -2.94
HG12 TDD A 14 5.92 -10.70 -1.21
HG13 TDD A 14 4.24 -10.71 -1.75
HG21 TDD A 14 7.30 -8.72 -1.32
HG22 TDD A 14 6.98 -8.46 -3.03
HG23 TDD A 14 6.68 -7.16 -1.87
HG31 TDD A 14 3.72 -8.82 -0.21
HG32 TDD A 14 4.67 -7.34 -0.24
HG33 TDD A 14 5.40 -8.83 0.34
N ALA A 15 4.09 -6.31 -4.46
CA ALA A 15 4.03 -4.95 -4.94
C ALA A 15 2.95 -4.83 -5.99
N MND A 16 2.28 -3.68 -6.02
CA MND A 16 1.21 -3.37 -6.95
CB MND A 16 1.60 -2.22 -7.92
CG MND A 16 2.51 -1.09 -7.40
OD1 MND A 16 3.05 -1.15 -6.30
ND2 MND A 16 3.03 -0.29 -8.33
CE2 MND A 16 3.85 0.87 -7.99
C MND A 16 -0.09 -3.10 -6.19
O MND A 16 -0.09 -2.45 -5.14
H MND A 16 2.50 -2.93 -5.36
HA MND A 16 1.04 -4.24 -7.56
HB2 MND A 16 2.14 -2.70 -8.73
HB3 MND A 16 0.69 -1.78 -8.32
HD2 MND A 16 2.39 -0.25 -9.14
HE21 MND A 16 4.84 0.80 -8.43
HE22 MND A 16 3.96 0.92 -6.90
HE23 MND A 16 3.37 1.78 -8.33
N HVA A 17 -1.19 -3.66 -6.70
CA HVA A 17 -2.52 -3.51 -6.11
CB HVA A 17 -3.52 -3.04 -7.19
CG1 HVA A 17 -3.64 -3.95 -8.42
CG2 HVA A 17 -4.92 -2.86 -6.60
OG3 HVA A 17 -3.11 -1.77 -7.65
C HVA A 17 -2.94 -4.80 -5.37
O HVA A 17 -2.99 -5.88 -5.96
H HVA A 17 -1.12 -4.19 -7.57
HA HVA A 17 -2.48 -2.71 -5.37
HG11 HVA A 17 -2.69 -4.02 -8.95
HG12 HVA A 17 -3.96 -4.95 -8.12
HG13 HVA A 17 -4.38 -3.56 -9.10
HG21 HVA A 17 -5.37 -3.83 -6.42
HG22 HVA A 17 -4.85 -2.32 -5.65
HG23 HVA A 17 -5.55 -2.30 -7.28
HOG3 HVA A 17 -2.35 -1.87 -8.23
N GLY A 18 -3.28 -4.69 -4.07
CA GLY A 18 -3.72 -5.81 -3.23
C GLY A 18 -3.14 -5.71 -1.83
N ALA A 19 -2.02 -6.38 -1.57
CA ALA A 19 -1.36 -6.34 -0.27
C ALA A 19 0.16 -6.39 -0.42
N GLY A 20 0.78 -5.39 0.17
CA GLY A 20 2.20 -5.13 0.18
C GLY A 20 2.36 -3.65 -0.14
N TBG A 21 3.41 -3.28 -0.87
CA TBG A 21 3.64 -1.88 -1.24
CB TBG A 21 5.17 -1.62 -1.33
CG1 TBG A 21 5.81 -1.79 0.07
CG2 TBG A 21 5.89 -2.58 -2.29
CG3 TBG A 21 5.47 -0.16 -1.75
C TBG A 21 2.82 -1.57 -2.51
O TBG A 21 2.63 -2.45 -3.34
H TBG A 21 4.02 -3.99 -1.27
HA TBG A 21 3.27 -1.26 -0.43
HG11 TBG A 21 5.33 -1.11 0.78
HG12 TBG A 21 5.69 -2.81 0.42
HG13 TBG A 21 6.88 -1.56 0.03
HG21 TBG A 21 5.79 -3.61 -1.96
HG22 TBG A 21 5.48 -2.49 -3.29
HG23 TBG A 21 6.96 -2.35 -2.33
HG31 TBG A 21 5.12 0.00 -2.78
HG32 TBG A 21 6.54 0.03 -1.74
HG33 TBG A 21 4.96 0.54 -1.10
N MND A 22 2.39 -0.31 -2.68
CA MND A 22 1.59 0.15 -3.82
CB MND A 22 2.27 1.33 -4.54
CG MND A 22 1.44 1.81 -5.73
OD1 MND A 22 0.55 1.13 -6.25
ND2 MND A 22 1.77 3.01 -6.25
CE2 MND A 22 1.46 3.43 -7.61
C MND A 22 0.26 0.61 -3.25
O MND A 22 0.24 1.60 -2.52
H MND A 22 2.56 0.36 -1.94
HA MND A 22 1.43 -0.65 -4.53
HB2 MND A 22 2.41 2.15 -3.84
HB3 MND A 22 3.24 1.00 -4.89
HD2 MND A 22 2.63 3.38 -5.83
HE21 MND A 22 2.25 4.09 -7.98
HE22 MND A 22 0.49 3.92 -7.64
HE23 MND A 22 1.45 2.55 -8.26
N LMQ A 23 -0.84 -0.06 -3.59
CA LMQ A 23 -2.13 0.32 -3.03
CB LMQ A 23 -3.01 1.18 -3.96
CB2 LMQ A 23 -2.23 2.34 -4.61
CG LMQ A 23 -3.76 0.38 -5.03
CD LMQ A 23 -4.67 1.26 -5.88
OE1 LMQ A 23 -4.49 1.41 -7.08
NE2 LMQ A 23 -5.58 1.98 -5.25
C LMQ A 23 -2.76 -0.94 -2.47
O LMQ A 23 -2.81 -1.97 -3.16
H LMQ A 23 -0.78 -0.87 -4.18
HA LMQ A 23 -1.93 0.95 -2.16
HB3 LMQ A 23 -3.77 1.62 -3.31
HB21 LMQ A 23 -1.66 1.97 -5.46
HB22 LMQ A 23 -2.92 3.10 -4.95
HB23 LMQ A 23 -1.54 2.78 -3.89
HG2 LMQ A 23 -3.04 -0.08 -5.70
HG3 LMQ A 23 -4.36 -0.39 -4.58
HE21 LMQ A 23 -5.96 2.75 -5.78
HE22 LMQ A 23 -5.74 1.94 -4.25
N DHV A 24 -3.34 -0.83 -1.29
CA DHV A 24 -3.96 -1.93 -0.61
CB DHV A 24 -5.50 -1.91 -0.77
CG1 DHV A 24 -6.14 -0.72 -0.05
CG2 DHV A 24 -5.95 -1.86 -2.23
OG3 DHV A 24 -6.03 -3.08 -0.21
C DHV A 24 -3.43 -1.94 0.84
O DHV A 24 -3.14 -0.89 1.43
H DHV A 24 -3.25 0.04 -0.78
HA DHV A 24 -3.60 -2.84 -1.07
HG11 DHV A 24 -7.22 -0.74 -0.16
HG12 DHV A 24 -5.91 -0.77 1.02
HG13 DHV A 24 -5.75 0.21 -0.45
HG21 DHV A 24 -5.68 -0.91 -2.68
HG22 DHV A 24 -5.48 -2.67 -2.79
HG23 DHV A 24 -7.04 -1.97 -2.29
HOG3 DHV A 24 -6.21 -3.73 -0.91
N ALA A 25 -3.39 -3.13 1.42
CA ALA A 25 -2.93 -3.31 2.79
C ALA A 25 -1.41 -3.48 2.83
N GLY A 26 -0.67 -2.56 3.46
CA GLY A 26 0.78 -2.64 3.56
C GLY A 26 1.45 -1.28 3.59
N GLY A 27 1.83 -0.74 2.44
CA GLY A 27 2.46 0.56 2.31
C GLY A 27 2.00 1.23 1.02
N MND A 28 2.13 2.55 0.94
CA MND A 28 1.72 3.32 -0.24
CB MND A 28 2.75 4.38 -0.60
CG MND A 28 2.29 5.20 -1.82
OD1 MND A 28 2.16 4.65 -2.92
ND2 MND A 28 2.13 6.51 -1.68
CE2 MND A 28 1.78 7.43 -2.76
C MND A 28 0.35 3.94 0.05
O MND A 28 0.26 4.73 0.99
H MND A 28 2.36 3.08 1.78
HA MND A 28 1.65 2.66 -1.10
HB2 MND A 28 2.89 5.03 0.26
HB3 MND A 28 3.70 3.90 -0.84
HD2 MND A 28 2.35 6.91 -0.76
HE21 MND A 28 1.97 8.46 -2.44
HE22 MND A 28 0.72 7.32 -3.00
HE23 MND A 28 2.39 7.21 -3.63
N ILE A 29 -0.72 3.45 -0.58
CA ILE A 29 -2.07 3.98 -0.41
C ILE A 29 -2.97 2.93 0.23
O HTN A 30 -3.79 3.47 4.08
C HTN A 30 -4.12 2.39 3.55
CE HTN A 30 -9.25 0.71 1.77
N HTN A 30 -3.61 3.25 1.35
CA HTN A 30 -4.50 2.34 2.07
CB HTN A 30 -5.96 2.69 1.78
OG HTN A 30 -6.12 2.83 0.36
CG HTN A 30 -6.98 1.62 2.23
OD1 HTN A 30 -6.68 0.68 2.96
ND2 HTN A 30 -8.16 1.66 1.61
HE1 HTN A 30 -9.78 0.93 2.71
HE2 HTN A 30 -8.86 -0.30 1.80
HE3 HTN A 30 -9.95 0.81 0.94
H HTN A 30 -3.40 4.15 1.79
HA HTN A 30 -4.32 1.31 1.72
HB3 HTN A 30 -6.20 3.64 2.26
HOG HTN A 30 -5.56 2.15 -0.04
HD22 HTN A 30 -8.22 2.52 1.00
N TBG A 31 -4.20 1.27 4.24
CA TBG A 31 -3.84 1.17 5.65
CB TBG A 31 -4.80 0.23 6.42
CG1 TBG A 31 -6.24 0.77 6.39
CG2 TBG A 31 -4.85 -1.18 5.83
CG3 TBG A 31 -4.40 0.16 7.91
C TBG A 31 -2.36 0.74 5.65
O TBG A 31 -1.97 -0.13 4.85
H TBG A 31 -4.48 0.41 3.78
HA TBG A 31 -3.91 2.16 6.09
HG11 TBG A 31 -6.89 0.14 6.98
HG12 TBG A 31 -6.29 1.78 6.78
HG13 TBG A 31 -6.61 0.80 5.37
HG21 TBG A 31 -5.53 -1.80 6.40
HG22 TBG A 31 -5.20 -1.17 4.79
HG23 TBG A 31 -3.86 -1.64 5.84
HG31 TBG A 31 -5.11 -0.45 8.47
HG32 TBG A 31 -4.40 1.17 8.34
HG33 TBG A 31 -3.41 -0.26 8.02
N DHV A 32 -1.54 1.33 6.52
CA DHV A 32 -0.13 0.99 6.65
CB DHV A 32 0.04 0.02 7.85
CG1 DHV A 32 -0.53 -1.38 7.53
CG2 DHV A 32 1.51 -0.18 8.26
OG3 DHV A 32 -0.65 0.52 9.00
C DHV A 32 0.73 2.26 6.74
O DHV A 32 0.46 3.13 7.58
H DHV A 32 -1.89 2.04 7.15
HA DHV A 32 0.17 0.47 5.75
HG11 DHV A 32 -1.59 -1.33 7.30
HG12 DHV A 32 -0.01 -1.79 6.66
HG13 DHV A 32 -0.39 -2.06 8.37
HG21 DHV A 32 1.94 0.76 8.59
HG22 DHV A 32 1.59 -0.88 9.08
HG23 DHV A 32 2.08 -0.55 7.42
HOG3 DHV A 32 -0.98 -0.24 9.51
N GLY A 33 1.81 2.34 5.97
CA GLY A 33 2.73 3.47 5.93
C GLY A 33 2.63 4.23 4.62
N MND A 34 2.14 5.47 4.66
CA MND A 34 1.97 6.33 3.50
CB MND A 34 3.17 7.26 3.33
CG MND A 34 3.01 7.98 2.00
OD1 MND A 34 3.14 7.34 0.96
ND2 MND A 34 2.56 9.23 1.99
CE2 MND A 34 2.07 9.87 0.80
C MND A 34 0.70 7.17 3.62
O MND A 34 0.53 7.90 4.61
H MND A 34 1.83 5.89 5.54
HA MND A 34 1.90 5.71 2.60
HB2 MND A 34 3.23 7.98 4.16
HB3 MND A 34 4.09 6.67 3.32
HD2 MND A 34 2.58 9.76 2.86
HE21 MND A 34 1.46 9.16 0.23
HE22 MND A 34 2.92 10.17 0.17
HE23 MND A 34 1.47 10.74 1.07
N ILE A 35 -0.22 7.03 2.67
CA ILE A 35 -1.47 7.79 2.65
C ILE A 35 -2.67 6.86 2.82
N MND A 36 -3.69 7.29 3.57
CA MND A 36 -4.92 6.56 3.84
CB MND A 36 -6.05 7.16 3.01
CG MND A 36 -7.41 6.56 3.40
OD1 MND A 36 -7.89 5.64 2.75
ND2 MND A 36 -7.98 7.00 4.53
CE2 MND A 36 -9.06 6.30 5.20
C MND A 36 -5.11 6.62 5.35
O MND A 36 -5.54 7.65 5.88
H MND A 36 -3.55 8.18 4.05
HA MND A 36 -4.81 5.53 3.53
HB2 MND A 36 -6.07 8.24 3.15
HB3 MND A 36 -5.88 6.96 1.95
HD2 MND A 36 -7.38 7.61 5.09
HE21 MND A 36 -8.78 5.25 5.27
HE22 MND A 36 -9.99 6.38 4.62
HE23 MND A 36 -9.19 6.70 6.20
N VAL A 37 -4.75 5.54 6.04
CA VAL A 37 -4.80 5.41 7.50
C VAL A 37 -3.40 4.93 7.86
O HTN A 38 -0.99 7.33 10.22
C HTN A 38 -0.54 6.50 9.45
CE HTN A 38 1.62 2.00 11.17
N HTN A 38 -2.68 5.64 8.73
CA HTN A 38 -1.33 5.26 9.10
CB HTN A 38 -1.36 4.20 10.22
OG HTN A 38 -1.95 3.00 9.72
CG HTN A 38 0.05 3.88 10.76
OD1 HTN A 38 0.69 4.67 11.44
ND2 HTN A 38 0.47 2.64 10.54
HE1 HTN A 38 2.53 2.31 10.66
HE2 HTN A 38 1.51 0.90 11.11
HE3 HTN A 38 1.66 2.30 12.22
H HTN A 38 -2.99 6.56 9.02
HA HTN A 38 -0.86 4.83 8.21
HB3 HTN A 38 -1.96 4.59 11.04
HOG HTN A 38 -2.35 3.25 8.87
HD22 HTN A 38 -0.21 2.15 9.91
N ALA A 39 0.68 6.58 8.90
CA ALA A 39 1.58 7.70 9.10
C ALA A 39 1.90 8.25 7.73
N MND A 40 1.70 9.55 7.54
CA MND A 40 1.95 10.28 6.30
CB MND A 40 3.29 11.01 6.33
CG MND A 40 3.48 11.84 5.06
OD1 MND A 40 3.35 11.32 3.95
ND2 MND A 40 3.77 13.14 5.19
CE2 MND A 40 3.72 14.08 4.07
C MND A 40 0.80 11.25 6.04
O MND A 40 0.84 12.41 6.47
H MND A 40 1.30 10.05 8.34
HA MND A 40 1.99 9.58 5.48
HB2 MND A 40 3.34 11.66 7.21
HB3 MND A 40 4.10 10.28 6.42
HD2 MND A 40 3.85 13.45 6.15
HE21 MND A 40 4.55 13.90 3.39
HE22 MND A 40 3.78 15.12 4.39
HE23 MND A 40 2.79 13.94 3.51
N VAL A 41 -0.27 10.79 5.40
CA VAL A 41 -1.42 11.64 5.09
C VAL A 41 -2.72 10.85 5.29
N DSN A 42 -3.76 11.51 5.80
CA DSN A 42 -5.06 10.93 6.04
C DSN A 42 -5.31 10.79 7.54
O DSN A 42 -5.10 11.72 8.32
CB DSN A 42 -6.13 11.74 5.28
OG DSN A 42 -6.06 13.13 5.53
H DSN A 42 -3.60 12.45 6.13
HA DSN A 42 -5.07 9.93 5.60
HB2 DSN A 42 -5.99 11.57 4.22
HB3 DSN A 42 -7.11 11.36 5.56
HG DSN A 42 -5.14 13.42 5.54
N VAL A 43 -5.84 9.63 7.92
CA VAL A 43 -6.16 9.30 9.30
C VAL A 43 -4.89 8.76 9.96
N DSG A 44 -4.70 8.98 11.26
CA DSG A 44 -3.53 8.48 12.00
C DSG A 44 -2.70 9.64 12.53
O DSG A 44 -3.15 10.33 13.44
CB DSG A 44 -3.98 7.51 13.10
CG DSG A 44 -2.82 6.69 13.65
OD1 DSG A 44 -2.56 5.62 13.15
ND2 DSG A 44 -2.24 7.07 14.77
H DSG A 44 -5.38 9.54 11.77
HA DSG A 44 -2.92 7.89 11.33
HB2 DSG A 44 -4.47 8.04 13.91
HB3 DSG A 44 -4.71 6.82 12.68
HD21 DSG A 44 -1.57 6.43 15.18
HD22 DSG A 44 -2.39 7.96 15.23
N M2S A 45 -1.51 9.85 11.93
CA M2S A 45 -0.52 10.89 12.23
CB M2S A 45 0.60 10.34 13.19
CG1 M2S A 45 -0.03 10.00 14.55
CG2 M2S A 45 1.23 9.03 12.65
CG M2S A 45 1.71 11.40 13.38
SD M2S A 45 3.04 11.10 14.59
OE M2S A 45 2.35 11.90 16.08
CE M2S A 45 4.17 12.43 14.11
C M2S A 45 0.02 11.37 10.87
O M2S A 45 0.16 10.56 9.95
H M2S A 45 -1.22 9.22 11.18
HA M2S A 45 -1.02 11.72 12.72
HG11 M2S A 45 0.72 9.64 15.25
HG12 M2S A 45 -0.52 10.88 14.97
HG13 M2S A 45 -0.77 9.21 14.45
HG21 M2S A 45 0.47 8.26 12.47
HG22 M2S A 45 1.92 8.62 13.37
HG23 M2S A 45 1.76 9.23 11.72
HG2 M2S A 45 1.25 12.35 13.63
HG3 M2S A 45 2.21 11.52 12.41
HE1 M2S A 45 4.93 12.55 14.87
HE2 M2S A 45 4.64 12.19 13.16
HE3 M2S A 45 3.60 13.35 14.00
N DSG A 46 0.45 12.64 10.74
CA DSG A 46 0.97 13.15 9.47
C DSG A 46 0.20 14.40 9.06
O DSG A 46 0.32 15.45 9.68
CB DSG A 46 2.50 13.34 9.46
CG DSG A 46 3.01 14.31 10.51
OD1 DSG A 46 3.52 13.88 11.53
ND2 DSG A 46 3.15 15.59 10.20
H DSG A 46 0.32 13.28 11.52
HA DSG A 46 0.78 12.40 8.72
HB2 DSG A 46 2.97 12.37 9.63
HB3 DSG A 46 2.80 13.69 8.48
HD21 DSG A 46 3.32 16.23 10.97
HD22 DSG A 46 2.71 15.93 9.35
N GLN A 47 -0.68 14.27 8.07
CA GLN A 47 -1.50 15.38 7.61
C GLN A 47 -2.94 14.91 7.46
N 2TL A 48 -3.80 15.34 8.38
CA 2TL A 48 -5.22 14.99 8.38
CB 2TL A 48 -5.99 15.99 7.50
OG1 2TL A 48 -5.48 15.99 6.18
CG2 2TL A 48 -5.90 17.46 7.93
C 2TL A 48 -5.72 14.90 9.82
O 2TL A 48 -5.70 15.91 10.55
H 2TL A 48 -3.52 16.01 9.09
HA 2TL A 48 -5.33 14.02 7.92
HB 2TL A 48 -7.03 15.69 7.47
HG1 2TL A 48 -6.22 15.74 5.61
HG21 2TL A 48 -6.41 17.59 8.88
HG22 2TL A 48 -6.40 18.09 7.19
HG23 2TL A 48 -4.86 17.77 8.01
N THR A 49 -6.12 13.71 10.29
CA THR A 49 -6.64 13.52 11.66
C THR A 49 -6.12 12.21 12.26
C MHE A 1 8.92 -11.96 -9.89
O MHE A 1 9.46 -12.25 -10.96
CA MHE A 1 9.56 -11.50 -8.71
O2 MHE A 1 9.35 -10.37 -8.25
C3 MHE A 1 10.29 -12.54 -7.85
C4 MHE A 1 10.75 -13.81 -8.60
C5 MHE A 1 11.72 -14.72 -7.81
C6 MHE A 1 13.12 -14.10 -7.77
C7 MHE A 1 11.77 -16.07 -8.53
C8 MHE A 1 11.20 -14.99 -6.40
H1 MHE A 1 11.16 -12.06 -7.41
H3A MHE A 1 9.63 -12.83 -7.05
H4 MHE A 1 9.85 -14.37 -8.87
H4A MHE A 1 11.24 -13.51 -9.53
H6 MHE A 1 13.45 -13.80 -8.77
H6A MHE A 1 13.85 -14.82 -7.37
H6B MHE A 1 13.13 -13.21 -7.14
H7 MHE A 1 12.01 -15.92 -9.59
H7A MHE A 1 10.79 -16.56 -8.47
H7B MHE A 1 12.51 -16.73 -8.08
H8 MHE A 1 11.24 -14.08 -5.78
H8A MHE A 1 10.16 -15.30 -6.45
H8B MHE A 1 11.77 -15.78 -5.91
N GLY A 2 7.61 -12.06 -9.59
CA GLY A 2 6.64 -12.25 -10.66
C GLY A 2 6.31 -10.92 -11.31
N I2M A 3 5.73 -10.99 -12.50
CA I2M A 3 5.35 -9.82 -13.29
CB I2M A 3 6.33 -9.65 -14.50
CG3 I2M A 3 6.16 -10.77 -15.54
CG2 I2M A 3 6.05 -8.30 -15.18
CG1 I2M A 3 7.84 -9.73 -14.14
CD1 I2M A 3 8.41 -8.67 -13.20
C I2M A 3 3.86 -9.97 -13.65
O I2M A 3 3.45 -10.96 -14.26
H I2M A 3 5.60 -11.90 -12.92
HA I2M A 3 5.45 -8.94 -12.66
HG31 I2M A 3 6.27 -11.75 -15.08
HG32 I2M A 3 6.90 -10.68 -16.33
HG33 I2M A 3 5.18 -10.71 -15.99
HG21 I2M A 3 6.09 -7.48 -14.45
HG22 I2M A 3 6.78 -8.10 -15.95
HG23 I2M A 3 5.04 -8.30 -15.62
HG12 I2M A 3 8.07 -10.71 -13.70
HG13 I2M A 3 8.42 -9.67 -15.06
HD11 I2M A 3 8.18 -7.66 -13.56
HD12 I2M A 3 8.03 -8.79 -12.20
HD13 I2M A 3 9.48 -8.79 -13.16
N GLY A 4 3.04 -8.96 -13.34
CA GLY A 4 1.60 -8.93 -13.62
C GLY A 4 0.79 -9.29 -12.39
N TBG A 5 -0.28 -10.05 -12.57
CA TBG A 5 -1.16 -10.45 -11.47
CB TBG A 5 -2.60 -10.67 -12.02
CG1 TBG A 5 -3.56 -11.00 -10.88
CG2 TBG A 5 -3.10 -9.37 -12.68
CG3 TBG A 5 -2.68 -11.78 -13.09
C TBG A 5 -0.54 -11.68 -10.78
O TBG A 5 0.06 -12.53 -11.46
H TBG A 5 -0.52 -10.32 -13.52
HA TBG A 5 -1.19 -9.64 -10.76
HG11 TBG A 5 -4.60 -10.90 -11.20
HG12 TBG A 5 -3.42 -12.01 -10.53
HG13 TBG A 5 -3.40 -10.31 -10.05
HG21 TBG A 5 -4.16 -9.45 -12.93
HG22 TBG A 5 -2.98 -8.52 -11.99
HG23 TBG A 5 -2.56 -9.15 -13.59
HG31 TBG A 5 -2.43 -12.74 -12.66
HG32 TBG A 5 -2.01 -11.57 -13.92
HG33 TBG A 5 -3.70 -11.83 -13.50
N TDD A 6 -0.66 -11.78 -9.46
CA TDD A 6 -0.16 -12.88 -8.64
CB TDD A 6 -1.33 -13.82 -8.23
CG1 TDD A 6 -2.55 -13.08 -7.61
CG2 TDD A 6 -1.84 -14.58 -9.46
CG3 TDD A 6 -0.87 -14.89 -7.22
C TDD A 6 0.69 -12.32 -7.49
O TDD A 6 0.19 -11.65 -6.58
H TDD A 6 -1.15 -11.04 -8.95
HA TDD A 6 0.51 -13.49 -9.25
HG11 TDD A 6 -2.97 -12.38 -8.31
HG12 TDD A 6 -3.31 -13.81 -7.34
HG13 TDD A 6 -2.25 -12.55 -6.71
HG21 TDD A 6 -2.63 -15.28 -9.17
HG22 TDD A 6 -2.22 -13.90 -10.21
HG23 TDD A 6 -1.02 -15.15 -9.91
HG31 TDD A 6 0.03 -15.38 -7.57
HG32 TDD A 6 -1.65 -15.65 -7.09
HG33 TDD A 6 -0.69 -14.44 -6.25
N TBG A 7 1.97 -12.69 -7.49
CA TBG A 7 2.95 -12.28 -6.48
CB TBG A 7 3.27 -13.41 -5.47
CG1 TBG A 7 1.99 -13.80 -4.71
CG2 TBG A 7 3.80 -14.70 -6.13
CG3 TBG A 7 4.28 -12.92 -4.42
C TBG A 7 4.16 -11.71 -7.23
O TBG A 7 4.84 -12.42 -7.98
H TBG A 7 2.33 -13.23 -8.26
HA TBG A 7 2.50 -11.47 -5.91
HG11 TBG A 7 2.23 -14.44 -3.89
HG12 TBG A 7 1.51 -12.90 -4.32
HG13 TBG A 7 1.30 -14.31 -5.37
HG21 TBG A 7 3.17 -15.00 -6.95
HG22 TBG A 7 4.82 -14.55 -6.49
HG23 TBG A 7 3.82 -15.50 -5.39
HG31 TBG A 7 5.23 -12.68 -4.88
HG32 TBG A 7 4.46 -13.70 -3.68
HG33 TBG A 7 3.88 -12.04 -3.92
N DAL A 8 4.45 -10.43 -6.99
CA DAL A 8 5.53 -9.68 -7.59
CB DAL A 8 6.71 -9.61 -6.63
C DAL A 8 4.99 -8.29 -7.92
O DAL A 8 4.21 -7.75 -7.12
H DAL A 8 3.84 -9.91 -6.37
HA DAL A 8 5.83 -10.17 -8.51
HB1 DAL A 8 7.49 -8.99 -7.08
HB2 DAL A 8 6.40 -9.17 -5.69
HB3 DAL A 8 7.11 -10.62 -6.45
N TBG A 9 5.50 -7.67 -8.97
CA TBG A 9 5.07 -6.33 -9.37
CB TBG A 9 6.24 -5.56 -10.06
CG1 TBG A 9 7.51 -5.61 -9.19
CG2 TBG A 9 6.61 -6.13 -11.44
CG3 TBG A 9 5.87 -4.07 -10.21
C TBG A 9 3.82 -6.50 -10.24
O TBG A 9 3.79 -7.41 -11.07
H TBG A 9 6.13 -8.17 -9.59
HA TBG A 9 4.82 -5.78 -8.47
HG11 TBG A 9 8.31 -5.02 -9.65
HG12 TBG A 9 7.32 -5.20 -8.20
HG13 TBG A 9 7.86 -6.64 -9.08
HG21 TBG A 9 5.79 -5.98 -12.14
HG22 TBG A 9 7.49 -5.62 -11.83
HG23 TBG A 9 6.80 -7.19 -11.35
HG31 TBG A 9 5.58 -3.65 -9.25
HG32 TBG A 9 5.03 -3.96 -10.91
HG33 TBG A 9 6.71 -3.51 -10.60
N TDD A 10 2.80 -5.65 -10.05
CA TDD A 10 1.54 -5.68 -10.78
CB TDD A 10 1.50 -4.58 -11.89
CG1 TDD A 10 1.82 -3.15 -11.39
CG2 TDD A 10 2.54 -4.91 -12.99
CG3 TDD A 10 0.11 -4.56 -12.56
C TDD A 10 0.40 -5.64 -9.75
O TDD A 10 0.07 -4.60 -9.19
H TDD A 10 2.90 -4.94 -9.34
HA TDD A 10 1.47 -6.62 -11.31
HG11 TDD A 10 1.07 -2.83 -10.67
HG12 TDD A 10 2.81 -3.11 -10.95
HG13 TDD A 10 1.78 -2.45 -12.24
HG21 TDD A 10 3.55 -4.88 -12.59
HG22 TDD A 10 2.35 -5.91 -13.39
HG23 TDD A 10 2.47 -4.18 -13.80
HG31 TDD A 10 -0.14 -5.56 -12.93
HG32 TDD A 10 0.10 -3.86 -13.39
HG33 TDD A 10 -0.65 -4.24 -11.83
N ALA A 11 -0.27 -6.79 -9.54
CA ALA A 11 -1.36 -6.84 -8.57
C ALA A 11 -1.38 -8.15 -7.80
N GLY A 12 -2.05 -8.12 -6.65
CA GLY A 12 -2.20 -9.24 -5.74
C GLY A 12 -1.33 -8.95 -4.54
N ALA A 13 -0.06 -9.37 -4.58
CA ALA A 13 0.87 -9.12 -3.48
C ALA A 13 2.27 -8.84 -4.00
N TDD A 14 3.09 -8.16 -3.21
CA TDD A 14 4.48 -7.81 -3.53
CB TDD A 14 5.44 -8.43 -2.48
CG1 TDD A 14 5.08 -8.10 -1.00
CG2 TDD A 14 5.38 -9.97 -2.60
CG3 TDD A 14 6.89 -8.03 -2.73
C TDD A 14 4.52 -6.28 -3.73
O TDD A 14 4.79 -5.53 -2.80
H TDD A 14 2.71 -7.74 -2.37
HA TDD A 14 4.74 -8.25 -4.49
HG11 TDD A 14 5.76 -8.61 -0.33
HG12 TDD A 14 5.18 -7.03 -0.83
HG13 TDD A 14 4.07 -8.40 -0.76
HG21 TDD A 14 4.37 -10.34 -2.35
HG22 TDD A 14 5.62 -10.28 -3.61
HG23 TDD A 14 6.09 -10.44 -1.92
HG31 TDD A 14 7.56 -8.54 -2.04
HG32 TDD A 14 7.02 -6.95 -2.57
HG33 TDD A 14 7.19 -8.26 -3.76
N ALA A 15 4.27 -5.82 -4.95
CA ALA A 15 4.26 -4.41 -5.27
C ALA A 15 3.21 -4.11 -6.32
N MND A 16 2.59 -2.93 -6.27
CA MND A 16 1.57 -2.52 -7.24
CB MND A 16 2.04 -1.44 -8.24
CG MND A 16 2.66 -0.11 -7.76
OD1 MND A 16 2.56 0.87 -8.51
ND2 MND A 16 3.68 -0.15 -6.90
CE2 MND A 16 4.59 0.96 -6.65
C MND A 16 0.24 -2.25 -6.55
O MND A 16 0.06 -1.23 -5.91
H MND A 16 2.78 -2.33 -5.47
HA MND A 16 1.39 -3.37 -7.86
HB2 MND A 16 2.80 -1.91 -8.86
HB3 MND A 16 1.20 -1.20 -8.88
HD2 MND A 16 3.68 -0.93 -6.24
HE21 MND A 16 5.35 0.67 -5.92
HE22 MND A 16 4.04 1.82 -6.29
HE23 MND A 16 5.08 1.25 -7.58
N HVA A 17 -0.72 -3.18 -6.64
CA HVA A 17 -2.03 -3.02 -6.00
CB HVA A 17 -2.98 -2.23 -6.92
CG1 HVA A 17 -3.10 -2.80 -8.35
CG2 HVA A 17 -4.39 -2.09 -6.32
OG3 HVA A 17 -2.47 -0.90 -7.03
C HVA A 17 -2.58 -4.35 -5.46
O HVA A 17 -2.76 -5.32 -6.20
H HVA A 17 -0.55 -4.02 -7.19
HA HVA A 17 -1.87 -2.40 -5.13
HG11 HVA A 17 -3.80 -2.20 -8.93
HG12 HVA A 17 -2.14 -2.79 -8.85
HG13 HVA A 17 -3.48 -3.82 -8.31
HG21 HVA A 17 -4.99 -1.39 -6.91
HG22 HVA A 17 -4.89 -3.07 -6.34
HG23 HVA A 17 -4.33 -1.75 -5.29
HOG3 HVA A 17 -1.52 -0.93 -6.81
N GLY A 18 -2.91 -4.37 -4.17
CA GLY A 18 -3.45 -5.51 -3.43
C GLY A 18 -2.78 -5.55 -2.07
N ALA A 19 -1.54 -6.04 -2.03
CA ALA A 19 -0.74 -6.13 -0.81
C ALA A 19 0.74 -5.83 -1.12
N GLY A 20 1.48 -5.34 -0.12
CA GLY A 20 2.89 -5.01 -0.23
C GLY A 20 3.15 -3.52 -0.38
N TBG A 21 3.90 -3.10 -1.41
CA TBG A 21 4.23 -1.69 -1.64
CB TBG A 21 5.77 -1.49 -1.69
CG1 TBG A 21 6.48 -2.25 -2.82
CG2 TBG A 21 6.10 0.01 -1.82
CG3 TBG A 21 6.40 -1.97 -0.35
C TBG A 21 3.41 -1.17 -2.82
O TBG A 21 3.59 -1.59 -3.96
H TBG A 21 4.20 -3.78 -2.11
HA TBG A 21 3.90 -1.13 -0.77
HG11 TBG A 21 7.56 -2.10 -2.77
HG12 TBG A 21 6.29 -3.32 -2.73
HG13 TBG A 21 6.13 -1.90 -3.78
HG21 TBG A 21 7.17 0.18 -1.75
HG22 TBG A 21 5.75 0.36 -2.79
HG23 TBG A 21 5.59 0.58 -1.05
HG31 TBG A 21 6.27 -3.05 -0.24
HG32 TBG A 21 5.93 -1.46 0.49
HG33 TBG A 21 7.47 -1.77 -0.35
N MND A 22 2.48 -0.25 -2.55
CA MND A 22 1.58 0.36 -3.51
CB MND A 22 2.08 1.69 -4.03
CG MND A 22 1.12 2.27 -5.09
OD1 MND A 22 0.80 1.58 -6.06
ND2 MND A 22 0.61 3.49 -4.92
CE2 MND A 22 -0.32 4.10 -5.88
C MND A 22 0.24 0.55 -2.83
O MND A 22 0.20 0.92 -1.65
H MND A 22 2.37 0.07 -1.58
HA MND A 22 1.48 -0.31 -4.35
HB2 MND A 22 2.19 2.38 -3.19
HB3 MND A 22 3.06 1.55 -4.48
HD2 MND A 22 0.92 3.95 -4.06
HE21 MND A 22 -0.88 3.34 -6.39
HE22 MND A 22 0.24 4.64 -6.65
HE23 MND A 22 -1.00 4.78 -5.37
N LMQ A 23 -0.87 0.42 -3.54
CA LMQ A 23 -2.17 0.59 -2.93
CB LMQ A 23 -3.21 0.97 -3.99
CB2 LMQ A 23 -4.62 1.28 -3.42
CG LMQ A 23 -2.76 2.09 -4.94
CD LMQ A 23 -3.80 2.43 -6.00
OE1 LMQ A 23 -4.52 3.41 -5.90
NE2 LMQ A 23 -4.05 1.51 -6.91
C LMQ A 23 -2.52 -0.78 -2.31
O LMQ A 23 -2.18 -1.82 -2.85
H LMQ A 23 -0.77 0.11 -4.50
HA LMQ A 23 -2.14 1.36 -2.17
HB3 LMQ A 23 -3.30 0.08 -4.58
HB21 LMQ A 23 -4.95 0.51 -2.72
HB22 LMQ A 23 -4.63 2.24 -2.90
HB23 LMQ A 23 -5.34 1.31 -4.24
HG2 LMQ A 23 -2.57 2.99 -4.39
HG3 LMQ A 23 -1.86 1.77 -5.45
HE21 LMQ A 23 -4.92 1.56 -7.38
HE22 LMQ A 23 -3.50 0.65 -6.96
N DHV A 24 -3.17 -0.78 -1.15
CA DHV A 24 -3.61 -1.97 -0.46
CB DHV A 24 -5.16 -1.98 -0.50
CG1 DHV A 24 -5.65 -2.37 -1.91
CG2 DHV A 24 -5.81 -2.94 0.49
OG3 DHV A 24 -5.63 -0.68 -0.22
C DHV A 24 -3.00 -2.07 0.95
O DHV A 24 -2.89 -1.09 1.70
H DHV A 24 -3.44 0.10 -0.71
HA DHV A 24 -3.26 -2.82 -1.02
HG11 DHV A 24 -6.73 -2.24 -1.98
HG12 DHV A 24 -5.19 -1.74 -2.67
HG13 DHV A 24 -5.40 -3.40 -2.13
HG21 DHV A 24 -5.59 -2.63 1.52
HG22 DHV A 24 -6.90 -2.93 0.36
HG23 DHV A 24 -5.44 -3.95 0.34
HOG3 DHV A 24 -6.59 -0.71 0.00
N ALA A 25 -2.75 -3.32 1.35
CA ALA A 25 -2.21 -3.71 2.64
C ALA A 25 -0.68 -3.71 2.68
N GLY A 26 -0.09 -2.69 3.30
CA GLY A 26 1.34 -2.58 3.41
C GLY A 26 1.77 -1.13 3.54
N GLY A 27 2.23 -0.50 2.46
CA GLY A 27 2.65 0.90 2.43
C GLY A 27 2.33 1.51 1.06
N MND A 28 1.92 2.78 1.01
CA MND A 28 1.56 3.49 -0.24
CB MND A 28 2.61 4.57 -0.57
CG MND A 28 2.31 5.36 -1.86
OD1 MND A 28 2.17 4.79 -2.93
ND2 MND A 28 2.55 6.68 -1.86
CE2 MND A 28 2.87 7.51 -3.01
C MND A 28 0.17 4.08 -0.02
O MND A 28 0.09 5.19 0.50
H MND A 28 1.75 3.29 1.87
HA MND A 28 1.52 2.80 -1.07
HB2 MND A 28 2.70 5.26 0.27
HB3 MND A 28 3.57 4.08 -0.70
HD2 MND A 28 2.57 7.13 -0.92
HE21 MND A 28 3.50 8.34 -2.69
HE22 MND A 28 1.97 7.92 -3.46
HE23 MND A 28 3.42 6.93 -3.76
N ILE A 29 -0.93 3.39 -0.37
CA ILE A 29 -2.27 3.92 -0.15
C ILE A 29 -3.13 2.80 0.45
O HTN A 30 -5.03 2.80 4.27
C HTN A 30 -4.61 1.93 3.50
CE HTN A 30 -8.73 -0.54 0.66
N HTN A 30 -4.03 3.07 1.41
CA HTN A 30 -4.89 2.04 2.01
CB HTN A 30 -6.37 2.32 1.71
OG HTN A 30 -6.52 2.76 0.38
CG HTN A 30 -7.27 1.08 1.91
OD1 HTN A 30 -7.43 0.54 3.00
ND2 HTN A 30 -7.90 0.66 0.82
HE1 HTN A 30 -8.38 -1.13 -0.18
HE2 HTN A 30 -9.76 -0.24 0.46
HE3 HTN A 30 -8.68 -1.15 1.56
H HTN A 30 -4.14 4.03 1.73
HA HTN A 30 -4.67 1.06 1.56
HB3 HTN A 30 -6.73 3.11 2.37
HOG HTN A 30 -6.75 3.72 0.42
HD22 HTN A 30 -7.72 1.37 0.04
N TBG A 31 -3.86 0.92 3.91
CA TBG A 31 -3.47 0.70 5.30
CB TBG A 31 -4.20 -0.52 5.94
CG1 TBG A 31 -5.73 -0.32 5.91
CG2 TBG A 31 -3.94 -1.87 5.25
CG3 TBG A 31 -3.78 -0.66 7.42
C TBG A 31 -1.95 0.62 5.30
O TBG A 31 -1.37 -0.20 4.59
H TBG A 31 -3.54 0.22 3.24
HA TBG A 31 -3.76 1.58 5.88
HG11 TBG A 31 -6.09 -0.38 4.88
HG12 TBG A 31 -6.22 -1.10 6.48
HG13 TBG A 31 -5.99 0.65 6.30
HG21 TBG A 31 -4.20 -1.79 4.19
HG22 TBG A 31 -2.88 -2.13 5.34
HG23 TBG A 31 -4.52 -2.65 5.71
HG31 TBG A 31 -4.35 -1.46 7.90
HG32 TBG A 31 -3.95 0.26 7.96
HG33 TBG A 31 -2.72 -0.91 7.48
N DHV A 32 -1.30 1.56 6.01
CA DHV A 32 0.15 1.61 6.13
CB DHV A 32 0.54 0.76 7.37
CG1 DHV A 32 2.04 0.78 7.71
CG2 DHV A 32 -0.22 1.20 8.61
OG3 DHV A 32 0.20 -0.59 7.14
C DHV A 32 0.68 3.06 6.13
O DHV A 32 -0.01 4.00 6.53
H DHV A 32 -1.81 2.23 6.57
HA DHV A 32 0.56 1.17 5.22
HG11 DHV A 32 2.63 0.47 6.84
HG12 DHV A 32 2.35 1.78 8.01
HG13 DHV A 32 2.26 0.08 8.52
HG21 DHV A 32 0.19 0.73 9.51
HG22 DHV A 32 -0.14 2.27 8.69
HG23 DHV A 32 -1.28 0.94 8.53
HOG3 DHV A 32 0.63 -0.84 6.31
N GLY A 33 1.94 3.21 5.74
CA GLY A 33 2.64 4.48 5.67
C GLY A 33 2.51 5.01 4.25
N MND A 34 2.00 6.21 4.13
CA MND A 34 1.76 6.93 2.89
CB MND A 34 2.87 7.97 2.66
CG MND A 34 2.53 8.79 1.41
OD1 MND A 34 2.07 8.23 0.42
ND2 MND A 34 2.77 10.09 1.43
CE2 MND A 34 2.71 10.96 0.27
C MND A 34 0.41 7.60 3.05
O MND A 34 0.27 8.52 3.84
H MND A 34 1.65 6.69 4.95
HA MND A 34 1.74 6.24 2.05
HB2 MND A 34 2.95 8.63 3.52
HB3 MND A 34 3.82 7.46 2.51
HD2 MND A 34 3.06 10.52 2.32
HE21 MND A 34 3.62 11.56 0.25
HE22 MND A 34 1.84 11.61 0.38
HE23 MND A 34 2.66 10.37 -0.64
N ILE A 35 -0.64 7.05 2.44
CA ILE A 35 -1.98 7.60 2.55
C ILE A 35 -2.93 6.52 3.03
N MND A 36 -3.99 6.97 3.68
CA MND A 36 -5.05 6.14 4.23
CB MND A 36 -6.40 6.74 3.81
CG MND A 36 -7.56 5.82 4.19
OD1 MND A 36 -8.03 5.10 3.32
ND2 MND A 36 -7.99 5.81 5.45
CE2 MND A 36 -8.87 4.78 5.99
C MND A 36 -4.91 6.14 5.73
O MND A 36 -4.87 7.21 6.33
H MND A 36 -4.03 7.97 3.84
HA MND A 36 -4.98 5.13 3.83
HB2 MND A 36 -6.53 7.71 4.27
HB3 MND A 36 -6.40 6.89 2.73
HD2 MND A 36 -7.50 6.42 6.10
HE21 MND A 36 -9.05 4.95 7.04
HE22 MND A 36 -8.39 3.80 5.86
HE23 MND A 36 -9.81 4.77 5.43
N VAL A 37 -4.83 4.97 6.40
CA VAL A 37 -4.68 4.91 7.85
C VAL A 37 -3.28 4.42 8.21
O HTN A 38 -0.74 6.92 10.74
C HTN A 38 -0.52 6.22 9.73
CE HTN A 38 2.03 3.72 12.96
N HTN A 38 -2.60 5.17 9.08
CA HTN A 38 -1.25 4.90 9.54
CB HTN A 38 -1.16 4.11 10.85
OG HTN A 38 -1.74 2.83 10.72
CG HTN A 38 0.32 3.92 11.20
OD1 HTN A 38 1.13 3.56 10.34
ND2 HTN A 38 0.68 3.94 12.47
HE1 HTN A 38 2.03 3.73 14.06
HE2 HTN A 38 2.69 4.51 12.58
HE3 HTN A 38 2.39 2.76 12.61
H HTN A 38 -3.03 6.03 9.42
HA HTN A 38 -0.73 4.35 8.77
HB3 HTN A 38 -1.68 4.66 11.64
HOG HTN A 38 -1.11 2.35 10.14
HD22 HTN A 38 -0.04 4.32 13.13
N ALA A 39 0.42 6.52 8.84
CA ALA A 39 1.22 7.72 8.86
C ALA A 39 1.28 8.29 7.47
N MND A 40 1.42 9.62 7.37
CA MND A 40 1.52 10.35 6.12
CB MND A 40 2.86 11.08 6.08
CG MND A 40 3.29 11.46 4.66
OD1 MND A 40 2.51 11.93 3.85
ND2 MND A 40 4.58 11.33 4.36
CE2 MND A 40 5.18 11.62 3.06
C MND A 40 0.31 11.28 6.01
O MND A 40 0.27 12.29 6.73
H MND A 40 1.36 10.18 8.22
HA MND A 40 1.53 9.66 5.29
HB2 MND A 40 2.82 11.98 6.69
HB3 MND A 40 3.62 10.43 6.50
HD2 MND A 40 5.17 10.92 5.08
HE21 MND A 40 5.02 10.78 2.39
HE22 MND A 40 6.25 11.81 3.18
HE23 MND A 40 4.71 12.50 2.61
N VAL A 41 -0.74 10.90 5.26
CA VAL A 41 -1.94 11.72 5.14
C VAL A 41 -3.20 10.85 5.11
N DSN A 42 -4.17 11.17 5.97
CA DSN A 42 -5.43 10.47 6.06
C DSN A 42 -5.91 10.35 7.50
O DSN A 42 -6.55 11.26 8.03
CB DSN A 42 -6.47 11.15 5.17
OG DSN A 42 -6.26 10.76 3.82
H DSN A 42 -3.97 11.87 6.67
HA DSN A 42 -5.30 9.46 5.66
HB2 DSN A 42 -7.47 10.85 5.48
HB3 DSN A 42 -6.39 12.24 5.26
HG DSN A 42 -5.31 10.75 3.67
N VAL A 43 -5.57 9.25 8.15
CA VAL A 43 -5.95 8.95 9.52
C VAL A 43 -4.73 8.45 10.28
N DSG A 44 -4.50 9.01 11.47
CA DSG A 44 -3.41 8.65 12.36
C DSG A 44 -2.50 9.85 12.55
O DSG A 44 -2.93 10.87 13.10
CB DSG A 44 -3.97 8.19 13.71
CG DSG A 44 -2.87 8.15 14.77
OD1 DSG A 44 -1.95 7.34 14.68
ND2 DSG A 44 -2.87 9.06 15.74
H DSG A 44 -5.05 9.82 11.72
HA DSG A 44 -2.84 7.82 11.94
HB2 DSG A 44 -4.74 8.89 14.03
HB3 DSG A 44 -4.42 7.21 13.61
HD21 DSG A 44 -2.13 9.08 16.40
HD22 DSG A 44 -3.60 9.76 15.73
N M2S A 45 -1.25 9.71 12.13
CA M2S A 45 -0.22 10.72 12.26
CB M2S A 45 1.03 10.13 13.01
CG1 M2S A 45 0.68 10.28 14.50
CG2 M2S A 45 1.24 8.61 12.75
CG M2S A 45 2.35 10.90 12.69
SD M2S A 45 3.99 10.16 13.03
OE M2S A 45 4.00 10.18 14.87
CE M2S A 45 5.04 11.59 12.69
C M2S A 45 0.06 11.37 10.90
O M2S A 45 0.30 10.67 9.92
H M2S A 45 -0.96 8.83 11.68
HA M2S A 45 -0.63 11.52 12.87
HG11 M2S A 45 -0.22 9.71 14.73
HG12 M2S A 45 1.50 9.93 15.11
HG13 M2S A 45 0.51 11.32 14.76
HG21 M2S A 45 1.43 8.44 11.69
HG22 M2S A 45 0.37 8.03 13.05
HG23 M2S A 45 2.08 8.23 13.33
HG2 M2S A 45 2.31 11.87 13.19
HG3 M2S A 45 2.39 11.10 11.63
HE1 M2S A 45 6.07 11.35 12.98
HE2 M2S A 45 5.02 11.80 11.63
HE3 M2S A 45 4.69 12.45 13.26
N DSG A 46 0.26 12.69 10.93
CA DSG A 46 0.57 13.50 9.75
C DSG A 46 -0.53 14.52 9.55
O DSG A 46 -0.74 15.35 10.43
CB DSG A 46 1.95 14.15 9.84
CG DSG A 46 2.16 15.13 10.99
OD1 DSG A 46 2.41 16.32 10.81
ND2 DSG A 46 2.23 14.62 12.21
H DSG A 46 0.02 13.18 11.78
HA DSG A 46 0.59 12.84 8.89
HB2 DSG A 46 2.70 13.36 9.90
HB3 DSG A 46 2.11 14.70 8.91
HD21 DSG A 46 2.30 15.21 13.03
HD22 DSG A 46 1.89 13.68 12.35
N GLN A 47 -1.12 14.55 8.36
CA GLN A 47 -2.19 15.47 8.01
C GLN A 47 -3.47 14.68 7.78
N 2TL A 48 -4.62 15.33 7.86
CA 2TL A 48 -5.93 14.71 7.67
CB 2TL A 48 -6.65 15.36 6.48
OG1 2TL A 48 -6.33 16.74 6.34
CG2 2TL A 48 -8.17 15.20 6.50
C 2TL A 48 -6.63 14.69 9.03
O 2TL A 48 -7.06 15.73 9.53
H 2TL A 48 -4.62 16.30 8.15
HA 2TL A 48 -5.79 13.66 7.38
HB 2TL A 48 -6.29 14.86 5.57
HG1 2TL A 48 -5.59 16.79 5.71
HG21 2TL A 48 -8.42 14.14 6.58
HG22 2TL A 48 -8.59 15.58 5.56
HG23 2TL A 48 -8.61 15.75 7.34
N THR A 49 -6.64 13.54 9.69
CA THR A 49 -7.24 13.31 10.99
C THR A 49 -6.31 12.46 11.88
C MHE A 1 10.06 -10.35 -10.52
O MHE A 1 9.73 -9.38 -11.20
CA MHE A 1 11.35 -10.93 -10.67
O2 MHE A 1 11.76 -11.28 -11.78
C3 MHE A 1 12.14 -11.26 -9.41
C4 MHE A 1 12.84 -12.62 -9.56
C5 MHE A 1 13.69 -13.06 -8.37
C6 MHE A 1 14.36 -14.37 -8.79
C7 MHE A 1 12.84 -13.34 -7.12
C8 MHE A 1 14.76 -12.02 -8.03
H1 MHE A 1 12.88 -10.48 -9.25
H3A MHE A 1 11.47 -11.29 -8.56
H4 MHE A 1 12.07 -13.37 -9.76
H4A MHE A 1 13.48 -12.57 -10.44
H6 MHE A 1 14.91 -14.82 -7.97
H6A MHE A 1 15.05 -14.18 -9.62
H6B MHE A 1 13.60 -15.08 -9.12
H7 MHE A 1 12.34 -12.42 -6.78
H7A MHE A 1 13.48 -13.68 -6.31
H7B MHE A 1 12.08 -14.09 -7.33
H8 MHE A 1 15.50 -12.44 -7.36
H8A MHE A 1 15.26 -11.70 -8.95
H8B MHE A 1 14.32 -11.14 -7.56
N GLY A 2 9.33 -11.48 -10.34
CA GLY A 2 8.15 -11.83 -11.13
C GLY A 2 7.22 -10.67 -11.37
N I2M A 3 6.67 -10.69 -12.56
CA I2M A 3 5.77 -9.68 -13.11
CB I2M A 3 6.50 -9.02 -14.34
CG3 I2M A 3 7.84 -8.37 -13.94
CG2 I2M A 3 6.89 -10.07 -15.41
CG1 I2M A 3 5.64 -7.96 -15.06
CD1 I2M A 3 5.22 -6.77 -14.20
C I2M A 3 4.43 -10.32 -13.46
O I2M A 3 4.41 -11.47 -13.93
H I2M A 3 7.01 -11.43 -13.16
HA I2M A 3 5.60 -8.92 -12.34
HG31 I2M A 3 7.70 -7.64 -13.16
HG32 I2M A 3 8.29 -7.86 -14.80
HG33 I2M A 3 8.54 -9.12 -13.58
HG21 I2M A 3 6.01 -10.59 -15.78
HG22 I2M A 3 7.40 -9.58 -16.25
HG23 I2M A 3 7.57 -10.82 -15.01
HG12 I2M A 3 6.18 -7.55 -15.90
HG13 I2M A 3 4.72 -8.43 -15.44
HD11 I2M A 3 4.45 -6.19 -14.73
HD12 I2M A 3 4.81 -7.12 -13.24
HD13 I2M A 3 6.08 -6.12 -14.02
N GLY A 4 3.32 -9.58 -13.35
CA GLY A 4 1.99 -10.08 -13.68
C GLY A 4 1.02 -10.01 -12.52
N TBG A 5 0.09 -10.98 -12.49
CA TBG A 5 -0.93 -11.07 -11.45
CB TBG A 5 -2.34 -10.95 -12.11
CG1 TBG A 5 -2.43 -9.60 -12.85
CG2 TBG A 5 -2.62 -12.07 -13.12
CG3 TBG A 5 -3.46 -10.94 -11.07
C TBG A 5 -0.65 -12.36 -10.67
O TBG A 5 -0.25 -13.37 -11.26
H TBG A 5 0.12 -11.73 -13.16
HA TBG A 5 -0.82 -10.24 -10.77
HG11 TBG A 5 -2.14 -8.78 -12.20
HG12 TBG A 5 -1.75 -9.59 -13.70
HG13 TBG A 5 -3.44 -9.42 -13.22
HG21 TBG A 5 -3.60 -11.94 -13.57
HG22 TBG A 5 -1.89 -12.05 -13.93
HG23 TBG A 5 -2.56 -13.04 -12.63
HG31 TBG A 5 -3.32 -10.11 -10.39
HG32 TBG A 5 -3.45 -11.86 -10.48
HG33 TBG A 5 -4.43 -10.81 -11.55
N TDD A 6 -0.89 -12.33 -9.36
CA TDD A 6 -0.70 -13.42 -8.43
CB TDD A 6 -2.06 -14.04 -8.01
CG1 TDD A 6 -2.71 -14.71 -9.23
CG2 TDD A 6 -1.85 -15.14 -6.95
CG3 TDD A 6 -3.08 -13.03 -7.44
C TDD A 6 0.19 -12.84 -7.31
O TDD A 6 -0.24 -12.04 -6.50
H TDD A 6 -1.22 -11.45 -8.95
HA TDD A 6 -0.14 -14.19 -8.94
HG11 TDD A 6 -2.97 -13.97 -9.99
HG12 TDD A 6 -2.03 -15.42 -9.68
HG13 TDD A 6 -3.62 -15.24 -8.95
HG21 TDD A 6 -1.17 -15.92 -7.34
HG22 TDD A 6 -1.42 -14.72 -6.04
HG23 TDD A 6 -2.79 -15.61 -6.70
HG31 TDD A 6 -2.74 -12.65 -6.48
HG32 TDD A 6 -4.04 -13.51 -7.28
HG33 TDD A 6 -3.23 -12.19 -8.11
N TBG A 7 1.46 -13.25 -7.30
CA TBG A 7 2.45 -12.79 -6.35
CB TBG A 7 2.79 -13.84 -5.25
CG1 TBG A 7 3.60 -13.17 -4.13
CG2 TBG A 7 1.50 -14.40 -4.61
CG3 TBG A 7 3.61 -15.04 -5.76
C TBG A 7 3.60 -12.26 -7.20
O TBG A 7 4.08 -12.97 -8.10
H TBG A 7 1.78 -13.92 -7.99
HA TBG A 7 2.01 -11.94 -5.83
HG11 TBG A 7 4.52 -12.74 -4.52
HG12 TBG A 7 3.02 -12.37 -3.67
HG13 TBG A 7 3.85 -13.89 -3.35
HG21 TBG A 7 1.73 -15.00 -3.74
HG22 TBG A 7 0.86 -13.57 -4.30
HG23 TBG A 7 0.95 -15.01 -5.31
HG31 TBG A 7 3.05 -15.60 -6.49
HG32 TBG A 7 3.86 -15.70 -4.93
HG33 TBG A 7 4.55 -14.70 -6.20
N DAL A 8 4.05 -11.03 -6.97
CA DAL A 8 5.11 -10.35 -7.69
CB DAL A 8 6.43 -10.49 -6.94
C DAL A 8 4.73 -8.88 -7.87
O DAL A 8 4.09 -8.32 -6.97
H DAL A 8 3.61 -10.48 -6.22
HA DAL A 8 5.22 -10.80 -8.68
HB1 DAL A 8 6.34 -10.04 -5.94
HB2 DAL A 8 6.71 -11.53 -6.84
HB3 DAL A 8 7.20 -9.97 -7.50
N TBG A 9 5.27 -8.23 -8.88
CA TBG A 9 4.98 -6.84 -9.16
CB TBG A 9 6.25 -6.05 -9.59
CG1 TBG A 9 6.77 -6.41 -10.98
CG2 TBG A 9 5.97 -4.54 -9.60
CG3 TBG A 9 7.39 -6.31 -8.59
C TBG A 9 3.79 -6.88 -10.11
O TBG A 9 3.78 -7.66 -11.08
H TBG A 9 5.79 -8.71 -9.62
HA TBG A 9 4.66 -6.41 -8.22
HG11 TBG A 9 7.69 -5.87 -11.19
HG12 TBG A 9 6.95 -7.48 -11.04
HG13 TBG A 9 6.03 -6.11 -11.72
HG21 TBG A 9 6.84 -3.98 -9.92
HG22 TBG A 9 5.14 -4.30 -10.27
HG23 TBG A 9 5.72 -4.21 -8.59
HG31 TBG A 9 7.03 -6.16 -7.57
HG32 TBG A 9 8.22 -5.63 -8.77
HG33 TBG A 9 7.75 -7.33 -8.70
N TDD A 10 2.75 -6.10 -9.82
CA TDD A 10 1.52 -6.05 -10.61
CB TDD A 10 1.52 -4.83 -11.57
CG1 TDD A 10 0.16 -4.75 -12.30
CG2 TDD A 10 1.78 -3.47 -10.90
CG3 TDD A 10 2.60 -5.01 -12.66
C TDD A 10 0.34 -6.12 -9.63
O TDD A 10 0.16 -5.21 -8.82
H TDD A 10 2.79 -5.49 -9.01
HA TDD A 10 1.48 -6.92 -11.23
HG11 TDD A 10 -0.64 -4.56 -11.59
HG12 TDD A 10 0.17 -3.94 -13.02
HG13 TDD A 10 -0.06 -5.69 -12.81
HG21 TDD A 10 2.74 -3.48 -10.39
HG22 TDD A 10 1.78 -2.68 -11.64
HG23 TDD A 10 0.99 -3.25 -10.18
HG31 TDD A 10 2.45 -5.97 -13.16
HG32 TDD A 10 3.59 -4.99 -12.21
HG33 TDD A 10 2.53 -4.21 -13.41
N ALA A 11 -0.45 -7.21 -9.67
CA ALA A 11 -1.61 -7.32 -8.79
C ALA A 11 -1.71 -8.61 -8.00
N GLY A 12 -2.18 -8.47 -6.76
CA GLY A 12 -2.38 -9.57 -5.83
C GLY A 12 -1.56 -9.29 -4.58
N ALA A 13 -0.30 -9.72 -4.55
CA ALA A 13 0.58 -9.50 -3.41
C ALA A 13 2.02 -9.27 -3.88
N TDD A 14 2.72 -8.35 -3.23
CA TDD A 14 4.10 -8.01 -3.53
CB TDD A 14 5.07 -8.64 -2.49
CG1 TDD A 14 5.04 -10.18 -2.63
CG2 TDD A 14 6.52 -8.22 -2.78
CG3 TDD A 14 4.74 -8.33 -1.01
C TDD A 14 4.14 -6.49 -3.70
O TDD A 14 4.27 -5.75 -2.72
H TDD A 14 2.22 -7.72 -2.60
HA TDD A 14 4.36 -8.42 -4.50
HG11 TDD A 14 4.05 -10.56 -2.36
HG12 TDD A 14 5.24 -10.47 -3.66
HG13 TDD A 14 5.78 -10.64 -1.98
HG21 TDD A 14 7.20 -8.71 -2.10
HG22 TDD A 14 6.80 -8.47 -3.81
HG23 TDD A 14 6.63 -7.14 -2.66
HG31 TDD A 14 5.42 -8.87 -0.36
HG32 TDD A 14 3.71 -8.62 -0.78
HG33 TDD A 14 4.85 -7.27 -0.82
N ALA A 15 4.08 -5.99 -4.93
CA ALA A 15 4.09 -4.56 -5.18
C ALA A 15 3.23 -4.19 -6.38
N MND A 16 2.38 -3.19 -6.21
CA MND A 16 1.48 -2.67 -7.22
CB MND A 16 2.11 -1.51 -8.01
CG MND A 16 2.86 -0.35 -7.33
OD1 MND A 16 3.19 0.60 -8.05
ND2 MND A 16 3.64 -0.64 -6.28
CE2 MND A 16 4.67 0.23 -5.71
C MND A 16 0.11 -2.41 -6.63
O MND A 16 -0.24 -1.30 -6.24
H MND A 16 2.21 -2.93 -5.25
HA MND A 16 1.36 -3.45 -7.95
HB2 MND A 16 2.85 -1.98 -8.64
HB3 MND A 16 1.33 -1.09 -8.67
HD2 MND A 16 3.28 -1.39 -5.71
HE21 MND A 16 4.54 0.26 -4.63
HE22 MND A 16 4.55 1.24 -6.11
HE23 MND A 16 5.68 -0.13 -5.93
N HVA A 17 -0.70 -3.47 -6.57
CA HVA A 17 -2.05 -3.42 -6.02
CB HVA A 17 -3.07 -3.09 -7.14
CG1 HVA A 17 -3.13 -4.14 -8.26
CG2 HVA A 17 -4.51 -2.94 -6.64
OG3 HVA A 17 -2.70 -1.89 -7.78
C HVA A 17 -2.35 -4.70 -5.22
O HVA A 17 -1.82 -5.78 -5.53
H HVA A 17 -0.37 -4.37 -6.91
HA HVA A 17 -2.07 -2.60 -5.31
HG11 HVA A 17 -3.90 -3.88 -8.96
HG12 HVA A 17 -2.17 -4.19 -8.78
HG13 HVA A 17 -3.36 -5.11 -7.83
HG21 HVA A 17 -4.95 -3.93 -6.47
HG22 HVA A 17 -4.53 -2.43 -5.68
HG23 HVA A 17 -5.11 -2.40 -7.36
HOG3 HVA A 17 -1.93 -1.53 -7.31
N GLY A 18 -3.27 -4.60 -4.26
CA GLY A 18 -3.73 -5.67 -3.41
C GLY A 18 -3.06 -5.61 -2.06
N ALA A 19 -1.93 -6.30 -1.90
CA ALA A 19 -1.17 -6.34 -0.67
C ALA A 19 0.32 -6.09 -0.97
N GLY A 20 1.03 -5.65 0.05
CA GLY A 20 2.46 -5.36 -0.01
C GLY A 20 2.60 -3.85 -0.16
N TBG A 21 3.12 -3.35 -1.27
CA TBG A 21 3.26 -1.90 -1.45
CB TBG A 21 4.75 -1.44 -1.44
CG1 TBG A 21 5.56 -2.03 -2.61
CG2 TBG A 21 4.83 0.10 -1.47
CG3 TBG A 21 5.43 -1.88 -0.13
C TBG A 21 2.44 -1.48 -2.67
O TBG A 21 2.21 -2.27 -3.58
H TBG A 21 3.41 -3.96 -2.02
HA TBG A 21 2.81 -1.40 -0.61
HG11 TBG A 21 5.55 -3.11 -2.56
HG12 TBG A 21 5.13 -1.71 -3.55
HG13 TBG A 21 6.59 -1.68 -2.56
HG21 TBG A 21 4.48 0.49 -2.42
HG22 TBG A 21 4.26 0.53 -0.66
HG23 TBG A 21 5.87 0.42 -1.37
HG31 TBG A 21 4.86 -1.53 0.74
HG32 TBG A 21 6.44 -1.49 -0.06
HG33 TBG A 21 5.49 -2.96 -0.08
N MND A 22 1.96 -0.24 -2.67
CA MND A 22 1.15 0.34 -3.75
CB MND A 22 1.77 1.68 -4.14
CG MND A 22 0.99 2.43 -5.23
OD1 MND A 22 0.46 1.83 -6.16
ND2 MND A 22 0.89 3.75 -5.10
CE2 MND A 22 -0.13 4.55 -5.75
C MND A 22 -0.25 0.57 -3.20
O MND A 22 -0.37 0.89 -2.02
H MND A 22 2.17 0.35 -1.88
HA MND A 22 1.14 -0.31 -4.62
HB2 MND A 22 1.78 2.26 -3.23
HB3 MND A 22 2.79 1.54 -4.48
HD2 MND A 22 1.36 4.14 -4.27
HE21 MND A 22 -1.07 4.34 -5.26
HE22 MND A 22 -0.21 4.27 -6.80
HE23 MND A 22 0.09 5.61 -5.66
N LMQ A 23 -1.31 0.45 -4.01
CA LMQ A 23 -2.65 0.67 -3.48
CB LMQ A 23 -3.61 1.29 -4.52
CB2 LMQ A 23 -3.03 2.56 -5.15
CG LMQ A 23 -4.05 0.29 -5.60
CD LMQ A 23 -4.60 0.89 -6.88
OE1 LMQ A 23 -3.91 0.99 -7.89
NE2 LMQ A 23 -5.78 1.48 -6.84
C LMQ A 23 -3.18 -0.63 -2.86
O LMQ A 23 -3.18 -1.67 -3.51
H LMQ A 23 -1.16 0.18 -4.98
HA LMQ A 23 -2.59 1.39 -2.67
HB3 LMQ A 23 -4.50 1.61 -3.97
HB21 LMQ A 23 -3.81 3.07 -5.72
HB22 LMQ A 23 -2.67 3.23 -4.38
HB23 LMQ A 23 -2.20 2.30 -5.81
HG2 LMQ A 23 -3.18 -0.32 -5.87
HG3 LMQ A 23 -4.81 -0.36 -5.17
HE21 LMQ A 23 -6.04 1.91 -7.70
HE22 LMQ A 23 -6.36 1.54 -6.01
N DHV A 24 -3.69 -0.56 -1.63
CA DHV A 24 -4.26 -1.71 -0.93
CB DHV A 24 -5.81 -1.66 -1.06
CG1 DHV A 24 -6.46 -0.46 -0.36
CG2 DHV A 24 -6.26 -1.62 -2.53
OG3 DHV A 24 -6.41 -2.83 -0.56
C DHV A 24 -3.75 -1.75 0.52
O DHV A 24 -3.72 -0.71 1.18
H DHV A 24 -3.67 0.33 -1.14
HA DHV A 24 -3.91 -2.62 -1.42
HG11 DHV A 24 -6.28 -0.49 0.71
HG12 DHV A 24 -6.06 0.47 -0.75
HG13 DHV A 24 -7.54 -0.47 -0.52
HG21 DHV A 24 -5.95 -0.68 -3.00
HG22 DHV A 24 -5.81 -2.46 -3.09
HG23 DHV A 24 -7.35 -1.68 -2.61
HOG3 DHV A 24 -6.52 -2.76 0.42
N ALA A 25 -3.30 -2.91 1.02
CA ALA A 25 -2.82 -3.07 2.40
C ALA A 25 -1.34 -3.41 2.53
N GLY A 26 -0.62 -2.64 3.35
CA GLY A 26 0.79 -2.81 3.61
C GLY A 26 1.45 -1.45 3.71
N GLY A 27 1.86 -0.86 2.59
CA GLY A 27 2.49 0.45 2.49
C GLY A 27 2.06 1.14 1.19
N MND A 28 2.20 2.47 1.10
CA MND A 28 1.83 3.24 -0.09
CB MND A 28 2.92 4.28 -0.42
CG MND A 28 2.56 5.00 -1.73
OD1 MND A 28 2.56 4.38 -2.79
ND2 MND A 28 2.39 6.32 -1.75
CE2 MND A 28 1.94 7.04 -2.94
C MND A 28 0.49 3.92 0.08
O MND A 28 0.42 4.97 0.71
H MND A 28 2.48 3.01 1.90
HA MND A 28 1.77 2.56 -0.95
HB2 MND A 28 3.02 5.00 0.39
HB3 MND A 28 3.87 3.78 -0.56
HD2 MND A 28 2.39 6.82 -0.86
HE21 MND A 28 1.23 6.42 -3.49
HE22 MND A 28 2.79 7.28 -3.58
HE23 MND A 28 1.42 7.95 -2.63
N ILE A 29 -0.59 3.31 -0.43
CA ILE A 29 -1.92 3.90 -0.34
C ILE A 29 -2.88 2.92 0.32
O HTN A 30 -3.39 3.40 4.29
C HTN A 30 -3.80 2.37 3.74
CE HTN A 30 -9.24 1.91 2.79
N HTN A 30 -3.35 3.24 1.52
CA HTN A 30 -4.29 2.44 2.29
CB HTN A 30 -5.67 3.06 2.10
OG HTN A 30 -5.94 3.10 0.70
CG HTN A 30 -6.82 2.29 2.77
OD1 HTN A 30 -6.67 1.70 3.83
ND2 HTN A 30 -7.99 2.31 2.15
HE1 HTN A 30 -9.25 0.83 2.92
HE2 HTN A 30 -10.09 2.24 2.18
HE3 HTN A 30 -9.30 2.40 3.77
H HTN A 30 -3.03 4.12 1.94
HA HTN A 30 -4.31 1.42 1.90
HB3 HTN A 30 -5.66 4.07 2.48
HOG HTN A 30 -5.31 2.49 0.29
HD22 HTN A 30 -7.93 2.99 1.34
N TBG A 31 -3.81 1.19 4.37
CA TBG A 31 -3.34 1.03 5.74
CB TBG A 31 -4.17 -0.07 6.47
CG1 TBG A 31 -4.12 -1.45 5.78
CG2 TBG A 31 -3.65 -0.23 7.91
CG3 TBG A 31 -5.64 0.38 6.54
C TBG A 31 -1.83 0.76 5.70
O TBG A 31 -1.36 -0.06 4.90
H TBG A 31 -4.14 0.37 3.89
HA TBG A 31 -3.51 1.96 6.27
HG11 TBG A 31 -4.53 -1.40 4.77
HG12 TBG A 31 -3.10 -1.82 5.72
HG13 TBG A 31 -4.72 -2.17 6.35
HG21 TBG A 31 -2.65 -0.63 7.90
HG22 TBG A 31 -3.65 0.73 8.41
HG23 TBG A 31 -4.29 -0.92 8.46
HG31 TBG A 31 -6.13 -0.08 7.40
HG32 TBG A 31 -6.18 0.08 5.65
HG33 TBG A 31 -5.72 1.46 6.66
N DHV A 32 -1.07 1.49 6.52
CA DHV A 32 0.37 1.36 6.63
CB DHV A 32 0.75 0.33 7.72
CG1 DHV A 32 2.27 0.19 7.90
CG2 DHV A 32 0.09 0.63 9.08
OG3 DHV A 32 0.29 -0.95 7.31
C DHV A 32 1.02 2.74 6.78
O DHV A 32 1.00 3.34 7.85
H DHV A 32 -1.50 2.16 7.15
HA DHV A 32 0.74 0.99 5.68
HG11 DHV A 32 2.70 1.11 8.25
HG12 DHV A 32 2.49 -0.59 8.62
HG13 DHV A 32 2.74 -0.07 6.95
HG21 DHV A 32 0.35 1.62 9.40
HG22 DHV A 32 -0.99 0.55 9.02
HG23 DHV A 32 0.46 -0.05 9.84
HOG3 DHV A 32 0.68 -1.06 6.42
N GLY A 33 1.74 3.18 5.77
CA GLY A 33 2.40 4.49 5.76
C GLY A 33 2.34 4.97 4.34
N MND A 34 2.03 6.25 4.20
CA MND A 34 1.86 6.96 2.95
CB MND A 34 2.97 8.00 2.72
CG MND A 34 2.69 8.70 1.40
OD1 MND A 34 2.81 8.08 0.35
ND2 MND A 34 2.07 9.88 1.45
CE2 MND A 34 1.27 10.37 0.35
C MND A 34 0.50 7.63 3.09
O MND A 34 0.26 8.26 4.13
H MND A 34 1.76 6.78 5.03
HA MND A 34 1.86 6.26 2.12
HB2 MND A 34 2.98 8.70 3.55
HB3 MND A 34 3.94 7.49 2.67
HD2 MND A 34 2.05 10.35 2.35
HE21 MND A 34 1.90 10.54 -0.51
HE22 MND A 34 0.78 11.29 0.66
HE23 MND A 34 0.52 9.62 0.09
N ILE A 35 -0.41 7.46 2.14
CA ILE A 35 -1.73 8.06 2.23
C ILE A 35 -2.77 7.01 2.61
N MND A 36 -3.58 7.31 3.61
CA MND A 36 -4.65 6.42 4.07
CB MND A 36 -5.91 6.87 3.32
CG MND A 36 -7.18 6.20 3.79
OD1 MND A 36 -7.75 5.37 3.07
ND2 MND A 36 -7.69 6.58 4.96
CE2 MND A 36 -8.75 5.84 5.62
C MND A 36 -4.74 6.43 5.60
O MND A 36 -5.14 7.44 6.18
H MND A 36 -3.45 8.21 4.07
HA MND A 36 -4.44 5.41 3.74
HB2 MND A 36 -6.01 7.94 3.43
HB3 MND A 36 -5.78 6.68 2.26
HD2 MND A 36 -7.07 7.18 5.52
HE21 MND A 36 -8.88 6.22 6.63
HE22 MND A 36 -8.44 4.80 5.64
HE23 MND A 36 -9.69 5.93 5.06
N VAL A 37 -4.35 5.34 6.26
CA VAL A 37 -4.34 5.17 7.72
C VAL A 37 -2.93 4.75 8.15
O HTN A 38 -0.34 7.01 10.98
C HTN A 38 -0.21 6.36 9.93
CE HTN A 38 1.73 4.86 13.49
N HTN A 38 -2.37 5.42 9.17
CA HTN A 38 -1.05 5.11 9.71
CB HTN A 38 -1.18 4.28 11.00
OG HTN A 38 -1.63 2.97 10.72
CG HTN A 38 0.19 4.11 11.68
OD1 HTN A 38 0.99 3.28 11.24
ND2 HTN A 38 0.44 4.78 12.81
HE1 HTN A 38 2.35 5.61 12.98
HE2 HTN A 38 2.23 3.90 13.47
HE3 HTN A 38 1.59 5.18 14.52
H HTN A 38 -2.85 6.23 9.53
HA HTN A 38 -0.53 4.50 8.98
HB3 HTN A 38 -1.89 4.75 11.67
HOG HTN A 38 -0.80 2.49 10.54
HD22 HTN A 38 -0.33 5.47 13.01
N ALA A 39 0.74 6.63 9.04
CA ALA A 39 1.63 7.77 9.10
C ALA A 39 1.80 8.32 7.70
N MND A 40 1.68 9.64 7.54
CA MND A 40 1.83 10.30 6.25
CB MND A 40 3.21 10.93 6.12
CG MND A 40 3.44 11.42 4.69
OD1 MND A 40 4.26 10.86 3.97
ND2 MND A 40 2.75 12.48 4.28
CE2 MND A 40 2.71 12.97 2.91
C MND A 40 0.71 11.32 6.08
O MND A 40 0.88 12.50 6.41
H MND A 40 1.44 10.19 8.35
HA MND A 40 1.74 9.56 5.46
HB2 MND A 40 3.33 11.76 6.81
HB3 MND A 40 3.97 10.18 6.36
HD2 MND A 40 2.03 12.83 4.93
HE21 MND A 40 1.81 12.57 2.41
HE22 MND A 40 3.60 12.65 2.36
HE23 MND A 40 2.66 14.06 2.88
N VAL A 41 -0.39 10.93 5.43
CA VAL A 41 -1.52 11.81 5.19
C VAL A 41 -2.80 10.94 5.26
N DSN A 42 -3.90 11.52 5.72
CA DSN A 42 -5.18 10.83 5.83
C DSN A 42 -5.65 10.75 7.28
O DSN A 42 -6.25 11.68 7.82
CB DSN A 42 -6.18 11.47 4.86
OG DSN A 42 -5.67 11.30 3.55
H DSN A 42 -3.86 12.50 5.98
HA DSN A 42 -5.06 9.81 5.48
HB2 DSN A 42 -7.14 10.95 4.95
HB3 DSN A 42 -6.30 12.52 5.09
HG DSN A 42 -6.29 11.68 2.91
N VAL A 43 -5.33 9.63 7.93
CA VAL A 43 -5.67 9.29 9.29
C VAL A 43 -4.38 8.75 9.94
N DSG A 44 -4.23 8.93 11.25
CA DSG A 44 -3.05 8.50 12.00
C DSG A 44 -2.23 9.78 12.18
O DSG A 44 -2.83 10.82 12.44
CB DSG A 44 -3.43 7.90 13.35
CG DSG A 44 -2.22 7.26 14.01
OD1 DSG A 44 -1.65 6.32 13.48
ND2 DSG A 44 -1.75 7.76 15.13
H DSG A 44 -4.86 9.56 11.72
HA DSG A 44 -2.49 7.78 11.42
HB2 DSG A 44 -3.87 8.67 14.00
HB3 DSG A 44 -4.18 7.12 13.19
HD21 DSG A 44 -1.07 7.21 15.64
HD22 DSG A 44 -2.22 8.53 15.61
N M2S A 45 -0.90 9.73 12.20
CA M2S A 45 -0.08 10.94 12.34
CB M2S A 45 1.15 10.66 13.27
CG1 M2S A 45 2.03 9.51 12.70
CG2 M2S A 45 2.02 11.93 13.39
CG M2S A 45 0.59 10.28 14.65
SD M2S A 45 1.54 10.62 16.16
OE M2S A 45 2.90 9.38 15.99
CE M2S A 45 0.46 9.80 17.34
C M2S A 45 0.25 11.43 10.93
O M2S A 45 0.23 10.65 9.98
H M2S A 45 -0.43 8.85 11.98
HA M2S A 45 -0.68 11.71 12.82
HG11 M2S A 45 2.39 9.76 11.70
HG12 M2S A 45 2.89 9.35 13.34
HG13 M2S A 45 1.46 8.58 12.64
HG21 M2S A 45 2.45 12.21 12.43
HG22 M2S A 45 2.85 11.79 14.06
HG23 M2S A 45 1.41 12.78 13.74
HG2 M2S A 45 0.36 9.21 14.64
HG3 M2S A 45 -0.36 10.80 14.79
HE1 M2S A 45 -0.50 10.31 17.35
HE2 M2S A 45 0.31 8.76 17.05
HE3 M2S A 45 0.91 9.86 18.33
N DSG A 46 0.56 12.72 10.77
CA DSG A 46 0.90 13.30 9.48
C DSG A 46 -0.11 14.39 9.15
O DSG A 46 -0.59 15.08 10.05
CB DSG A 46 2.35 13.84 9.49
CG DSG A 46 3.41 12.76 9.69
OD1 DSG A 46 3.20 11.58 9.50
ND2 DSG A 46 4.61 13.14 10.13
H DSG A 46 0.56 13.33 11.57
HA DSG A 46 0.86 12.53 8.72
HB2 DSG A 46 2.54 14.31 8.53
HB3 DSG A 46 2.44 14.60 10.26
HD21 DSG A 46 4.83 14.12 10.24
HD22 DSG A 46 5.36 12.46 10.15
N GLN A 47 -0.42 14.59 7.87
CA GLN A 47 -1.38 15.58 7.41
C GLN A 47 -2.78 14.96 7.50
N 2TL A 48 -3.56 15.22 8.56
CA 2TL A 48 -4.91 14.65 8.62
CB 2TL A 48 -5.80 15.65 7.86
OG1 2TL A 48 -5.85 16.86 8.59
CG2 2TL A 48 -7.19 15.11 7.57
C 2TL A 48 -5.36 14.37 10.05
O 2TL A 48 -4.97 15.06 11.00
H 2TL A 48 -3.28 15.83 9.31
HA 2TL A 48 -4.90 13.71 8.09
HB 2TL A 48 -5.33 15.86 6.89
HG1 2TL A 48 -6.17 17.58 8.03
HG21 2TL A 48 -7.68 15.75 6.83
HG22 2TL A 48 -7.78 15.10 8.49
HG23 2TL A 48 -7.13 14.11 7.16
N THR A 49 -6.30 13.43 10.19
CA THR A 49 -6.87 13.03 11.45
C THR A 49 -5.84 12.23 12.26
C MHE A 1 9.47 -11.59 -9.61
O MHE A 1 10.11 -11.92 -10.61
CA MHE A 1 9.98 -11.58 -8.29
O2 MHE A 1 9.89 -10.58 -7.56
C3 MHE A 1 10.18 -12.97 -7.69
C4 MHE A 1 11.28 -13.84 -8.32
C5 MHE A 1 12.75 -13.39 -8.14
C6 MHE A 1 13.09 -13.16 -6.66
C7 MHE A 1 13.08 -12.11 -8.91
C8 MHE A 1 13.65 -14.52 -8.67
H1 MHE A 1 10.38 -12.87 -6.62
H3A MHE A 1 9.24 -13.52 -7.78
H4 MHE A 1 11.19 -14.83 -7.90
H4A MHE A 1 11.07 -13.95 -9.39
H6 MHE A 1 14.15 -12.95 -6.54
H6A MHE A 1 12.83 -14.05 -6.07
H6B MHE A 1 12.54 -12.31 -6.27
H7 MHE A 1 12.60 -11.25 -8.44
H7A MHE A 1 12.74 -12.17 -9.95
H7B MHE A 1 14.16 -11.91 -8.88
H8 MHE A 1 13.49 -15.42 -8.07
H8A MHE A 1 13.39 -14.76 -9.70
H8B MHE A 1 14.69 -14.25 -8.59
N GLY A 2 8.14 -11.60 -9.49
CA GLY A 2 7.25 -11.81 -10.62
C GLY A 2 6.69 -10.49 -11.12
N I2M A 3 6.13 -10.50 -12.33
CA I2M A 3 5.53 -9.34 -12.98
CB I2M A 3 6.41 -8.84 -14.17
CG3 I2M A 3 6.24 -9.72 -15.43
CG2 I2M A 3 5.96 -7.43 -14.57
CG1 I2M A 3 7.95 -8.83 -13.92
CD1 I2M A 3 8.49 -7.91 -12.83
C I2M A 3 4.10 -9.75 -13.36
O I2M A 3 3.88 -10.86 -13.87
H I2M A 3 6.14 -11.36 -12.85
HA I2M A 3 5.46 -8.54 -12.25
HG31 I2M A 3 6.89 -9.37 -16.23
HG32 I2M A 3 5.22 -9.66 -15.81
HG33 I2M A 3 6.48 -10.77 -15.21
HG21 I2M A 3 6.02 -6.76 -13.72
HG22 I2M A 3 6.57 -7.03 -15.38
HG23 I2M A 3 4.91 -7.45 -14.90
HG12 I2M A 3 8.28 -9.85 -13.72
HG13 I2M A 3 8.43 -8.52 -14.86
HD11 I2M A 3 8.19 -6.88 -13.00
HD12 I2M A 3 8.18 -8.25 -11.86
HD13 I2M A 3 9.58 -7.97 -12.85
N GLY A 4 3.12 -8.85 -13.22
CA GLY A 4 1.73 -9.10 -13.57
C GLY A 4 0.85 -9.43 -12.37
N TBG A 5 -0.20 -10.21 -12.59
CA TBG A 5 -1.12 -10.57 -11.51
CB TBG A 5 -2.54 -10.79 -12.13
CG1 TBG A 5 -3.60 -11.01 -11.03
CG2 TBG A 5 -2.98 -9.56 -12.94
CG3 TBG A 5 -2.60 -12.01 -13.08
C TBG A 5 -0.53 -11.79 -10.77
O TBG A 5 0.23 -12.55 -11.37
H TBG A 5 -0.38 -10.55 -13.52
HA TBG A 5 -1.19 -9.73 -10.82
HG11 TBG A 5 -3.58 -10.18 -10.32
HG12 TBG A 5 -4.59 -11.08 -11.47
HG13 TBG A 5 -3.40 -11.93 -10.50
HG21 TBG A 5 -2.91 -8.66 -12.32
HG22 TBG A 5 -2.36 -9.42 -13.82
HG23 TBG A 5 -4.01 -9.66 -13.27
HG31 TBG A 5 -2.34 -12.93 -12.54
HG32 TBG A 5 -1.91 -11.88 -13.91
HG33 TBG A 5 -3.61 -12.12 -13.46
N TDD A 6 -0.84 -12.00 -9.48
CA TDD A 6 -0.37 -13.12 -8.67
CB TDD A 6 -1.55 -14.07 -8.34
CG1 TDD A 6 -2.77 -13.37 -7.73
CG2 TDD A 6 -2.01 -14.78 -9.62
CG3 TDD A 6 -1.11 -15.18 -7.36
C TDD A 6 0.44 -12.62 -7.46
O TDD A 6 -0.08 -12.01 -6.52
H TDD A 6 -1.46 -11.33 -9.03
HA TDD A 6 0.32 -13.70 -9.27
HG11 TDD A 6 -3.18 -12.63 -8.40
HG12 TDD A 6 -3.53 -14.09 -7.50
HG13 TDD A 6 -2.49 -12.85 -6.81
HG21 TDD A 6 -2.37 -14.07 -10.35
HG22 TDD A 6 -1.17 -15.35 -10.06
HG23 TDD A 6 -2.80 -15.49 -9.40
HG31 TDD A 6 -0.93 -14.76 -6.36
HG32 TDD A 6 -0.19 -15.65 -7.71
HG33 TDD A 6 -1.88 -15.94 -7.27
N TBG A 7 1.73 -12.95 -7.47
CA TBG A 7 2.70 -12.61 -6.45
CB TBG A 7 3.00 -13.79 -5.50
CG1 TBG A 7 4.16 -13.43 -4.55
CG2 TBG A 7 1.78 -14.08 -4.60
CG3 TBG A 7 3.31 -15.11 -6.24
C TBG A 7 3.89 -12.00 -7.21
O TBG A 7 4.51 -12.69 -8.04
H TBG A 7 2.12 -13.45 -8.26
HA TBG A 7 2.26 -11.81 -5.84
HG11 TBG A 7 4.37 -14.26 -3.87
HG12 TBG A 7 5.06 -13.19 -5.11
HG13 TBG A 7 3.88 -12.57 -3.95
HG21 TBG A 7 1.49 -13.17 -4.08
HG22 TBG A 7 0.94 -14.42 -5.20
HG23 TBG A 7 2.01 -14.83 -3.86
HG31 TBG A 7 4.13 -14.98 -6.93
HG32 TBG A 7 2.44 -15.44 -6.79
HG33 TBG A 7 3.55 -15.89 -5.52
N DAL A 8 4.20 -10.74 -6.93
CA DAL A 8 5.26 -9.95 -7.54
CB DAL A 8 6.52 -9.98 -6.68
C DAL A 8 4.73 -8.52 -7.72
O DAL A 8 3.90 -8.08 -6.92
H DAL A 8 3.63 -10.25 -6.25
HA DAL A 8 5.48 -10.37 -8.52
HB1 DAL A 8 6.30 -9.54 -5.71
HB2 DAL A 8 6.87 -11.00 -6.55
HB3 DAL A 8 7.30 -9.38 -7.15
N TBG A 9 5.26 -7.76 -8.68
CA TBG A 9 4.83 -6.40 -8.96
CB TBG A 9 5.99 -5.53 -9.52
CG1 TBG A 9 7.30 -5.74 -8.70
CG2 TBG A 9 6.36 -5.83 -10.98
CG3 TBG A 9 5.62 -4.04 -9.44
C TBG A 9 3.62 -6.54 -9.91
O TBG A 9 3.69 -7.32 -10.85
H TBG A 9 5.93 -8.17 -9.32
HA TBG A 9 4.50 -5.95 -8.02
HG11 TBG A 9 7.12 -5.63 -7.64
HG12 TBG A 9 7.70 -6.74 -8.89
HG13 TBG A 9 8.06 -5.01 -9.00
HG21 TBG A 9 5.54 -5.55 -11.64
HG22 TBG A 9 7.24 -5.27 -11.28
HG23 TBG A 9 6.55 -6.90 -11.09
HG31 TBG A 9 6.43 -3.41 -9.80
HG32 TBG A 9 5.38 -3.75 -8.43
HG33 TBG A 9 4.75 -3.83 -10.07
N TDD A 10 2.56 -5.76 -9.72
CA TDD A 10 1.34 -5.81 -10.55
CB TDD A 10 1.31 -4.70 -11.64
CG1 TDD A 10 -0.02 -4.77 -12.42
CG2 TDD A 10 1.50 -3.27 -11.13
CG3 TDD A 10 2.43 -4.94 -12.66
C TDD A 10 0.12 -5.86 -9.62
O TDD A 10 -0.24 -4.85 -9.03
H TDD A 10 2.53 -5.13 -8.91
HA TDD A 10 1.36 -6.74 -11.08
HG11 TDD A 10 -0.16 -5.79 -12.80
HG12 TDD A 10 -0.85 -4.52 -11.78
HG13 TDD A 10 0.00 -4.08 -13.27
HG21 TDD A 10 0.72 -3.01 -10.42
HG22 TDD A 10 2.47 -3.16 -10.65
HG23 TDD A 10 1.43 -2.55 -11.96
HG31 TDD A 10 2.35 -5.93 -13.08
HG32 TDD A 10 3.40 -4.83 -12.18
HG33 TDD A 10 2.36 -4.20 -13.47
N ALA A 11 -0.55 -7.02 -9.51
CA ALA A 11 -1.73 -7.13 -8.66
C ALA A 11 -1.77 -8.46 -7.93
N GLY A 12 -2.13 -8.41 -6.65
CA GLY A 12 -2.24 -9.54 -5.76
C GLY A 12 -1.40 -9.20 -4.54
N ALA A 13 -0.17 -9.70 -4.47
CA ALA A 13 0.69 -9.40 -3.33
C ALA A 13 2.13 -9.17 -3.80
N TDD A 14 2.87 -8.35 -3.07
CA TDD A 14 4.27 -8.03 -3.35
CB TDD A 14 5.21 -8.75 -2.35
CG1 TDD A 14 6.68 -8.39 -2.64
CG2 TDD A 14 4.89 -8.49 -0.87
CG3 TDD A 14 5.11 -10.28 -2.56
C TDD A 14 4.33 -6.49 -3.45
O TDD A 14 4.73 -5.78 -2.53
H TDD A 14 2.40 -7.83 -2.33
HA TDD A 14 4.51 -8.40 -4.34
HG11 TDD A 14 6.84 -7.32 -2.54
HG12 TDD A 14 7.34 -8.90 -1.94
HG13 TDD A 14 6.95 -8.69 -3.65
HG21 TDD A 14 4.93 -7.43 -0.63
HG22 TDD A 14 3.88 -8.86 -0.62
HG23 TDD A 14 5.60 -9.00 -0.23
HG31 TDD A 14 5.83 -10.81 -1.93
HG32 TDD A 14 5.30 -10.53 -3.60
HG33 TDD A 14 4.11 -10.64 -2.30
N ALA A 15 4.04 -6.01 -4.66
CA ALA A 15 4.01 -4.60 -5.00
C ALA A 15 2.92 -4.37 -6.06
N MND A 16 2.46 -3.13 -6.21
CA MND A 16 1.43 -2.78 -7.19
CB MND A 16 1.81 -1.61 -8.11
CG MND A 16 2.42 -0.37 -7.45
OD1 MND A 16 3.01 -0.46 -6.38
ND2 MND A 16 2.83 0.56 -8.29
CE2 MND A 16 3.61 1.72 -7.87
C MND A 16 0.13 -2.54 -6.46
O MND A 16 -0.02 -1.56 -5.74
H MND A 16 2.80 -2.39 -5.61
HA MND A 16 1.29 -3.61 -7.86
HB2 MND A 16 2.57 -1.98 -8.80
HB3 MND A 16 0.94 -1.31 -8.68
HD2 MND A 16 2.33 0.62 -9.17
HE21 MND A 16 3.37 2.60 -8.45
HE22 MND A 16 4.67 1.50 -7.96
HE23 MND A 16 3.39 1.92 -6.81
N HVA A 17 -0.80 -3.49 -6.55
CA HVA A 17 -2.08 -3.37 -5.86
CB HVA A 17 -3.17 -2.80 -6.80
CG1 HVA A 17 -2.74 -1.49 -7.48
CG2 HVA A 17 -3.62 -3.81 -7.86
OG3 HVA A 17 -4.32 -2.45 -6.04
C HVA A 17 -2.42 -4.70 -5.16
O HVA A 17 -1.89 -5.75 -5.50
H HVA A 17 -0.66 -4.28 -7.16
HA HVA A 17 -1.93 -2.66 -5.06
HG11 HVA A 17 -2.35 -0.79 -6.75
HG12 HVA A 17 -1.97 -1.69 -8.22
HG13 HVA A 17 -3.59 -1.03 -8.00
HG21 HVA A 17 -2.78 -4.08 -8.50
HG22 HVA A 17 -4.01 -4.69 -7.36
HG23 HVA A 17 -4.43 -3.38 -8.47
HOG3 HVA A 17 -4.03 -1.85 -5.34
N GLY A 18 -3.34 -4.62 -4.20
CA GLY A 18 -3.80 -5.74 -3.39
C GLY A 18 -3.09 -5.71 -2.05
N ALA A 19 -1.84 -6.18 -2.00
CA ALA A 19 -1.04 -6.19 -0.78
C ALA A 19 0.43 -5.91 -1.09
N GLY A 20 1.15 -5.42 -0.09
CA GLY A 20 2.56 -5.08 -0.18
C GLY A 20 2.73 -3.57 -0.37
N TBG A 21 3.80 -3.19 -1.09
CA TBG A 21 4.10 -1.78 -1.35
CB TBG A 21 5.64 -1.54 -1.36
CG1 TBG A 21 6.40 -2.38 -2.41
CG2 TBG A 21 5.95 -0.05 -1.59
CG3 TBG A 21 6.21 -1.91 0.03
C TBG A 21 3.32 -1.33 -2.60
O TBG A 21 3.63 -1.73 -3.72
H TBG A 21 4.35 -3.89 -1.57
HA TBG A 21 3.73 -1.20 -0.51
HG11 TBG A 21 7.48 -2.23 -2.29
HG12 TBG A 21 6.18 -3.44 -2.30
HG13 TBG A 21 6.14 -2.06 -3.41
HG21 TBG A 21 7.02 0.13 -1.53
HG22 TBG A 21 5.61 0.27 -2.56
HG23 TBG A 21 5.45 0.55 -0.83
HG31 TBG A 21 5.71 -1.34 0.79
HG32 TBG A 21 7.28 -1.69 0.07
HG33 TBG A 21 6.07 -2.97 0.24
N MND A 22 2.33 -0.47 -2.40
CA MND A 22 1.46 0.07 -3.45
CB MND A 22 2.06 1.36 -4.01
CG MND A 22 1.17 2.00 -5.09
OD1 MND A 22 0.61 1.34 -5.94
ND2 MND A 22 1.06 3.34 -5.08
CE2 MND A 22 0.29 4.12 -6.03
C MND A 22 0.07 0.34 -2.87
O MND A 22 -0.05 0.61 -1.66
H MND A 22 2.11 -0.16 -1.46
HA MND A 22 1.40 -0.65 -4.25
HB2 MND A 22 2.22 2.06 -3.19
HB3 MND A 22 3.04 1.16 -4.44
HD2 MND A 22 1.31 3.77 -4.19
HE21 MND A 22 -0.20 3.47 -6.76
HE22 MND A 22 0.95 4.81 -6.56
HE23 MND A 22 -0.48 4.68 -5.49
N LMQ A 23 -0.99 0.34 -3.68
CA LMQ A 23 -2.34 0.60 -3.21
CB LMQ A 23 -3.16 1.38 -4.26
CB2 LMQ A 23 -4.60 1.62 -3.78
CG LMQ A 23 -2.44 2.68 -4.69
CD LMQ A 23 -3.33 3.69 -5.41
OE1 LMQ A 23 -4.09 4.44 -4.79
NE2 LMQ A 23 -3.42 3.60 -6.72
C LMQ A 23 -3.01 -0.72 -2.82
O LMQ A 23 -3.31 -1.56 -3.68
H LMQ A 23 -0.82 0.11 -4.65
HA LMQ A 23 -2.29 1.24 -2.31
HB3 LMQ A 23 -3.21 0.76 -5.14
HB21 LMQ A 23 -4.62 2.21 -2.87
HB22 LMQ A 23 -5.17 2.13 -4.56
HB23 LMQ A 23 -5.11 0.67 -3.61
HG2 LMQ A 23 -1.99 3.19 -3.83
HG3 LMQ A 23 -1.62 2.41 -5.36
HE21 LMQ A 23 -4.32 3.82 -7.11
HE22 LMQ A 23 -2.78 3.01 -7.25
N DHV A 24 -3.43 -0.86 -1.58
CA DHV A 24 -4.08 -2.06 -1.06
CB DHV A 24 -5.60 -2.05 -1.40
CG1 DHV A 24 -6.36 -3.23 -0.83
CG2 DHV A 24 -6.34 -0.76 -1.02
OG3 DHV A 24 -5.73 -2.16 -2.81
C DHV A 24 -3.76 -2.14 0.44
O DHV A 24 -4.07 -1.20 1.17
H DHV A 24 -3.19 -0.15 -0.88
HA DHV A 24 -3.63 -2.92 -1.54
HG11 DHV A 24 -5.93 -4.17 -1.19
HG12 DHV A 24 -6.32 -3.21 0.26
HG13 DHV A 24 -7.40 -3.21 -1.13
HG21 DHV A 24 -7.39 -0.83 -1.31
HG22 DHV A 24 -6.29 -0.66 0.05
HG23 DHV A 24 -5.88 0.11 -1.49
HOG3 DHV A 24 -4.84 -1.96 -3.18
N ALA A 25 -2.95 -3.11 0.88
CA ALA A 25 -2.58 -3.29 2.27
C ALA A 25 -1.09 -3.57 2.47
N GLY A 26 -0.40 -2.74 3.26
CA GLY A 26 1.02 -2.89 3.55
C GLY A 26 1.62 -1.51 3.78
N GLY A 27 2.07 -0.88 2.70
CA GLY A 27 2.66 0.45 2.63
C GLY A 27 2.19 1.05 1.30
N MND A 28 2.02 2.37 1.21
CA MND A 28 1.56 3.04 0.00
CB MND A 28 2.57 4.10 -0.48
CG MND A 28 2.01 4.78 -1.73
OD1 MND A 28 1.25 4.16 -2.48
ND2 MND A 28 2.44 6.00 -2.06
CE2 MND A 28 2.13 6.64 -3.32
C MND A 28 0.22 3.67 0.30
O MND A 28 0.18 4.56 1.15
H MND A 28 2.11 2.95 2.04
HA MND A 28 1.44 2.32 -0.81
HB2 MND A 28 2.74 4.84 0.29
HB3 MND A 28 3.51 3.62 -0.73
HD2 MND A 28 3.00 6.54 -1.39
HE21 MND A 28 2.29 5.94 -4.15
HE22 MND A 28 2.77 7.50 -3.46
HE23 MND A 28 1.09 6.95 -3.31
N ILE A 29 -0.89 3.22 -0.31
CA ILE A 29 -2.22 3.79 -0.05
C ILE A 29 -3.11 2.69 0.52
O HTN A 30 -5.09 2.64 4.59
C HTN A 30 -4.39 1.91 3.87
CE HTN A 30 -8.71 -0.69 1.90
N HTN A 30 -3.69 2.91 1.71
CA HTN A 30 -4.56 1.92 2.35
CB HTN A 30 -6.02 2.05 1.92
OG HTN A 30 -6.15 2.11 0.51
CG HTN A 30 -6.85 0.85 2.42
OD1 HTN A 30 -6.51 0.16 3.38
ND2 HTN A 30 -7.92 0.53 1.72
HE1 HTN A 30 -9.59 -0.47 2.51
HE2 HTN A 30 -8.11 -1.44 2.41
HE3 HTN A 30 -9.00 -1.09 0.93
H HTN A 30 -3.45 3.75 2.23
HA HTN A 30 -4.24 0.93 2.01
HB3 HTN A 30 -6.42 2.96 2.36
HOG HTN A 30 -5.34 1.75 0.14
HD22 HTN A 30 -8.02 1.16 0.87
N TBG A 31 -3.52 1.03 4.33
CA TBG A 31 -3.17 0.79 5.72
CB TBG A 31 -3.85 -0.51 6.25
CG1 TBG A 31 -3.80 -1.69 5.25
CG2 TBG A 31 -3.20 -0.94 7.58
CG3 TBG A 31 -5.35 -0.30 6.56
C TBG A 31 -1.63 0.74 5.68
O TBG A 31 -1.08 -0.13 5.00
H TBG A 31 -2.99 0.48 3.66
HA TBG A 31 -3.49 1.63 6.33
HG11 TBG A 31 -2.78 -1.92 4.98
HG12 TBG A 31 -4.25 -2.57 5.68
HG13 TBG A 31 -4.36 -1.44 4.34
HG21 TBG A 31 -2.14 -1.13 7.46
HG22 TBG A 31 -3.33 -0.15 8.32
HG23 TBG A 31 -3.69 -1.84 7.96
HG31 TBG A 31 -5.47 0.20 7.51
HG32 TBG A 31 -5.86 -1.26 6.64
HG33 TBG A 31 -5.81 0.28 5.78
N DHV A 32 -0.94 1.69 6.32
CA DHV A 32 0.52 1.73 6.34
CB DHV A 32 1.05 0.93 7.55
CG1 DHV A 32 2.59 0.84 7.61
CG2 DHV A 32 0.56 1.50 8.89
OG3 DHV A 32 0.59 -0.41 7.45
C DHV A 32 1.00 3.19 6.26
O DHV A 32 0.35 4.10 6.77
H DHV A 32 -1.42 2.39 6.87
HA DHV A 32 0.89 1.23 5.45
HG11 DHV A 32 2.90 0.15 8.39
HG12 DHV A 32 2.97 0.48 6.66
HG13 DHV A 32 3.02 1.81 7.82
HG21 DHV A 32 1.00 2.48 9.06
HG22 DHV A 32 -0.52 1.60 8.89
HG23 DHV A 32 0.86 0.84 9.72
HOG3 DHV A 32 0.87 -0.73 6.58
N GLY A 33 2.20 3.38 5.70
CA GLY A 33 2.81 4.68 5.53
C GLY A 33 2.64 5.10 4.08
N MND A 34 2.22 6.34 3.87
CA MND A 34 1.97 6.96 2.58
CB MND A 34 3.14 7.88 2.20
CG MND A 34 3.03 8.30 0.73
OD1 MND A 34 3.75 7.76 -0.11
ND2 MND A 34 2.09 9.18 0.39
CE2 MND A 34 1.70 9.41 -1.01
C MND A 34 0.64 7.68 2.72
O MND A 34 0.61 8.84 3.14
H MND A 34 1.92 6.89 4.67
HA MND A 34 1.89 6.19 1.82
HB2 MND A 34 3.16 8.76 2.84
HB3 MND A 34 4.07 7.34 2.33
HD2 MND A 34 1.47 9.46 1.16
HE21 MND A 34 1.52 8.45 -1.48
HE22 MND A 34 2.51 9.91 -1.53
HE23 MND A 34 0.79 10.00 -1.07
N ILE A 35 -0.46 6.99 2.44
CA ILE A 35 -1.81 7.51 2.55
C ILE A 35 -2.73 6.43 3.08
N MND A 36 -3.86 6.87 3.64
CA MND A 36 -4.89 6.00 4.19
CB MND A 36 -6.24 6.49 3.68
CG MND A 36 -7.38 5.70 4.31
OD1 MND A 36 -7.75 4.64 3.80
ND2 MND A 36 -7.93 6.16 5.43
CE2 MND A 36 -8.88 5.40 6.24
C MND A 36 -4.78 6.07 5.71
O MND A 36 -4.61 7.18 6.24
H MND A 36 -3.95 7.88 3.70
HA MND A 36 -4.73 4.98 3.87
HB2 MND A 36 -6.35 7.54 3.90
HB3 MND A 36 -6.27 6.36 2.60
HD2 MND A 36 -7.51 6.99 5.84
HE21 MND A 36 -8.41 4.49 6.61
HE22 MND A 36 -9.74 5.12 5.63
HE23 MND A 36 -9.22 6.00 7.09
N VAL A 37 -4.89 4.94 6.41
CA VAL A 37 -4.79 4.92 7.86
C VAL A 37 -3.38 4.45 8.24
O HTN A 38 -0.81 7.17 10.35
C HTN A 38 -0.58 6.31 9.48
CE HTN A 38 1.24 2.28 12.77
N HTN A 38 -2.69 5.25 9.05
CA HTN A 38 -1.35 5.00 9.51
CB HTN A 38 -1.33 4.45 10.94
OG HTN A 38 -2.29 3.40 11.13
CG HTN A 38 0.06 3.92 11.33
OD1 HTN A 38 1.10 4.35 10.83
ND2 HTN A 38 0.07 2.92 12.20
HE1 HTN A 38 2.10 2.42 12.11
HE2 HTN A 38 1.06 1.21 12.91
HE3 HTN A 38 1.46 2.74 13.74
H HTN A 38 -3.13 6.11 9.38
HA HTN A 38 -0.86 4.27 8.86
HB3 HTN A 38 -1.57 5.25 11.63
HOG HTN A 38 -3.04 3.88 11.57
HD22 HTN A 38 -0.90 2.85 12.61
N ALA A 39 0.27 6.51 8.47
CA ALA A 39 1.06 7.71 8.38
C ALA A 39 1.10 8.33 6.99
N MND A 40 1.47 9.60 6.97
CA MND A 40 1.64 10.48 5.82
CB MND A 40 2.93 11.27 6.11
CG MND A 40 3.44 12.17 4.99
OD1 MND A 40 2.67 12.70 4.18
ND2 MND A 40 4.75 12.42 4.98
CE2 MND A 40 5.44 13.25 4.01
C MND A 40 0.40 11.36 5.67
O MND A 40 0.37 12.45 6.26
H MND A 40 1.58 10.04 7.88
HA MND A 40 1.80 9.90 4.92
HB2 MND A 40 2.79 11.88 7.01
HB3 MND A 40 3.72 10.54 6.33
HD2 MND A 40 5.26 12.03 5.79
HE21 MND A 40 6.51 13.19 4.14
HE22 MND A 40 5.11 14.29 4.12
HE23 MND A 40 5.17 12.92 2.99
N VAL A 41 -0.65 10.91 4.99
CA VAL A 41 -1.87 11.71 4.85
C VAL A 41 -3.11 10.83 4.93
N DSN A 42 -4.15 11.26 5.64
CA DSN A 42 -5.39 10.51 5.76
C DSN A 42 -5.83 10.48 7.21
O DSN A 42 -6.38 11.45 7.73
CB DSN A 42 -6.44 11.11 4.79
OG DSN A 42 -7.42 10.16 4.41
H DSN A 42 -4.07 12.12 6.19
HA DSN A 42 -5.20 9.49 5.43
HB2 DSN A 42 -6.91 11.97 5.25
HB3 DSN A 42 -5.93 11.44 3.88
HG DSN A 42 -7.82 10.45 3.59
N VAL A 43 -5.55 9.37 7.89
CA VAL A 43 -5.92 9.13 9.27
C VAL A 43 -4.75 8.56 10.07
N DSG A 44 -4.36 9.21 11.18
CA DSG A 44 -3.28 8.76 12.05
C DSG A 44 -2.29 9.87 12.33
O DSG A 44 -2.58 10.76 13.15
CB DSG A 44 -3.88 8.23 13.36
CG DSG A 44 -2.79 7.64 14.25
OD1 DSG A 44 -2.47 6.46 14.14
ND2 DSG A 44 -2.20 8.42 15.14
H DSG A 44 -4.75 10.13 11.35
HA DSG A 44 -2.76 7.94 11.58
HB2 DSG A 44 -4.40 9.03 13.89
HB3 DSG A 44 -4.61 7.45 13.14
HD21 DSG A 44 -1.53 8.00 15.79
HD22 DSG A 44 -2.39 9.41 15.18
N M2S A 45 -1.13 9.83 11.70
CA M2S A 45 -0.06 10.80 11.85
CB M2S A 45 1.15 10.16 12.62
CG1 M2S A 45 1.32 8.65 12.34
CG2 M2S A 45 2.50 10.82 12.27
CG M2S A 45 0.87 10.41 14.13
SD M2S A 45 1.96 9.68 15.38
OE M2S A 45 1.11 8.08 15.63
CE M2S A 45 1.36 10.59 16.82
C M2S A 45 0.27 11.37 10.48
O M2S A 45 0.29 10.66 9.47
H M2S A 45 -0.96 9.08 11.04
HA M2S A 45 -0.43 11.64 12.44
HG11 M2S A 45 0.47 8.08 12.71
HG12 M2S A 45 1.41 8.49 11.26
HG13 M2S A 45 2.22 8.25 12.81
HG21 M2S A 45 2.74 10.65 11.21
HG22 M2S A 45 3.31 10.37 12.84
HG23 M2S A 45 2.48 11.88 12.47
HG2 M2S A 45 -0.15 10.08 14.35
HG3 M2S A 45 0.88 11.49 14.28
HE1 M2S A 45 0.28 10.50 16.89
HE2 M2S A 45 1.83 10.20 17.72
HE3 M2S A 45 1.64 11.64 16.71
N DSG A 46 0.65 12.64 10.45
CA DSG A 46 1.00 13.35 9.24
C DSG A 46 0.00 14.48 9.01
O DSG A 46 -0.05 15.42 9.82
CB DSG A 46 2.46 13.85 9.26
CG DSG A 46 2.74 14.86 10.37
OD1 DSG A 46 2.76 14.50 11.54
ND2 DSG A 46 3.20 16.05 10.04
H DSG A 46 0.62 13.19 11.29
HA DSG A 46 0.94 12.66 8.42
HB2 DSG A 46 3.12 13.00 9.38
HB3 DSG A 46 2.69 14.30 8.30
HD21 DSG A 46 3.22 16.76 10.78
HD22 DSG A 46 3.17 16.36 9.07
N GLN A 47 -0.77 14.42 7.92
CA GLN A 47 -1.75 15.46 7.59
C GLN A 47 -3.15 14.88 7.47
N 2TL A 48 -4.11 15.67 7.94
CA 2TL A 48 -5.53 15.42 7.95
CB 2TL A 48 -6.22 16.76 7.59
OG1 2TL A 48 -5.55 17.87 8.19
CG2 2TL A 48 -7.70 16.87 7.94
C 2TL A 48 -5.91 14.90 9.34
O 2TL A 48 -5.62 15.56 10.34
H 2TL A 48 -3.86 16.57 8.33
HA 2TL A 48 -5.78 14.66 7.20
HB 2TL A 48 -6.13 16.88 6.52
HG1 2TL A 48 -5.66 17.80 9.16
HG21 2TL A 48 -7.85 16.77 9.01
HG22 2TL A 48 -8.25 16.10 7.42
HG23 2TL A 48 -8.08 17.84 7.62
N THR A 49 -6.66 13.80 9.43
CA THR A 49 -7.06 13.26 10.72
C THR A 49 -5.84 12.70 11.44
C MHE A 1 9.16 -11.48 -9.01
O MHE A 1 9.42 -11.44 -7.81
CA MHE A 1 9.94 -10.84 -10.01
O2 MHE A 1 9.87 -9.63 -10.23
C3 MHE A 1 10.85 -11.73 -10.86
C4 MHE A 1 12.33 -11.57 -10.45
C5 MHE A 1 13.35 -12.31 -11.35
C6 MHE A 1 12.93 -13.77 -11.64
C7 MHE A 1 14.70 -12.30 -10.63
C8 MHE A 1 13.53 -11.62 -12.71
H1 MHE A 1 10.55 -12.77 -10.74
H3A MHE A 1 10.73 -11.44 -11.90
H4 MHE A 1 12.58 -10.51 -10.45
H4A MHE A 1 12.42 -11.93 -9.43
H6 MHE A 1 12.69 -14.27 -10.71
H6A MHE A 1 13.72 -14.29 -12.14
H6B MHE A 1 12.04 -13.79 -12.28
H7 MHE A 1 14.61 -12.84 -9.68
H7A MHE A 1 15.00 -11.28 -10.42
H7B MHE A 1 15.47 -12.78 -11.22
H8 MHE A 1 13.93 -10.62 -12.56
H8A MHE A 1 14.23 -12.17 -13.35
H8B MHE A 1 12.58 -11.54 -13.25
N GLY A 2 8.07 -12.13 -9.48
CA GLY A 2 7.55 -12.21 -10.85
C GLY A 2 6.76 -10.98 -11.25
N I2M A 3 6.42 -10.86 -12.52
CA I2M A 3 5.67 -9.73 -13.06
CB I2M A 3 6.46 -9.05 -14.23
CG3 I2M A 3 6.46 -9.88 -15.53
CG2 I2M A 3 5.77 -7.71 -14.54
CG1 I2M A 3 7.97 -8.83 -13.95
CD1 I2M A 3 8.32 -8.10 -12.65
C I2M A 3 4.25 -10.21 -13.42
O I2M A 3 4.09 -11.14 -14.23
H I2M A 3 6.75 -11.55 -13.18
HA I2M A 3 5.57 -8.98 -12.27
HG31 I2M A 3 7.07 -9.40 -16.29
HG32 I2M A 3 5.45 -9.95 -15.91
HG33 I2M A 3 6.84 -10.88 -15.34
HG21 I2M A 3 4.75 -7.87 -14.87
HG22 I2M A 3 5.74 -7.08 -13.65
HG23 I2M A 3 6.31 -7.17 -15.33
HG12 I2M A 3 8.48 -9.79 -13.93
HG13 I2M A 3 8.40 -8.26 -14.77
HD11 I2M A 3 9.38 -7.87 -12.64
HD12 I2M A 3 7.74 -7.20 -12.56
HD13 I2M A 3 8.10 -8.74 -11.80
N GLY A 4 3.23 -9.66 -12.78
CA GLY A 4 1.84 -10.02 -13.03
C GLY A 4 0.98 -10.13 -11.78
N TBG A 5 -0.08 -10.91 -11.89
CA TBG A 5 -1.04 -11.14 -10.81
CB TBG A 5 -2.47 -11.30 -11.41
CG1 TBG A 5 -3.52 -11.28 -10.29
CG2 TBG A 5 -2.80 -10.12 -12.36
CG3 TBG A 5 -2.65 -12.58 -12.24
C TBG A 5 -0.55 -12.34 -9.98
O TBG A 5 -0.06 -13.31 -10.56
H TBG A 5 -0.24 -11.43 -12.73
HA TBG A 5 -1.03 -10.26 -10.16
HG11 TBG A 5 -4.52 -11.30 -10.72
HG12 TBG A 5 -3.39 -12.14 -9.64
HG13 TBG A 5 -3.41 -10.38 -9.70
HG21 TBG A 5 -2.60 -9.17 -11.86
HG22 TBG A 5 -2.19 -10.16 -13.26
HG23 TBG A 5 -3.84 -10.15 -12.65
HG31 TBG A 5 -2.48 -13.46 -11.62
HG32 TBG A 5 -1.96 -12.61 -13.08
HG33 TBG A 5 -3.66 -12.63 -12.63
N TDD A 6 -0.78 -12.34 -8.67
CA TDD A 6 -0.40 -13.41 -7.75
CB TDD A 6 -1.64 -14.23 -7.29
CG1 TDD A 6 -2.76 -13.37 -6.67
CG2 TDD A 6 -2.24 -15.00 -8.49
CG3 TDD A 6 -1.21 -15.28 -6.26
C TDD A 6 0.49 -12.83 -6.65
O TDD A 6 0.07 -12.13 -5.73
H TDD A 6 -1.18 -11.50 -8.24
HA TDD A 6 0.22 -14.11 -8.31
HG11 TDD A 6 -3.58 -14.01 -6.34
HG12 TDD A 6 -2.39 -12.82 -5.81
HG13 TDD A 6 -3.15 -12.65 -7.39
HG21 TDD A 6 -2.57 -14.30 -9.26
HG22 TDD A 6 -1.49 -15.66 -8.92
HG23 TDD A 6 -3.08 -15.60 -8.17
HG31 TDD A 6 -2.02 -15.97 -6.04
HG32 TDD A 6 -0.90 -14.81 -5.33
HG33 TDD A 6 -0.36 -15.86 -6.65
N TBG A 7 1.77 -13.19 -6.74
CA TBG A 7 2.85 -12.80 -5.84
CB TBG A 7 3.28 -14.00 -4.96
CG1 TBG A 7 4.52 -13.62 -4.12
CG2 TBG A 7 2.15 -14.36 -3.98
CG3 TBG A 7 3.59 -15.28 -5.76
C TBG A 7 3.92 -12.19 -6.75
O TBG A 7 4.37 -12.83 -7.71
H TBG A 7 2.04 -13.76 -7.53
HA TBG A 7 2.47 -12.02 -5.19
HG11 TBG A 7 4.31 -12.72 -3.53
HG12 TBG A 7 4.78 -14.44 -3.43
HG13 TBG A 7 5.37 -13.42 -4.76
HG21 TBG A 7 1.89 -13.48 -3.37
HG22 TBG A 7 1.27 -14.69 -4.52
HG23 TBG A 7 2.45 -15.16 -3.32
HG31 TBG A 7 3.87 -16.08 -5.09
HG32 TBG A 7 4.40 -15.10 -6.47
HG33 TBG A 7 2.70 -15.60 -6.32
N DAL A 8 4.32 -10.94 -6.48
CA DAL A 8 5.32 -10.20 -7.24
CB DAL A 8 6.64 -10.17 -6.47
C DAL A 8 4.77 -8.79 -7.45
O DAL A 8 4.04 -8.28 -6.58
H DAL A 8 3.92 -10.46 -5.68
HA DAL A 8 5.46 -10.67 -8.20
HB1 DAL A 8 7.39 -9.63 -7.05
HB2 DAL A 8 6.51 -9.66 -5.51
HB3 DAL A 8 6.99 -11.19 -6.30
N TBG A 9 5.23 -8.10 -8.50
CA TBG A 9 4.75 -6.76 -8.78
CB TBG A 9 5.92 -5.84 -9.21
CG1 TBG A 9 6.47 -6.22 -10.58
CG2 TBG A 9 5.44 -4.38 -9.27
CG3 TBG A 9 7.10 -5.96 -8.22
C TBG A 9 3.61 -6.91 -9.79
O TBG A 9 3.74 -7.66 -10.77
H TBG A 9 5.83 -8.51 -9.21
HA TBG A 9 4.34 -6.34 -7.86
HG11 TBG A 9 5.73 -6.05 -11.36
HG12 TBG A 9 7.35 -5.62 -10.80
HG13 TBG A 9 6.74 -7.27 -10.57
HG21 TBG A 9 6.28 -3.71 -9.39
HG22 TBG A 9 4.75 -4.23 -10.11
HG23 TBG A 9 4.91 -4.12 -8.36
HG31 TBG A 9 7.81 -5.15 -8.37
HG32 TBG A 9 7.62 -6.90 -8.36
HG33 TBG A 9 6.73 -5.94 -7.20
N TDD A 10 2.56 -6.12 -9.62
CA TDD A 10 1.38 -6.13 -10.48
CB TDD A 10 1.45 -5.04 -11.59
CG1 TDD A 10 2.64 -5.32 -12.54
CG2 TDD A 10 0.18 -5.10 -12.46
CG3 TDD A 10 1.62 -3.59 -11.09
C TDD A 10 0.17 -6.11 -9.54
O TDD A 10 -0.31 -5.04 -9.15
H TDD A 10 2.51 -5.54 -8.80
HA TDD A 10 1.36 -7.08 -10.99
HG11 TDD A 10 2.58 -6.34 -12.91
HG12 TDD A 10 2.63 -4.62 -13.37
HG13 TDD A 10 3.58 -5.19 -12.00
HG21 TDD A 10 0.05 -6.11 -12.86
HG22 TDD A 10 -0.70 -4.86 -11.87
HG23 TDD A 10 0.24 -4.39 -13.29
HG31 TDD A 10 0.72 -3.28 -10.57
HG32 TDD A 10 1.79 -2.91 -11.91
HG33 TDD A 10 2.47 -3.53 -10.40
N ALA A 11 -0.34 -7.29 -9.18
CA ALA A 11 -1.49 -7.37 -8.28
C ALA A 11 -1.42 -8.60 -7.37
N GLY A 12 -2.07 -8.52 -6.21
CA GLY A 12 -2.14 -9.57 -5.22
C GLY A 12 -1.27 -9.23 -4.02
N ALA A 13 -0.01 -9.67 -4.01
CA ALA A 13 0.91 -9.41 -2.90
C ALA A 13 2.33 -9.16 -3.41
N TDD A 14 3.06 -8.25 -2.76
CA TDD A 14 4.43 -7.86 -3.07
CB TDD A 14 5.41 -8.46 -2.01
CG1 TDD A 14 4.99 -8.18 -0.55
CG2 TDD A 14 5.45 -9.99 -2.19
CG3 TDD A 14 6.84 -7.95 -2.25
C TDD A 14 4.39 -6.33 -3.28
O TDD A 14 4.72 -5.53 -2.40
H TDD A 14 2.57 -7.67 -2.08
HA TDD A 14 4.71 -8.29 -4.03
HG11 TDD A 14 4.89 -7.11 -0.38
HG12 TDD A 14 4.03 -8.64 -0.32
HG13 TDD A 14 5.74 -8.58 0.14
HG21 TDD A 14 6.15 -10.44 -1.47
HG22 TDD A 14 4.46 -10.42 -2.04
HG23 TDD A 14 5.78 -10.25 -3.19
HG31 TDD A 14 7.54 -8.48 -1.60
HG32 TDD A 14 6.92 -6.89 -2.04
HG33 TDD A 14 7.13 -8.13 -3.28
N ALA A 15 4.04 -5.96 -4.50
CA ALA A 15 3.89 -4.57 -4.89
C ALA A 15 2.76 -4.46 -5.91
N MND A 16 2.18 -3.28 -6.06
CA MND A 16 1.10 -3.00 -6.98
CB MND A 16 1.33 -1.71 -7.82
CG MND A 16 2.54 -0.81 -7.53
OD1 MND A 16 3.22 -0.89 -6.51
ND2 MND A 16 3.00 -0.06 -8.53
CE2 MND A 16 4.00 0.98 -8.37
C MND A 16 -0.23 -2.92 -6.22
O MND A 16 -0.29 -2.28 -5.17
H MND A 16 2.44 -2.49 -5.46
HA MND A 16 1.04 -3.82 -7.69
HB2 MND A 16 1.43 -2.04 -8.84
HB3 MND A 16 0.42 -1.10 -7.79
HD2 MND A 16 2.23 0.12 -9.18
HE21 MND A 16 3.58 1.94 -8.67
HE22 MND A 16 4.87 0.77 -9.00
HE23 MND A 16 4.29 1.03 -7.32
N HVA A 17 -1.30 -3.48 -6.80
CA HVA A 17 -2.65 -3.46 -6.22
CB HVA A 17 -3.65 -3.02 -7.31
CG1 HVA A 17 -3.69 -3.88 -8.58
CG2 HVA A 17 -5.08 -2.91 -6.74
OG3 HVA A 17 -3.29 -1.74 -7.75
C HVA A 17 -3.02 -4.75 -5.46
O HVA A 17 -3.22 -5.81 -6.07
H HVA A 17 -1.18 -3.99 -7.67
HA HVA A 17 -2.66 -2.66 -5.48
HG11 HVA A 17 -4.01 -4.89 -8.34
HG12 HVA A 17 -4.41 -3.46 -9.27
HG13 HVA A 17 -2.72 -3.91 -9.06
HG21 HVA A 17 -5.07 -2.36 -5.79
HG22 HVA A 17 -5.72 -2.39 -7.44
HG23 HVA A 17 -5.49 -3.90 -6.56
HOG3 HVA A 17 -2.36 -1.75 -7.99
N GLY A 18 -3.27 -4.63 -4.16
CA GLY A 18 -3.66 -5.72 -3.28
C GLY A 18 -2.95 -5.58 -1.94
N ALA A 19 -1.73 -6.09 -1.86
CA ALA A 19 -0.93 -6.00 -0.65
C ALA A 19 0.53 -5.73 -1.00
N GLY A 20 1.23 -5.17 -0.02
CA GLY A 20 2.62 -4.80 -0.10
C GLY A 20 2.71 -3.30 -0.36
N TBG A 21 3.72 -2.87 -1.12
CA TBG A 21 3.90 -1.44 -1.42
CB TBG A 21 5.41 -1.05 -1.32
CG1 TBG A 21 6.34 -1.96 -2.13
CG2 TBG A 21 5.59 0.42 -1.75
CG3 TBG A 21 5.85 -1.11 0.16
C TBG A 21 3.18 -1.13 -2.74
O TBG A 21 3.52 -1.70 -3.78
H TBG A 21 4.33 -3.57 -1.55
HA TBG A 21 3.40 -0.87 -0.64
HG11 TBG A 21 6.04 -1.98 -3.18
HG12 TBG A 21 7.37 -1.59 -2.08
HG13 TBG A 21 6.33 -2.98 -1.75
HG21 TBG A 21 4.98 1.08 -1.12
HG22 TBG A 21 6.65 0.71 -1.65
HG23 TBG A 21 5.30 0.57 -2.77
HG31 TBG A 21 5.24 -0.46 0.77
HG32 TBG A 21 6.89 -0.80 0.24
HG33 TBG A 21 5.76 -2.13 0.53
N MND A 22 2.29 -0.13 -2.74
CA MND A 22 1.49 0.29 -3.89
CB MND A 22 2.10 1.47 -4.67
CG MND A 22 1.25 1.84 -5.90
OD1 MND A 22 0.48 1.04 -6.42
ND2 MND A 22 1.42 3.06 -6.43
CE2 MND A 22 1.14 3.36 -7.83
C MND A 22 0.16 0.74 -3.32
O MND A 22 0.13 1.69 -2.53
H MND A 22 2.04 0.30 -1.87
HA MND A 22 1.35 -0.54 -4.58
HB2 MND A 22 2.19 2.33 -4.01
HB3 MND A 22 3.10 1.20 -5.01
HD2 MND A 22 2.15 3.60 -5.95
HE21 MND A 22 1.78 2.76 -8.47
HE22 MND A 22 1.34 4.41 -8.03
HE23 MND A 22 0.09 3.12 -8.06
N LMQ A 23 -0.93 0.05 -3.64
CA LMQ A 23 -2.25 0.41 -3.12
CB LMQ A 23 -3.09 1.18 -4.17
CB2 LMQ A 23 -2.36 2.41 -4.71
CG LMQ A 23 -3.56 0.32 -5.36
CD LMQ A 23 -4.41 1.09 -6.35
OE1 LMQ A 23 -4.02 1.34 -7.50
NE2 LMQ A 23 -5.50 1.68 -5.91
C LMQ A 23 -2.92 -0.84 -2.55
O LMQ A 23 -2.95 -1.88 -3.21
H LMQ A 23 -0.88 -0.72 -4.29
HA LMQ A 23 -2.10 1.09 -2.29
HB3 LMQ A 23 -3.97 1.53 -3.64
HB21 LMQ A 23 -1.76 2.90 -3.94
HB22 LMQ A 23 -1.68 2.12 -5.52
HB23 LMQ A 23 -3.09 3.12 -5.11
HG2 LMQ A 23 -2.69 -0.07 -5.88
HG3 LMQ A 23 -4.15 -0.52 -4.99
HE21 LMQ A 23 -5.87 2.39 -6.50
HE22 LMQ A 23 -5.77 1.61 -4.93
N DHV A 24 -3.46 -0.73 -1.35
CA DHV A 24 -4.15 -1.82 -0.66
CB DHV A 24 -5.68 -1.60 -0.76
CG1 DHV A 24 -6.17 -1.51 -2.22
CG2 DHV A 24 -6.44 -2.73 -0.07
OG3 DHV A 24 -6.05 -0.39 -0.12
C DHV A 24 -3.63 -1.92 0.78
O DHV A 24 -3.92 -1.03 1.60
H DHV A 24 -3.40 0.15 -0.84
HA DHV A 24 -3.91 -2.75 -1.17
HG11 DHV A 24 -7.25 -1.43 -2.25
HG12 DHV A 24 -5.75 -0.64 -2.72
HG13 DHV A 24 -5.86 -2.41 -2.76
HG21 DHV A 24 -6.19 -2.78 0.99
HG22 DHV A 24 -7.52 -2.56 -0.15
HG23 DHV A 24 -6.19 -3.68 -0.54
HOG3 DHV A 24 -5.79 -0.51 0.80
N ALA A 25 -2.81 -2.93 1.11
CA ALA A 25 -2.30 -3.10 2.47
C ALA A 25 -0.80 -3.33 2.58
N GLY A 26 -0.09 -2.39 3.22
CA GLY A 26 1.34 -2.45 3.45
C GLY A 26 1.93 -1.05 3.46
N GLY A 27 2.17 -0.50 2.27
CA GLY A 27 2.70 0.84 2.09
C GLY A 27 2.12 1.48 0.84
N MND A 28 2.20 2.80 0.76
CA MND A 28 1.76 3.60 -0.37
CB MND A 28 2.84 4.67 -0.61
CG MND A 28 2.66 5.52 -1.85
OD1 MND A 28 1.56 5.96 -2.20
ND2 MND A 28 3.77 5.91 -2.49
CE2 MND A 28 3.86 6.98 -3.47
C MND A 28 0.38 4.19 -0.06
O MND A 28 0.29 5.14 0.72
H MND A 28 2.58 3.29 1.55
HA MND A 28 1.70 2.99 -1.27
HB2 MND A 28 2.88 5.32 0.27
HB3 MND A 28 3.80 4.15 -0.69
HD2 MND A 28 4.64 5.52 -2.11
HE21 MND A 28 3.12 6.83 -4.26
HE22 MND A 28 4.86 7.00 -3.93
HE23 MND A 28 3.67 7.94 -2.99
N ILE A 29 -0.70 3.54 -0.50
CA ILE A 29 -2.08 3.99 -0.29
C ILE A 29 -2.92 2.86 0.32
O HTN A 30 -5.08 3.09 4.07
C HTN A 30 -4.55 2.21 3.36
CE HTN A 30 -9.50 0.68 1.62
N HTN A 30 -3.84 3.18 1.23
CA HTN A 30 -4.74 2.21 1.85
CB HTN A 30 -6.18 2.51 1.41
OG HTN A 30 -6.31 2.34 0.01
CG HTN A 30 -7.24 1.57 2.02
OD1 HTN A 30 -6.93 0.59 2.69
ND2 HTN A 30 -8.46 1.71 1.53
HE1 HTN A 30 -9.28 -0.09 0.89
HE2 HTN A 30 -10.48 1.11 1.40
HE3 HTN A 30 -9.51 0.23 2.61
H HTN A 30 -3.90 4.15 1.54
HA HTN A 30 -4.49 1.21 1.50
HB3 HTN A 30 -6.39 3.54 1.69
HOG HTN A 30 -6.26 1.38 -0.16
HD22 HTN A 30 -8.44 2.46 0.78
N TBG A 31 -3.80 1.23 3.87
CA TBG A 31 -3.48 1.06 5.27
CB TBG A 31 -4.28 -0.08 5.96
CG1 TBG A 31 -4.02 -1.49 5.38
CG2 TBG A 31 -3.99 -0.10 7.47
CG3 TBG A 31 -5.79 0.11 5.81
C TBG A 31 -1.96 0.83 5.30
O TBG A 31 -1.45 -0.02 4.55
H TBG A 31 -3.39 0.55 3.24
HA TBG A 31 -3.69 1.99 5.80
HG11 TBG A 31 -2.98 -1.79 5.56
HG12 TBG A 31 -4.68 -2.22 5.83
HG13 TBG A 31 -4.21 -1.49 4.31
HG21 TBG A 31 -2.94 -0.29 7.66
HG22 TBG A 31 -4.24 0.87 7.91
HG23 TBG A 31 -4.58 -0.87 7.98
HG31 TBG A 31 -6.09 -0.17 4.80
HG32 TBG A 31 -6.07 1.14 5.98
HG33 TBG A 31 -6.34 -0.53 6.50
N DHV A 32 -1.25 1.54 6.17
CA DHV A 32 0.20 1.39 6.30
CB DHV A 32 0.50 0.46 7.51
CG1 DHV A 32 0.09 -1.00 7.24
CG2 DHV A 32 1.97 0.44 7.90
OG3 DHV A 32 -0.23 0.86 8.67
C DHV A 32 0.88 2.76 6.30
O DHV A 32 0.34 3.76 6.79
H DHV A 32 -1.70 2.23 6.76
HA DHV A 32 0.56 0.88 5.41
HG11 DHV A 32 -0.97 -1.08 7.03
HG12 DHV A 32 0.63 -1.37 6.37
HG13 DHV A 32 0.33 -1.63 8.09
HG21 DHV A 32 2.17 -0.28 8.70
HG22 DHV A 32 2.59 0.16 7.04
HG23 DHV A 32 2.27 1.43 8.25
HOG3 DHV A 32 0.18 1.67 9.02
N GLY A 33 2.14 2.78 5.84
CA GLY A 33 2.97 3.95 5.75
C GLY A 33 2.70 4.65 4.43
N MND A 34 2.13 5.84 4.49
CA MND A 34 1.81 6.64 3.32
CB MND A 34 2.89 7.71 3.11
CG MND A 34 2.59 8.49 1.85
OD1 MND A 34 2.50 7.91 0.76
ND2 MND A 34 2.37 9.80 1.94
CE2 MND A 34 1.74 10.56 0.87
C MND A 34 0.44 7.29 3.51
O MND A 34 0.15 7.78 4.61
H MND A 34 1.86 6.22 5.39
HA MND A 34 1.78 6.00 2.44
HB2 MND A 34 2.91 8.36 3.97
HB3 MND A 34 3.86 7.22 3.01
HD2 MND A 34 2.59 10.26 2.83
HE21 MND A 34 0.77 10.12 0.63
HE22 MND A 34 2.36 10.54 -0.02
HE23 MND A 34 1.58 11.59 1.19
N ILE A 35 -0.37 7.37 2.46
CA ILE A 35 -1.68 7.98 2.52
C ILE A 35 -2.77 6.92 2.83
N MND A 36 -3.86 7.35 3.45
CA MND A 36 -5.00 6.52 3.83
CB MND A 36 -6.26 7.08 3.15
CG MND A 36 -7.49 6.26 3.53
OD1 MND A 36 -7.74 5.21 2.96
ND2 MND A 36 -8.23 6.72 4.53
CE2 MND A 36 -9.43 6.06 5.02
C MND A 36 -5.04 6.58 5.34
O MND A 36 -5.13 7.68 5.90
H MND A 36 -3.85 8.32 3.79
HA MND A 36 -4.87 5.50 3.49
HB2 MND A 36 -6.39 8.12 3.44
HB3 MND A 36 -6.13 7.03 2.06
HD2 MND A 36 -7.94 7.59 4.97
HE21 MND A 36 -9.18 5.04 5.29
HE22 MND A 36 -10.19 6.05 4.24
HE23 MND A 36 -9.80 6.58 5.91
N VAL A 37 -4.92 5.44 6.02
CA VAL A 37 -4.87 5.40 7.48
C VAL A 37 -3.50 4.82 7.87
O HTN A 38 -1.20 6.88 10.68
C HTN A 38 -0.82 6.12 9.79
CE HTN A 38 1.62 3.75 12.59
N HTN A 38 -2.94 5.31 8.97
CA HTN A 38 -1.64 4.88 9.45
CB HTN A 38 -1.71 3.93 10.63
OG HTN A 38 -2.33 2.71 10.23
CG HTN A 38 -0.27 3.56 11.01
OD1 HTN A 38 0.39 2.88 10.21
ND2 HTN A 38 0.25 3.98 12.15
HE1 HTN A 38 1.82 4.32 13.48
HE2 HTN A 38 2.30 4.06 11.79
HE3 HTN A 38 1.76 2.68 12.79
H HTN A 38 -3.40 6.06 9.48
HA HTN A 38 -1.12 4.36 8.64
HB3 HTN A 38 -2.23 4.40 11.46
HOG HTN A 38 -1.60 2.16 9.92
HD22 HTN A 38 -0.39 4.53 12.78
N ALA A 39 0.34 6.27 9.15
CA ALA A 39 1.22 7.39 9.35
C ALA A 39 1.70 7.84 7.98
N MND A 40 1.52 9.13 7.72
CA MND A 40 1.85 9.83 6.49
CB MND A 40 3.29 10.36 6.54
CG MND A 40 3.69 10.95 5.17
OD1 MND A 40 4.40 10.29 4.42
ND2 MND A 40 3.21 12.13 4.79
CE2 MND A 40 3.32 12.69 3.45
C MND A 40 0.83 10.94 6.34
O MND A 40 1.02 12.05 6.87
H MND A 40 1.04 9.66 8.45
HA MND A 40 1.78 9.15 5.66
HB2 MND A 40 3.40 11.11 7.33
HB3 MND A 40 3.96 9.55 6.80
HD2 MND A 40 2.54 12.59 5.41
HE21 MND A 40 4.26 12.37 2.99
HE22 MND A 40 3.27 13.78 3.50
HE23 MND A 40 2.48 12.34 2.85
N VAL A 41 -0.27 10.68 5.63
CA VAL A 41 -1.34 11.66 5.42
C VAL A 41 -2.70 10.95 5.39
N DSN A 42 -3.77 11.59 5.87
CA DSN A 42 -5.11 11.02 5.91
C DSN A 42 -5.63 10.96 7.35
O DSN A 42 -5.98 11.99 7.94
CB DSN A 42 -6.04 11.79 4.95
OG DSN A 42 -5.57 11.73 3.61
H DSN A 42 -3.64 12.54 6.23
HA DSN A 42 -5.07 10.01 5.52
HB2 DSN A 42 -7.02 11.31 5.00
HB3 DSN A 42 -6.13 12.83 5.28
HG DSN A 42 -4.91 12.43 3.51
N VAL A 43 -5.61 9.75 7.94
CA VAL A 43 -6.08 9.55 9.30
C VAL A 43 -5.08 8.71 10.10
N DSG A 44 -4.55 9.32 11.16
CA DSG A 44 -3.63 8.73 12.09
C DSG A 44 -2.58 9.76 12.46
O DSG A 44 -2.90 10.67 13.23
CB DSG A 44 -4.45 8.32 13.32
CG DSG A 44 -3.60 7.76 14.45
OD1 DSG A 44 -3.52 6.56 14.59
ND2 DSG A 44 -2.98 8.61 15.26
H DSG A 44 -4.79 10.29 11.32
HA DSG A 44 -3.16 7.83 11.67
HB2 DSG A 44 -5.00 9.19 13.68
HB3 DSG A 44 -5.18 7.57 13.03
HD21 DSG A 44 -2.29 8.25 15.92
HD22 DSG A 44 -3.02 9.60 15.09
N M2S A 45 -1.36 9.72 11.90
CA M2S A 45 -0.31 10.67 12.24
CB M2S A 45 0.65 10.06 13.35
CG1 M2S A 45 0.41 8.55 13.60
CG2 M2S A 45 2.15 10.18 12.98
CG M2S A 45 0.39 10.90 14.62
SD M2S A 45 0.93 10.30 16.26
OE M2S A 45 -0.69 9.74 16.89
CE M2S A 45 0.94 11.88 17.10
C M2S A 45 0.37 11.26 11.00
O M2S A 45 0.71 10.54 10.05
H M2S A 45 -1.14 8.95 11.27
HA M2S A 45 -0.81 11.54 12.68
HG11 M2S A 45 1.17 8.15 14.28
HG12 M2S A 45 -0.56 8.39 14.06
HG13 M2S A 45 0.46 7.99 12.68
HG21 M2S A 45 2.36 9.62 12.06
HG22 M2S A 45 2.77 9.77 13.77
HG23 M2S A 45 2.43 11.23 12.83
HG2 M2S A 45 -0.68 11.07 14.72
HG3 M2S A 45 0.86 11.86 14.48
HE1 M2S A 45 1.75 12.49 16.73
HE2 M2S A 45 0.00 12.40 16.89
HE3 M2S A 45 1.06 11.72 18.17
N DSG A 46 0.73 12.53 11.07
CA DSG A 46 1.39 13.29 10.01
C DSG A 46 0.45 14.43 9.65
O DSG A 46 0.31 15.38 10.43
CB DSG A 46 2.75 13.83 10.50
CG DSG A 46 3.88 12.80 10.55
OD1 DSG A 46 4.94 13.12 11.09
ND2 DSG A 46 3.66 11.54 10.22
H DSG A 46 0.42 13.08 11.87
HA DSG A 46 1.57 12.65 9.14
HB2 DSG A 46 3.07 14.63 9.82
HB3 DSG A 46 2.63 14.29 11.48
HD21 DSG A 46 4.43 10.88 10.25
HD22 DSG A 46 2.75 11.24 9.91
N GLN A 47 -0.13 14.40 8.45
CA GLN A 47 -1.09 15.39 7.99
C GLN A 47 -2.45 14.71 8.01
N 2TL A 48 -3.52 15.47 8.21
CA 2TL A 48 -4.85 14.92 8.27
CB 2TL A 48 -5.75 15.48 7.16
OG1 2TL A 48 -5.38 16.80 6.82
CG2 2TL A 48 -7.24 15.43 7.47
C 2TL A 48 -5.39 15.08 9.68
O 2TL A 48 -5.32 16.17 10.26
H 2TL A 48 -3.45 16.46 8.41
HA 2TL A 48 -4.78 13.85 8.09
HB 2TL A 48 -5.58 14.87 6.26
HG1 2TL A 48 -4.75 16.68 6.07
HG21 2TL A 48 -7.52 14.40 7.70
HG22 2TL A 48 -7.80 15.76 6.59
HG23 2TL A 48 -7.47 16.08 8.31
N THR A 49 -5.97 14.01 10.21
CA THR A 49 -6.56 14.02 11.56
C THR A 49 -6.08 12.80 12.36
C MHE A 1 9.78 -10.93 -10.11
O MHE A 1 10.03 -10.48 -11.23
CA MHE A 1 10.66 -10.87 -8.99
O2 MHE A 1 11.36 -11.84 -8.66
C3 MHE A 1 10.32 -9.72 -8.03
C4 MHE A 1 10.95 -9.81 -6.62
C5 MHE A 1 12.38 -9.25 -6.44
C6 MHE A 1 13.43 -10.02 -7.22
C7 MHE A 1 12.75 -9.35 -4.95
C8 MHE A 1 12.45 -7.77 -6.85
H1 MHE A 1 10.59 -8.79 -8.51
H3A MHE A 1 9.25 -9.71 -7.90
H4 MHE A 1 10.29 -9.25 -5.95
H4A MHE A 1 10.92 -10.84 -6.28
H6 MHE A 1 14.42 -9.61 -7.05
H6A MHE A 1 13.23 -9.97 -8.29
H6B MHE A 1 13.42 -11.07 -6.90
H7 MHE A 1 12.13 -8.68 -4.36
H7A MHE A 1 13.79 -9.09 -4.78
H7B MHE A 1 12.59 -10.37 -4.59
H8 MHE A 1 11.61 -7.22 -6.43
H8A MHE A 1 13.36 -7.30 -6.49
H8B MHE A 1 12.42 -7.67 -7.94
N GLY A 2 8.78 -11.75 -9.77
CA GLY A 2 7.73 -12.09 -10.73
C GLY A 2 6.94 -10.87 -11.18
N I2M A 3 6.23 -11.02 -12.30
CA I2M A 3 5.38 -10.02 -12.93
CB I2M A 3 6.06 -9.47 -14.24
CG3 I2M A 3 6.70 -10.60 -15.07
CG2 I2M A 3 5.06 -8.78 -15.18
CG1 I2M A 3 7.20 -8.47 -13.90
CD1 I2M A 3 6.72 -7.03 -13.66
C I2M A 3 4.02 -10.66 -13.22
O I2M A 3 3.96 -11.84 -13.62
H I2M A 3 6.36 -11.89 -12.81
HA I2M A 3 5.24 -9.19 -12.24
HG31 I2M A 3 7.05 -10.22 -16.03
HG32 I2M A 3 5.95 -11.37 -15.26
HG33 I2M A 3 7.54 -11.05 -14.56
HG21 I2M A 3 5.59 -8.26 -15.98
HG22 I2M A 3 4.38 -9.52 -15.62
HG23 I2M A 3 4.45 -8.08 -14.62
HG12 I2M A 3 7.74 -8.81 -13.01
HG13 I2M A 3 7.93 -8.43 -14.72
HD11 I2M A 3 6.48 -6.54 -14.60
HD12 I2M A 3 5.84 -7.03 -13.03
HD13 I2M A 3 7.51 -6.44 -13.18
N GLY A 4 2.95 -9.87 -13.16
CA GLY A 4 1.58 -10.34 -13.44
C GLY A 4 0.71 -10.39 -12.21
N TBG A 5 -0.31 -11.23 -12.26
CA TBG A 5 -1.26 -11.44 -11.19
CB TBG A 5 -2.71 -11.47 -11.75
CG1 TBG A 5 -3.00 -12.69 -12.64
CG2 TBG A 5 -3.72 -11.44 -10.59
CG3 TBG A 5 -2.98 -10.23 -12.63
C TBG A 5 -0.81 -12.67 -10.39
O TBG A 5 -0.48 -13.72 -10.98
H TBG A 5 -0.38 -11.86 -13.05
HA TBG A 5 -1.20 -10.58 -10.53
HG11 TBG A 5 -2.84 -13.62 -12.09
HG12 TBG A 5 -4.04 -12.67 -13.00
HG13 TBG A 5 -2.35 -12.69 -13.51
HG21 TBG A 5 -4.74 -11.37 -10.97
HG22 TBG A 5 -3.63 -12.34 -9.98
HG23 TBG A 5 -3.53 -10.58 -9.94
HG31 TBG A 5 -4.04 -10.16 -12.89
HG32 TBG A 5 -2.40 -10.28 -13.56
HG33 TBG A 5 -2.69 -9.32 -12.10
N TDD A 6 -0.85 -12.58 -9.07
CA TDD A 6 -0.47 -13.63 -8.13
CB TDD A 6 -1.75 -14.30 -7.52
CG1 TDD A 6 -2.76 -13.30 -6.91
CG2 TDD A 6 -2.52 -15.07 -8.60
CG3 TDD A 6 -1.36 -15.31 -6.42
C TDD A 6 0.51 -13.03 -7.11
O TDD A 6 0.11 -12.32 -6.19
H TDD A 6 -1.11 -11.69 -8.64
HA TDD A 6 0.07 -14.39 -8.66
HG11 TDD A 6 -3.06 -12.55 -7.63
HG12 TDD A 6 -3.64 -13.85 -6.58
HG13 TDD A 6 -2.33 -12.81 -6.04
HG21 TDD A 6 -2.86 -14.41 -9.40
HG22 TDD A 6 -1.88 -15.84 -9.05
HG23 TDD A 6 -3.38 -15.58 -8.18
HG31 TDD A 6 -0.93 -14.79 -5.56
HG32 TDD A 6 -0.61 -16.01 -6.81
HG33 TDD A 6 -2.22 -15.86 -6.09
N TBG A 7 1.80 -13.33 -7.28
CA TBG A 7 2.85 -12.84 -6.39
CB TBG A 7 3.35 -13.98 -5.46
CG1 TBG A 7 4.29 -13.40 -4.38
CG2 TBG A 7 2.17 -14.66 -4.75
CG3 TBG A 7 4.12 -15.09 -6.22
C TBG A 7 3.92 -12.15 -7.23
O TBG A 7 4.43 -12.74 -8.20
H TBG A 7 2.10 -13.90 -8.05
HA TBG A 7 2.41 -12.10 -5.75
HG11 TBG A 7 3.75 -12.66 -3.79
HG12 TBG A 7 4.64 -14.20 -3.72
HG13 TBG A 7 5.15 -12.92 -4.84
HG21 TBG A 7 1.52 -15.18 -5.45
HG22 TBG A 7 2.53 -15.38 -4.02
HG23 TBG A 7 1.58 -13.91 -4.22
HG31 TBG A 7 3.54 -15.45 -7.07
HG32 TBG A 7 4.34 -15.91 -5.54
HG33 TBG A 7 5.06 -14.69 -6.60
N DAL A 8 4.27 -10.91 -6.88
CA DAL A 8 5.26 -10.09 -7.56
CB DAL A 8 6.54 -10.00 -6.74
C DAL A 8 4.69 -8.70 -7.82
O DAL A 8 3.97 -8.16 -6.97
H DAL A 8 3.81 -10.48 -6.08
HA DAL A 8 5.49 -10.55 -8.53
HB1 DAL A 8 7.22 -9.30 -7.20
HB2 DAL A 8 6.30 -9.65 -5.73
HB3 DAL A 8 7.00 -10.98 -6.68
N TBG A 9 5.20 -8.04 -8.86
CA TBG A 9 4.79 -6.71 -9.27
CB TBG A 9 6.00 -5.87 -9.81
CG1 TBG A 9 7.17 -6.73 -10.33
CG2 TBG A 9 5.61 -4.82 -10.86
CG3 TBG A 9 6.60 -5.06 -8.64
C TBG A 9 3.61 -6.90 -10.24
O TBG A 9 3.73 -7.62 -11.25
H TBG A 9 5.78 -8.55 -9.52
HA TBG A 9 4.40 -6.18 -8.40
HG11 TBG A 9 7.62 -7.32 -9.53
HG12 TBG A 9 6.79 -7.43 -11.07
HG13 TBG A 9 7.94 -6.10 -10.78
HG21 TBG A 9 4.85 -4.16 -10.46
HG22 TBG A 9 6.48 -4.23 -11.15
HG23 TBG A 9 5.22 -5.32 -11.75
HG31 TBG A 9 7.48 -4.51 -8.97
HG32 TBG A 9 6.87 -5.74 -7.82
HG33 TBG A 9 5.87 -4.34 -8.28
N TDD A 10 2.49 -6.21 -9.99
CA TDD A 10 1.27 -6.27 -10.79
CB TDD A 10 1.19 -5.15 -11.87
CG1 TDD A 10 2.13 -5.50 -13.03
CG2 TDD A 10 -0.22 -5.06 -12.48
CG3 TDD A 10 1.59 -3.74 -11.37
C TDD A 10 0.10 -6.28 -9.80
O TDD A 10 -0.29 -5.23 -9.28
H TDD A 10 2.45 -5.65 -9.15
HA TDD A 10 1.25 -7.21 -11.31
HG11 TDD A 10 3.17 -5.51 -12.69
HG12 TDD A 10 1.89 -6.50 -13.41
HG13 TDD A 10 2.03 -4.78 -13.84
HG21 TDD A 10 -0.54 -6.03 -12.82
HG22 TDD A 10 -0.94 -4.69 -11.75
HG23 TDD A 10 -0.23 -4.35 -13.32
HG31 TDD A 10 0.92 -3.42 -10.57
HG32 TDD A 10 1.52 -3.02 -12.17
HG33 TDD A 10 2.61 -3.74 -10.98
N ALA A 11 -0.49 -7.46 -9.55
CA ALA A 11 -1.61 -7.56 -8.64
C ALA A 11 -1.55 -8.81 -7.78
N GLY A 12 -2.14 -8.72 -6.59
CA GLY A 12 -2.18 -9.81 -5.63
C GLY A 12 -1.34 -9.45 -4.42
N ALA A 13 -0.09 -9.92 -4.36
CA ALA A 13 0.82 -9.64 -3.26
C ALA A 13 2.22 -9.37 -3.78
N TDD A 14 2.95 -8.48 -3.11
CA TDD A 14 4.30 -8.10 -3.44
CB TDD A 14 5.32 -8.71 -2.42
CG1 TDD A 14 6.75 -8.23 -2.73
CG2 TDD A 14 5.00 -8.40 -0.95
CG3 TDD A 14 5.33 -10.25 -2.56
C TDD A 14 4.25 -6.59 -3.60
O TDD A 14 4.50 -5.82 -2.67
H TDD A 14 2.48 -7.91 -2.42
HA TDD A 14 4.57 -8.51 -4.42
HG11 TDD A 14 6.82 -7.14 -2.58
HG12 TDD A 14 7.47 -8.71 -2.07
HG13 TDD A 14 7.01 -8.44 -3.77
HG21 TDD A 14 5.70 -8.91 -0.29
HG22 TDD A 14 5.06 -7.33 -0.76
HG23 TDD A 14 4.00 -8.74 -0.69
HG31 TDD A 14 5.53 -10.53 -3.60
HG32 TDD A 14 4.37 -10.66 -2.27
HG33 TDD A 14 6.09 -10.69 -1.92
N ALA A 15 4.00 -6.14 -4.83
CA ALA A 15 3.88 -4.72 -5.14
C ALA A 15 2.87 -4.51 -6.25
N MND A 16 2.34 -3.30 -6.37
CA MND A 16 1.39 -2.90 -7.38
CB MND A 16 1.90 -1.72 -8.23
CG MND A 16 2.48 -0.52 -7.47
OD1 MND A 16 2.81 -0.60 -6.30
ND2 MND A 16 3.07 0.45 -8.19
CE2 MND A 16 3.72 1.62 -7.62
C MND A 16 -0.01 -2.63 -6.84
O MND A 16 -0.27 -1.60 -6.20
H MND A 16 2.58 -2.58 -5.69
HA MND A 16 1.29 -3.73 -8.09
HB2 MND A 16 2.70 -2.10 -8.88
HB3 MND A 16 1.09 -1.38 -8.87
HD2 MND A 16 2.76 0.48 -9.17
HE21 MND A 16 4.29 1.33 -6.73
HE22 MND A 16 2.96 2.35 -7.30
HE23 MND A 16 4.37 2.08 -8.36
N HVA A 17 -0.91 -3.60 -7.05
CA HVA A 17 -2.30 -3.52 -6.68
CB HVA A 17 -3.10 -3.24 -7.97
CG1 HVA A 17 -4.59 -3.10 -7.64
CG2 HVA A 17 -2.63 -1.97 -8.71
OG3 HVA A 17 -2.96 -4.27 -8.93
C HVA A 17 -2.79 -4.74 -5.87
O HVA A 17 -3.04 -5.81 -6.41
H HVA A 17 -0.61 -4.42 -7.57
HA HVA A 17 -2.43 -2.65 -6.03
HG11 HVA A 17 -4.99 -4.04 -7.29
HG12 HVA A 17 -4.71 -2.36 -6.84
HG13 HVA A 17 -5.14 -2.77 -8.52
HG21 HVA A 17 -2.56 -1.13 -8.01
HG22 HVA A 17 -1.64 -2.12 -9.14
HG23 HVA A 17 -3.31 -1.71 -9.51
HOG3 HVA A 17 -2.02 -4.50 -9.01
N GLY A 18 -3.04 -4.53 -4.58
CA GLY A 18 -3.53 -5.56 -3.68
C GLY A 18 -2.82 -5.53 -2.33
N ALA A 19 -1.67 -6.19 -2.20
CA ALA A 19 -0.93 -6.23 -0.96
C ALA A 19 0.55 -6.01 -1.19
N GLY A 20 1.21 -5.54 -0.13
CA GLY A 20 2.63 -5.25 -0.07
C GLY A 20 2.83 -3.75 -0.20
N TBG A 21 3.49 -3.28 -1.25
CA TBG A 21 3.72 -1.85 -1.44
CB TBG A 21 5.24 -1.50 -1.29
CG1 TBG A 21 6.17 -2.34 -2.20
CG2 TBG A 21 5.46 0.00 -1.58
CG3 TBG A 21 5.66 -1.74 0.16
C TBG A 21 3.03 -1.41 -2.73
O TBG A 21 3.32 -1.96 -3.79
H TBG A 21 3.85 -3.93 -1.95
HA TBG A 21 3.23 -1.32 -0.64
HG11 TBG A 21 7.20 -2.05 -2.03
HG12 TBG A 21 6.06 -3.40 -1.97
HG13 TBG A 21 5.92 -2.18 -3.24
HG21 TBG A 21 5.19 0.23 -2.61
HG22 TBG A 21 4.84 0.60 -0.92
HG23 TBG A 21 6.51 0.25 -1.45
HG31 TBG A 21 6.70 -1.44 0.31
HG32 TBG A 21 5.58 -2.79 0.41
HG33 TBG A 21 5.03 -1.17 0.85
N MND A 22 2.14 -0.43 -2.63
CA MND A 22 1.32 0.16 -3.70
CB MND A 22 1.92 1.49 -4.19
CG MND A 22 1.02 2.20 -5.20
OD1 MND A 22 0.42 1.56 -6.08
ND2 MND A 22 0.82 3.51 -5.08
CE2 MND A 22 -0.13 4.30 -5.83
C MND A 22 -0.06 0.39 -3.12
O MND A 22 -0.16 0.75 -1.95
H MND A 22 1.95 -0.04 -1.71
HA MND A 22 1.25 -0.54 -4.53
HB2 MND A 22 2.06 2.14 -3.33
HB3 MND A 22 2.90 1.33 -4.63
HD2 MND A 22 1.33 3.95 -4.30
HE21 MND A 22 0.25 5.31 -5.93
HE22 MND A 22 -1.07 4.33 -5.28
HE23 MND A 22 -0.30 3.84 -6.82
N LMQ A 23 -1.13 0.21 -3.90
CA LMQ A 23 -2.48 0.43 -3.36
CB LMQ A 23 -3.44 1.02 -4.41
CB2 LMQ A 23 -2.86 2.31 -5.03
CG LMQ A 23 -3.83 0.03 -5.52
CD LMQ A 23 -4.61 0.69 -6.65
OE1 LMQ A 23 -4.09 0.93 -7.74
NE2 LMQ A 23 -5.80 1.20 -6.38
C LMQ A 23 -3.00 -0.87 -2.74
O LMQ A 23 -2.74 -1.95 -3.28
H LMQ A 23 -1.00 -0.08 -4.86
HA LMQ A 23 -2.41 1.16 -2.55
HB3 LMQ A 23 -4.35 1.30 -3.88
HB21 LMQ A 23 -2.11 2.06 -5.77
HB22 LMQ A 23 -3.66 2.89 -5.50
HB23 LMQ A 23 -2.39 2.92 -4.26
HG2 LMQ A 23 -2.92 -0.39 -5.95
HG3 LMQ A 23 -4.42 -0.78 -5.10
HE21 LMQ A 23 -6.18 1.76 -7.12
HE22 LMQ A 23 -6.31 1.02 -5.53
N DHV A 24 -3.77 -0.77 -1.65
CA DHV A 24 -4.38 -1.90 -0.96
CB DHV A 24 -5.92 -1.79 -1.14
CG1 DHV A 24 -6.33 -1.91 -2.61
CG2 DHV A 24 -6.66 -2.89 -0.35
OG3 DHV A 24 -6.36 -0.54 -0.67
C DHV A 24 -3.90 -1.98 0.49
O DHV A 24 -4.38 -1.19 1.31
H DHV A 24 -3.95 0.14 -1.25
HA DHV A 24 -4.08 -2.80 -1.47
HG11 DHV A 24 -7.42 -1.88 -2.69
HG12 DHV A 24 -5.93 -1.07 -3.18
HG13 DHV A 24 -5.97 -2.84 -3.03
HG21 DHV A 24 -7.73 -2.83 -0.53
HG22 DHV A 24 -6.28 -3.87 -0.66
HG23 DHV A 24 -6.49 -2.77 0.72
HOG3 DHV A 24 -5.92 -0.40 0.18
N ALA A 25 -2.98 -2.90 0.84
CA ALA A 25 -2.51 -3.03 2.22
C ALA A 25 -1.02 -3.39 2.37
N GLY A 26 -0.34 -2.63 3.24
CA GLY A 26 1.07 -2.77 3.58
C GLY A 26 1.71 -1.39 3.65
N GLY A 27 2.03 -0.83 2.49
CA GLY A 27 2.63 0.48 2.32
C GLY A 27 2.12 1.10 1.03
N MND A 28 2.22 2.42 0.90
CA MND A 28 1.82 3.18 -0.27
CB MND A 28 2.90 4.24 -0.55
CG MND A 28 2.72 5.09 -1.82
OD1 MND A 28 1.78 4.93 -2.60
ND2 MND A 28 3.78 5.82 -2.15
CE2 MND A 28 3.88 6.78 -3.25
C MND A 28 0.45 3.81 -0.03
O MND A 28 0.36 4.87 0.60
H MND A 28 2.49 2.97 1.72
HA MND A 28 1.76 2.54 -1.14
HB2 MND A 28 2.98 4.92 0.30
HB3 MND A 28 3.86 3.73 -0.62
HD2 MND A 28 4.45 5.95 -1.38
HE21 MND A 28 3.41 7.72 -2.96
HE22 MND A 28 3.40 6.37 -4.14
HE23 MND A 28 4.93 6.96 -3.48
N ILE A 29 -0.63 3.11 -0.38
CA ILE A 29 -1.99 3.61 -0.20
C ILE A 29 -2.87 2.55 0.44
O HTN A 30 -4.45 3.11 4.24
C HTN A 30 -4.26 2.08 3.60
CE HTN A 30 -9.23 0.31 2.26
N HTN A 30 -3.71 2.94 1.41
CA HTN A 30 -4.62 2.05 2.12
CB HTN A 30 -6.06 2.44 1.83
OG HTN A 30 -6.30 2.33 0.42
CG HTN A 30 -7.10 1.58 2.55
OD1 HTN A 30 -7.14 1.45 3.77
ND2 HTN A 30 -8.05 1.04 1.79
HE1 HTN A 30 -9.35 0.46 3.34
HE2 HTN A 30 -9.12 -0.75 2.03
HE3 HTN A 30 -10.12 0.69 1.77
H HTN A 30 -3.68 3.91 1.71
HA HTN A 30 -4.47 1.04 1.76
HB3 HTN A 30 -6.22 3.48 2.12
HOG HTN A 30 -6.86 3.10 0.18
HD22 HTN A 30 -7.92 1.32 0.78
N TBG A 31 -3.70 0.98 4.12
CA TBG A 31 -3.28 0.85 5.51
CB TBG A 31 -4.08 -0.26 6.25
CG1 TBG A 31 -5.59 -0.14 5.99
CG2 TBG A 31 -3.71 -1.70 5.87
CG3 TBG A 31 -3.88 -0.11 7.77
C TBG A 31 -1.76 0.69 5.47
O TBG A 31 -1.27 -0.26 4.87
H TBG A 31 -3.56 0.16 3.53
HA TBG A 31 -3.51 1.79 6.01
HG11 TBG A 31 -5.90 0.89 6.13
HG12 TBG A 31 -5.82 -0.44 4.96
HG13 TBG A 31 -6.16 -0.80 6.66
HG21 TBG A 31 -3.83 -1.85 4.79
HG22 TBG A 31 -2.68 -1.91 6.13
HG23 TBG A 31 -4.34 -2.41 6.41
HG31 TBG A 31 -4.22 0.87 8.11
HG32 TBG A 31 -2.83 -0.21 8.03
HG33 TBG A 31 -4.43 -0.88 8.32
N DHV A 32 -1.03 1.59 6.15
CA DHV A 32 0.44 1.55 6.18
CB DHV A 32 0.97 0.72 7.38
CG1 DHV A 32 0.84 1.46 8.71
CG2 DHV A 32 0.32 -0.66 7.56
OG3 DHV A 32 2.33 0.42 7.14
C DHV A 32 1.02 2.96 6.09
O DHV A 32 0.43 3.95 6.57
H DHV A 32 -1.47 2.37 6.62
HA DHV A 32 0.73 1.04 5.26
HG11 DHV A 32 -0.21 1.70 8.88
HG12 DHV A 32 1.19 0.83 9.53
HG13 DHV A 32 1.42 2.39 8.70
HG21 DHV A 32 0.84 -1.22 8.35
HG22 DHV A 32 -0.72 -0.56 7.85
HG23 DHV A 32 0.38 -1.23 6.64
HOG3 DHV A 32 2.37 -0.15 6.35
N GLY A 33 2.26 3.02 5.61
CA GLY A 33 3.06 4.22 5.42
C GLY A 33 2.75 4.77 4.03
N MND A 34 2.29 6.02 3.97
CA MND A 34 1.91 6.75 2.76
CB MND A 34 2.98 7.78 2.35
CG MND A 34 2.46 8.66 1.21
OD1 MND A 34 1.88 8.17 0.23
ND2 MND A 34 2.55 9.99 1.33
CE2 MND A 34 1.87 10.92 0.46
C MND A 34 0.59 7.43 3.05
O MND A 34 0.42 8.02 4.12
H MND A 34 2.09 6.50 4.84
HA MND A 34 1.81 6.05 1.94
HB2 MND A 34 3.22 8.41 3.21
HB3 MND A 34 3.88 7.27 2.02
HD2 MND A 34 2.98 10.35 2.18
HE21 MND A 34 1.97 11.92 0.88
HE22 MND A 34 0.82 10.65 0.39
HE23 MND A 34 2.31 10.89 -0.54
N ILE A 35 -0.38 7.34 2.13
CA ILE A 35 -1.69 7.98 2.29
C ILE A 35 -2.78 6.93 2.57
N MND A 36 -3.81 7.30 3.33
CA MND A 36 -4.92 6.42 3.67
CB MND A 36 -6.20 6.86 2.92
CG MND A 36 -7.42 5.96 3.09
OD1 MND A 36 -8.23 5.83 2.16
ND2 MND A 36 -7.65 5.33 4.24
CE2 MND A 36 -8.66 4.30 4.46
C MND A 36 -5.05 6.47 5.18
O MND A 36 -5.64 7.42 5.72
H MND A 36 -3.79 8.24 3.73
HA MND A 36 -4.71 5.40 3.36
HB2 MND A 36 -6.46 7.87 3.25
HB3 MND A 36 -5.96 6.92 1.86
HD2 MND A 36 -6.95 5.44 4.97
HE21 MND A 36 -8.65 3.60 3.63
HE22 MND A 36 -9.65 4.75 4.54
HE23 MND A 36 -8.43 3.76 5.37
N VAL A 37 -4.53 5.47 5.86
CA VAL A 37 -4.55 5.40 7.31
C VAL A 37 -3.26 4.78 7.84
O HTN A 38 -0.50 6.85 10.58
C HTN A 38 -0.42 6.08 9.62
CE HTN A 38 1.23 4.22 13.14
N HTN A 38 -2.66 5.44 8.82
CA HTN A 38 -1.44 4.97 9.46
CB HTN A 38 -1.84 4.42 10.84
OG HTN A 38 -2.82 3.40 10.76
CG HTN A 38 -0.61 3.85 11.55
OD1 HTN A 38 -0.33 2.66 11.36
ND2 HTN A 38 0.03 4.62 12.41
HE1 HTN A 38 2.04 4.06 12.43
HE2 HTN A 38 1.03 3.30 13.68
HE3 HTN A 38 1.50 5.02 13.83
H HTN A 38 -3.08 6.28 9.16
HA HTN A 38 -0.99 4.16 8.88
HB3 HTN A 38 -2.27 5.22 11.44
HOG HTN A 38 -2.31 2.59 10.55
HD22 HTN A 38 -0.40 5.55 12.59
N ALA A 39 0.56 6.20 8.72
CA ALA A 39 1.58 7.23 8.81
C ALA A 39 1.86 7.88 7.46
N MND A 40 1.89 9.21 7.42
CA MND A 40 2.17 10.00 6.22
CB MND A 40 3.56 10.62 6.37
CG MND A 40 4.20 10.98 5.04
OD1 MND A 40 5.33 10.57 4.76
ND2 MND A 40 3.56 11.80 4.19
CE2 MND A 40 4.14 12.22 2.92
C MND A 40 1.03 11.01 6.01
O MND A 40 1.17 12.18 6.37
H MND A 40 1.68 9.72 8.27
HA MND A 40 2.19 9.33 5.35
HB2 MND A 40 3.52 11.51 7.02
HB3 MND A 40 4.21 9.90 6.86
HD2 MND A 40 2.65 12.14 4.46
HE21 MND A 40 3.38 12.69 2.30
HE22 MND A 40 4.55 11.35 2.41
HE23 MND A 40 4.97 12.91 3.10
N VAL A 41 -0.09 10.56 5.48
CA VAL A 41 -1.27 11.38 5.22
C VAL A 41 -2.55 10.57 5.43
N DSN A 42 -3.62 11.21 5.90
CA DSN A 42 -4.91 10.56 6.14
C DSN A 42 -5.21 10.47 7.63
O DSN A 42 -4.93 11.42 8.38
CB DSN A 42 -6.02 11.27 5.35
OG DSN A 42 -5.63 11.52 4.02
H DSN A 42 -3.54 12.19 6.15
HA DSN A 42 -4.86 9.55 5.73
HB2 DSN A 42 -6.92 10.66 5.37
HB3 DSN A 42 -6.24 12.22 5.84
HG DSN A 42 -5.29 12.43 4.00
N VAL A 43 -5.77 9.35 8.10
CA VAL A 43 -6.09 9.19 9.53
C VAL A 43 -5.02 8.33 10.19
N DSG A 44 -4.27 8.94 11.10
CA DSG A 44 -3.17 8.34 11.83
C DSG A 44 -2.26 9.48 12.26
O DSG A 44 -2.66 10.28 13.11
CB DSG A 44 -3.66 7.58 13.08
CG DSG A 44 -2.47 7.07 13.88
OD1 DSG A 44 -1.46 6.64 13.32
ND2 DSG A 44 -2.58 7.04 15.19
H DSG A 44 -4.41 9.93 11.26
HA DSG A 44 -2.64 7.66 11.18
HB2 DSG A 44 -4.27 8.25 13.69
HB3 DSG A 44 -4.26 6.74 12.75
HD21 DSG A 44 -1.81 6.68 15.75
HD22 DSG A 44 -3.46 7.29 15.63
N M2S A 45 -1.06 9.56 11.68
CA M2S A 45 -0.09 10.61 11.98
CB M2S A 45 0.96 10.11 13.02
CG1 M2S A 45 1.96 11.24 13.27
CG2 M2S A 45 0.24 9.86 14.36
CG M2S A 45 1.67 8.81 12.54
SD M2S A 45 3.32 8.33 13.18
OE M2S A 45 3.35 6.63 12.56
CE M2S A 45 2.96 7.92 14.89
C M2S A 45 0.50 11.12 10.66
O M2S A 45 0.79 10.33 9.76
H M2S A 45 -0.79 8.87 10.99
HA M2S A 45 -0.63 11.44 12.41
HG11 M2S A 45 1.43 12.18 13.49
HG12 M2S A 45 2.58 11.01 14.13
HG13 M2S A 45 2.63 11.38 12.42
HG21 M2S A 45 -0.42 9.00 14.29
HG22 M2S A 45 -0.37 10.74 14.63
HG23 M2S A 45 0.94 9.69 15.16
HG2 M2S A 45 1.80 8.88 11.47
HG3 M2S A 45 0.99 7.97 12.72
HE1 M2S A 45 2.03 7.35 14.95
HE2 M2S A 45 3.78 7.32 15.28
HE3 M2S A 45 2.88 8.83 15.49
N DSG A 46 0.89 12.39 10.66
CA DSG A 46 1.51 13.10 9.56
C DSG A 46 0.63 14.32 9.29
O DSG A 46 0.59 15.24 10.10
CB DSG A 46 2.99 13.44 9.86
CG DSG A 46 3.21 14.58 10.86
OD1 DSG A 46 3.83 15.59 10.54
ND2 DSG A 46 2.92 14.37 12.14
H DSG A 46 0.61 12.97 11.45
HA DSG A 46 1.50 12.46 8.68
HB2 DSG A 46 3.50 12.54 10.22
HB3 DSG A 46 3.46 13.73 8.93
HD21 DSG A 46 2.92 15.18 12.75
HD22 DSG A 46 2.37 13.57 12.42
N GLN A 47 -0.17 14.25 8.23
CA GLN A 47 -1.09 15.30 7.82
C GLN A 47 -2.46 14.66 7.69
N 2TL A 48 -3.49 15.22 8.32
CA 2TL A 48 -4.83 14.69 8.26
CB 2TL A 48 -5.68 15.32 7.15
OG1 2TL A 48 -5.36 14.67 5.93
CG2 2TL A 48 -5.49 16.83 6.98
C 2TL A 48 -5.45 14.81 9.65
O 2TL A 48 -5.60 15.93 10.16
H 2TL A 48 -3.33 16.03 8.91
HA 2TL A 48 -4.77 13.63 8.03
HB 2TL A 48 -6.72 15.11 7.35
HG1 2TL A 48 -4.55 15.09 5.56
HG21 2TL A 48 -4.45 17.09 6.82
HG22 2TL A 48 -5.85 17.35 7.86
HG23 2TL A 48 -6.04 17.17 6.11
N THR A 49 -5.73 13.67 10.28
CA THR A 49 -6.33 13.62 11.62
C THR A 49 -5.65 12.55 12.46
#